data_9JMF
#
_entry.id   9JMF
#
_cell.length_a   1.00
_cell.length_b   1.00
_cell.length_c   1.00
_cell.angle_alpha   90.00
_cell.angle_beta   90.00
_cell.angle_gamma   90.00
#
_symmetry.space_group_name_H-M   'P 1'
#
loop_
_entity.id
_entity.type
_entity.pdbx_description
1 polymer 'Spike glycoprotein,Fibritin'
2 branched 2-acetamido-2-deoxy-beta-D-glucopyranose-(1-4)-2-acetamido-2-deoxy-beta-D-glucopyranose
3 non-polymer 2-acetamido-2-deoxy-beta-D-glucopyranose
4 non-polymer 'LINOLEIC ACID'
#
_entity_poly.entity_id   1
_entity_poly.type   'polypeptide(L)'
_entity_poly.pdbx_seq_one_letter_code
;MTYSVFPLMCLLTFIGANAKIVTLPGNDATGYCPSVDMQPSYFIQHNWPEPIDMNKADGVIYPNGRTYSNITLQTTNLFP
KNGDLGTQYVYSASNHKSTANDAFISNYSYYGNPFGDGIVIRIGQNANKTGSVIVGQAQTTMKKIYPALMLGSSFGNFSA
NNKSGAYFNHTLLILPSKCGTVFQVAYCLLQPRTESKCPGNSNYVSYFLADSPSDCSSTSDEIRRNGLRDIRKFFNLVNC
TYFEEFNVTADERAEWFGIVQDAQGVHLYTSRKNGFNSNNLFLFATVPIYDKLNYYTVIPRSVITPSNQRDAWAAFYIYP
LHQLSYLLNFDVNGYITQAADCGYNDYTQLICSYGDFNMKSGVYSTSYYSAKPVGAYYEAHVYPDCNFTELFRERAPTIM
QYKREVFTRCNYNLSLLLSLVQVDEFVCDKITPEALATGCYSSLTVDWFAFPYAWKSYLAIGSADRIVRFNYNQDYSNPS
CRIHSKVNSSIGISYAGAYSYITNCNYGATNKDDVVKPGGRASQQCITGALNSPTTGQLWAYNFGGVPYRVSRLTYTDHL
SDPLDMVYVITVKYEPGAETVCPKQIRPDYSTNITHLLGSCISYDIYGITGTGVFQLCNATGIRQQKFVYDKFDNIIGFH
SDDGNYYCVAPCVSVPVSVIYDDKTNQYATLFGSVACQHISTMAAQFSRETRASLVSRNMQNLLQTSVGCVMGFHETNDT
VEECHLSLGQSLCAIPPNTNLRSGRSTFGLGSLAYNSPLRVDALNSSEFKVSLPLNFTFGVTQEYIETSIQKITVDCKQY
VCNGFAKCEKLLEQYGQFCSKINQALHGANLRQDDSVRNLFESVKTPQTVPLTTGFGGEFNLTLLEPLSVSTGSSNARSA
LEELLFDSVTIADPGYMQGYDDCMQQGPASARDLICAQYVAGYKVLPPLMDVNMEAAYTSSLLGSIAGAGWTAGLSSFAA
IPFAQSIFYRLNGVGITQQVLSENQKIIANKFNQALGAMQTGFTTTNEAFQKVQDAVNTNAQALAKLASELSNTFGAISS
SIGDIIQRLDVLEQEVQIDRLINGRLTTLNAFVAQQLVRSESAARSAQLAKDKVNECVKSQSTRSGFCGQGTHIVSFVIN
APNGLYFMHVGYHPSQHIEVVAAYGLCDSANPTNCIAPVNGYFIKNQTTRSADEWSYTGSSFYAPEPITTLNTRYVAPQV
TFQNISNNLPPPLLSNSTGTDFKDELDEFFKNVSTNIPNFGALTQINTTLLDLSGEMLALQEVVKALNESYIDLKELGNY
TYYNKWPGSGYIPEAPRDGQAYVRKDGEWVLLSTFLLEVLFQGPGHHHHHHHHSAWSHPQFEKGGGSGGGGSGGSAWSHP
QFEKSA
;
_entity_poly.pdbx_strand_id   A,B,C
#
# COMPACT_ATOMS: atom_id res chain seq x y z
N ILE A 21 -41.28 -40.71 11.25
CA ILE A 21 -42.69 -40.93 10.94
C ILE A 21 -43.54 -40.66 12.18
N VAL A 22 -44.40 -39.65 12.10
CA VAL A 22 -45.29 -39.28 13.21
C VAL A 22 -46.72 -39.44 12.73
N THR A 23 -47.55 -40.10 13.53
CA THR A 23 -48.95 -40.29 13.19
C THR A 23 -49.71 -38.96 13.27
N LEU A 24 -50.52 -38.70 12.25
CA LEU A 24 -51.29 -37.47 12.21
C LEU A 24 -52.43 -37.53 13.20
N PRO A 25 -52.77 -36.42 13.86
CA PRO A 25 -53.90 -36.43 14.79
C PRO A 25 -55.23 -36.59 14.06
N GLY A 26 -56.17 -37.23 14.75
CA GLY A 26 -57.46 -37.52 14.17
C GLY A 26 -57.43 -38.77 13.31
N ASN A 27 -58.62 -39.16 12.86
CA ASN A 27 -58.77 -40.33 12.02
C ASN A 27 -58.82 -39.93 10.55
N ASP A 28 -58.58 -40.91 9.68
CA ASP A 28 -58.67 -40.68 8.25
C ASP A 28 -60.12 -40.45 7.84
N ALA A 29 -60.32 -39.47 6.96
CA ALA A 29 -61.67 -39.10 6.56
C ALA A 29 -62.29 -40.17 5.67
N THR A 30 -63.56 -40.46 5.92
CA THR A 30 -64.33 -41.40 5.11
C THR A 30 -65.68 -40.77 4.75
N GLY A 31 -66.14 -41.06 3.54
CA GLY A 31 -67.41 -40.53 3.10
C GLY A 31 -67.41 -39.95 1.71
N TYR A 32 -68.22 -38.93 1.51
CA TYR A 32 -68.47 -38.35 0.19
C TYR A 32 -67.72 -37.02 0.07
N CYS A 33 -67.02 -36.84 -1.05
CA CYS A 33 -66.36 -35.56 -1.30
C CYS A 33 -67.40 -34.47 -1.55
N PRO A 34 -67.17 -33.26 -1.04
CA PRO A 34 -68.14 -32.18 -1.30
C PRO A 34 -68.13 -31.74 -2.75
N SER A 35 -69.30 -31.32 -3.23
CA SER A 35 -69.44 -30.86 -4.59
C SER A 35 -69.02 -29.39 -4.69
N VAL A 36 -68.74 -28.96 -5.93
CA VAL A 36 -68.24 -27.61 -6.18
C VAL A 36 -68.56 -27.26 -7.63
N ASP A 37 -68.59 -25.95 -7.92
CA ASP A 37 -68.75 -25.45 -9.28
C ASP A 37 -67.55 -24.59 -9.64
N MET A 38 -66.96 -24.86 -10.79
CA MET A 38 -65.75 -24.18 -11.26
C MET A 38 -66.16 -23.08 -12.23
N GLN A 39 -66.11 -21.84 -11.76
CA GLN A 39 -66.42 -20.66 -12.58
C GLN A 39 -65.30 -19.65 -12.44
N PRO A 40 -64.19 -19.82 -13.18
CA PRO A 40 -63.09 -18.85 -13.10
C PRO A 40 -63.36 -17.55 -13.84
N SER A 41 -64.46 -17.45 -14.61
CA SER A 41 -64.73 -16.24 -15.38
C SER A 41 -65.08 -15.05 -14.48
N TYR A 42 -65.60 -15.31 -13.29
CA TYR A 42 -65.87 -14.25 -12.33
C TYR A 42 -64.66 -13.88 -11.48
N PHE A 43 -63.57 -14.62 -11.60
CA PHE A 43 -62.33 -14.29 -10.89
C PHE A 43 -61.28 -13.64 -11.77
N ILE A 44 -61.47 -13.65 -13.09
CA ILE A 44 -60.56 -12.91 -13.96
C ILE A 44 -60.80 -11.41 -13.85
N GLN A 45 -61.97 -11.01 -13.36
CA GLN A 45 -62.23 -9.64 -12.92
C GLN A 45 -61.89 -9.58 -11.43
N HIS A 46 -62.36 -8.52 -10.74
CA HIS A 46 -62.06 -8.22 -9.33
C HIS A 46 -60.60 -7.87 -9.11
N ASN A 47 -59.89 -7.46 -10.16
CA ASN A 47 -58.46 -7.23 -10.09
C ASN A 47 -58.14 -5.87 -9.46
N TRP A 48 -56.94 -5.77 -8.90
CA TRP A 48 -56.42 -4.56 -8.28
C TRP A 48 -54.90 -4.64 -8.30
N PRO A 49 -54.23 -3.72 -8.99
CA PRO A 49 -52.76 -3.77 -9.06
C PRO A 49 -52.13 -3.34 -7.74
N GLU A 50 -51.27 -4.21 -7.20
CA GLU A 50 -50.58 -3.97 -5.93
C GLU A 50 -49.10 -4.27 -6.11
N PRO A 51 -48.33 -3.33 -6.67
CA PRO A 51 -46.93 -3.60 -6.96
C PRO A 51 -46.05 -3.48 -5.72
N ILE A 52 -44.83 -4.02 -5.85
CA ILE A 52 -43.82 -3.94 -4.81
C ILE A 52 -43.27 -2.53 -4.77
N ASP A 53 -43.24 -1.93 -3.58
CA ASP A 53 -42.70 -0.59 -3.36
C ASP A 53 -41.45 -0.71 -2.49
N MET A 54 -40.28 -0.43 -3.07
CA MET A 54 -39.04 -0.49 -2.32
C MET A 54 -38.91 0.61 -1.29
N ASN A 55 -39.62 1.74 -1.47
CA ASN A 55 -39.53 2.83 -0.52
C ASN A 55 -40.17 2.48 0.82
N LYS A 56 -41.20 1.66 0.80
CA LYS A 56 -41.82 1.17 2.02
C LYS A 56 -41.25 -0.17 2.48
N ALA A 57 -40.26 -0.70 1.75
CA ALA A 57 -39.58 -1.96 2.05
C ALA A 57 -40.58 -3.13 2.11
N ASP A 58 -41.22 -3.38 0.98
CA ASP A 58 -42.24 -4.41 0.88
C ASP A 58 -41.59 -5.75 0.53
N GLY A 59 -41.82 -6.75 1.37
CA GLY A 59 -41.32 -8.08 1.11
C GLY A 59 -39.84 -8.28 1.41
N VAL A 60 -39.22 -7.37 2.15
CA VAL A 60 -37.79 -7.44 2.43
C VAL A 60 -37.59 -8.31 3.65
N ILE A 61 -36.81 -9.38 3.49
CA ILE A 61 -36.52 -10.29 4.59
C ILE A 61 -35.43 -9.69 5.47
N TYR A 62 -35.69 -9.61 6.77
CA TYR A 62 -34.70 -9.10 7.69
C TYR A 62 -33.52 -10.08 7.78
N PRO A 63 -32.29 -9.58 7.84
CA PRO A 63 -31.13 -10.46 7.99
C PRO A 63 -31.17 -11.22 9.31
N ASN A 64 -30.77 -12.48 9.26
CA ASN A 64 -30.81 -13.35 10.43
C ASN A 64 -29.54 -13.16 11.25
N GLY A 65 -29.70 -12.91 12.54
CA GLY A 65 -28.57 -12.68 13.41
C GLY A 65 -28.78 -11.53 14.37
N ARG A 66 -27.88 -10.55 14.34
CA ARG A 66 -27.98 -9.42 15.25
C ARG A 66 -28.95 -8.38 14.71
N THR A 67 -29.38 -7.48 15.58
CA THR A 67 -30.28 -6.40 15.23
C THR A 67 -29.48 -5.20 14.73
N TYR A 68 -29.80 -4.75 13.53
CA TYR A 68 -29.12 -3.64 12.88
C TYR A 68 -29.94 -2.38 13.10
N SER A 69 -29.32 -1.37 13.70
CA SER A 69 -30.02 -0.13 14.03
C SER A 69 -29.25 1.06 13.51
N ASN A 70 -29.95 1.93 12.78
CA ASN A 70 -29.44 3.25 12.36
C ASN A 70 -28.19 3.13 11.48
N ILE A 71 -28.17 2.12 10.62
CA ILE A 71 -27.03 1.84 9.75
C ILE A 71 -27.59 1.52 8.37
N THR A 72 -26.72 1.59 7.36
CA THR A 72 -27.07 1.27 5.98
C THR A 72 -26.23 0.08 5.53
N LEU A 73 -26.87 -0.93 4.95
CA LEU A 73 -26.20 -2.15 4.50
C LEU A 73 -26.37 -2.35 3.00
N GLN A 74 -25.26 -2.65 2.34
CA GLN A 74 -25.28 -3.14 0.96
C GLN A 74 -25.24 -4.66 1.02
N THR A 75 -26.32 -5.30 0.57
CA THR A 75 -26.46 -6.74 0.70
C THR A 75 -26.93 -7.35 -0.61
N THR A 76 -26.67 -8.64 -0.76
CA THR A 76 -27.07 -9.42 -1.94
C THR A 76 -27.70 -10.71 -1.44
N ASN A 77 -29.02 -10.76 -1.45
CA ASN A 77 -29.75 -11.91 -0.93
C ASN A 77 -31.05 -12.04 -1.72
N LEU A 78 -32.00 -12.80 -1.18
CA LEU A 78 -33.28 -13.01 -1.85
C LEU A 78 -34.19 -11.81 -1.59
N PHE A 79 -34.51 -11.07 -2.64
CA PHE A 79 -35.36 -9.90 -2.56
C PHE A 79 -36.27 -9.85 -3.77
N PRO A 80 -37.44 -9.22 -3.63
CA PRO A 80 -38.31 -9.05 -4.80
C PRO A 80 -37.89 -7.87 -5.65
N LYS A 81 -38.13 -8.01 -6.95
CA LYS A 81 -37.88 -6.91 -7.88
C LYS A 81 -38.89 -5.79 -7.63
N ASN A 82 -38.43 -4.56 -7.69
CA ASN A 82 -39.30 -3.41 -7.47
C ASN A 82 -40.25 -3.24 -8.64
N GLY A 83 -41.47 -2.81 -8.34
CA GLY A 83 -42.50 -2.68 -9.36
C GLY A 83 -42.94 -4.00 -9.95
N ASP A 84 -43.03 -5.03 -9.12
CA ASP A 84 -43.47 -6.34 -9.55
C ASP A 84 -44.92 -6.52 -9.12
N LEU A 85 -45.79 -6.81 -10.09
CA LEU A 85 -47.21 -6.93 -9.80
C LEU A 85 -47.53 -8.23 -9.09
N GLY A 86 -46.77 -9.29 -9.36
CA GLY A 86 -47.09 -10.59 -8.83
C GLY A 86 -48.33 -11.17 -9.50
N THR A 87 -48.84 -12.24 -8.89
CA THR A 87 -50.06 -12.88 -9.34
C THR A 87 -51.10 -12.72 -8.24
N GLN A 88 -52.26 -12.18 -8.60
CA GLN A 88 -53.32 -11.92 -7.64
C GLN A 88 -54.22 -13.14 -7.52
N TYR A 89 -54.38 -13.64 -6.29
CA TYR A 89 -55.28 -14.74 -6.00
C TYR A 89 -56.37 -14.20 -5.08
N VAL A 90 -57.63 -14.41 -5.47
CA VAL A 90 -58.77 -13.89 -4.74
C VAL A 90 -59.69 -15.04 -4.34
N TYR A 91 -60.07 -15.08 -3.06
CA TYR A 91 -61.06 -16.00 -2.56
C TYR A 91 -62.40 -15.27 -2.47
N SER A 92 -63.47 -15.97 -2.83
CA SER A 92 -64.81 -15.40 -2.82
C SER A 92 -65.60 -16.00 -1.66
N ALA A 93 -66.24 -15.14 -0.87
CA ALA A 93 -67.02 -15.54 0.29
C ALA A 93 -68.48 -15.23 0.04
N SER A 94 -69.33 -16.25 0.24
CA SER A 94 -70.79 -16.15 0.10
C SER A 94 -71.25 -15.63 -1.26
N ALA A 103 -68.40 -24.52 -3.00
CA ALA A 103 -68.90 -23.18 -3.23
C ALA A 103 -68.33 -22.61 -4.44
N PHE A 104 -68.05 -21.33 -4.39
CA PHE A 104 -67.54 -20.66 -5.55
C PHE A 104 -66.05 -20.53 -5.49
N ILE A 105 -65.36 -21.35 -6.21
CA ILE A 105 -63.90 -21.39 -6.33
C ILE A 105 -63.50 -21.03 -7.76
N SER A 106 -62.22 -20.74 -7.93
CA SER A 106 -61.59 -20.60 -9.23
C SER A 106 -60.81 -21.88 -9.55
N ASN A 107 -60.04 -21.86 -10.62
CA ASN A 107 -59.22 -23.00 -11.01
C ASN A 107 -57.76 -22.84 -10.58
N TYR A 108 -57.55 -22.29 -9.38
CA TYR A 108 -56.19 -22.04 -8.88
C TYR A 108 -55.41 -23.34 -8.66
N SER A 109 -56.11 -24.45 -8.43
CA SER A 109 -55.44 -25.72 -8.17
C SER A 109 -54.84 -26.35 -9.43
N TYR A 110 -55.15 -25.82 -10.62
CA TYR A 110 -54.64 -26.38 -11.86
C TYR A 110 -53.29 -25.82 -12.26
N TYR A 111 -52.84 -24.73 -11.65
CA TYR A 111 -51.59 -24.06 -12.01
C TYR A 111 -50.49 -24.42 -11.03
N GLY A 112 -49.51 -25.18 -11.48
CA GLY A 112 -48.31 -25.36 -10.70
C GLY A 112 -47.28 -24.29 -11.04
N ASN A 113 -47.28 -23.21 -10.27
CA ASN A 113 -46.39 -22.08 -10.55
C ASN A 113 -44.97 -22.42 -10.13
N PRO A 114 -43.96 -21.93 -10.87
CA PRO A 114 -42.58 -22.33 -10.58
C PRO A 114 -42.06 -21.70 -9.28
N PHE A 115 -41.73 -22.56 -8.33
CA PHE A 115 -41.07 -22.14 -7.09
C PHE A 115 -39.59 -21.96 -7.39
N GLY A 116 -39.13 -20.72 -7.42
CA GLY A 116 -37.74 -20.45 -7.74
C GLY A 116 -36.89 -20.44 -6.50
N ASP A 117 -36.31 -19.28 -6.18
CA ASP A 117 -35.58 -19.14 -4.93
C ASP A 117 -36.53 -19.02 -3.74
N GLY A 118 -37.72 -18.50 -3.96
CA GLY A 118 -38.70 -18.36 -2.90
C GLY A 118 -39.80 -17.43 -3.31
N ILE A 119 -40.82 -17.35 -2.47
CA ILE A 119 -41.94 -16.45 -2.69
C ILE A 119 -42.21 -15.66 -1.41
N VAL A 120 -42.81 -14.48 -1.59
CA VAL A 120 -43.32 -13.68 -0.48
C VAL A 120 -44.77 -13.34 -0.80
N ILE A 121 -45.63 -13.42 0.21
CA ILE A 121 -47.07 -13.26 0.04
C ILE A 121 -47.52 -12.05 0.84
N ARG A 122 -48.30 -11.17 0.20
CA ARG A 122 -48.92 -10.03 0.87
C ARG A 122 -50.35 -10.39 1.21
N ILE A 123 -50.72 -10.30 2.47
CA ILE A 123 -52.01 -10.78 2.97
C ILE A 123 -52.92 -9.58 3.20
N GLY A 124 -53.97 -9.47 2.41
CA GLY A 124 -55.01 -8.48 2.64
C GLY A 124 -54.62 -7.09 2.19
N GLN A 125 -55.59 -6.18 2.27
CA GLN A 125 -55.40 -4.78 1.95
C GLN A 125 -55.31 -3.97 3.24
N ASN A 126 -55.17 -2.65 3.08
CA ASN A 126 -55.13 -1.75 4.22
C ASN A 126 -55.83 -0.44 3.91
N LYS A 143 -62.40 -7.57 4.82
CA LYS A 143 -62.21 -9.01 4.92
C LYS A 143 -60.76 -9.39 4.67
N LYS A 144 -60.17 -10.09 5.63
CA LYS A 144 -58.80 -10.59 5.54
C LYS A 144 -58.84 -12.11 5.59
N ILE A 145 -58.25 -12.75 4.58
CA ILE A 145 -58.27 -14.20 4.47
C ILE A 145 -56.83 -14.68 4.36
N TYR A 146 -56.61 -15.95 4.70
CA TYR A 146 -55.28 -16.50 4.65
C TYR A 146 -55.15 -17.52 3.53
N PRO A 147 -54.00 -17.61 2.88
CA PRO A 147 -53.83 -18.57 1.80
C PRO A 147 -53.60 -19.99 2.31
N ALA A 148 -53.92 -20.94 1.45
CA ALA A 148 -53.60 -22.35 1.65
C ALA A 148 -52.71 -22.79 0.51
N LEU A 149 -51.53 -23.31 0.83
CA LEU A 149 -50.53 -23.62 -0.18
C LEU A 149 -50.23 -25.11 -0.21
N MET A 150 -49.79 -25.57 -1.38
CA MET A 150 -49.48 -26.97 -1.64
C MET A 150 -48.13 -26.95 -2.37
N LEU A 151 -47.05 -27.28 -1.68
CA LEU A 151 -45.71 -27.16 -2.25
C LEU A 151 -45.08 -28.55 -2.42
N GLY A 152 -44.45 -28.76 -3.58
CA GLY A 152 -43.87 -30.05 -3.86
C GLY A 152 -42.79 -29.96 -4.91
N SER A 153 -42.28 -31.12 -5.31
CA SER A 153 -41.17 -31.22 -6.24
C SER A 153 -41.57 -31.67 -7.64
N SER A 154 -42.58 -32.52 -7.77
CA SER A 154 -43.05 -33.01 -9.05
C SER A 154 -44.51 -32.65 -9.21
N PHE A 155 -44.88 -32.14 -10.38
CA PHE A 155 -46.23 -31.68 -10.65
C PHE A 155 -46.70 -32.30 -11.96
N GLY A 156 -47.91 -32.84 -11.98
CA GLY A 156 -48.41 -33.49 -13.18
C GLY A 156 -49.88 -33.79 -13.06
N ASN A 157 -50.40 -34.48 -14.07
CA ASN A 157 -51.81 -34.83 -14.12
C ASN A 157 -52.10 -36.02 -13.21
N PHE A 158 -53.39 -36.22 -12.94
CA PHE A 158 -53.83 -37.46 -12.31
C PHE A 158 -53.93 -38.57 -13.36
N SER A 159 -54.23 -39.78 -12.88
CA SER A 159 -54.27 -40.93 -13.77
C SER A 159 -55.66 -41.19 -14.34
N ALA A 160 -56.66 -41.31 -13.47
CA ALA A 160 -58.01 -41.64 -13.93
C ALA A 160 -58.62 -40.50 -14.74
N ASN A 161 -58.37 -39.26 -14.33
CA ASN A 161 -58.84 -38.08 -15.04
C ASN A 161 -57.64 -37.20 -15.31
N ASN A 162 -57.54 -36.68 -16.54
CA ASN A 162 -56.37 -35.90 -16.94
C ASN A 162 -56.56 -34.44 -16.52
N LYS A 163 -56.49 -34.23 -15.20
CA LYS A 163 -56.59 -32.91 -14.60
C LYS A 163 -55.25 -32.52 -13.97
N SER A 164 -54.86 -31.26 -14.15
CA SER A 164 -53.46 -30.87 -14.04
C SER A 164 -52.94 -30.84 -12.61
N GLY A 165 -53.81 -30.73 -11.61
CA GLY A 165 -53.33 -30.43 -10.27
C GLY A 165 -52.98 -31.57 -9.33
N ALA A 166 -51.90 -32.29 -9.60
CA ALA A 166 -51.46 -33.38 -8.73
C ALA A 166 -49.98 -33.24 -8.40
N TYR A 167 -49.64 -33.56 -7.15
CA TYR A 167 -48.26 -33.55 -6.69
C TYR A 167 -47.83 -34.96 -6.30
N PHE A 168 -46.64 -35.34 -6.72
CA PHE A 168 -46.09 -36.65 -6.43
C PHE A 168 -45.04 -36.56 -5.33
N ASN A 169 -44.74 -37.71 -4.74
CA ASN A 169 -43.76 -37.91 -3.66
C ASN A 169 -44.24 -37.11 -2.44
N HIS A 170 -43.35 -36.41 -1.74
CA HIS A 170 -43.70 -35.74 -0.50
C HIS A 170 -44.08 -34.29 -0.77
N THR A 171 -45.17 -33.85 -0.14
CA THR A 171 -45.77 -32.55 -0.43
C THR A 171 -45.94 -31.76 0.87
N LEU A 172 -45.47 -30.51 0.86
CA LEU A 172 -45.64 -29.63 2.00
C LEU A 172 -47.02 -28.97 1.96
N LEU A 173 -47.73 -29.01 3.09
CA LEU A 173 -49.08 -28.48 3.19
C LEU A 173 -49.11 -27.38 4.23
N ILE A 174 -49.65 -26.22 3.87
CA ILE A 174 -49.90 -25.13 4.82
C ILE A 174 -51.39 -24.84 4.76
N LEU A 175 -52.11 -25.12 5.84
CA LEU A 175 -53.57 -25.08 5.85
C LEU A 175 -54.06 -24.25 7.04
N PRO A 176 -54.82 -23.18 6.81
CA PRO A 176 -55.51 -22.52 7.92
C PRO A 176 -56.80 -23.26 8.25
N SER A 177 -57.04 -23.45 9.55
CA SER A 177 -58.12 -24.33 10.01
C SER A 177 -59.23 -23.58 10.73
N LYS A 178 -58.92 -22.87 11.80
CA LYS A 178 -59.95 -22.25 12.65
C LYS A 178 -60.05 -20.77 12.28
N CYS A 179 -60.72 -20.52 11.14
CA CYS A 179 -60.98 -19.17 10.62
C CYS A 179 -59.69 -18.36 10.43
N GLY A 180 -58.63 -19.05 10.01
CA GLY A 180 -57.35 -18.38 9.80
C GLY A 180 -56.59 -18.06 11.06
N THR A 181 -56.99 -18.59 12.21
CA THR A 181 -56.28 -18.35 13.46
C THR A 181 -55.37 -19.50 13.89
N VAL A 182 -55.46 -20.64 13.23
CA VAL A 182 -54.63 -21.81 13.54
C VAL A 182 -54.18 -22.43 12.24
N PHE A 183 -52.88 -22.69 12.11
CA PHE A 183 -52.30 -23.24 10.89
C PHE A 183 -51.72 -24.62 11.11
N GLN A 184 -51.95 -25.51 10.15
CA GLN A 184 -51.34 -26.83 10.11
C GLN A 184 -50.25 -26.83 9.06
N VAL A 185 -49.05 -27.27 9.44
CA VAL A 185 -47.94 -27.44 8.51
C VAL A 185 -47.57 -28.92 8.50
N ALA A 186 -47.74 -29.56 7.36
CA ALA A 186 -47.51 -31.00 7.22
C ALA A 186 -46.70 -31.27 5.97
N TYR A 187 -45.99 -32.41 6.00
CA TYR A 187 -45.17 -32.87 4.91
C TYR A 187 -45.46 -34.33 4.70
N CYS A 188 -46.38 -34.70 3.82
CA CYS A 188 -46.84 -36.06 3.63
C CYS A 188 -47.14 -36.39 2.20
N LEU A 189 -47.24 -37.65 1.81
CA LEU A 189 -47.70 -38.02 0.48
C LEU A 189 -49.22 -37.82 0.26
N LEU A 190 -49.68 -37.33 -0.90
CA LEU A 190 -51.09 -37.09 -1.18
C LEU A 190 -51.57 -38.22 -2.08
N GLN A 191 -52.23 -39.22 -1.48
CA GLN A 191 -52.78 -40.33 -2.23
C GLN A 191 -54.24 -40.03 -2.56
N PRO A 192 -54.60 -39.99 -3.85
CA PRO A 192 -55.99 -39.70 -4.20
C PRO A 192 -56.95 -40.79 -3.74
N ARG A 193 -58.17 -40.37 -3.42
CA ARG A 193 -59.19 -41.25 -2.88
C ARG A 193 -60.15 -41.67 -3.98
N THR A 194 -60.32 -42.98 -4.16
CA THR A 194 -61.21 -43.50 -5.19
C THR A 194 -62.65 -43.46 -4.68
N GLU A 195 -63.24 -42.27 -4.77
CA GLU A 195 -64.62 -42.05 -4.36
C GLU A 195 -65.23 -41.02 -5.28
N SER A 196 -66.52 -40.76 -5.09
CA SER A 196 -67.22 -39.80 -5.93
C SER A 196 -66.78 -38.38 -5.62
N LYS A 197 -66.57 -37.59 -6.68
CA LYS A 197 -66.13 -36.19 -6.64
C LYS A 197 -64.77 -36.02 -5.97
N CYS A 198 -63.98 -37.08 -5.89
CA CYS A 198 -62.63 -37.05 -5.33
C CYS A 198 -61.61 -37.28 -6.44
N PRO A 199 -60.36 -36.81 -6.26
CA PRO A 199 -59.34 -37.07 -7.27
C PRO A 199 -59.04 -38.55 -7.40
N GLY A 200 -58.64 -38.95 -8.61
CA GLY A 200 -58.57 -40.36 -8.94
C GLY A 200 -59.87 -40.94 -9.44
N ASN A 201 -60.89 -40.11 -9.66
CA ASN A 201 -62.17 -40.52 -10.20
C ASN A 201 -62.52 -39.58 -11.34
N SER A 202 -63.30 -40.08 -12.30
CA SER A 202 -63.53 -39.35 -13.55
C SER A 202 -64.34 -38.08 -13.33
N ASN A 203 -65.23 -38.05 -12.35
CA ASN A 203 -66.07 -36.88 -12.12
C ASN A 203 -65.40 -35.80 -11.25
N TYR A 204 -64.09 -35.86 -11.08
CA TYR A 204 -63.39 -34.90 -10.24
C TYR A 204 -63.35 -33.53 -10.92
N VAL A 205 -63.59 -32.48 -10.14
CA VAL A 205 -63.48 -31.10 -10.60
C VAL A 205 -62.29 -30.40 -9.95
N SER A 206 -62.31 -30.25 -8.63
CA SER A 206 -61.19 -29.66 -7.90
C SER A 206 -61.30 -30.03 -6.44
N TYR A 207 -60.18 -29.90 -5.73
CA TYR A 207 -60.15 -29.97 -4.28
C TYR A 207 -60.16 -28.55 -3.71
N PHE A 208 -60.77 -28.39 -2.55
CA PHE A 208 -60.90 -27.08 -1.95
C PHE A 208 -61.03 -27.22 -0.45
N LEU A 209 -60.75 -26.13 0.26
CA LEU A 209 -60.93 -26.05 1.70
C LEU A 209 -62.19 -25.25 1.97
N ALA A 210 -63.17 -25.88 2.63
CA ALA A 210 -64.49 -25.28 2.83
C ALA A 210 -64.64 -24.85 4.28
N ASP A 211 -65.04 -23.60 4.48
CA ASP A 211 -65.28 -23.07 5.82
C ASP A 211 -66.78 -22.88 6.02
N THR A 219 -66.27 -23.78 21.07
CA THR A 219 -64.89 -24.21 21.05
C THR A 219 -64.79 -25.74 21.00
N SER A 220 -64.26 -26.26 19.91
CA SER A 220 -64.08 -27.69 19.74
C SER A 220 -62.69 -27.97 19.18
N ASP A 221 -62.17 -29.15 19.50
CA ASP A 221 -60.87 -29.55 18.97
C ASP A 221 -60.98 -29.93 17.49
N GLU A 222 -62.15 -30.36 17.05
CA GLU A 222 -62.37 -30.67 15.64
C GLU A 222 -62.23 -29.44 14.76
N ILE A 223 -62.75 -28.30 15.25
CA ILE A 223 -62.66 -27.05 14.50
C ILE A 223 -61.21 -26.58 14.39
N ARG A 224 -60.42 -26.82 15.44
CA ARG A 224 -59.02 -26.38 15.47
C ARG A 224 -58.19 -27.05 14.39
N ARG A 225 -58.60 -28.22 13.92
CA ARG A 225 -57.95 -28.92 12.82
C ARG A 225 -58.86 -29.04 11.61
N ASN A 226 -59.86 -28.14 11.51
CA ASN A 226 -60.94 -28.26 10.54
C ASN A 226 -60.42 -28.27 9.11
N GLY A 227 -59.48 -27.37 8.80
CA GLY A 227 -58.91 -27.32 7.47
C GLY A 227 -58.22 -28.62 7.07
N LEU A 228 -57.58 -29.27 8.05
CA LEU A 228 -56.98 -30.58 7.79
C LEU A 228 -58.04 -31.59 7.36
N ARG A 229 -59.21 -31.55 7.99
CA ARG A 229 -60.32 -32.41 7.56
C ARG A 229 -60.68 -32.14 6.11
N ASP A 230 -60.66 -30.86 5.71
CA ASP A 230 -61.01 -30.49 4.34
C ASP A 230 -60.01 -31.04 3.34
N ILE A 231 -58.77 -31.35 3.75
CA ILE A 231 -57.84 -31.97 2.83
C ILE A 231 -57.83 -33.48 2.96
N ARG A 232 -58.44 -34.06 3.96
CA ARG A 232 -58.34 -35.49 4.07
C ARG A 232 -59.52 -36.13 3.38
N LYS A 233 -60.56 -35.37 3.06
CA LYS A 233 -61.64 -35.95 2.27
C LYS A 233 -61.19 -36.19 0.83
N PHE A 234 -60.32 -35.35 0.30
CA PHE A 234 -59.85 -35.49 -1.08
C PHE A 234 -58.63 -36.38 -1.18
N PHE A 235 -57.71 -36.29 -0.22
CA PHE A 235 -56.44 -37.00 -0.28
C PHE A 235 -56.22 -37.80 0.98
N ASN A 236 -55.45 -38.87 0.86
CA ASN A 236 -55.01 -39.68 1.99
C ASN A 236 -53.58 -39.30 2.32
N LEU A 237 -53.35 -38.85 3.56
CA LEU A 237 -52.03 -38.38 3.99
C LEU A 237 -51.35 -39.51 4.74
N VAL A 238 -50.39 -40.16 4.09
CA VAL A 238 -49.71 -41.34 4.64
C VAL A 238 -48.22 -41.06 4.75
N ASN A 239 -47.57 -41.80 5.66
CA ASN A 239 -46.12 -41.80 5.86
C ASN A 239 -45.58 -40.40 6.12
N CYS A 240 -46.07 -39.77 7.18
CA CYS A 240 -46.02 -38.32 7.25
C CYS A 240 -45.02 -37.90 8.32
N THR A 241 -43.98 -37.17 7.89
CA THR A 241 -42.75 -36.97 8.62
C THR A 241 -42.81 -35.78 9.58
N TYR A 242 -43.36 -34.66 9.15
CA TYR A 242 -43.36 -33.44 9.93
C TYR A 242 -44.79 -32.96 10.10
N PHE A 243 -45.13 -32.52 11.31
CA PHE A 243 -46.43 -31.90 11.56
C PHE A 243 -46.31 -31.04 12.81
N GLU A 244 -46.50 -29.74 12.66
CA GLU A 244 -46.65 -28.83 13.80
C GLU A 244 -47.80 -27.88 13.53
N GLU A 245 -48.37 -27.34 14.60
CA GLU A 245 -49.41 -26.35 14.53
C GLU A 245 -48.93 -25.01 15.08
N PHE A 246 -49.52 -23.93 14.60
CA PHE A 246 -49.16 -22.58 15.01
C PHE A 246 -50.41 -21.79 15.33
N ASN A 247 -50.39 -21.08 16.45
CA ASN A 247 -51.49 -20.22 16.86
C ASN A 247 -51.16 -18.77 16.53
N VAL A 248 -52.09 -18.08 15.86
CA VAL A 248 -51.96 -16.66 15.58
C VAL A 248 -53.18 -15.94 16.12
N THR A 249 -52.99 -14.79 16.72
CA THR A 249 -54.08 -14.01 17.25
C THR A 249 -54.62 -13.13 16.17
N ALA A 250 -55.92 -12.96 16.10
CA ALA A 250 -56.53 -12.22 15.00
C ALA A 250 -56.19 -10.77 14.92
N ASP A 251 -56.03 -10.29 13.70
CA ASP A 251 -55.74 -8.89 13.51
C ASP A 251 -56.11 -8.54 12.12
N GLU A 252 -56.81 -7.44 11.95
CA GLU A 252 -57.11 -6.96 10.63
C GLU A 252 -55.86 -6.57 9.84
N ARG A 253 -54.87 -5.97 10.48
CA ARG A 253 -53.71 -5.45 9.73
C ARG A 253 -53.08 -6.30 8.62
N ALA A 254 -52.48 -5.64 7.62
CA ALA A 254 -51.82 -6.33 6.54
C ALA A 254 -50.46 -6.86 6.99
N GLU A 255 -50.17 -8.11 6.63
CA GLU A 255 -48.94 -8.75 7.03
C GLU A 255 -48.38 -9.55 5.86
N TRP A 256 -47.15 -10.00 6.02
CA TRP A 256 -46.43 -10.72 4.97
C TRP A 256 -46.07 -12.12 5.45
N PHE A 257 -45.81 -12.99 4.48
CA PHE A 257 -45.44 -14.37 4.75
C PHE A 257 -44.57 -14.85 3.60
N GLY A 258 -43.47 -15.52 3.91
CA GLY A 258 -42.52 -15.93 2.89
C GLY A 258 -41.98 -17.32 3.14
N ILE A 259 -41.68 -18.01 2.04
CA ILE A 259 -41.10 -19.35 2.08
C ILE A 259 -39.78 -19.33 1.32
N VAL A 260 -38.73 -19.85 1.96
CA VAL A 260 -37.39 -19.88 1.37
C VAL A 260 -36.81 -21.28 1.53
N GLN A 261 -36.39 -21.87 0.43
CA GLN A 261 -35.73 -23.18 0.45
C GLN A 261 -34.22 -22.99 0.60
N ASP A 262 -33.63 -23.75 1.51
CA ASP A 262 -32.21 -23.64 1.82
C ASP A 262 -31.66 -25.05 2.06
N ALA A 263 -30.35 -25.15 2.25
CA ALA A 263 -29.74 -26.43 2.57
C ALA A 263 -30.15 -26.92 3.95
N GLN A 264 -30.45 -26.01 4.87
CA GLN A 264 -30.91 -26.38 6.20
C GLN A 264 -32.38 -26.79 6.22
N GLY A 265 -33.12 -26.56 5.14
CA GLY A 265 -34.52 -26.89 5.06
C GLY A 265 -35.30 -25.71 4.52
N VAL A 266 -36.61 -25.76 4.71
CA VAL A 266 -37.52 -24.72 4.26
C VAL A 266 -37.76 -23.75 5.40
N HIS A 267 -37.55 -22.46 5.15
CA HIS A 267 -37.68 -21.43 6.16
C HIS A 267 -38.96 -20.65 5.94
N LEU A 268 -39.77 -20.54 6.99
CA LEU A 268 -41.01 -19.77 6.95
C LEU A 268 -40.79 -18.43 7.64
N TYR A 269 -41.12 -17.35 6.95
CA TYR A 269 -40.92 -16.00 7.44
C TYR A 269 -42.27 -15.32 7.62
N THR A 270 -42.34 -14.40 8.58
CA THR A 270 -43.58 -13.67 8.83
C THR A 270 -43.25 -12.30 9.38
N SER A 271 -44.23 -11.39 9.26
CA SER A 271 -44.11 -10.05 9.81
C SER A 271 -44.98 -9.87 11.04
N ARG A 272 -45.50 -10.96 11.61
CA ARG A 272 -46.31 -10.89 12.83
C ARG A 272 -45.50 -10.45 13.99
N LYS A 273 -44.21 -10.68 13.92
CA LYS A 273 -43.31 -10.26 14.95
C LYS A 273 -43.31 -8.78 15.00
N ASN A 274 -44.11 -8.19 15.88
CA ASN A 274 -44.22 -6.75 15.88
C ASN A 274 -43.74 -6.17 17.20
N GLY A 275 -42.78 -5.25 17.13
CA GLY A 275 -42.47 -4.38 18.24
C GLY A 275 -42.97 -2.99 17.90
N PHE A 276 -43.09 -2.75 16.60
CA PHE A 276 -43.69 -1.54 16.04
C PHE A 276 -44.52 -1.98 14.84
N ASN A 277 -45.01 -1.01 14.07
CA ASN A 277 -45.76 -1.29 12.86
C ASN A 277 -44.77 -1.41 11.71
N SER A 278 -44.31 -2.63 11.45
CA SER A 278 -43.35 -2.88 10.38
C SER A 278 -43.80 -4.10 9.60
N ASN A 279 -43.36 -4.16 8.34
CA ASN A 279 -43.70 -5.26 7.44
C ASN A 279 -42.48 -6.12 7.09
N ASN A 280 -41.41 -5.99 7.86
CA ASN A 280 -40.24 -6.84 7.63
C ASN A 280 -40.53 -8.27 8.06
N LEU A 281 -40.08 -9.22 7.25
CA LEU A 281 -40.32 -10.63 7.51
C LEU A 281 -39.22 -11.19 8.40
N PHE A 282 -39.63 -11.85 9.49
CA PHE A 282 -38.71 -12.47 10.44
C PHE A 282 -38.96 -13.96 10.49
N LEU A 283 -37.88 -14.71 10.71
CA LEU A 283 -37.95 -16.17 10.70
C LEU A 283 -38.64 -16.68 11.96
N PHE A 284 -39.54 -17.64 11.79
CA PHE A 284 -40.22 -18.25 12.93
C PHE A 284 -40.30 -19.78 12.87
N ALA A 285 -39.99 -20.41 11.75
CA ALA A 285 -40.07 -21.86 11.66
C ALA A 285 -39.11 -22.37 10.59
N THR A 286 -38.59 -23.58 10.81
CA THR A 286 -37.70 -24.23 9.86
C THR A 286 -38.19 -25.66 9.64
N VAL A 287 -38.81 -25.91 8.50
CA VAL A 287 -39.35 -27.22 8.16
C VAL A 287 -38.24 -28.06 7.54
N PRO A 288 -37.98 -29.27 8.03
CA PRO A 288 -36.87 -30.07 7.48
C PRO A 288 -37.15 -30.69 6.12
N ILE A 289 -37.07 -29.88 5.06
CA ILE A 289 -37.26 -30.33 3.70
C ILE A 289 -35.90 -30.32 3.01
N TYR A 290 -35.46 -31.49 2.56
CA TYR A 290 -34.17 -31.60 1.89
C TYR A 290 -34.30 -31.93 0.41
N ASP A 291 -35.47 -32.38 -0.03
CA ASP A 291 -35.77 -32.38 -1.45
C ASP A 291 -36.06 -30.95 -1.92
N LYS A 292 -35.74 -30.68 -3.17
CA LYS A 292 -35.89 -29.33 -3.72
C LYS A 292 -37.32 -29.13 -4.17
N LEU A 293 -37.97 -28.08 -3.65
CA LEU A 293 -39.31 -27.73 -4.07
C LEU A 293 -39.24 -26.93 -5.37
N ASN A 294 -40.03 -27.34 -6.35
CA ASN A 294 -40.05 -26.71 -7.65
C ASN A 294 -41.37 -26.04 -8.01
N TYR A 295 -42.46 -26.38 -7.34
CA TYR A 295 -43.77 -25.89 -7.71
C TYR A 295 -44.57 -25.55 -6.46
N TYR A 296 -45.56 -24.67 -6.63
CA TYR A 296 -46.52 -24.37 -5.59
C TYR A 296 -47.86 -24.06 -6.24
N THR A 297 -48.93 -24.53 -5.62
CA THR A 297 -50.29 -24.21 -6.05
C THR A 297 -51.00 -23.50 -4.92
N VAL A 298 -52.05 -22.75 -5.27
CA VAL A 298 -52.91 -22.11 -4.30
C VAL A 298 -54.18 -22.95 -4.19
N ILE A 299 -54.42 -23.50 -3.01
CA ILE A 299 -55.63 -24.29 -2.80
C ILE A 299 -56.84 -23.36 -2.76
N PRO A 300 -57.88 -23.62 -3.54
CA PRO A 300 -59.07 -22.77 -3.48
C PRO A 300 -59.79 -22.89 -2.13
N ARG A 301 -60.39 -21.79 -1.70
CA ARG A 301 -61.11 -21.73 -0.45
C ARG A 301 -62.45 -21.04 -0.68
N SER A 302 -63.40 -21.33 0.21
CA SER A 302 -64.72 -20.74 0.15
C SER A 302 -65.25 -20.54 1.56
N VAL A 303 -65.84 -19.38 1.80
CA VAL A 303 -66.52 -19.09 3.06
C VAL A 303 -68.00 -18.97 2.76
N ILE A 304 -68.81 -19.81 3.39
CA ILE A 304 -70.24 -19.83 3.14
C ILE A 304 -70.98 -19.05 4.21
N ALA A 312 -66.65 -9.21 1.98
CA ALA A 312 -67.28 -9.87 0.84
C ALA A 312 -66.28 -10.78 0.14
N TRP A 313 -65.11 -10.25 -0.17
CA TRP A 313 -64.08 -10.99 -0.87
C TRP A 313 -62.72 -10.47 -0.41
N ALA A 314 -61.72 -11.35 -0.42
CA ALA A 314 -60.38 -11.00 -0.01
C ALA A 314 -59.38 -11.53 -1.01
N ALA A 315 -58.28 -10.79 -1.19
CA ALA A 315 -57.25 -11.14 -2.16
C ALA A 315 -55.88 -11.10 -1.50
N PHE A 316 -54.99 -11.94 -2.00
CA PHE A 316 -53.59 -11.94 -1.58
C PHE A 316 -52.71 -12.07 -2.81
N TYR A 317 -51.53 -11.46 -2.75
CA TYR A 317 -50.61 -11.39 -3.88
C TYR A 317 -49.34 -12.17 -3.57
N ILE A 318 -48.85 -12.91 -4.56
CA ILE A 318 -47.66 -13.73 -4.40
C ILE A 318 -46.59 -13.19 -5.34
N TYR A 319 -45.45 -12.78 -4.77
CA TYR A 319 -44.33 -12.25 -5.51
C TYR A 319 -43.13 -13.18 -5.39
N PRO A 320 -42.45 -13.51 -6.48
CA PRO A 320 -41.26 -14.37 -6.37
C PRO A 320 -40.03 -13.58 -5.93
N LEU A 321 -39.13 -14.29 -5.24
CA LEU A 321 -37.88 -13.71 -4.79
C LEU A 321 -36.78 -13.97 -5.81
N HIS A 322 -35.81 -13.06 -5.86
CA HIS A 322 -34.70 -13.15 -6.80
C HIS A 322 -33.40 -12.85 -6.09
N GLN A 323 -32.30 -13.36 -6.64
CA GLN A 323 -30.97 -13.05 -6.13
C GLN A 323 -30.61 -11.65 -6.61
N LEU A 324 -30.92 -10.66 -5.79
CA LEU A 324 -30.78 -9.26 -6.14
C LEU A 324 -29.83 -8.55 -5.19
N SER A 325 -29.27 -7.45 -5.67
CA SER A 325 -28.48 -6.56 -4.83
C SER A 325 -29.40 -5.48 -4.27
N TYR A 326 -29.42 -5.34 -2.95
CA TYR A 326 -30.26 -4.37 -2.29
C TYR A 326 -29.42 -3.46 -1.40
N LEU A 327 -29.94 -2.27 -1.15
CA LEU A 327 -29.41 -1.38 -0.11
C LEU A 327 -30.52 -1.12 0.89
N LEU A 328 -30.27 -1.46 2.15
CA LEU A 328 -31.26 -1.41 3.20
C LEU A 328 -30.92 -0.30 4.19
N ASN A 329 -31.96 0.39 4.67
CA ASN A 329 -31.80 1.48 5.61
C ASN A 329 -32.56 1.14 6.88
N PHE A 330 -31.86 1.10 8.00
CA PHE A 330 -32.45 0.82 9.30
C PHE A 330 -32.64 2.12 10.06
N ASP A 331 -33.73 2.20 10.82
CA ASP A 331 -34.05 3.39 11.60
C ASP A 331 -33.56 3.22 13.04
N VAL A 332 -34.01 4.11 13.92
CA VAL A 332 -33.58 4.08 15.32
C VAL A 332 -34.19 2.91 16.08
N ASN A 333 -35.24 2.30 15.56
CA ASN A 333 -35.89 1.16 16.21
C ASN A 333 -35.37 -0.18 15.71
N GLY A 334 -34.40 -0.17 14.79
CA GLY A 334 -33.89 -1.42 14.25
C GLY A 334 -34.74 -2.06 13.18
N TYR A 335 -35.51 -1.26 12.45
CA TYR A 335 -36.40 -1.76 11.42
C TYR A 335 -36.04 -1.17 10.08
N ILE A 336 -36.21 -1.95 9.02
CA ILE A 336 -35.96 -1.46 7.67
C ILE A 336 -37.09 -0.53 7.27
N THR A 337 -36.76 0.73 7.02
CA THR A 337 -37.74 1.71 6.57
C THR A 337 -37.62 2.05 5.10
N GLN A 338 -36.42 1.97 4.54
CA GLN A 338 -36.19 2.19 3.12
C GLN A 338 -35.40 1.03 2.54
N ALA A 339 -35.69 0.68 1.30
CA ALA A 339 -34.89 -0.25 0.53
C ALA A 339 -34.66 0.33 -0.85
N ALA A 340 -33.50 0.02 -1.42
CA ALA A 340 -33.13 0.48 -2.76
C ALA A 340 -32.81 -0.73 -3.61
N ASP A 341 -33.65 -0.99 -4.60
CA ASP A 341 -33.38 -2.06 -5.56
C ASP A 341 -32.28 -1.59 -6.49
N CYS A 342 -31.05 -2.03 -6.24
CA CYS A 342 -29.91 -1.64 -7.05
C CYS A 342 -30.08 -2.20 -8.46
N GLY A 343 -30.41 -1.34 -9.41
CA GLY A 343 -30.68 -1.77 -10.77
C GLY A 343 -32.08 -1.46 -11.26
N TYR A 344 -32.96 -0.90 -10.44
CA TYR A 344 -34.30 -0.56 -10.90
C TYR A 344 -34.27 0.61 -11.89
N ASN A 345 -33.58 1.69 -11.53
CA ASN A 345 -33.43 2.83 -12.43
C ASN A 345 -32.04 3.44 -12.19
N ASP A 346 -31.78 4.58 -12.82
CA ASP A 346 -30.49 5.22 -12.67
C ASP A 346 -30.32 5.84 -11.28
N TYR A 347 -31.42 6.25 -10.65
CA TYR A 347 -31.32 6.84 -9.32
C TYR A 347 -30.93 5.80 -8.27
N THR A 348 -31.49 4.59 -8.38
CA THR A 348 -31.13 3.54 -7.42
C THR A 348 -29.71 3.05 -7.64
N GLN A 349 -29.26 3.01 -8.89
CA GLN A 349 -27.86 2.67 -9.15
C GLN A 349 -26.93 3.76 -8.63
N LEU A 350 -27.36 5.02 -8.69
CA LEU A 350 -26.61 6.10 -8.07
C LEU A 350 -26.55 5.94 -6.56
N ILE A 351 -27.67 5.56 -5.95
CA ILE A 351 -27.74 5.39 -4.50
C ILE A 351 -26.84 4.23 -4.06
N CYS A 352 -26.88 3.12 -4.78
CA CYS A 352 -26.07 1.95 -4.41
C CYS A 352 -24.60 2.12 -4.73
N SER A 353 -24.27 2.93 -5.74
CA SER A 353 -22.86 3.11 -6.11
C SER A 353 -22.09 3.90 -5.06
N TYR A 354 -22.77 4.66 -4.21
CA TYR A 354 -22.13 5.44 -3.17
C TYR A 354 -22.54 5.02 -1.76
N GLY A 355 -23.55 4.18 -1.63
CA GLY A 355 -23.96 3.66 -0.33
C GLY A 355 -24.53 4.68 0.62
N ASP A 356 -25.37 5.59 0.14
CA ASP A 356 -25.91 6.64 0.99
C ASP A 356 -27.21 7.14 0.38
N PHE A 357 -28.28 7.11 1.18
CA PHE A 357 -29.60 7.46 0.67
C PHE A 357 -29.76 8.97 0.46
N ASN A 358 -29.30 9.77 1.42
CA ASN A 358 -29.50 11.22 1.41
C ASN A 358 -28.32 11.88 0.71
N MET A 359 -28.41 12.00 -0.60
CA MET A 359 -27.34 12.53 -1.43
C MET A 359 -27.53 14.02 -1.69
N LYS A 360 -26.42 14.69 -1.99
CA LYS A 360 -26.42 16.08 -2.40
C LYS A 360 -26.59 16.17 -3.91
N SER A 361 -26.84 17.40 -4.39
CA SER A 361 -26.97 17.65 -5.81
C SER A 361 -25.59 17.60 -6.47
N GLY A 362 -25.55 17.00 -7.66
CA GLY A 362 -24.30 16.92 -8.40
C GLY A 362 -24.43 15.92 -9.52
N VAL A 363 -23.38 15.90 -10.35
CA VAL A 363 -23.27 14.94 -11.44
C VAL A 363 -22.30 13.85 -11.01
N TYR A 364 -22.80 12.63 -10.88
CA TYR A 364 -22.03 11.54 -10.30
C TYR A 364 -21.81 10.44 -11.34
N SER A 365 -20.70 9.73 -11.21
CA SER A 365 -20.43 8.56 -12.03
C SER A 365 -21.02 7.33 -11.37
N THR A 366 -21.78 6.55 -12.13
CA THR A 366 -22.63 5.50 -11.61
C THR A 366 -22.20 4.15 -12.17
N SER A 367 -22.03 3.18 -11.28
CA SER A 367 -21.69 1.82 -11.66
C SER A 367 -22.94 1.04 -12.06
N TYR A 368 -22.74 0.02 -12.89
CA TYR A 368 -23.84 -0.79 -13.40
C TYR A 368 -24.23 -1.84 -12.37
N TYR A 369 -25.53 -2.01 -12.15
CA TYR A 369 -26.04 -3.03 -11.23
C TYR A 369 -27.00 -3.98 -11.90
N SER A 370 -27.04 -3.99 -13.23
CA SER A 370 -27.87 -4.95 -13.97
C SER A 370 -27.15 -5.25 -15.28
N ALA A 371 -26.36 -6.33 -15.28
CA ALA A 371 -25.67 -6.79 -16.48
C ALA A 371 -26.24 -8.12 -16.97
N LYS A 372 -26.18 -9.17 -16.12
CA LYS A 372 -26.86 -10.45 -16.30
C LYS A 372 -26.62 -11.10 -17.66
N PRO A 373 -25.45 -11.74 -17.86
CA PRO A 373 -25.23 -12.48 -19.12
C PRO A 373 -26.30 -13.53 -19.38
N VAL A 374 -27.09 -13.32 -20.44
CA VAL A 374 -28.27 -14.14 -20.71
C VAL A 374 -27.97 -15.26 -21.69
N GLY A 375 -27.25 -14.97 -22.78
CA GLY A 375 -26.93 -15.98 -23.76
C GLY A 375 -25.62 -16.68 -23.46
N ALA A 376 -25.30 -17.65 -24.31
CA ALA A 376 -24.05 -18.39 -24.21
C ALA A 376 -23.59 -18.76 -25.61
N TYR A 377 -22.29 -18.60 -25.86
CA TYR A 377 -21.73 -18.87 -27.17
C TYR A 377 -20.52 -19.80 -27.04
N TYR A 378 -20.43 -20.74 -27.99
CA TYR A 378 -19.32 -21.68 -28.01
C TYR A 378 -18.85 -21.85 -29.44
N GLU A 379 -17.54 -21.86 -29.64
CA GLU A 379 -16.96 -22.11 -30.95
C GLU A 379 -15.61 -22.79 -30.78
N ALA A 380 -15.42 -23.91 -31.47
CA ALA A 380 -14.17 -24.64 -31.43
C ALA A 380 -14.00 -25.40 -32.73
N HIS A 381 -12.74 -25.67 -33.08
CA HIS A 381 -12.43 -26.41 -34.30
C HIS A 381 -12.40 -27.86 -33.97
N VAL A 382 -12.76 -28.68 -34.93
CA VAL A 382 -12.82 -30.12 -34.73
C VAL A 382 -11.52 -30.74 -35.23
N TYR A 383 -11.11 -31.81 -34.57
CA TYR A 383 -9.91 -32.56 -34.91
C TYR A 383 -10.21 -34.03 -34.69
N PRO A 384 -9.46 -34.93 -35.33
CA PRO A 384 -9.60 -36.36 -35.01
C PRO A 384 -9.23 -36.64 -33.57
N ASP A 385 -9.86 -37.66 -33.00
CA ASP A 385 -9.74 -37.94 -31.58
C ASP A 385 -8.33 -38.36 -31.21
N CYS A 386 -7.91 -37.97 -29.99
CA CYS A 386 -6.63 -38.42 -29.46
C CYS A 386 -6.65 -39.92 -29.24
N ASN A 387 -5.51 -40.55 -29.45
CA ASN A 387 -5.39 -42.00 -29.40
C ASN A 387 -4.71 -42.39 -28.09
N PHE A 388 -5.49 -42.95 -27.17
CA PHE A 388 -5.01 -43.35 -25.86
C PHE A 388 -4.84 -44.86 -25.72
N THR A 389 -4.69 -45.56 -26.85
CA THR A 389 -4.59 -47.01 -26.83
C THR A 389 -3.31 -47.48 -26.15
N GLU A 390 -2.19 -46.82 -26.43
CA GLU A 390 -0.90 -47.24 -25.90
C GLU A 390 -0.78 -46.99 -24.40
N LEU A 391 -1.63 -46.15 -23.82
CA LEU A 391 -1.61 -45.93 -22.38
C LEU A 391 -2.27 -47.08 -21.62
N PHE A 392 -3.29 -47.71 -22.19
CA PHE A 392 -4.09 -48.67 -21.46
C PHE A 392 -4.16 -50.05 -22.08
N ARG A 393 -3.56 -50.27 -23.26
CA ARG A 393 -3.70 -51.56 -23.94
C ARG A 393 -2.35 -52.16 -24.34
N GLU A 394 -1.25 -51.73 -23.73
CA GLU A 394 0.06 -52.29 -24.01
C GLU A 394 0.73 -52.70 -22.70
N ARG A 395 1.97 -53.15 -22.80
CA ARG A 395 2.76 -53.51 -21.63
C ARG A 395 3.09 -52.26 -20.82
N ALA A 396 2.99 -52.38 -19.50
CA ALA A 396 3.22 -51.24 -18.62
C ALA A 396 4.71 -50.89 -18.59
N PRO A 397 5.07 -49.63 -18.77
CA PRO A 397 6.48 -49.24 -18.69
C PRO A 397 6.99 -49.25 -17.27
N THR A 398 8.31 -49.40 -17.13
CA THR A 398 8.95 -49.28 -15.84
C THR A 398 9.19 -47.82 -15.51
N ILE A 399 9.54 -47.55 -14.25
CA ILE A 399 9.88 -46.18 -13.88
C ILE A 399 11.24 -45.78 -14.46
N MET A 400 12.12 -46.76 -14.67
CA MET A 400 13.43 -46.49 -15.24
C MET A 400 13.32 -45.98 -16.68
N GLN A 401 12.37 -46.52 -17.43
CA GLN A 401 12.19 -46.23 -18.85
C GLN A 401 10.75 -45.88 -19.15
N TYR A 402 10.21 -44.92 -18.39
CA TYR A 402 8.82 -44.54 -18.51
C TYR A 402 8.53 -43.94 -19.89
N LYS A 403 7.31 -44.15 -20.36
CA LYS A 403 6.90 -43.68 -21.66
C LYS A 403 6.23 -42.31 -21.54
N ARG A 404 6.58 -41.41 -22.45
CA ARG A 404 5.97 -40.10 -22.53
C ARG A 404 5.37 -39.94 -23.92
N GLU A 405 4.14 -39.43 -23.99
CA GLU A 405 3.53 -39.06 -25.25
C GLU A 405 2.96 -37.66 -25.15
N VAL A 406 3.21 -36.85 -26.17
CA VAL A 406 2.72 -35.48 -26.23
C VAL A 406 1.57 -35.44 -27.23
N PHE A 407 0.38 -35.07 -26.74
CA PHE A 407 -0.81 -35.02 -27.58
C PHE A 407 -1.01 -33.59 -28.07
N THR A 408 -1.06 -33.43 -29.38
CA THR A 408 -1.22 -32.14 -30.02
C THR A 408 -2.19 -32.31 -31.17
N ARG A 409 -3.11 -31.34 -31.31
CA ARG A 409 -4.04 -31.25 -32.44
C ARG A 409 -5.02 -32.42 -32.47
N CYS A 410 -5.71 -32.64 -31.34
CA CYS A 410 -6.68 -33.70 -31.25
C CYS A 410 -7.68 -33.37 -30.15
N ASN A 411 -8.81 -34.08 -30.18
CA ASN A 411 -9.86 -33.94 -29.17
C ASN A 411 -9.92 -35.18 -28.30
N TYR A 412 -10.24 -35.00 -27.02
CA TYR A 412 -10.22 -36.09 -26.07
C TYR A 412 -11.58 -36.24 -25.40
N ASN A 413 -11.80 -37.42 -24.81
CA ASN A 413 -13.00 -37.71 -24.02
C ASN A 413 -12.50 -38.27 -22.68
N LEU A 414 -12.57 -37.45 -21.64
CA LEU A 414 -12.07 -37.85 -20.33
C LEU A 414 -12.96 -38.88 -19.66
N SER A 415 -14.23 -38.97 -20.05
CA SER A 415 -15.13 -39.98 -19.47
C SER A 415 -14.67 -41.39 -19.79
N LEU A 416 -14.17 -41.61 -21.02
CA LEU A 416 -13.54 -42.87 -21.37
C LEU A 416 -12.38 -43.18 -20.43
N LEU A 417 -11.35 -42.33 -20.43
CA LEU A 417 -10.13 -42.57 -19.66
C LEU A 417 -10.37 -42.67 -18.17
N LEU A 418 -11.47 -42.09 -17.68
CA LEU A 418 -11.87 -42.29 -16.30
C LEU A 418 -12.68 -43.56 -16.09
N SER A 419 -13.15 -44.24 -17.12
CA SER A 419 -13.86 -45.50 -16.87
C SER A 419 -12.98 -46.71 -16.87
N LEU A 420 -11.80 -46.62 -17.47
CA LEU A 420 -10.90 -47.74 -17.58
C LEU A 420 -9.97 -47.81 -16.41
N VAL A 421 -10.05 -46.86 -15.51
CA VAL A 421 -9.21 -46.83 -14.36
C VAL A 421 -9.95 -46.55 -13.08
N GLN A 422 -9.47 -47.05 -11.97
CA GLN A 422 -10.00 -46.78 -10.63
C GLN A 422 -8.99 -45.92 -9.92
N VAL A 423 -9.33 -44.65 -9.70
CA VAL A 423 -8.38 -43.66 -9.21
C VAL A 423 -8.18 -43.87 -7.72
N ASP A 424 -6.96 -44.28 -7.33
CA ASP A 424 -6.63 -44.39 -5.92
C ASP A 424 -6.41 -43.03 -5.28
N GLU A 425 -5.69 -42.14 -5.98
CA GLU A 425 -5.36 -40.82 -5.47
C GLU A 425 -4.93 -39.94 -6.63
N PHE A 426 -5.25 -38.66 -6.54
CA PHE A 426 -4.77 -37.67 -7.49
C PHE A 426 -4.16 -36.49 -6.73
N VAL A 427 -2.98 -36.06 -7.17
CA VAL A 427 -2.30 -34.91 -6.59
C VAL A 427 -2.11 -33.90 -7.71
N CYS A 428 -2.78 -32.76 -7.64
CA CYS A 428 -2.82 -31.81 -8.73
C CYS A 428 -2.42 -30.43 -8.25
N ASP A 429 -1.61 -29.74 -9.07
CA ASP A 429 -1.22 -28.36 -8.82
C ASP A 429 -1.72 -27.47 -9.94
N LYS A 430 -2.23 -26.29 -9.58
CA LYS A 430 -2.71 -25.24 -10.47
C LYS A 430 -3.83 -25.70 -11.41
N ILE A 431 -4.41 -26.89 -11.18
CA ILE A 431 -5.48 -27.43 -12.01
C ILE A 431 -6.17 -28.50 -11.19
N THR A 432 -7.38 -28.86 -11.60
CA THR A 432 -8.15 -29.93 -11.00
C THR A 432 -8.54 -30.94 -12.07
N PRO A 433 -8.81 -32.19 -11.71
CA PRO A 433 -9.34 -33.15 -12.70
C PRO A 433 -10.68 -32.74 -13.30
N GLU A 434 -11.48 -31.92 -12.61
CA GLU A 434 -12.69 -31.41 -13.24
C GLU A 434 -12.37 -30.34 -14.27
N ALA A 435 -11.26 -29.62 -14.09
CA ALA A 435 -10.80 -28.68 -15.11
C ALA A 435 -10.18 -29.38 -16.31
N LEU A 436 -9.67 -30.60 -16.14
CA LEU A 436 -9.11 -31.34 -17.26
C LEU A 436 -10.18 -31.79 -18.24
N ALA A 437 -11.43 -31.90 -17.80
CA ALA A 437 -12.50 -32.33 -18.70
C ALA A 437 -12.84 -31.25 -19.72
N THR A 438 -12.92 -30.00 -19.28
CA THR A 438 -13.34 -28.88 -20.12
C THR A 438 -12.21 -27.85 -20.16
N GLY A 439 -11.65 -27.64 -21.34
CA GLY A 439 -10.67 -26.58 -21.54
C GLY A 439 -9.75 -26.83 -22.71
N CYS A 440 -9.22 -25.77 -23.32
CA CYS A 440 -8.32 -25.92 -24.46
C CYS A 440 -6.89 -25.78 -24.01
N TYR A 441 -6.04 -26.66 -24.53
CA TYR A 441 -4.62 -26.72 -24.20
C TYR A 441 -3.79 -26.69 -25.47
N SER A 442 -2.67 -25.97 -25.40
CA SER A 442 -1.73 -25.97 -26.52
C SER A 442 -1.13 -27.35 -26.72
N SER A 443 -0.81 -28.05 -25.63
CA SER A 443 -0.25 -29.39 -25.70
C SER A 443 -0.66 -30.17 -24.47
N LEU A 444 -0.57 -31.50 -24.57
CA LEU A 444 -0.96 -32.40 -23.49
C LEU A 444 0.08 -33.51 -23.39
N THR A 445 0.79 -33.57 -22.27
CA THR A 445 1.86 -34.52 -22.06
C THR A 445 1.46 -35.52 -20.98
N VAL A 446 1.57 -36.82 -21.29
CA VAL A 446 1.27 -37.87 -20.34
C VAL A 446 2.50 -38.75 -20.19
N ASP A 447 3.04 -38.81 -18.98
CA ASP A 447 4.10 -39.75 -18.61
C ASP A 447 3.49 -40.85 -17.78
N TRP A 448 3.71 -42.10 -18.17
CA TRP A 448 3.09 -43.21 -17.48
C TRP A 448 4.09 -44.36 -17.28
N PHE A 449 3.93 -45.04 -16.16
CA PHE A 449 4.79 -46.17 -15.79
C PHE A 449 4.06 -46.97 -14.73
N ALA A 450 4.63 -48.13 -14.39
CA ALA A 450 4.08 -49.00 -13.36
C ALA A 450 4.81 -48.74 -12.04
N PHE A 451 4.05 -48.53 -10.97
CA PHE A 451 4.62 -48.19 -9.68
C PHE A 451 3.67 -48.66 -8.59
N PRO A 452 4.16 -49.33 -7.55
CA PRO A 452 3.27 -49.79 -6.48
C PRO A 452 2.64 -48.63 -5.72
N TYR A 453 1.41 -48.85 -5.26
CA TYR A 453 0.69 -47.80 -4.54
C TYR A 453 1.32 -47.51 -3.20
N ALA A 454 1.82 -48.55 -2.51
CA ALA A 454 2.40 -48.38 -1.18
C ALA A 454 3.68 -47.57 -1.20
N TRP A 455 4.29 -47.37 -2.36
CA TRP A 455 5.47 -46.53 -2.51
C TRP A 455 5.13 -45.12 -2.95
N LYS A 456 3.85 -44.72 -2.81
CA LYS A 456 3.40 -43.42 -3.31
C LYS A 456 4.13 -42.26 -2.63
N SER A 457 4.58 -42.46 -1.38
CA SER A 457 5.32 -41.43 -0.67
C SER A 457 6.65 -41.13 -1.31
N TYR A 458 7.17 -42.03 -2.14
CA TYR A 458 8.42 -41.76 -2.83
C TYR A 458 8.24 -40.89 -4.06
N LEU A 459 7.00 -40.62 -4.45
CA LEU A 459 6.72 -39.73 -5.58
C LEU A 459 6.20 -38.37 -5.13
N ALA A 460 6.29 -38.05 -3.84
CA ALA A 460 5.72 -36.82 -3.34
C ALA A 460 6.60 -35.63 -3.72
N ILE A 461 6.13 -34.44 -3.36
CA ILE A 461 6.74 -33.21 -3.84
C ILE A 461 8.11 -32.98 -3.22
N GLY A 462 8.23 -33.17 -1.90
CA GLY A 462 9.46 -32.91 -1.20
C GLY A 462 10.36 -34.10 -0.96
N SER A 463 10.11 -35.23 -1.62
CA SER A 463 10.81 -36.46 -1.31
C SER A 463 12.28 -36.39 -1.71
N ALA A 464 13.12 -37.00 -0.86
CA ALA A 464 14.56 -37.14 -1.10
C ALA A 464 14.86 -38.63 -1.09
N ASP A 465 14.85 -39.26 -2.26
CA ASP A 465 15.12 -40.68 -2.34
C ASP A 465 15.73 -40.99 -3.69
N ARG A 466 16.02 -42.29 -3.90
CA ARG A 466 16.59 -42.76 -5.15
C ARG A 466 15.62 -42.63 -6.31
N ILE A 467 14.31 -42.72 -6.02
CA ILE A 467 13.31 -42.68 -7.08
C ILE A 467 13.26 -41.32 -7.75
N VAL A 468 13.19 -40.25 -6.95
CA VAL A 468 13.17 -38.91 -7.52
C VAL A 468 14.53 -38.55 -8.10
N ARG A 469 15.61 -38.93 -7.43
CA ARG A 469 16.94 -38.52 -7.85
C ARG A 469 17.37 -39.17 -9.16
N PHE A 470 17.07 -40.46 -9.34
CA PHE A 470 17.67 -41.19 -10.46
C PHE A 470 16.67 -41.72 -11.48
N ASN A 471 15.38 -41.74 -11.19
CA ASN A 471 14.41 -42.38 -12.07
C ASN A 471 13.42 -41.41 -12.68
N TYR A 472 12.70 -40.63 -11.87
CA TYR A 472 11.64 -39.77 -12.39
C TYR A 472 11.52 -38.54 -11.52
N ASN A 473 11.76 -37.37 -12.10
CA ASN A 473 11.62 -36.09 -11.41
C ASN A 473 10.56 -35.27 -12.12
N GLN A 474 9.47 -34.98 -11.40
CA GLN A 474 8.32 -34.32 -12.01
C GLN A 474 8.59 -32.84 -12.23
N ASP A 475 8.03 -32.32 -13.32
CA ASP A 475 8.14 -30.91 -13.66
C ASP A 475 6.94 -30.15 -13.12
N TYR A 476 7.19 -29.11 -12.33
CA TYR A 476 6.15 -28.31 -11.74
C TYR A 476 6.07 -26.90 -12.32
N SER A 477 6.74 -26.66 -13.44
CA SER A 477 6.63 -25.36 -14.10
C SER A 477 5.27 -25.19 -14.76
N ASN A 478 4.64 -26.28 -15.18
CA ASN A 478 3.34 -26.29 -15.83
C ASN A 478 2.31 -26.97 -14.93
N PRO A 479 1.02 -26.67 -15.11
CA PRO A 479 -0.01 -27.37 -14.33
C PRO A 479 -0.01 -28.85 -14.62
N SER A 480 -0.13 -29.66 -13.57
CA SER A 480 0.08 -31.09 -13.68
C SER A 480 -0.82 -31.84 -12.71
N CYS A 481 -1.07 -33.10 -13.04
CA CYS A 481 -1.82 -34.01 -12.18
C CYS A 481 -1.14 -35.36 -12.17
N ARG A 482 -0.83 -35.86 -10.98
CA ARG A 482 -0.30 -37.22 -10.82
C ARG A 482 -1.45 -38.10 -10.36
N ILE A 483 -1.77 -39.12 -11.16
CA ILE A 483 -2.91 -39.98 -10.93
C ILE A 483 -2.41 -41.37 -10.60
N HIS A 484 -2.74 -41.85 -9.40
CA HIS A 484 -2.48 -43.22 -9.01
C HIS A 484 -3.75 -44.02 -9.26
N SER A 485 -3.64 -45.07 -10.08
CA SER A 485 -4.83 -45.79 -10.52
C SER A 485 -4.55 -47.28 -10.51
N LYS A 486 -5.62 -48.06 -10.50
CA LYS A 486 -5.58 -49.50 -10.69
C LYS A 486 -6.28 -49.83 -12.00
N VAL A 487 -5.59 -50.55 -12.88
CA VAL A 487 -6.11 -50.89 -14.20
C VAL A 487 -6.33 -52.39 -14.25
N ASN A 488 -7.52 -52.79 -14.67
CA ASN A 488 -7.87 -54.21 -14.76
C ASN A 488 -7.15 -54.88 -15.92
N SER A 489 -6.99 -56.19 -15.81
CA SER A 489 -6.35 -56.96 -16.88
C SER A 489 -7.27 -57.15 -18.07
N SER A 490 -8.59 -57.03 -17.90
CA SER A 490 -9.51 -57.10 -19.02
C SER A 490 -9.43 -55.87 -19.92
N ILE A 491 -8.89 -54.77 -19.40
CA ILE A 491 -8.67 -53.56 -20.21
C ILE A 491 -7.67 -53.86 -21.32
N GLY A 492 -6.63 -54.62 -21.02
CA GLY A 492 -5.57 -54.92 -21.96
C GLY A 492 -4.18 -54.60 -21.46
N ILE A 493 -4.06 -53.94 -20.31
CA ILE A 493 -2.75 -53.68 -19.74
C ILE A 493 -2.14 -54.99 -19.25
N SER A 494 -0.82 -55.10 -19.35
CA SER A 494 -0.12 -56.30 -18.94
C SER A 494 1.21 -55.91 -18.31
N TYR A 495 1.65 -56.70 -17.34
CA TYR A 495 2.95 -56.54 -16.73
C TYR A 495 3.77 -57.79 -17.02
N ALA A 496 4.92 -57.60 -17.67
CA ALA A 496 5.79 -58.70 -18.05
C ALA A 496 7.23 -58.22 -18.02
N GLY A 497 8.15 -59.17 -17.97
CA GLY A 497 9.54 -58.83 -17.81
C GLY A 497 9.85 -58.41 -16.39
N ALA A 498 10.92 -57.63 -16.25
CA ALA A 498 11.37 -57.15 -14.96
C ALA A 498 11.21 -55.64 -14.88
N TYR A 499 10.71 -55.17 -13.75
CA TYR A 499 10.52 -53.75 -13.48
C TYR A 499 11.56 -53.31 -12.47
N SER A 500 12.44 -52.40 -12.87
CA SER A 500 13.57 -52.00 -12.06
C SER A 500 13.66 -50.48 -11.98
N TYR A 501 14.31 -50.00 -10.93
CA TYR A 501 14.61 -48.59 -10.76
C TYR A 501 16.07 -48.43 -10.38
N ILE A 502 16.65 -47.31 -10.79
CA ILE A 502 18.06 -47.04 -10.54
C ILE A 502 18.22 -46.58 -9.09
N THR A 503 19.11 -47.25 -8.35
CA THR A 503 19.36 -46.89 -6.96
C THR A 503 20.57 -45.99 -6.78
N ASN A 504 21.56 -46.07 -7.67
CA ASN A 504 22.74 -45.23 -7.58
C ASN A 504 23.34 -45.08 -8.97
N CYS A 505 23.88 -43.90 -9.26
CA CYS A 505 24.54 -43.64 -10.54
C CYS A 505 25.66 -42.65 -10.30
N ASN A 506 26.91 -43.09 -10.53
CA ASN A 506 28.08 -42.26 -10.31
C ASN A 506 29.00 -42.35 -11.52
N TYR A 507 29.59 -41.22 -11.88
CA TYR A 507 30.54 -41.18 -12.98
C TYR A 507 31.71 -40.27 -12.62
N GLY A 508 32.88 -40.62 -13.14
CA GLY A 508 34.06 -39.80 -12.96
C GLY A 508 34.74 -40.03 -11.63
N ALA A 509 35.93 -39.44 -11.49
CA ALA A 509 36.69 -39.55 -10.26
C ALA A 509 36.05 -38.74 -9.13
N THR A 510 35.28 -37.70 -9.48
CA THR A 510 34.58 -36.92 -8.46
C THR A 510 33.42 -37.68 -7.83
N ASN A 511 32.97 -38.77 -8.46
CA ASN A 511 31.85 -39.60 -8.01
C ASN A 511 30.56 -38.80 -7.88
N LYS A 512 30.35 -37.85 -8.79
CA LYS A 512 29.14 -37.04 -8.75
C LYS A 512 27.94 -37.85 -9.28
N ASP A 513 26.79 -37.62 -8.67
CA ASP A 513 25.58 -38.36 -9.03
C ASP A 513 25.02 -37.86 -10.35
N ASP A 514 24.57 -38.81 -11.18
CA ASP A 514 23.88 -38.49 -12.43
C ASP A 514 22.39 -38.33 -12.14
N VAL A 515 22.05 -37.21 -11.51
CA VAL A 515 20.67 -36.97 -11.11
C VAL A 515 19.82 -36.64 -12.33
N VAL A 516 18.52 -36.82 -12.18
CA VAL A 516 17.55 -36.60 -13.25
C VAL A 516 17.01 -35.20 -13.10
N LYS A 517 17.15 -34.40 -14.15
CA LYS A 517 16.61 -33.04 -14.16
C LYS A 517 15.09 -33.10 -14.24
N PRO A 518 14.39 -32.08 -13.71
CA PRO A 518 12.93 -32.08 -13.76
C PRO A 518 12.40 -32.10 -15.19
N GLY A 519 11.37 -32.91 -15.41
CA GLY A 519 10.88 -33.15 -16.75
C GLY A 519 11.84 -33.91 -17.62
N GLY A 520 12.70 -34.75 -17.02
CA GLY A 520 13.69 -35.50 -17.77
C GLY A 520 13.69 -36.96 -17.35
N ARG A 521 14.58 -37.71 -17.99
CA ARG A 521 14.71 -39.14 -17.74
C ARG A 521 16.18 -39.46 -17.52
N ALA A 522 16.44 -40.66 -17.02
CA ALA A 522 17.79 -41.12 -16.77
C ALA A 522 18.56 -41.25 -18.08
N SER A 523 19.85 -40.93 -18.03
CA SER A 523 20.67 -40.91 -19.23
C SER A 523 20.89 -42.33 -19.75
N GLN A 524 21.29 -42.39 -21.03
CA GLN A 524 21.45 -43.68 -21.69
C GLN A 524 22.57 -44.51 -21.07
N GLN A 525 23.64 -43.85 -20.62
CA GLN A 525 24.72 -44.55 -19.93
C GLN A 525 24.22 -45.20 -18.64
N CYS A 526 23.42 -44.46 -17.87
CA CYS A 526 22.91 -44.98 -16.60
C CYS A 526 21.95 -46.14 -16.81
N ILE A 527 21.06 -46.05 -17.81
CA ILE A 527 20.13 -47.15 -18.03
C ILE A 527 20.84 -48.35 -18.64
N THR A 528 21.91 -48.14 -19.42
CA THR A 528 22.68 -49.27 -19.93
C THR A 528 23.39 -50.00 -18.80
N GLY A 529 24.05 -49.24 -17.91
CA GLY A 529 24.69 -49.85 -16.76
C GLY A 529 23.70 -50.50 -15.81
N ALA A 530 22.49 -49.95 -15.70
CA ALA A 530 21.46 -50.59 -14.89
C ALA A 530 20.99 -51.89 -15.51
N LEU A 531 20.76 -51.91 -16.83
CA LEU A 531 20.31 -53.13 -17.49
C LEU A 531 21.38 -54.22 -17.43
N ASN A 532 22.66 -53.84 -17.35
CA ASN A 532 23.69 -54.83 -17.08
C ASN A 532 23.86 -55.14 -15.59
N SER A 533 23.30 -54.31 -14.71
CA SER A 533 23.51 -54.48 -13.27
C SER A 533 22.69 -55.65 -12.74
N PRO A 534 23.15 -56.31 -11.67
CA PRO A 534 22.36 -57.39 -11.06
C PRO A 534 21.09 -56.87 -10.41
N THR A 535 20.11 -57.77 -10.30
CA THR A 535 18.80 -57.41 -9.79
C THR A 535 18.81 -57.20 -8.28
N THR A 536 19.72 -57.87 -7.55
CA THR A 536 19.77 -57.74 -6.10
C THR A 536 20.29 -56.39 -5.64
N GLY A 537 21.07 -55.72 -6.48
CA GLY A 537 21.56 -54.38 -6.19
C GLY A 537 23.00 -54.35 -5.71
N GLN A 538 23.91 -54.10 -6.65
CA GLN A 538 25.33 -54.02 -6.38
C GLN A 538 25.93 -52.97 -7.28
N LEU A 539 26.92 -52.23 -6.75
CA LEU A 539 27.57 -51.16 -7.52
C LEU A 539 28.52 -51.80 -8.52
N TRP A 540 27.96 -52.23 -9.65
CA TRP A 540 28.78 -52.71 -10.75
C TRP A 540 29.43 -51.53 -11.46
N ALA A 541 30.60 -51.78 -12.03
CA ALA A 541 31.39 -50.74 -12.67
C ALA A 541 31.48 -50.98 -14.17
N TYR A 542 31.33 -49.91 -14.93
CA TYR A 542 31.41 -49.98 -16.39
C TYR A 542 32.17 -48.77 -16.91
N ASN A 543 32.56 -48.84 -18.17
CA ASN A 543 33.25 -47.73 -18.85
C ASN A 543 32.52 -47.45 -20.16
N PHE A 544 31.65 -46.45 -20.15
CA PHE A 544 30.97 -45.98 -21.36
C PHE A 544 31.72 -44.78 -21.91
N GLY A 545 32.12 -44.86 -23.17
CA GLY A 545 32.98 -43.85 -23.76
C GLY A 545 34.36 -43.88 -23.15
N GLY A 546 34.74 -42.81 -22.45
CA GLY A 546 36.03 -42.75 -21.80
C GLY A 546 35.93 -42.48 -20.31
N VAL A 547 34.73 -42.45 -19.77
CA VAL A 547 34.47 -42.10 -18.37
C VAL A 547 33.92 -43.32 -17.66
N PRO A 548 34.46 -43.71 -16.51
CA PRO A 548 33.88 -44.83 -15.76
C PRO A 548 32.53 -44.50 -15.18
N TYR A 549 31.69 -45.53 -15.05
CA TYR A 549 30.34 -45.40 -14.54
C TYR A 549 30.06 -46.50 -13.53
N ARG A 550 29.29 -46.17 -12.49
CA ARG A 550 28.88 -47.14 -11.48
C ARG A 550 27.37 -47.02 -11.26
N VAL A 551 26.62 -48.04 -11.67
CA VAL A 551 25.17 -48.05 -11.60
C VAL A 551 24.71 -49.29 -10.84
N SER A 552 23.69 -49.11 -10.00
CA SER A 552 23.03 -50.22 -9.33
C SER A 552 21.51 -50.06 -9.48
N ARG A 553 20.81 -51.19 -9.43
CA ARG A 553 19.37 -51.18 -9.62
C ARG A 553 18.71 -52.10 -8.60
N LEU A 554 17.41 -51.88 -8.40
CA LEU A 554 16.56 -52.73 -7.58
C LEU A 554 15.26 -52.96 -8.31
N THR A 555 14.63 -54.11 -8.06
CA THR A 555 13.42 -54.49 -8.79
C THR A 555 12.21 -54.47 -7.87
N TYR A 556 11.06 -54.14 -8.46
CA TYR A 556 9.78 -54.13 -7.75
C TYR A 556 8.72 -54.94 -8.48
N THR A 557 9.13 -55.89 -9.33
CA THR A 557 8.16 -56.67 -10.11
C THR A 557 7.34 -57.61 -9.25
N ASP A 558 7.81 -57.94 -8.04
CA ASP A 558 7.02 -58.78 -7.15
C ASP A 558 5.87 -58.00 -6.51
N HIS A 559 5.98 -56.68 -6.43
CA HIS A 559 4.95 -55.87 -5.82
C HIS A 559 3.75 -55.61 -6.73
N LEU A 560 3.90 -55.85 -8.02
CA LEU A 560 2.80 -55.64 -8.96
C LEU A 560 1.82 -56.81 -8.89
N SER A 561 0.57 -56.55 -9.17
CA SER A 561 -0.40 -57.62 -9.08
C SER A 561 -1.38 -57.63 -10.23
N ASP A 562 -2.53 -58.28 -10.07
CA ASP A 562 -3.43 -58.38 -11.22
C ASP A 562 -4.16 -57.08 -11.52
N PRO A 563 -4.73 -56.33 -10.53
CA PRO A 563 -5.07 -54.94 -10.81
C PRO A 563 -3.80 -54.10 -10.75
N LEU A 564 -3.31 -53.71 -11.92
CA LEU A 564 -1.98 -53.13 -12.02
C LEU A 564 -1.97 -51.71 -11.49
N ASP A 565 -1.03 -51.43 -10.59
CA ASP A 565 -0.88 -50.10 -10.00
C ASP A 565 -0.07 -49.24 -10.96
N MET A 566 -0.69 -48.21 -11.53
CA MET A 566 -0.05 -47.36 -12.52
C MET A 566 -0.09 -45.90 -12.08
N VAL A 567 0.93 -45.15 -12.50
CA VAL A 567 1.02 -43.72 -12.25
C VAL A 567 0.88 -43.01 -13.59
N TYR A 568 -0.07 -42.09 -13.68
CA TYR A 568 -0.28 -41.27 -14.88
C TYR A 568 -0.03 -39.81 -14.49
N VAL A 569 0.97 -39.20 -15.10
CA VAL A 569 1.29 -37.80 -14.84
C VAL A 569 0.91 -36.99 -16.07
N ILE A 570 -0.12 -36.17 -15.93
CA ILE A 570 -0.69 -35.41 -17.03
C ILE A 570 -0.32 -33.95 -16.86
N THR A 571 0.47 -33.42 -17.79
CA THR A 571 0.93 -32.04 -17.77
C THR A 571 0.32 -31.29 -18.94
N VAL A 572 -0.34 -30.18 -18.65
CA VAL A 572 -0.96 -29.35 -19.68
C VAL A 572 -0.13 -28.09 -19.85
N LYS A 573 -0.25 -27.49 -21.04
CA LYS A 573 0.44 -26.25 -21.36
C LYS A 573 -0.58 -25.25 -21.87
N TYR A 574 -0.59 -24.06 -21.29
CA TYR A 574 -1.51 -23.01 -21.69
C TYR A 574 -0.77 -21.95 -22.49
N GLU A 575 -1.14 -21.79 -23.76
CA GLU A 575 -0.63 -20.71 -24.60
C GLU A 575 -1.82 -20.10 -25.34
N PRO A 576 -2.24 -18.89 -24.99
CA PRO A 576 -3.41 -18.30 -25.64
C PRO A 576 -3.16 -17.99 -27.11
N GLY A 577 -4.14 -18.31 -27.95
CA GLY A 577 -4.02 -18.13 -29.38
C GLY A 577 -3.33 -19.27 -30.11
N ALA A 578 -2.92 -20.32 -29.40
CA ALA A 578 -2.26 -21.48 -29.99
C ALA A 578 -2.89 -22.76 -29.49
N GLU A 579 -4.21 -22.75 -29.28
CA GLU A 579 -4.86 -23.80 -28.53
C GLU A 579 -5.27 -24.91 -29.48
N THR A 580 -4.79 -26.13 -29.24
CA THR A 580 -5.03 -27.22 -30.19
C THR A 580 -5.87 -28.35 -29.64
N VAL A 581 -5.77 -28.61 -28.33
CA VAL A 581 -6.49 -29.74 -27.79
C VAL A 581 -7.61 -29.27 -26.90
N CYS A 582 -8.83 -29.72 -27.19
CA CYS A 582 -9.98 -29.35 -26.38
C CYS A 582 -10.86 -30.60 -26.26
N PRO A 583 -11.68 -30.65 -25.20
CA PRO A 583 -12.53 -31.82 -25.00
C PRO A 583 -13.55 -31.96 -26.11
N LYS A 584 -13.84 -33.20 -26.52
CA LYS A 584 -14.77 -33.42 -27.60
C LYS A 584 -16.16 -32.92 -27.24
N GLN A 585 -16.57 -33.16 -25.99
CA GLN A 585 -17.90 -32.75 -25.55
C GLN A 585 -18.16 -31.26 -25.69
N ILE A 586 -19.30 -30.90 -26.27
CA ILE A 586 -19.68 -29.50 -26.39
C ILE A 586 -20.28 -29.06 -25.07
N ARG A 587 -20.08 -27.80 -24.72
CA ARG A 587 -20.64 -27.27 -23.48
C ARG A 587 -22.15 -27.21 -23.57
N PRO A 588 -22.87 -27.76 -22.58
CA PRO A 588 -24.33 -27.71 -22.63
C PRO A 588 -24.86 -26.30 -22.42
N ASP A 589 -26.07 -26.07 -22.96
CA ASP A 589 -26.75 -24.78 -22.91
C ASP A 589 -25.95 -23.66 -23.57
N TYR A 590 -25.16 -24.00 -24.57
CA TYR A 590 -24.35 -23.04 -25.31
C TYR A 590 -24.77 -23.04 -26.78
N SER A 591 -24.85 -21.85 -27.37
CA SER A 591 -25.31 -21.68 -28.74
C SER A 591 -24.12 -21.61 -29.68
N THR A 592 -24.22 -22.35 -30.78
CA THR A 592 -23.15 -22.41 -31.77
C THR A 592 -23.20 -21.21 -32.73
N ASN A 593 -24.35 -20.59 -32.88
CA ASN A 593 -24.54 -19.49 -33.83
C ASN A 593 -24.56 -18.17 -33.07
N ILE A 594 -23.96 -17.14 -33.66
CA ILE A 594 -23.76 -15.85 -33.01
C ILE A 594 -24.82 -14.79 -33.37
N THR A 595 -25.56 -14.99 -34.47
CA THR A 595 -26.35 -13.90 -35.06
C THR A 595 -27.47 -13.44 -34.14
N HIS A 596 -28.12 -14.37 -33.43
CA HIS A 596 -29.15 -13.97 -32.49
C HIS A 596 -28.59 -13.40 -31.19
N LEU A 597 -27.31 -13.64 -30.91
CA LEU A 597 -26.69 -13.20 -29.66
C LEU A 597 -25.96 -11.87 -29.79
N LEU A 598 -25.96 -11.25 -30.96
CA LEU A 598 -25.24 -9.99 -31.15
C LEU A 598 -25.98 -8.85 -30.45
N GLY A 599 -25.24 -8.07 -29.66
CA GLY A 599 -25.76 -6.90 -29.00
C GLY A 599 -26.07 -7.08 -27.53
N SER A 600 -26.19 -8.31 -27.05
CA SER A 600 -26.52 -8.57 -25.67
C SER A 600 -25.35 -9.20 -24.94
N CYS A 601 -25.35 -9.05 -23.62
CA CYS A 601 -24.30 -9.62 -22.77
C CYS A 601 -24.43 -11.14 -22.75
N ILE A 602 -23.40 -11.82 -23.24
CA ILE A 602 -23.37 -13.28 -23.30
C ILE A 602 -22.07 -13.76 -22.69
N SER A 603 -22.06 -15.02 -22.29
CA SER A 603 -20.85 -15.70 -21.83
C SER A 603 -20.35 -16.58 -22.96
N TYR A 604 -19.15 -16.29 -23.44
CA TYR A 604 -18.62 -16.89 -24.65
C TYR A 604 -17.46 -17.82 -24.31
N ASP A 605 -17.38 -18.94 -25.03
CA ASP A 605 -16.21 -19.81 -25.02
C ASP A 605 -15.70 -19.92 -26.45
N ILE A 606 -14.77 -19.08 -26.85
CA ILE A 606 -14.33 -19.15 -28.22
C ILE A 606 -13.34 -20.30 -28.12
N TYR A 607 -12.22 -20.18 -28.83
CA TYR A 607 -11.26 -21.25 -28.90
C TYR A 607 -10.46 -21.20 -27.67
N GLY A 608 -11.04 -21.59 -26.58
CA GLY A 608 -10.31 -21.63 -25.35
C GLY A 608 -10.21 -20.37 -24.54
N ILE A 609 -10.87 -19.29 -24.95
CA ILE A 609 -10.83 -18.12 -24.09
C ILE A 609 -12.21 -17.90 -23.61
N THR A 610 -12.37 -17.78 -22.32
CA THR A 610 -13.69 -17.69 -21.73
C THR A 610 -13.93 -16.44 -20.94
N GLY A 611 -15.15 -15.96 -20.93
CA GLY A 611 -15.48 -14.71 -20.29
C GLY A 611 -16.84 -14.22 -20.74
N THR A 612 -17.17 -13.00 -20.32
CA THR A 612 -18.42 -12.36 -20.69
C THR A 612 -18.14 -11.10 -21.50
N GLY A 613 -19.07 -10.77 -22.39
CA GLY A 613 -18.90 -9.59 -23.22
C GLY A 613 -20.07 -9.43 -24.17
N VAL A 614 -19.99 -8.37 -24.95
CA VAL A 614 -20.98 -8.09 -25.99
C VAL A 614 -20.28 -8.11 -27.34
N PHE A 615 -21.00 -8.57 -28.36
CA PHE A 615 -20.44 -8.73 -29.69
C PHE A 615 -21.25 -7.93 -30.69
N GLN A 616 -20.57 -7.22 -31.58
CA GLN A 616 -21.20 -6.39 -32.58
C GLN A 616 -20.61 -6.71 -33.95
N LEU A 617 -21.42 -6.51 -34.99
CA LEU A 617 -20.91 -6.56 -36.35
C LEU A 617 -19.87 -5.46 -36.54
N CYS A 618 -18.74 -5.83 -37.13
CA CYS A 618 -17.57 -4.97 -37.07
C CYS A 618 -16.80 -5.09 -38.39
N ASN A 619 -16.02 -4.05 -38.69
CA ASN A 619 -15.23 -4.04 -39.92
C ASN A 619 -13.79 -4.48 -39.66
N ALA A 620 -13.26 -5.25 -40.60
CA ALA A 620 -11.90 -5.76 -40.49
C ALA A 620 -11.75 -6.75 -39.34
N ARG A 624 -4.97 -9.48 -41.59
CA ARG A 624 -5.29 -10.54 -40.65
C ARG A 624 -4.07 -11.41 -40.42
N GLN A 625 -3.53 -11.38 -39.20
CA GLN A 625 -2.40 -12.21 -38.82
C GLN A 625 -2.73 -13.19 -37.70
N GLN A 626 -3.87 -13.05 -37.04
CA GLN A 626 -4.17 -13.86 -35.87
C GLN A 626 -5.67 -14.08 -35.77
N LYS A 627 -6.04 -15.08 -34.96
CA LYS A 627 -7.46 -15.35 -34.73
C LYS A 627 -8.09 -14.29 -33.84
N PHE A 628 -7.35 -13.82 -32.84
CA PHE A 628 -7.83 -12.84 -31.88
C PHE A 628 -7.08 -11.53 -32.06
N VAL A 629 -7.80 -10.42 -32.02
CA VAL A 629 -7.21 -9.09 -32.12
C VAL A 629 -7.04 -8.53 -30.72
N TYR A 630 -5.82 -8.13 -30.38
CA TYR A 630 -5.50 -7.61 -29.06
C TYR A 630 -5.16 -6.12 -29.14
N ASP A 631 -5.38 -5.42 -28.04
CA ASP A 631 -4.94 -4.03 -27.92
C ASP A 631 -3.57 -4.00 -27.24
N LYS A 632 -3.14 -2.82 -26.80
CA LYS A 632 -1.84 -2.69 -26.18
C LYS A 632 -1.79 -3.34 -24.79
N PHE A 633 -2.90 -3.34 -24.07
CA PHE A 633 -2.93 -3.78 -22.67
C PHE A 633 -3.48 -5.20 -22.51
N ASP A 634 -3.21 -6.08 -23.48
CA ASP A 634 -3.46 -7.52 -23.44
C ASP A 634 -4.94 -7.88 -23.39
N ASN A 635 -5.85 -6.94 -23.66
CA ASN A 635 -7.27 -7.25 -23.73
C ASN A 635 -7.63 -7.67 -25.14
N ILE A 636 -8.64 -8.54 -25.25
CA ILE A 636 -9.14 -8.98 -26.55
C ILE A 636 -10.26 -8.02 -26.93
N ILE A 637 -10.03 -7.25 -28.00
CA ILE A 637 -11.01 -6.26 -28.45
C ILE A 637 -11.76 -6.71 -29.67
N GLY A 638 -11.42 -7.85 -30.21
CA GLY A 638 -12.04 -8.37 -31.40
C GLY A 638 -11.65 -9.76 -31.76
N PHE A 639 -12.52 -10.51 -32.40
CA PHE A 639 -12.20 -11.87 -32.86
C PHE A 639 -12.63 -12.14 -34.26
N HIS A 640 -11.90 -13.00 -34.96
CA HIS A 640 -12.29 -13.39 -36.31
C HIS A 640 -13.00 -14.71 -36.20
N SER A 641 -14.21 -14.79 -36.72
CA SER A 641 -15.05 -15.97 -36.58
C SER A 641 -14.75 -16.98 -37.69
N ASP A 642 -15.29 -18.18 -37.53
CA ASP A 642 -15.21 -19.18 -38.59
C ASP A 642 -15.99 -18.72 -39.83
N ASP A 643 -17.12 -18.06 -39.60
CA ASP A 643 -17.83 -17.41 -40.70
C ASP A 643 -17.04 -16.19 -41.16
N GLY A 644 -17.25 -15.80 -42.42
CA GLY A 644 -16.54 -14.68 -42.99
C GLY A 644 -17.03 -13.33 -42.53
N ASN A 645 -16.87 -13.04 -41.24
CA ASN A 645 -17.22 -11.74 -40.70
C ASN A 645 -16.37 -11.48 -39.46
N TYR A 646 -16.21 -10.20 -39.15
CA TYR A 646 -15.40 -9.75 -38.01
C TYR A 646 -16.30 -9.16 -36.95
N TYR A 647 -16.05 -9.54 -35.70
CA TYR A 647 -16.78 -9.02 -34.55
C TYR A 647 -15.79 -8.39 -33.59
N CYS A 648 -16.11 -7.20 -33.09
CA CYS A 648 -15.32 -6.57 -32.04
C CYS A 648 -16.05 -6.71 -30.71
N VAL A 649 -15.34 -7.22 -29.71
CA VAL A 649 -15.93 -7.59 -28.43
C VAL A 649 -15.57 -6.54 -27.38
N ALA A 650 -16.55 -6.14 -26.60
CA ALA A 650 -16.42 -5.20 -25.49
C ALA A 650 -17.00 -5.83 -24.23
N PRO A 651 -16.55 -5.42 -23.05
CA PRO A 651 -17.17 -5.91 -21.82
C PRO A 651 -18.62 -5.45 -21.70
N CYS A 652 -19.37 -6.19 -20.88
CA CYS A 652 -20.78 -5.87 -20.69
C CYS A 652 -21.01 -4.54 -19.99
N VAL A 653 -20.00 -4.02 -19.31
CA VAL A 653 -20.04 -2.68 -18.74
C VAL A 653 -18.96 -1.88 -19.45
N SER A 654 -19.35 -1.16 -20.50
CA SER A 654 -18.38 -0.38 -21.26
C SER A 654 -18.79 1.07 -21.44
N VAL A 655 -20.07 1.34 -21.67
CA VAL A 655 -20.55 2.70 -21.87
C VAL A 655 -20.53 3.43 -20.54
N PRO A 656 -19.85 4.57 -20.44
CA PRO A 656 -19.91 5.35 -19.20
C PRO A 656 -21.30 5.93 -18.98
N VAL A 657 -21.75 5.90 -17.72
CA VAL A 657 -23.07 6.39 -17.36
C VAL A 657 -22.90 7.35 -16.19
N SER A 658 -23.41 8.56 -16.36
CA SER A 658 -23.44 9.57 -15.31
C SER A 658 -24.88 9.92 -15.00
N VAL A 659 -25.16 10.19 -13.73
CA VAL A 659 -26.50 10.57 -13.27
C VAL A 659 -26.43 11.99 -12.74
N ILE A 660 -27.30 12.85 -13.26
CA ILE A 660 -27.44 14.23 -12.80
C ILE A 660 -28.58 14.26 -11.80
N TYR A 661 -28.28 14.57 -10.55
CA TYR A 661 -29.26 14.49 -9.48
C TYR A 661 -29.44 15.86 -8.83
N ASP A 662 -30.69 16.21 -8.55
CA ASP A 662 -31.04 17.43 -7.83
C ASP A 662 -31.84 17.04 -6.60
N ASP A 663 -31.22 17.19 -5.42
CA ASP A 663 -31.83 16.70 -4.19
C ASP A 663 -33.00 17.56 -3.73
N LYS A 664 -33.13 18.79 -4.24
CA LYS A 664 -34.23 19.65 -3.82
C LYS A 664 -35.56 19.22 -4.43
N THR A 665 -35.53 18.63 -5.61
CA THR A 665 -36.74 18.15 -6.27
C THR A 665 -36.73 16.64 -6.48
N ASN A 666 -35.63 15.96 -6.13
CA ASN A 666 -35.46 14.51 -6.30
C ASN A 666 -35.59 14.07 -7.76
N GLN A 667 -35.30 14.97 -8.70
CA GLN A 667 -35.36 14.67 -10.11
C GLN A 667 -33.98 14.27 -10.62
N TYR A 668 -33.93 13.25 -11.47
CA TYR A 668 -32.67 12.75 -11.99
C TYR A 668 -32.70 12.68 -13.51
N ALA A 669 -31.51 12.70 -14.10
CA ALA A 669 -31.33 12.55 -15.53
C ALA A 669 -30.10 11.69 -15.75
N THR A 670 -29.81 11.37 -17.02
CA THR A 670 -28.72 10.48 -17.36
C THR A 670 -27.85 11.10 -18.44
N LEU A 671 -26.54 10.95 -18.28
CA LEU A 671 -25.57 11.29 -19.32
C LEU A 671 -24.86 10.01 -19.72
N PHE A 672 -24.93 9.66 -21.00
CA PHE A 672 -24.42 8.37 -21.47
C PHE A 672 -22.98 8.47 -21.96
N GLY A 673 -22.10 9.00 -21.12
CA GLY A 673 -20.67 9.03 -21.42
C GLY A 673 -20.39 9.87 -22.66
N SER A 674 -19.55 9.33 -23.53
CA SER A 674 -19.23 9.97 -24.82
C SER A 674 -19.60 9.00 -25.92
N VAL A 675 -20.88 8.98 -26.29
CA VAL A 675 -21.40 8.09 -27.32
C VAL A 675 -22.29 8.91 -28.25
N ALA A 676 -22.68 8.27 -29.35
CA ALA A 676 -23.75 8.77 -30.19
C ALA A 676 -25.07 8.18 -29.73
N CYS A 677 -26.16 8.88 -30.04
CA CYS A 677 -27.47 8.41 -29.63
C CYS A 677 -27.99 7.27 -30.50
N GLN A 678 -27.37 7.01 -31.65
CA GLN A 678 -27.76 5.88 -32.48
C GLN A 678 -27.21 4.56 -31.99
N HIS A 679 -26.26 4.57 -31.06
CA HIS A 679 -25.68 3.35 -30.52
C HIS A 679 -26.30 2.93 -29.20
N ILE A 680 -27.00 3.84 -28.51
CA ILE A 680 -27.55 3.54 -27.19
C ILE A 680 -28.68 2.51 -27.29
N SER A 681 -29.51 2.62 -28.33
CA SER A 681 -30.64 1.72 -28.49
C SER A 681 -30.22 0.27 -28.74
N THR A 682 -28.99 0.04 -29.21
CA THR A 682 -28.50 -1.31 -29.42
C THR A 682 -27.86 -1.93 -28.20
N MET A 683 -27.63 -1.15 -27.14
CA MET A 683 -27.03 -1.64 -25.90
C MET A 683 -27.99 -1.47 -24.73
N ALA A 684 -29.29 -1.50 -24.99
CA ALA A 684 -30.27 -1.20 -23.96
C ALA A 684 -30.37 -2.29 -22.91
N ALA A 685 -30.00 -3.52 -23.25
CA ALA A 685 -30.13 -4.63 -22.31
C ALA A 685 -29.16 -4.54 -21.15
N GLN A 686 -28.09 -3.76 -21.28
CA GLN A 686 -27.08 -3.64 -20.24
C GLN A 686 -27.38 -2.55 -19.23
N PHE A 687 -28.39 -1.73 -19.45
CA PHE A 687 -28.70 -0.59 -18.59
C PHE A 687 -29.70 -1.01 -17.52
N SER A 688 -30.24 -0.02 -16.80
CA SER A 688 -31.24 -0.26 -15.78
C SER A 688 -32.55 -0.69 -16.41
N ARG A 689 -33.43 -1.26 -15.58
CA ARG A 689 -34.70 -1.77 -16.09
C ARG A 689 -35.60 -0.66 -16.60
N GLU A 690 -35.63 0.48 -15.91
CA GLU A 690 -36.40 1.62 -16.42
C GLU A 690 -35.77 2.20 -17.68
N THR A 691 -34.44 2.27 -17.71
CA THR A 691 -33.76 2.76 -18.91
C THR A 691 -33.91 1.78 -20.07
N ARG A 692 -33.85 0.48 -19.78
CA ARG A 692 -34.06 -0.52 -20.84
C ARG A 692 -35.50 -0.49 -21.34
N ALA A 693 -36.45 -0.24 -20.45
CA ALA A 693 -37.85 -0.14 -20.85
C ALA A 693 -38.09 1.10 -21.70
N SER A 694 -37.46 2.23 -21.34
CA SER A 694 -37.66 3.45 -22.11
C SER A 694 -37.02 3.36 -23.49
N LEU A 695 -35.89 2.66 -23.60
CA LEU A 695 -35.21 2.54 -24.88
C LEU A 695 -35.91 1.53 -25.80
N VAL A 696 -36.47 0.46 -25.24
CA VAL A 696 -37.13 -0.56 -26.05
C VAL A 696 -38.42 0.00 -26.64
N SER A 697 -39.24 0.65 -25.80
CA SER A 697 -40.40 1.39 -26.28
C SER A 697 -39.92 2.80 -26.61
N ARG A 698 -39.29 2.92 -27.78
CA ARG A 698 -38.42 4.05 -28.07
C ARG A 698 -39.24 5.30 -28.40
N ASN A 699 -38.99 6.37 -27.66
CA ASN A 699 -39.36 7.73 -28.03
C ASN A 699 -38.08 8.54 -28.10
N MET A 700 -37.87 9.23 -29.23
CA MET A 700 -36.64 9.98 -29.43
C MET A 700 -36.65 11.32 -28.71
N GLN A 701 -37.68 11.61 -27.91
CA GLN A 701 -37.63 12.76 -27.03
C GLN A 701 -36.60 12.59 -25.92
N ASN A 702 -36.28 11.34 -25.59
CA ASN A 702 -35.33 11.07 -24.51
C ASN A 702 -33.91 11.45 -24.90
N LEU A 703 -33.47 11.04 -26.07
CA LEU A 703 -32.06 11.14 -26.45
C LEU A 703 -31.79 12.47 -27.14
N LEU A 704 -30.89 13.26 -26.56
CA LEU A 704 -30.37 14.47 -27.15
C LEU A 704 -28.85 14.37 -27.21
N GLN A 705 -28.26 14.80 -28.33
CA GLN A 705 -26.82 14.78 -28.47
C GLN A 705 -26.25 16.14 -28.08
N THR A 706 -25.27 16.12 -27.17
CA THR A 706 -24.55 17.29 -26.73
C THR A 706 -23.10 17.19 -27.19
N SER A 707 -22.30 18.17 -26.79
CA SER A 707 -20.88 18.14 -27.10
C SER A 707 -20.08 17.27 -26.14
N VAL A 708 -20.69 16.76 -25.08
CA VAL A 708 -20.04 15.86 -24.15
C VAL A 708 -20.68 14.48 -24.13
N GLY A 709 -21.61 14.21 -25.04
CA GLY A 709 -22.20 12.90 -25.18
C GLY A 709 -23.70 13.00 -25.34
N CYS A 710 -24.35 11.84 -25.29
CA CYS A 710 -25.80 11.74 -25.45
C CYS A 710 -26.45 11.71 -24.08
N VAL A 711 -27.50 12.53 -23.91
CA VAL A 711 -28.15 12.68 -22.61
C VAL A 711 -29.56 12.14 -22.69
N MET A 712 -30.09 11.79 -21.51
CA MET A 712 -31.45 11.28 -21.36
C MET A 712 -32.18 12.13 -20.34
N GLY A 713 -33.45 12.41 -20.62
CA GLY A 713 -34.25 13.21 -19.71
C GLY A 713 -33.98 14.69 -19.77
N PHE A 714 -33.52 15.20 -20.91
CA PHE A 714 -33.23 16.61 -21.11
C PHE A 714 -34.12 17.18 -22.20
N HIS A 715 -34.28 18.50 -22.18
CA HIS A 715 -34.92 19.24 -23.25
C HIS A 715 -34.10 20.48 -23.55
N GLU A 716 -34.04 20.86 -24.83
CA GLU A 716 -33.21 21.97 -25.25
C GLU A 716 -33.77 23.30 -24.77
N THR A 717 -32.87 24.23 -24.45
CA THR A 717 -33.26 25.56 -24.03
C THR A 717 -32.11 26.53 -24.34
N ASN A 718 -32.45 27.81 -24.39
CA ASN A 718 -31.47 28.88 -24.55
C ASN A 718 -31.11 29.54 -23.24
N ASP A 719 -31.65 29.08 -22.12
CA ASP A 719 -31.38 29.73 -20.84
C ASP A 719 -29.94 29.51 -20.43
N THR A 720 -29.27 30.59 -20.05
CA THR A 720 -27.90 30.54 -19.56
C THR A 720 -27.93 30.48 -18.03
N VAL A 721 -26.96 29.76 -17.47
CA VAL A 721 -26.89 29.59 -16.03
C VAL A 721 -25.62 30.25 -15.53
N GLU A 722 -25.75 31.05 -14.49
CA GLU A 722 -24.61 31.54 -13.73
C GLU A 722 -24.38 30.61 -12.57
N GLU A 723 -23.13 30.17 -12.40
CA GLU A 723 -22.54 29.37 -11.32
C GLU A 723 -22.84 27.87 -11.41
N CYS A 724 -23.70 27.43 -12.36
CA CYS A 724 -24.03 26.01 -12.52
C CYS A 724 -24.54 25.37 -11.24
N HIS A 725 -23.69 24.52 -10.64
CA HIS A 725 -23.89 23.54 -9.57
C HIS A 725 -24.43 22.22 -10.13
N LEU A 726 -24.68 22.17 -11.43
CA LEU A 726 -24.89 20.92 -12.15
C LEU A 726 -24.20 21.01 -13.50
N SER A 727 -23.05 20.37 -13.63
CA SER A 727 -22.12 20.71 -14.71
C SER A 727 -21.70 19.47 -15.47
N LEU A 728 -21.91 19.48 -16.78
CA LEU A 728 -21.59 18.35 -17.64
C LEU A 728 -20.25 18.50 -18.35
N GLY A 729 -19.54 19.59 -18.10
CA GLY A 729 -18.29 19.84 -18.79
C GLY A 729 -18.50 20.57 -20.11
N GLN A 730 -17.43 21.25 -20.54
CA GLN A 730 -17.40 22.02 -21.79
C GLN A 730 -18.51 23.06 -21.84
N SER A 731 -18.66 23.78 -20.72
CA SER A 731 -19.62 24.88 -20.56
C SER A 731 -21.06 24.43 -20.80
N LEU A 732 -21.37 23.22 -20.38
CA LEU A 732 -22.72 22.69 -20.42
C LEU A 732 -23.23 22.57 -18.99
N CYS A 733 -24.47 22.97 -18.77
CA CYS A 733 -25.04 23.03 -17.44
C CYS A 733 -26.45 22.45 -17.47
N ALA A 734 -26.85 21.87 -16.34
CA ALA A 734 -28.14 21.21 -16.19
C ALA A 734 -29.02 22.04 -15.26
N ILE A 735 -30.17 22.44 -15.75
CA ILE A 735 -31.14 23.23 -14.97
C ILE A 735 -32.19 22.26 -14.42
N PRO A 736 -32.32 22.13 -13.11
CA PRO A 736 -33.30 21.20 -12.56
C PRO A 736 -34.71 21.70 -12.79
N PRO A 737 -35.68 20.80 -12.90
CA PRO A 737 -37.07 21.23 -13.09
C PRO A 737 -37.65 21.84 -11.82
N ASN A 738 -38.69 22.66 -12.02
CA ASN A 738 -39.34 23.29 -10.88
C ASN A 738 -40.21 22.32 -10.10
N THR A 739 -40.79 21.32 -10.77
CA THR A 739 -41.68 20.39 -10.10
C THR A 739 -40.88 19.33 -9.35
N ASN A 740 -41.58 18.63 -8.46
CA ASN A 740 -41.01 17.58 -7.63
C ASN A 740 -41.34 16.23 -8.25
N LEU A 741 -40.59 15.20 -7.83
CA LEU A 741 -40.81 13.84 -8.31
C LEU A 741 -42.16 13.28 -7.86
N ARG A 742 -42.77 13.87 -6.84
CA ARG A 742 -44.07 13.41 -6.36
C ARG A 742 -45.14 13.51 -7.43
N SER A 743 -45.16 14.61 -8.18
CA SER A 743 -46.07 14.77 -9.30
C SER A 743 -45.37 14.45 -10.63
N GLY A 744 -44.92 13.21 -10.75
CA GLY A 744 -44.36 12.73 -11.99
C GLY A 744 -42.94 13.22 -12.25
N ARG A 745 -42.38 12.73 -13.35
CA ARG A 745 -41.03 13.06 -13.77
C ARG A 745 -41.05 14.21 -14.77
N SER A 746 -40.05 15.09 -14.66
CA SER A 746 -39.92 16.23 -15.55
C SER A 746 -38.52 16.24 -16.14
N THR A 747 -38.38 16.87 -17.31
CA THR A 747 -37.13 16.90 -18.03
C THR A 747 -36.25 18.04 -17.54
N PHE A 748 -34.94 17.78 -17.50
CA PHE A 748 -33.97 18.79 -17.14
C PHE A 748 -33.77 19.75 -18.31
N GLY A 749 -33.31 20.96 -18.01
CA GLY A 749 -32.95 21.91 -19.04
C GLY A 749 -31.47 21.83 -19.36
N LEU A 750 -31.15 21.95 -20.64
CA LEU A 750 -29.78 21.89 -21.13
C LEU A 750 -29.32 23.29 -21.49
N GLY A 751 -28.65 23.96 -20.54
CA GLY A 751 -28.17 25.31 -20.74
C GLY A 751 -26.66 25.35 -20.83
N SER A 752 -26.15 26.58 -20.94
CA SER A 752 -24.72 26.83 -21.01
C SER A 752 -24.29 27.71 -19.85
N LEU A 753 -22.98 27.83 -19.67
CA LEU A 753 -22.44 28.83 -18.76
C LEU A 753 -22.74 30.23 -19.28
N ALA A 754 -23.09 31.12 -18.37
CA ALA A 754 -23.36 32.50 -18.73
C ALA A 754 -22.07 33.30 -18.67
N TYR A 755 -21.67 33.87 -19.80
CA TYR A 755 -20.49 34.72 -19.87
C TYR A 755 -20.90 36.16 -19.62
N ASN A 756 -20.41 36.75 -18.54
CA ASN A 756 -20.69 38.14 -18.22
C ASN A 756 -19.69 39.01 -18.96
N SER A 757 -20.11 39.53 -20.11
CA SER A 757 -19.24 40.39 -20.90
C SER A 757 -19.03 41.72 -20.18
N PRO A 758 -17.80 42.20 -20.06
CA PRO A 758 -17.56 43.49 -19.41
C PRO A 758 -18.14 44.62 -20.25
N LEU A 759 -18.51 45.70 -19.56
CA LEU A 759 -19.02 46.87 -20.27
C LEU A 759 -17.87 47.54 -21.02
N ARG A 760 -18.09 47.81 -22.30
CA ARG A 760 -17.02 48.17 -23.21
C ARG A 760 -16.90 49.68 -23.34
N VAL A 761 -15.66 50.17 -23.27
CA VAL A 761 -15.33 51.57 -23.45
C VAL A 761 -14.51 51.70 -24.72
N ASP A 762 -15.06 52.40 -25.72
CA ASP A 762 -14.35 52.59 -26.97
C ASP A 762 -13.20 53.58 -26.80
N ALA A 763 -12.25 53.54 -27.74
CA ALA A 763 -11.07 54.38 -27.70
C ALA A 763 -11.23 55.54 -28.67
N LEU A 764 -10.92 56.74 -28.21
CA LEU A 764 -11.02 57.92 -29.06
C LEU A 764 -9.85 57.97 -30.04
N ASN A 765 -10.08 58.65 -31.16
CA ASN A 765 -9.06 58.83 -32.19
C ASN A 765 -8.26 60.12 -32.02
N SER A 766 -8.55 60.90 -30.98
CA SER A 766 -7.89 62.17 -30.75
C SER A 766 -6.73 61.98 -29.76
N SER A 767 -6.15 63.09 -29.31
CA SER A 767 -5.12 63.06 -28.28
C SER A 767 -5.69 62.92 -26.88
N GLU A 768 -7.01 63.04 -26.72
CA GLU A 768 -7.67 62.83 -25.46
C GLU A 768 -8.16 61.39 -25.37
N PHE A 769 -8.46 60.96 -24.15
CA PHE A 769 -9.02 59.64 -23.91
C PHE A 769 -10.34 59.78 -23.18
N LYS A 770 -10.96 58.65 -22.82
CA LYS A 770 -12.18 58.68 -22.05
C LYS A 770 -12.10 57.71 -20.89
N VAL A 771 -12.73 58.10 -19.78
CA VAL A 771 -12.64 57.38 -18.52
C VAL A 771 -14.05 56.99 -18.09
N SER A 772 -14.18 55.78 -17.55
CA SER A 772 -15.44 55.28 -17.01
C SER A 772 -15.37 55.39 -15.50
N LEU A 773 -15.84 56.53 -14.97
CA LEU A 773 -15.78 56.84 -13.55
C LEU A 773 -17.05 56.39 -12.83
N PRO A 774 -16.92 56.01 -11.56
CA PRO A 774 -18.11 55.66 -10.78
C PRO A 774 -18.96 56.87 -10.45
N LEU A 775 -20.25 56.77 -10.76
CA LEU A 775 -21.23 57.75 -10.34
C LEU A 775 -21.93 57.35 -9.05
N ASN A 776 -21.88 56.07 -8.70
CA ASN A 776 -22.52 55.54 -7.51
C ASN A 776 -21.69 54.36 -7.03
N PHE A 777 -21.90 53.97 -5.77
CA PHE A 777 -21.05 52.95 -5.18
C PHE A 777 -21.78 52.19 -4.09
N THR A 778 -21.25 51.01 -3.77
CA THR A 778 -21.67 50.18 -2.65
C THR A 778 -20.44 49.61 -1.96
N PHE A 779 -20.66 48.97 -0.82
CA PHE A 779 -19.62 48.27 -0.09
C PHE A 779 -19.93 46.78 -0.12
N GLY A 780 -18.99 45.99 -0.64
CA GLY A 780 -19.16 44.55 -0.75
C GLY A 780 -18.24 43.83 0.21
N VAL A 781 -18.74 42.74 0.80
CA VAL A 781 -17.99 41.93 1.75
C VAL A 781 -17.69 40.58 1.11
N THR A 782 -16.42 40.24 1.01
CA THR A 782 -15.95 38.97 0.51
C THR A 782 -15.49 38.11 1.68
N GLN A 783 -16.04 36.91 1.81
CA GLN A 783 -15.72 36.01 2.90
C GLN A 783 -14.82 34.89 2.39
N GLU A 784 -13.84 34.51 3.19
CA GLU A 784 -12.85 33.53 2.78
C GLU A 784 -12.43 32.70 3.98
N TYR A 785 -12.23 31.40 3.78
CA TYR A 785 -11.85 30.49 4.87
C TYR A 785 -10.50 29.86 4.56
N ILE A 786 -9.55 30.00 5.50
CA ILE A 786 -8.22 29.43 5.38
C ILE A 786 -8.02 28.48 6.56
N GLU A 787 -7.73 27.21 6.24
CA GLU A 787 -7.84 26.14 7.24
C GLU A 787 -6.70 26.15 8.25
N THR A 788 -5.45 26.21 7.77
CA THR A 788 -4.23 26.37 8.57
C THR A 788 -3.99 25.27 9.61
N SER A 789 -4.76 24.19 9.64
CA SER A 789 -4.61 23.22 10.72
C SER A 789 -5.12 21.85 10.28
N ILE A 790 -4.66 20.83 11.00
CA ILE A 790 -5.11 19.45 10.86
C ILE A 790 -5.55 18.96 12.22
N GLN A 791 -6.32 17.88 12.22
CA GLN A 791 -6.63 17.18 13.45
C GLN A 791 -5.42 16.36 13.90
N LYS A 792 -5.02 16.53 15.17
CA LYS A 792 -3.91 15.79 15.73
C LYS A 792 -4.43 14.49 16.33
N ILE A 793 -4.00 13.36 15.78
CA ILE A 793 -4.50 12.05 16.15
C ILE A 793 -3.32 11.16 16.50
N THR A 794 -3.39 10.49 17.64
CA THR A 794 -2.40 9.51 18.05
C THR A 794 -3.05 8.15 18.11
N VAL A 795 -2.41 7.15 17.48
CA VAL A 795 -2.96 5.80 17.36
C VAL A 795 -2.11 4.86 18.21
N ASP A 796 -2.78 4.02 18.99
CA ASP A 796 -2.12 2.93 19.72
C ASP A 796 -1.98 1.76 18.74
N CYS A 797 -0.79 1.64 18.15
CA CYS A 797 -0.57 0.63 17.11
C CYS A 797 -0.63 -0.78 17.68
N LYS A 798 -0.04 -0.99 18.87
CA LYS A 798 0.03 -2.31 19.47
C LYS A 798 -1.36 -2.84 19.81
N GLN A 799 -2.31 -1.96 20.10
CA GLN A 799 -3.68 -2.35 20.36
C GLN A 799 -4.51 -2.42 19.08
N TYR A 800 -4.27 -1.51 18.14
CA TYR A 800 -5.05 -1.49 16.90
C TYR A 800 -4.78 -2.75 16.07
N VAL A 801 -3.51 -3.11 15.89
CA VAL A 801 -3.19 -4.26 15.06
C VAL A 801 -3.58 -5.57 15.75
N CYS A 802 -3.26 -5.69 17.03
CA CYS A 802 -3.59 -6.90 17.80
C CYS A 802 -4.35 -6.50 19.05
N ASN A 803 -5.49 -7.15 19.31
CA ASN A 803 -6.30 -6.82 20.48
C ASN A 803 -5.75 -7.50 21.73
N GLY A 804 -4.49 -7.20 22.05
CA GLY A 804 -3.84 -7.77 23.20
C GLY A 804 -3.62 -9.26 23.13
N PHE A 805 -3.30 -9.78 21.95
CA PHE A 805 -3.09 -11.21 21.74
C PHE A 805 -1.60 -11.48 21.60
N ALA A 806 -1.11 -12.47 22.33
CA ALA A 806 0.32 -12.76 22.33
C ALA A 806 0.78 -13.32 20.99
N LYS A 807 -0.05 -14.16 20.35
CA LYS A 807 0.36 -14.75 19.08
C LYS A 807 0.39 -13.71 17.97
N CYS A 808 -0.57 -12.79 17.95
CA CYS A 808 -0.56 -11.71 16.97
C CYS A 808 0.65 -10.80 17.18
N GLU A 809 0.98 -10.50 18.43
CA GLU A 809 2.15 -9.65 18.69
C GLU A 809 3.46 -10.37 18.36
N LYS A 810 3.49 -11.69 18.51
CA LYS A 810 4.66 -12.45 18.10
C LYS A 810 4.80 -12.49 16.59
N LEU A 811 3.68 -12.56 15.87
CA LEU A 811 3.74 -12.52 14.42
C LEU A 811 3.96 -11.11 13.88
N LEU A 812 3.72 -10.08 14.70
CA LEU A 812 3.86 -8.70 14.24
C LEU A 812 5.33 -8.31 14.04
N GLU A 813 6.25 -8.95 14.78
CA GLU A 813 7.65 -8.58 14.66
C GLU A 813 8.28 -9.10 13.37
N GLN A 814 7.57 -9.91 12.59
CA GLN A 814 8.01 -10.25 11.24
C GLN A 814 7.98 -9.05 10.30
N TYR A 815 7.22 -8.01 10.65
CA TYR A 815 7.13 -6.79 9.85
C TYR A 815 7.98 -5.67 10.42
N GLY A 816 8.91 -5.99 11.31
CA GLY A 816 9.79 -4.99 11.88
C GLY A 816 9.14 -4.21 13.01
N GLN A 817 9.82 -3.13 13.39
CA GLN A 817 9.33 -2.24 14.44
C GLN A 817 8.34 -1.25 13.83
N PHE A 818 7.15 -1.78 13.50
CA PHE A 818 6.14 -1.00 12.83
C PHE A 818 5.53 0.06 13.76
N CYS A 819 5.19 -0.35 14.98
CA CYS A 819 4.47 0.53 15.90
C CYS A 819 5.34 1.70 16.34
N SER A 820 6.63 1.47 16.53
CA SER A 820 7.55 2.55 16.87
C SER A 820 7.61 3.60 15.77
N LYS A 821 7.65 3.15 14.51
CA LYS A 821 7.73 4.08 13.39
C LYS A 821 6.43 4.85 13.22
N ILE A 822 5.28 4.20 13.43
CA ILE A 822 4.00 4.90 13.37
C ILE A 822 3.90 5.93 14.48
N ASN A 823 4.33 5.57 15.70
CA ASN A 823 4.31 6.51 16.81
C ASN A 823 5.21 7.71 16.55
N GLN A 824 6.41 7.46 16.02
CA GLN A 824 7.33 8.56 15.72
C GLN A 824 6.76 9.47 14.63
N ALA A 825 6.16 8.89 13.59
CA ALA A 825 5.59 9.69 12.51
C ALA A 825 4.44 10.57 13.00
N LEU A 826 3.53 9.99 13.79
CA LEU A 826 2.40 10.76 14.30
C LEU A 826 2.85 11.84 15.27
N HIS A 827 3.83 11.53 16.13
CA HIS A 827 4.33 12.53 17.07
C HIS A 827 5.02 13.68 16.34
N GLY A 828 5.79 13.37 15.30
CA GLY A 828 6.41 14.44 14.52
C GLY A 828 5.40 15.31 13.81
N ALA A 829 4.34 14.70 13.25
CA ALA A 829 3.30 15.48 12.60
C ALA A 829 2.58 16.40 13.57
N ASN A 830 2.27 15.89 14.76
CA ASN A 830 1.60 16.71 15.77
C ASN A 830 2.49 17.85 16.27
N LEU A 831 3.79 17.58 16.45
CA LEU A 831 4.72 18.64 16.85
C LEU A 831 4.83 19.72 15.79
N ARG A 832 4.88 19.32 14.52
CA ARG A 832 4.93 20.30 13.44
C ARG A 832 3.65 21.12 13.37
N GLN A 833 2.50 20.49 13.65
CA GLN A 833 1.24 21.24 13.70
C GLN A 833 1.25 22.26 14.84
N ASP A 834 1.75 21.88 16.01
CA ASP A 834 1.83 22.83 17.13
C ASP A 834 2.76 23.99 16.82
N ASP A 835 3.90 23.70 16.17
CA ASP A 835 4.82 24.77 15.77
C ASP A 835 4.20 25.71 14.75
N SER A 836 3.44 25.16 13.80
CA SER A 836 2.75 25.98 12.82
C SER A 836 1.71 26.89 13.46
N VAL A 837 0.96 26.35 14.42
CA VAL A 837 -0.04 27.16 15.13
C VAL A 837 0.64 28.28 15.92
N ARG A 838 1.75 27.96 16.59
CA ARG A 838 2.47 28.98 17.35
C ARG A 838 3.03 30.07 16.45
N ASN A 839 3.56 29.71 15.28
CA ASN A 839 4.08 30.70 14.36
C ASN A 839 2.97 31.58 13.79
N LEU A 840 1.83 30.98 13.46
CA LEU A 840 0.70 31.75 12.93
C LEU A 840 0.19 32.76 13.96
N PHE A 841 0.04 32.33 15.20
CA PHE A 841 -0.45 33.27 16.20
C PHE A 841 0.63 34.22 16.71
N GLU A 842 1.90 33.93 16.46
CA GLU A 842 2.93 34.95 16.61
C GLU A 842 2.76 36.04 15.56
N SER A 843 2.39 35.65 14.34
CA SER A 843 2.11 36.64 13.30
C SER A 843 0.86 37.45 13.61
N VAL A 844 -0.16 36.82 14.20
CA VAL A 844 -1.40 37.54 14.54
C VAL A 844 -1.16 38.55 15.67
N LYS A 845 -0.25 38.25 16.58
CA LYS A 845 -0.02 39.08 17.76
C LYS A 845 0.50 40.47 17.38
N THR A 846 -0.11 41.51 17.97
CA THR A 846 0.20 42.91 17.70
C THR A 846 0.95 43.53 18.88
N PRO A 847 1.84 44.51 18.62
CA PRO A 847 2.61 45.10 19.72
C PRO A 847 1.78 45.98 20.65
N GLN A 848 0.94 46.85 20.09
CA GLN A 848 0.10 47.75 20.89
C GLN A 848 -1.31 47.73 20.36
N THR A 849 -2.26 48.07 21.22
CA THR A 849 -3.67 48.08 20.85
C THR A 849 -4.40 49.14 21.65
N VAL A 850 -5.57 49.51 21.16
CA VAL A 850 -6.53 50.32 21.91
C VAL A 850 -7.54 49.37 22.56
N PRO A 851 -7.96 49.61 23.80
CA PRO A 851 -8.98 48.75 24.40
C PRO A 851 -10.34 48.95 23.74
N LEU A 852 -11.08 47.85 23.62
CA LEU A 852 -12.38 47.88 22.97
C LEU A 852 -13.47 48.36 23.92
N THR A 853 -14.34 49.21 23.38
CA THR A 853 -15.48 49.77 24.10
C THR A 853 -16.71 49.43 23.26
N THR A 854 -17.91 49.62 23.85
CA THR A 854 -19.14 49.31 23.12
C THR A 854 -19.30 50.19 21.89
N GLY A 855 -18.95 51.47 22.00
CA GLY A 855 -18.96 52.33 20.85
C GLY A 855 -17.61 52.39 20.15
N PHE A 856 -17.14 51.24 19.65
CA PHE A 856 -15.86 51.21 18.94
C PHE A 856 -15.93 52.00 17.64
N GLY A 857 -17.00 51.81 16.86
CA GLY A 857 -17.26 52.63 15.70
C GLY A 857 -18.23 53.74 16.08
N GLY A 858 -17.87 54.97 15.73
CA GLY A 858 -18.73 56.10 16.03
C GLY A 858 -20.06 56.03 15.30
N GLU A 859 -20.02 55.66 14.03
CA GLU A 859 -21.23 55.47 13.25
C GLU A 859 -21.20 54.22 12.40
N PHE A 860 -20.13 53.41 12.48
CA PHE A 860 -19.97 52.25 11.62
C PHE A 860 -20.44 50.95 12.25
N ASN A 861 -20.82 50.97 13.53
CA ASN A 861 -21.53 49.89 14.22
C ASN A 861 -20.74 48.57 14.17
N LEU A 862 -19.59 48.60 14.84
CA LEU A 862 -18.74 47.41 14.98
C LEU A 862 -19.10 46.64 16.26
N THR A 863 -20.39 46.34 16.41
CA THR A 863 -20.85 45.59 17.57
C THR A 863 -20.96 44.10 17.29
N LEU A 864 -20.88 43.70 16.02
CA LEU A 864 -20.91 42.28 15.67
C LEU A 864 -19.55 41.62 15.84
N LEU A 865 -18.48 42.37 15.60
CA LEU A 865 -17.13 41.82 15.71
C LEU A 865 -16.50 42.07 17.08
N GLU A 866 -17.04 42.99 17.87
CA GLU A 866 -16.49 43.24 19.19
C GLU A 866 -16.77 42.05 20.10
N PRO A 867 -15.94 41.83 21.13
CA PRO A 867 -16.13 40.70 22.03
C PRO A 867 -17.49 40.75 22.72
N LEU A 868 -18.03 39.56 22.98
CA LEU A 868 -19.28 39.47 23.73
C LEU A 868 -19.12 40.01 25.14
N SER A 869 -17.93 39.88 25.71
CA SER A 869 -17.65 40.38 27.05
C SER A 869 -17.76 41.90 27.12
N VAL A 870 -17.32 42.59 26.06
CA VAL A 870 -17.42 44.04 26.02
C VAL A 870 -18.87 44.47 26.02
N SER A 871 -19.73 43.74 25.31
CA SER A 871 -21.15 44.08 25.25
C SER A 871 -21.87 43.67 26.54
N THR A 872 -21.96 42.36 26.80
CA THR A 872 -22.84 41.86 27.85
C THR A 872 -22.21 40.67 28.56
N GLY A 873 -22.73 40.38 29.76
CA GLY A 873 -22.57 39.07 30.37
C GLY A 873 -21.15 38.70 30.74
N SER A 874 -20.79 37.45 30.46
CA SER A 874 -19.57 36.83 30.93
C SER A 874 -18.35 37.40 30.20
N SER A 875 -17.17 37.06 30.72
CA SER A 875 -15.90 37.45 30.08
C SER A 875 -15.57 36.43 28.98
N ASN A 876 -16.40 36.46 27.94
CA ASN A 876 -16.30 35.55 26.80
C ASN A 876 -15.80 36.41 25.64
N ALA A 877 -14.54 36.22 25.25
CA ALA A 877 -13.94 37.06 24.23
C ALA A 877 -14.44 36.74 22.82
N ARG A 878 -15.07 35.59 22.63
CA ARG A 878 -15.63 35.26 21.31
C ARG A 878 -16.75 36.21 20.95
N SER A 879 -16.61 36.88 19.81
CA SER A 879 -17.63 37.80 19.34
C SER A 879 -18.89 37.06 18.94
N ALA A 880 -19.94 37.84 18.66
CA ALA A 880 -21.22 37.26 18.24
C ALA A 880 -21.10 36.52 16.92
N LEU A 881 -20.25 37.01 16.02
CA LEU A 881 -20.04 36.33 14.75
C LEU A 881 -19.32 35.00 14.92
N GLU A 882 -18.34 34.95 15.83
CA GLU A 882 -17.66 33.68 16.11
C GLU A 882 -18.63 32.65 16.69
N GLU A 883 -19.47 33.07 17.64
CA GLU A 883 -20.45 32.14 18.22
C GLU A 883 -21.46 31.69 17.17
N LEU A 884 -21.90 32.59 16.30
CA LEU A 884 -22.87 32.23 15.27
C LEU A 884 -22.24 31.26 14.26
N LEU A 885 -20.97 31.48 13.92
CA LEU A 885 -20.26 30.59 13.00
C LEU A 885 -20.02 29.23 13.61
N PHE A 886 -19.68 29.18 14.91
CA PHE A 886 -19.44 27.90 15.56
C PHE A 886 -20.74 27.13 15.80
N ASP A 887 -21.86 27.84 16.00
CA ASP A 887 -23.14 27.16 16.16
C ASP A 887 -23.77 26.76 14.83
N SER A 888 -23.41 27.44 13.73
CA SER A 888 -23.97 27.07 12.43
C SER A 888 -23.38 25.76 11.90
N VAL A 889 -22.11 25.50 12.18
CA VAL A 889 -21.49 24.25 11.75
C VAL A 889 -21.84 23.14 12.73
N THR A 890 -21.89 21.91 12.21
CA THR A 890 -22.24 20.74 13.01
C THR A 890 -20.96 19.95 13.29
N ILE A 891 -20.41 20.14 14.48
CA ILE A 891 -19.22 19.43 14.93
C ILE A 891 -19.62 18.56 16.11
N ALA A 892 -19.26 17.28 16.04
CA ALA A 892 -19.45 16.41 17.20
C ALA A 892 -18.47 16.81 18.29
N ASP A 893 -18.99 17.06 19.49
CA ASP A 893 -18.16 17.50 20.60
C ASP A 893 -17.28 16.34 21.05
N PRO A 894 -15.95 16.47 21.00
CA PRO A 894 -15.09 15.35 21.37
C PRO A 894 -15.13 15.05 22.86
N GLY A 895 -14.91 16.08 23.66
CA GLY A 895 -14.93 15.91 25.09
C GLY A 895 -13.52 15.64 25.59
N TYR A 896 -12.90 16.66 26.19
CA TYR A 896 -11.54 16.53 26.67
C TYR A 896 -11.45 16.45 28.18
N MET A 897 -12.35 17.12 28.89
CA MET A 897 -12.39 16.98 30.35
C MET A 897 -12.90 15.59 30.74
N GLN A 898 -13.99 15.14 30.11
CA GLN A 898 -14.54 13.83 30.39
C GLN A 898 -15.32 13.37 29.15
N GLY A 899 -14.70 12.50 28.36
CA GLY A 899 -15.36 11.98 27.18
C GLY A 899 -15.48 10.46 27.25
N TYR A 900 -14.57 9.84 28.01
CA TYR A 900 -14.66 8.41 28.25
C TYR A 900 -15.89 8.07 29.07
N ASP A 901 -16.17 8.87 30.11
CA ASP A 901 -17.32 8.63 30.97
C ASP A 901 -18.63 8.90 30.23
N ASP A 902 -18.69 9.97 29.45
CA ASP A 902 -19.90 10.28 28.69
C ASP A 902 -20.17 9.21 27.63
N CYS A 903 -19.12 8.69 26.99
CA CYS A 903 -19.31 7.61 26.04
C CYS A 903 -19.74 6.32 26.74
N MET A 904 -19.27 6.11 27.97
CA MET A 904 -19.66 4.91 28.70
C MET A 904 -21.11 4.95 29.15
N GLN A 905 -21.54 6.06 29.75
CA GLN A 905 -22.88 6.13 30.33
C GLN A 905 -23.95 6.22 29.24
N GLN A 906 -23.76 7.09 28.25
CA GLN A 906 -24.76 7.28 27.22
C GLN A 906 -24.72 6.14 26.21
N GLY A 907 -25.89 5.79 25.70
CA GLY A 907 -26.01 4.77 24.69
C GLY A 907 -25.51 5.25 23.35
N PRO A 908 -25.39 4.33 22.38
CA PRO A 908 -24.91 4.72 21.04
C PRO A 908 -25.90 5.61 20.31
N ALA A 909 -25.53 6.88 20.12
CA ALA A 909 -26.38 7.85 19.43
C ALA A 909 -26.09 7.93 17.94
N SER A 910 -25.08 7.22 17.45
CA SER A 910 -24.66 7.08 16.05
C SER A 910 -24.14 8.39 15.44
N ALA A 911 -24.13 9.49 16.17
CA ALA A 911 -23.44 10.71 15.77
C ALA A 911 -22.19 10.97 16.59
N ARG A 912 -22.14 10.49 17.83
CA ARG A 912 -20.94 10.52 18.66
C ARG A 912 -20.21 9.19 18.64
N ASP A 913 -20.62 8.25 17.78
CA ASP A 913 -19.98 6.95 17.74
C ASP A 913 -18.58 7.04 17.15
N LEU A 914 -18.31 8.05 16.31
CA LEU A 914 -16.95 8.32 15.88
C LEU A 914 -16.08 8.74 17.07
N ILE A 915 -16.64 9.54 17.97
CA ILE A 915 -15.92 9.93 19.18
C ILE A 915 -15.77 8.75 20.13
N CYS A 916 -16.83 7.96 20.30
CA CYS A 916 -16.77 6.81 21.19
C CYS A 916 -15.92 5.68 20.64
N ALA A 917 -15.62 5.70 19.34
CA ALA A 917 -14.72 4.71 18.76
C ALA A 917 -13.26 4.95 19.11
N GLN A 918 -12.94 6.09 19.76
CA GLN A 918 -11.58 6.32 20.24
C GLN A 918 -11.15 5.27 21.24
N TYR A 919 -12.05 4.93 22.18
CA TYR A 919 -11.74 4.04 23.28
C TYR A 919 -11.99 2.58 22.94
N VAL A 920 -12.41 2.29 21.71
CA VAL A 920 -12.64 0.93 21.25
C VAL A 920 -11.63 0.54 20.17
N ALA A 921 -11.47 1.38 19.15
CA ALA A 921 -10.52 1.10 18.10
C ALA A 921 -9.08 1.24 18.60
N GLY A 922 -8.80 2.34 19.29
CA GLY A 922 -7.48 2.51 19.88
C GLY A 922 -6.77 3.81 19.52
N TYR A 923 -7.49 4.78 19.00
CA TYR A 923 -6.91 6.07 18.66
C TYR A 923 -7.42 7.16 19.59
N LYS A 924 -6.88 8.36 19.43
CA LYS A 924 -7.31 9.50 20.22
C LYS A 924 -7.08 10.79 19.44
N VAL A 925 -8.02 11.72 19.56
CA VAL A 925 -7.90 13.04 18.99
C VAL A 925 -7.34 13.97 20.06
N LEU A 926 -6.18 14.56 19.79
CA LEU A 926 -5.57 15.43 20.78
C LEU A 926 -6.22 16.81 20.76
N PRO A 927 -6.36 17.46 21.92
CA PRO A 927 -6.91 18.80 21.93
C PRO A 927 -5.96 19.79 21.31
N PRO A 928 -6.47 20.92 20.80
CA PRO A 928 -5.58 21.92 20.19
C PRO A 928 -4.70 22.60 21.21
N LEU A 929 -3.64 23.22 20.71
CA LEU A 929 -2.65 23.89 21.55
C LEU A 929 -3.27 25.06 22.31
N MET A 930 -4.17 25.79 21.67
CA MET A 930 -4.76 27.00 22.23
C MET A 930 -6.25 26.80 22.42
N ASP A 931 -6.79 27.29 23.54
CA ASP A 931 -8.21 27.23 23.76
C ASP A 931 -8.91 28.37 23.00
N VAL A 932 -10.24 28.37 23.05
CA VAL A 932 -11.00 29.39 22.34
C VAL A 932 -10.83 30.75 23.01
N ASN A 933 -10.57 30.79 24.31
CA ASN A 933 -10.47 32.05 25.03
C ASN A 933 -9.26 32.86 24.59
N MET A 934 -8.14 32.20 24.61
CA MET A 934 -6.94 32.84 24.20
C MET A 934 -7.10 33.28 22.77
N GLU A 935 -7.36 32.41 21.85
CA GLU A 935 -7.47 32.71 20.42
C GLU A 935 -8.39 33.89 20.18
N ALA A 936 -9.54 33.92 20.87
CA ALA A 936 -10.44 35.07 20.75
C ALA A 936 -9.82 36.32 21.34
N ALA A 937 -8.97 36.18 22.37
CA ALA A 937 -8.25 37.33 22.90
C ALA A 937 -7.28 37.90 21.89
N TYR A 938 -6.55 37.03 21.18
CA TYR A 938 -5.66 37.49 20.10
C TYR A 938 -6.44 38.19 19.01
N THR A 939 -7.58 37.62 18.62
CA THR A 939 -8.43 38.23 17.59
C THR A 939 -8.97 39.58 18.03
N SER A 940 -9.39 39.70 19.29
CA SER A 940 -9.91 40.96 19.81
C SER A 940 -8.83 42.02 19.88
N SER A 941 -7.61 41.64 20.29
CA SER A 941 -6.51 42.60 20.30
C SER A 941 -6.17 43.07 18.90
N LEU A 942 -6.20 42.16 17.93
CA LEU A 942 -5.95 42.55 16.54
C LEU A 942 -7.05 43.49 16.03
N LEU A 943 -8.30 43.21 16.40
CA LEU A 943 -9.41 44.08 16.01
C LEU A 943 -9.26 45.47 16.61
N GLY A 944 -8.83 45.56 17.87
CA GLY A 944 -8.54 46.84 18.47
C GLY A 944 -7.37 47.55 17.80
N SER A 945 -6.41 46.79 17.28
CA SER A 945 -5.25 47.34 16.61
C SER A 945 -5.45 47.55 15.11
N ILE A 946 -6.66 47.33 14.59
CA ILE A 946 -6.92 47.54 13.16
C ILE A 946 -6.68 49.01 12.77
N ALA A 947 -7.37 49.92 13.45
CA ALA A 947 -7.28 51.33 13.11
C ALA A 947 -6.03 51.95 13.72
N GLY A 948 -5.25 52.64 12.90
CA GLY A 948 -4.03 53.26 13.35
C GLY A 948 -2.78 52.40 13.26
N ALA A 949 -2.90 51.16 12.78
CA ALA A 949 -1.72 50.33 12.58
C ALA A 949 -0.85 50.88 11.46
N GLY A 950 -1.46 51.18 10.32
CA GLY A 950 -0.75 51.82 9.24
C GLY A 950 -1.16 53.28 9.09
N TRP A 951 -0.34 54.18 9.59
CA TRP A 951 -0.62 55.61 9.50
C TRP A 951 0.49 56.40 8.84
N THR A 952 1.74 56.06 9.13
CA THR A 952 2.90 56.75 8.57
C THR A 952 3.97 55.71 8.26
N ALA A 953 5.18 56.18 7.98
CA ALA A 953 6.28 55.29 7.65
C ALA A 953 6.70 54.48 8.87
N GLY A 954 7.06 53.23 8.64
CA GLY A 954 7.48 52.34 9.71
C GLY A 954 6.31 51.71 10.43
N LEU A 955 6.63 50.73 11.28
CA LEU A 955 5.64 50.01 12.07
C LEU A 955 5.91 50.12 13.56
N SER A 956 6.75 51.08 13.98
CA SER A 956 7.14 51.19 15.38
C SER A 956 6.21 52.04 16.21
N SER A 957 5.50 52.98 15.59
CA SER A 957 4.58 53.86 16.31
C SER A 957 3.15 53.35 16.18
N PHE A 958 2.32 53.74 17.14
CA PHE A 958 0.92 53.40 17.15
C PHE A 958 0.11 54.65 17.42
N ALA A 959 -0.89 54.92 16.59
CA ALA A 959 -1.76 56.07 16.71
C ALA A 959 -3.17 55.63 17.04
N ALA A 960 -3.76 56.24 18.07
CA ALA A 960 -5.11 55.89 18.51
C ALA A 960 -6.16 56.62 17.69
N ILE A 961 -6.15 56.35 16.39
CA ILE A 961 -7.09 56.94 15.43
C ILE A 961 -8.45 56.26 15.62
N PRO A 962 -9.55 57.00 15.65
CA PRO A 962 -10.87 56.38 15.65
C PRO A 962 -11.12 55.65 14.33
N PHE A 963 -12.04 54.68 14.39
CA PHE A 963 -12.32 53.85 13.23
C PHE A 963 -12.90 54.66 12.09
N ALA A 964 -13.77 55.63 12.40
CA ALA A 964 -14.36 56.46 11.37
C ALA A 964 -13.30 57.30 10.64
N GLN A 965 -12.36 57.87 11.40
CA GLN A 965 -11.29 58.66 10.78
C GLN A 965 -10.38 57.79 9.90
N SER A 966 -10.08 56.57 10.36
CA SER A 966 -9.27 55.66 9.55
C SER A 966 -9.98 55.27 8.26
N ILE A 967 -11.30 55.04 8.34
CA ILE A 967 -12.05 54.71 7.14
C ILE A 967 -12.10 55.90 6.18
N PHE A 968 -12.24 57.12 6.73
CA PHE A 968 -12.23 58.32 5.89
C PHE A 968 -10.89 58.49 5.18
N TYR A 969 -9.79 58.26 5.91
CA TYR A 969 -8.47 58.40 5.30
C TYR A 969 -8.21 57.29 4.27
N ARG A 970 -8.70 56.08 4.53
CA ARG A 970 -8.55 55.00 3.55
C ARG A 970 -9.32 55.31 2.27
N LEU A 971 -10.55 55.82 2.40
CA LEU A 971 -11.32 56.21 1.23
C LEU A 971 -10.71 57.39 0.51
N ASN A 972 -10.08 58.30 1.25
CA ASN A 972 -9.37 59.41 0.63
C ASN A 972 -8.16 58.94 -0.16
N GLY A 973 -7.41 57.98 0.38
CA GLY A 973 -6.28 57.43 -0.33
C GLY A 973 -6.66 56.56 -1.50
N VAL A 974 -7.86 56.00 -1.49
CA VAL A 974 -8.35 55.23 -2.63
C VAL A 974 -8.55 56.15 -3.84
N GLY A 975 -9.01 57.37 -3.60
CA GLY A 975 -9.23 58.31 -4.69
C GLY A 975 -10.51 59.10 -4.61
N ILE A 976 -11.19 59.03 -3.48
CA ILE A 976 -12.35 59.89 -3.23
C ILE A 976 -11.87 61.16 -2.55
N THR A 977 -12.21 62.31 -3.13
CA THR A 977 -11.71 63.58 -2.63
C THR A 977 -12.38 63.95 -1.31
N GLN A 978 -11.79 64.93 -0.62
CA GLN A 978 -12.23 65.29 0.72
C GLN A 978 -13.62 65.92 0.73
N GLN A 979 -14.00 66.59 -0.35
CA GLN A 979 -15.33 67.20 -0.41
C GLN A 979 -16.43 66.15 -0.39
N VAL A 980 -16.26 65.06 -1.14
CA VAL A 980 -17.25 64.00 -1.18
C VAL A 980 -17.36 63.30 0.17
N LEU A 981 -16.21 63.03 0.81
CA LEU A 981 -16.23 62.39 2.12
C LEU A 981 -16.84 63.30 3.18
N SER A 982 -16.59 64.61 3.08
CA SER A 982 -17.16 65.54 4.05
C SER A 982 -18.67 65.68 3.87
N GLU A 983 -19.14 65.65 2.62
CA GLU A 983 -20.56 65.85 2.37
C GLU A 983 -21.39 64.57 2.40
N ASN A 984 -20.76 63.40 2.44
CA ASN A 984 -21.46 62.11 2.38
C ASN A 984 -21.02 61.19 3.50
N GLN A 985 -20.94 61.69 4.73
CA GLN A 985 -20.55 60.82 5.84
C GLN A 985 -21.65 59.84 6.20
N LYS A 986 -22.91 60.33 6.24
CA LYS A 986 -24.03 59.47 6.62
C LYS A 986 -24.27 58.38 5.59
N ILE A 987 -24.10 58.70 4.30
CA ILE A 987 -24.34 57.73 3.24
C ILE A 987 -23.34 56.58 3.31
N ILE A 988 -22.05 56.90 3.46
CA ILE A 988 -21.05 55.84 3.51
C ILE A 988 -21.14 55.07 4.81
N ALA A 989 -21.52 55.73 5.92
CA ALA A 989 -21.73 55.01 7.16
C ALA A 989 -22.89 54.04 7.05
N ASN A 990 -23.98 54.46 6.41
CA ASN A 990 -25.13 53.57 6.21
C ASN A 990 -24.78 52.41 5.29
N LYS A 991 -24.03 52.67 4.22
CA LYS A 991 -23.66 51.60 3.30
C LYS A 991 -22.73 50.58 3.96
N PHE A 992 -21.78 51.05 4.77
CA PHE A 992 -20.95 50.15 5.55
C PHE A 992 -21.78 49.36 6.55
N ASN A 993 -22.80 49.99 7.13
CA ASN A 993 -23.68 49.31 8.08
C ASN A 993 -24.46 48.19 7.39
N GLN A 994 -24.99 48.44 6.18
CA GLN A 994 -25.67 47.37 5.45
C GLN A 994 -24.71 46.26 5.06
N ALA A 995 -23.49 46.61 4.66
CA ALA A 995 -22.50 45.60 4.29
C ALA A 995 -22.15 44.70 5.47
N LEU A 996 -22.05 45.28 6.67
CA LEU A 996 -21.78 44.46 7.84
C LEU A 996 -23.02 43.70 8.33
N GLY A 997 -24.20 44.29 8.21
CA GLY A 997 -25.42 43.63 8.63
C GLY A 997 -25.89 42.54 7.70
N ALA A 998 -25.35 42.47 6.48
CA ALA A 998 -25.62 41.34 5.61
C ALA A 998 -24.97 40.05 6.09
N MET A 999 -24.09 40.11 7.10
CA MET A 999 -23.42 38.93 7.63
C MET A 999 -24.30 38.09 8.55
N GLN A 1000 -25.48 38.59 8.95
CA GLN A 1000 -26.36 37.79 9.80
C GLN A 1000 -26.91 36.58 9.04
N THR A 1001 -27.48 36.82 7.86
CA THR A 1001 -27.92 35.75 6.98
C THR A 1001 -26.84 35.41 5.96
N GLY A 1002 -25.63 35.16 6.44
CA GLY A 1002 -24.51 34.91 5.55
C GLY A 1002 -23.85 33.57 5.81
N PHE A 1003 -24.44 32.78 6.69
CA PHE A 1003 -23.95 31.44 7.02
C PHE A 1003 -24.99 30.39 6.61
N THR A 1004 -25.55 30.56 5.42
CA THR A 1004 -26.51 29.63 4.85
C THR A 1004 -25.82 28.76 3.81
N THR A 1005 -26.62 27.99 3.06
CA THR A 1005 -26.09 27.14 2.00
C THR A 1005 -25.59 27.97 0.82
N THR A 1006 -26.15 29.17 0.62
CA THR A 1006 -25.95 29.93 -0.61
C THR A 1006 -24.50 30.36 -0.81
N ASN A 1007 -23.82 30.81 0.25
CA ASN A 1007 -22.47 31.31 0.09
C ASN A 1007 -21.46 30.16 0.16
N GLU A 1008 -20.50 30.16 -0.75
CA GLU A 1008 -19.53 29.08 -0.86
C GLU A 1008 -18.44 29.15 0.19
N ALA A 1009 -18.24 30.31 0.82
CA ALA A 1009 -17.17 30.44 1.81
C ALA A 1009 -17.49 29.68 3.09
N PHE A 1010 -18.76 29.70 3.51
CA PHE A 1010 -19.15 29.00 4.73
C PHE A 1010 -19.12 27.49 4.54
N GLN A 1011 -19.37 27.01 3.32
CA GLN A 1011 -19.41 25.58 3.08
C GLN A 1011 -18.03 24.93 3.15
N LYS A 1012 -16.96 25.73 3.01
CA LYS A 1012 -15.61 25.20 3.14
C LYS A 1012 -15.35 24.69 4.56
N VAL A 1013 -15.93 25.36 5.57
CA VAL A 1013 -15.74 24.95 6.96
C VAL A 1013 -16.36 23.58 7.20
N GLN A 1014 -17.61 23.39 6.77
CA GLN A 1014 -18.27 22.10 6.92
C GLN A 1014 -17.60 21.03 6.08
N ASP A 1015 -17.08 21.39 4.90
CA ASP A 1015 -16.35 20.43 4.08
C ASP A 1015 -15.09 19.94 4.78
N ALA A 1016 -14.35 20.85 5.42
CA ALA A 1016 -13.16 20.45 6.17
C ALA A 1016 -13.53 19.58 7.37
N VAL A 1017 -14.63 19.93 8.05
CA VAL A 1017 -15.06 19.16 9.22
C VAL A 1017 -15.41 17.73 8.83
N ASN A 1018 -16.20 17.57 7.76
CA ASN A 1018 -16.55 16.21 7.37
C ASN A 1018 -15.40 15.47 6.68
N THR A 1019 -14.42 16.19 6.13
CA THR A 1019 -13.21 15.54 5.66
C THR A 1019 -12.42 14.92 6.81
N ASN A 1020 -12.27 15.66 7.91
CA ASN A 1020 -11.63 15.10 9.10
C ASN A 1020 -12.43 13.94 9.67
N ALA A 1021 -13.77 14.06 9.65
CA ALA A 1021 -14.63 12.98 10.12
C ALA A 1021 -14.46 11.72 9.28
N GLN A 1022 -14.35 11.87 7.96
CA GLN A 1022 -14.13 10.72 7.08
C GLN A 1022 -12.77 10.08 7.33
N ALA A 1023 -11.74 10.91 7.55
CA ALA A 1023 -10.41 10.38 7.84
C ALA A 1023 -10.40 9.57 9.14
N LEU A 1024 -11.14 10.02 10.16
CA LEU A 1024 -11.26 9.24 11.39
C LEU A 1024 -12.09 7.97 11.16
N ALA A 1025 -13.16 8.08 10.37
CA ALA A 1025 -14.04 6.95 10.13
C ALA A 1025 -13.35 5.84 9.35
N LYS A 1026 -12.31 6.16 8.58
CA LYS A 1026 -11.51 5.12 7.93
C LYS A 1026 -10.86 4.20 8.97
N LEU A 1027 -10.17 4.79 9.95
CA LEU A 1027 -9.57 3.99 11.02
C LEU A 1027 -10.61 3.26 11.84
N ALA A 1028 -11.74 3.90 12.10
CA ALA A 1028 -12.79 3.25 12.89
C ALA A 1028 -13.41 2.07 12.15
N SER A 1029 -13.57 2.19 10.83
CA SER A 1029 -14.33 1.22 10.05
C SER A 1029 -13.49 0.07 9.52
N GLU A 1030 -12.20 0.28 9.25
CA GLU A 1030 -11.38 -0.80 8.68
C GLU A 1030 -10.91 -1.81 9.72
N LEU A 1031 -11.41 -1.75 10.95
CA LEU A 1031 -11.16 -2.80 11.93
C LEU A 1031 -12.16 -3.94 11.84
N SER A 1032 -13.25 -3.76 11.09
CA SER A 1032 -14.28 -4.79 10.96
C SER A 1032 -14.10 -5.67 9.74
N ASN A 1033 -13.08 -5.40 8.91
CA ASN A 1033 -12.87 -6.17 7.70
C ASN A 1033 -12.12 -7.46 7.99
N THR A 1034 -12.50 -8.53 7.30
CA THR A 1034 -11.82 -9.81 7.46
C THR A 1034 -10.55 -9.90 6.64
N PHE A 1035 -10.45 -9.10 5.56
CA PHE A 1035 -9.27 -9.05 4.67
C PHE A 1035 -8.93 -10.42 4.08
N GLY A 1036 -9.95 -11.21 3.79
CA GLY A 1036 -9.77 -12.53 3.25
C GLY A 1036 -9.60 -13.64 4.26
N ALA A 1037 -9.51 -13.31 5.56
CA ALA A 1037 -9.47 -14.33 6.58
C ALA A 1037 -10.88 -14.83 6.88
N ILE A 1038 -10.96 -15.84 7.76
CA ILE A 1038 -12.26 -16.40 8.08
C ILE A 1038 -13.05 -15.50 9.03
N SER A 1039 -12.38 -14.57 9.70
CA SER A 1039 -13.04 -13.70 10.67
C SER A 1039 -12.24 -12.42 10.79
N SER A 1040 -12.87 -11.42 11.40
CA SER A 1040 -12.21 -10.16 11.68
C SER A 1040 -11.66 -10.08 13.10
N SER A 1041 -11.72 -11.18 13.85
CA SER A 1041 -11.26 -11.23 15.23
C SER A 1041 -10.14 -12.26 15.35
N ILE A 1042 -9.11 -11.91 16.11
CA ILE A 1042 -8.00 -12.83 16.33
C ILE A 1042 -8.46 -14.02 17.16
N GLY A 1043 -9.37 -13.79 18.11
CA GLY A 1043 -9.81 -14.86 18.99
C GLY A 1043 -10.57 -15.95 18.27
N ASP A 1044 -11.42 -15.58 17.32
CA ASP A 1044 -12.15 -16.59 16.54
C ASP A 1044 -11.21 -17.40 15.66
N ILE A 1045 -10.20 -16.76 15.08
CA ILE A 1045 -9.22 -17.48 14.27
C ILE A 1045 -8.42 -18.44 15.14
N ILE A 1046 -8.04 -18.00 16.34
CA ILE A 1046 -7.31 -18.87 17.27
C ILE A 1046 -8.17 -20.06 17.70
N GLN A 1047 -9.45 -19.81 17.97
CA GLN A 1047 -10.33 -20.87 18.47
C GLN A 1047 -10.65 -21.88 17.37
N ARG A 1048 -10.91 -21.41 16.14
CA ARG A 1048 -11.43 -22.31 15.11
C ARG A 1048 -10.36 -23.09 14.36
N LEU A 1049 -9.15 -22.57 14.24
CA LEU A 1049 -8.14 -23.19 13.40
C LEU A 1049 -6.97 -23.74 14.21
N ASP A 1050 -6.19 -24.59 13.55
CA ASP A 1050 -4.99 -25.19 14.12
C ASP A 1050 -3.80 -24.26 13.94
N VAL A 1051 -2.75 -24.52 14.73
CA VAL A 1051 -1.66 -23.57 14.94
C VAL A 1051 -0.89 -23.28 13.65
N LEU A 1052 -0.90 -24.22 12.70
CA LEU A 1052 -0.26 -23.96 11.41
C LEU A 1052 -1.05 -22.95 10.59
N GLU A 1053 -2.38 -23.03 10.63
CA GLU A 1053 -3.23 -22.11 9.88
C GLU A 1053 -3.51 -20.81 10.62
N GLN A 1054 -3.33 -20.79 11.94
CA GLN A 1054 -3.52 -19.55 12.69
C GLN A 1054 -2.53 -18.49 12.28
N GLU A 1055 -1.27 -18.85 12.05
CA GLU A 1055 -0.29 -17.86 11.64
C GLU A 1055 -0.52 -17.42 10.20
N VAL A 1056 -1.15 -18.26 9.38
CA VAL A 1056 -1.47 -17.86 8.01
C VAL A 1056 -2.62 -16.87 8.01
N GLN A 1057 -3.69 -17.15 8.76
CA GLN A 1057 -4.86 -16.28 8.74
C GLN A 1057 -4.66 -15.01 9.56
N ILE A 1058 -3.89 -15.07 10.65
CA ILE A 1058 -3.64 -13.88 11.46
C ILE A 1058 -2.79 -12.89 10.68
N ASP A 1059 -1.84 -13.38 9.88
CA ASP A 1059 -1.05 -12.50 9.02
C ASP A 1059 -1.89 -11.80 7.95
N ARG A 1060 -3.05 -12.36 7.58
CA ARG A 1060 -3.94 -11.65 6.68
C ARG A 1060 -4.58 -10.45 7.36
N LEU A 1061 -4.94 -10.58 8.64
CA LEU A 1061 -5.45 -9.44 9.40
C LEU A 1061 -4.36 -8.42 9.69
N ILE A 1062 -3.18 -8.91 10.06
CA ILE A 1062 -2.07 -8.02 10.40
C ILE A 1062 -1.70 -7.14 9.21
N ASN A 1063 -1.60 -7.74 8.02
CA ASN A 1063 -1.21 -7.00 6.83
C ASN A 1063 -2.24 -5.94 6.48
N GLY A 1064 -3.53 -6.26 6.61
CA GLY A 1064 -4.56 -5.27 6.33
C GLY A 1064 -4.55 -4.12 7.32
N ARG A 1065 -4.31 -4.40 8.59
CA ARG A 1065 -4.27 -3.32 9.57
C ARG A 1065 -3.01 -2.47 9.42
N LEU A 1066 -1.87 -3.08 9.06
CA LEU A 1066 -0.68 -2.28 8.75
C LEU A 1066 -0.91 -1.41 7.53
N THR A 1067 -1.61 -1.93 6.52
CA THR A 1067 -1.95 -1.13 5.35
C THR A 1067 -2.83 0.06 5.71
N THR A 1068 -3.81 -0.16 6.58
CA THR A 1068 -4.69 0.93 7.03
C THR A 1068 -3.91 2.00 7.79
N LEU A 1069 -3.02 1.58 8.71
CA LEU A 1069 -2.25 2.55 9.47
C LEU A 1069 -1.27 3.33 8.59
N ASN A 1070 -0.64 2.65 7.63
CA ASN A 1070 0.27 3.33 6.72
C ASN A 1070 -0.47 4.33 5.83
N ALA A 1071 -1.66 3.96 5.35
CA ALA A 1071 -2.46 4.88 4.56
C ALA A 1071 -2.88 6.09 5.39
N PHE A 1072 -3.23 5.88 6.66
CA PHE A 1072 -3.60 7.00 7.52
C PHE A 1072 -2.42 7.94 7.76
N VAL A 1073 -1.22 7.39 7.97
CA VAL A 1073 -0.05 8.23 8.22
C VAL A 1073 0.32 9.02 6.97
N ALA A 1074 0.24 8.39 5.79
CA ALA A 1074 0.53 9.11 4.55
C ALA A 1074 -0.49 10.22 4.30
N GLN A 1075 -1.76 9.95 4.58
CA GLN A 1075 -2.80 10.98 4.46
C GLN A 1075 -2.54 12.14 5.42
N GLN A 1076 -2.10 11.83 6.64
CA GLN A 1076 -1.77 12.87 7.61
C GLN A 1076 -0.61 13.73 7.13
N LEU A 1077 0.40 13.11 6.50
CA LEU A 1077 1.52 13.88 5.97
C LEU A 1077 1.10 14.81 4.84
N VAL A 1078 0.26 14.33 3.92
CA VAL A 1078 -0.22 15.17 2.83
C VAL A 1078 -1.06 16.33 3.37
N ARG A 1079 -1.93 16.04 4.34
CA ARG A 1079 -2.74 17.10 4.94
C ARG A 1079 -1.89 18.08 5.74
N SER A 1080 -0.78 17.61 6.31
CA SER A 1080 0.15 18.52 6.99
C SER A 1080 0.80 19.48 6.01
N GLU A 1081 1.16 19.00 4.82
CA GLU A 1081 1.69 19.91 3.80
C GLU A 1081 0.64 20.93 3.37
N SER A 1082 -0.60 20.49 3.21
CA SER A 1082 -1.69 21.41 2.87
C SER A 1082 -1.88 22.46 3.95
N ALA A 1083 -1.86 22.04 5.22
CA ALA A 1083 -2.03 22.96 6.33
C ALA A 1083 -0.87 23.93 6.44
N ALA A 1084 0.35 23.50 6.13
CA ALA A 1084 1.50 24.41 6.15
C ALA A 1084 1.36 25.49 5.07
N ARG A 1085 0.94 25.10 3.86
CA ARG A 1085 0.74 26.08 2.80
C ARG A 1085 -0.38 27.06 3.16
N SER A 1086 -1.47 26.55 3.73
CA SER A 1086 -2.56 27.43 4.14
C SER A 1086 -2.16 28.33 5.30
N ALA A 1087 -1.32 27.86 6.21
CA ALA A 1087 -0.84 28.70 7.31
C ALA A 1087 0.04 29.82 6.79
N GLN A 1088 0.89 29.53 5.80
CA GLN A 1088 1.68 30.60 5.18
C GLN A 1088 0.79 31.62 4.49
N LEU A 1089 -0.25 31.16 3.78
CA LEU A 1089 -1.18 32.09 3.13
C LEU A 1089 -1.91 32.95 4.14
N ALA A 1090 -2.35 32.35 5.26
CA ALA A 1090 -3.07 33.10 6.27
C ALA A 1090 -2.16 34.09 6.99
N LYS A 1091 -0.89 33.73 7.20
CA LYS A 1091 0.06 34.66 7.79
C LYS A 1091 0.29 35.86 6.90
N ASP A 1092 0.47 35.63 5.59
CA ASP A 1092 0.61 36.74 4.65
C ASP A 1092 -0.66 37.58 4.60
N LYS A 1093 -1.82 36.95 4.71
CA LYS A 1093 -3.07 37.69 4.60
C LYS A 1093 -3.37 38.52 5.85
N VAL A 1094 -3.01 38.00 7.03
CA VAL A 1094 -3.12 38.80 8.25
C VAL A 1094 -2.16 39.97 8.18
N ASN A 1095 -0.93 39.74 7.71
CA ASN A 1095 0.04 40.83 7.67
C ASN A 1095 -0.27 41.86 6.58
N GLU A 1096 -1.02 41.49 5.54
CA GLU A 1096 -1.26 42.39 4.43
C GLU A 1096 -2.66 43.01 4.41
N CYS A 1097 -3.70 42.19 4.60
CA CYS A 1097 -5.07 42.67 4.44
C CYS A 1097 -5.61 43.35 5.69
N VAL A 1098 -5.42 42.76 6.87
CA VAL A 1098 -6.06 43.32 8.06
C VAL A 1098 -5.15 44.30 8.80
N LYS A 1099 -3.83 44.09 8.82
CA LYS A 1099 -2.95 44.97 9.57
C LYS A 1099 -2.54 46.20 8.78
N SER A 1100 -2.90 46.28 7.51
CA SER A 1100 -2.65 47.47 6.70
C SER A 1100 -3.63 47.47 5.54
N GLN A 1101 -3.78 48.63 4.92
CA GLN A 1101 -4.54 48.71 3.68
C GLN A 1101 -3.68 48.22 2.53
N SER A 1102 -4.26 47.40 1.66
CA SER A 1102 -3.52 46.70 0.64
C SER A 1102 -3.76 47.34 -0.72
N THR A 1103 -2.67 47.78 -1.36
CA THR A 1103 -2.71 48.20 -2.77
C THR A 1103 -2.20 47.05 -3.63
N ARG A 1104 -3.02 46.00 -3.69
CA ARG A 1104 -2.69 44.79 -4.44
C ARG A 1104 -4.02 44.20 -4.89
N SER A 1105 -4.25 44.18 -6.20
CA SER A 1105 -5.53 43.74 -6.73
C SER A 1105 -5.77 42.27 -6.45
N GLY A 1106 -7.02 41.91 -6.20
CA GLY A 1106 -7.44 40.54 -6.05
C GLY A 1106 -6.94 39.80 -4.84
N PHE A 1107 -5.94 40.33 -4.11
CA PHE A 1107 -5.42 39.63 -2.95
C PHE A 1107 -6.40 39.68 -1.79
N CYS A 1108 -6.98 40.85 -1.53
CA CYS A 1108 -7.86 41.00 -0.38
C CYS A 1108 -9.29 41.23 -0.85
N GLY A 1109 -9.73 40.43 -1.82
CA GLY A 1109 -11.10 40.45 -2.28
C GLY A 1109 -11.29 41.25 -3.55
N GLN A 1110 -12.49 41.13 -4.10
CA GLN A 1110 -12.82 41.86 -5.32
C GLN A 1110 -13.05 43.33 -5.03
N GLY A 1111 -12.88 44.15 -6.06
CA GLY A 1111 -13.03 45.58 -5.92
C GLY A 1111 -11.83 46.21 -5.23
N THR A 1112 -11.96 47.50 -4.95
CA THR A 1112 -10.91 48.24 -4.26
C THR A 1112 -10.99 47.94 -2.77
N HIS A 1113 -9.90 47.44 -2.20
CA HIS A 1113 -9.89 47.06 -0.78
C HIS A 1113 -9.99 48.29 0.11
N ILE A 1114 -10.87 48.21 1.11
CA ILE A 1114 -11.03 49.27 2.11
C ILE A 1114 -10.56 48.81 3.48
N VAL A 1115 -11.18 47.77 4.03
CA VAL A 1115 -10.83 47.27 5.35
C VAL A 1115 -11.04 45.76 5.35
N SER A 1116 -10.49 45.09 6.36
CA SER A 1116 -10.62 43.64 6.44
C SER A 1116 -10.59 43.21 7.90
N PHE A 1117 -11.36 42.18 8.20
CA PHE A 1117 -11.46 41.63 9.55
C PHE A 1117 -11.22 40.13 9.49
N VAL A 1118 -10.82 39.56 10.63
CA VAL A 1118 -10.56 38.14 10.75
C VAL A 1118 -11.12 37.65 12.09
N ILE A 1119 -11.78 36.50 12.06
CA ILE A 1119 -12.26 35.83 13.26
C ILE A 1119 -11.76 34.39 13.23
N ASN A 1120 -11.99 33.67 14.33
CA ASN A 1120 -11.59 32.28 14.44
C ASN A 1120 -12.73 31.38 13.99
N ALA A 1121 -12.44 30.48 13.06
CA ALA A 1121 -13.35 29.47 12.57
C ALA A 1121 -12.89 28.11 13.07
N PRO A 1122 -13.80 27.11 13.13
CA PRO A 1122 -13.38 25.76 13.52
C PRO A 1122 -12.28 25.20 12.64
N ASN A 1123 -11.09 25.07 13.24
CA ASN A 1123 -9.84 24.77 12.53
C ASN A 1123 -9.60 25.73 11.37
N GLY A 1124 -9.55 27.02 11.68
CA GLY A 1124 -9.20 27.97 10.64
C GLY A 1124 -9.40 29.41 11.07
N LEU A 1125 -9.13 30.30 10.12
CA LEU A 1125 -9.39 31.73 10.26
C LEU A 1125 -10.37 32.13 9.18
N TYR A 1126 -11.37 32.92 9.54
CA TYR A 1126 -12.40 33.39 8.62
C TYR A 1126 -12.21 34.88 8.37
N PHE A 1127 -11.94 35.24 7.13
CA PHE A 1127 -11.66 36.62 6.73
C PHE A 1127 -12.88 37.23 6.06
N MET A 1128 -13.14 38.49 6.38
CA MET A 1128 -14.18 39.28 5.73
C MET A 1128 -13.56 40.57 5.23
N HIS A 1129 -13.49 40.73 3.92
CA HIS A 1129 -12.88 41.90 3.29
C HIS A 1129 -13.98 42.84 2.82
N VAL A 1130 -14.02 44.03 3.38
CA VAL A 1130 -14.96 45.06 2.96
C VAL A 1130 -14.27 45.94 1.93
N GLY A 1131 -14.88 46.04 0.75
CA GLY A 1131 -14.27 46.72 -0.36
C GLY A 1131 -15.26 47.61 -1.09
N TYR A 1132 -14.70 48.54 -1.85
CA TYR A 1132 -15.45 49.58 -2.56
C TYR A 1132 -15.82 49.08 -3.95
N HIS A 1133 -17.11 49.11 -4.28
CA HIS A 1133 -17.57 48.59 -5.56
C HIS A 1133 -18.36 49.67 -6.30
N PRO A 1134 -17.96 50.08 -7.49
CA PRO A 1134 -18.79 51.01 -8.28
C PRO A 1134 -20.03 50.30 -8.80
N SER A 1135 -21.19 50.93 -8.64
CA SER A 1135 -22.45 50.35 -9.07
C SER A 1135 -22.96 50.94 -10.39
N GLN A 1136 -22.67 52.20 -10.67
CA GLN A 1136 -23.06 52.85 -11.91
C GLN A 1136 -21.87 53.61 -12.47
N HIS A 1137 -21.75 53.63 -13.80
CA HIS A 1137 -20.58 54.21 -14.45
C HIS A 1137 -21.01 55.33 -15.39
N ILE A 1138 -20.13 56.31 -15.55
CA ILE A 1138 -20.31 57.39 -16.50
C ILE A 1138 -18.99 57.62 -17.23
N GLU A 1139 -19.06 57.73 -18.56
CA GLU A 1139 -17.87 57.88 -19.39
C GLU A 1139 -17.72 59.34 -19.79
N VAL A 1140 -16.57 59.92 -19.47
CA VAL A 1140 -16.30 61.33 -19.75
C VAL A 1140 -14.93 61.46 -20.42
N VAL A 1141 -14.76 62.55 -21.15
CA VAL A 1141 -13.53 62.80 -21.89
C VAL A 1141 -12.50 63.43 -20.96
N ALA A 1142 -11.31 62.85 -20.92
CA ALA A 1142 -10.23 63.30 -20.05
C ALA A 1142 -8.96 63.49 -20.87
N ALA A 1143 -8.07 64.31 -20.32
CA ALA A 1143 -6.82 64.67 -20.97
C ALA A 1143 -5.64 64.26 -20.09
N TYR A 1144 -4.49 64.04 -20.74
CA TYR A 1144 -3.28 63.67 -20.01
C TYR A 1144 -2.78 64.82 -19.15
N GLY A 1145 -2.81 66.03 -19.70
CA GLY A 1145 -2.34 67.20 -18.97
C GLY A 1145 -2.80 68.45 -19.69
N LEU A 1146 -2.36 69.56 -19.13
CA LEU A 1146 -2.75 70.80 -19.67
C LEU A 1146 -1.54 71.74 -19.68
N CYS A 1147 -1.36 72.51 -20.74
CA CYS A 1147 -0.24 73.46 -20.87
C CYS A 1147 -0.81 74.76 -21.34
N ASP A 1148 -0.13 75.87 -21.09
CA ASP A 1148 -0.58 77.18 -21.59
C ASP A 1148 0.01 77.50 -22.98
N SER A 1149 -0.71 78.25 -23.85
CA SER A 1149 -0.12 78.44 -25.17
C SER A 1149 1.01 79.46 -25.17
N ALA A 1150 0.97 80.43 -24.25
CA ALA A 1150 2.02 81.44 -24.22
C ALA A 1150 3.34 80.84 -23.74
N ASN A 1151 3.31 80.11 -22.64
CA ASN A 1151 4.51 79.44 -22.11
C ASN A 1151 4.36 77.95 -22.30
N PRO A 1152 5.04 77.34 -23.27
CA PRO A 1152 4.86 75.90 -23.51
C PRO A 1152 5.43 75.00 -22.42
N THR A 1153 6.22 75.54 -21.49
CA THR A 1153 7.01 74.69 -20.60
C THR A 1153 6.21 74.22 -19.38
N ASN A 1154 5.56 75.15 -18.67
CA ASN A 1154 4.93 74.82 -17.38
C ASN A 1154 3.63 74.05 -17.63
N CYS A 1155 3.68 72.73 -17.52
CA CYS A 1155 2.51 71.96 -17.73
C CYS A 1155 2.17 71.28 -16.46
N ILE A 1156 0.96 70.78 -16.31
CA ILE A 1156 0.51 70.13 -15.08
C ILE A 1156 -0.15 68.80 -15.41
N ALA A 1157 -0.25 67.95 -14.39
CA ALA A 1157 -0.87 66.64 -14.48
C ALA A 1157 -1.60 66.35 -13.18
N PRO A 1158 -2.71 65.61 -13.22
CA PRO A 1158 -3.38 65.25 -11.97
C PRO A 1158 -2.61 64.20 -11.20
N VAL A 1159 -2.83 64.18 -9.89
CA VAL A 1159 -2.12 63.26 -9.01
C VAL A 1159 -2.93 62.00 -8.71
N ASN A 1160 -4.23 62.14 -8.45
CA ASN A 1160 -5.07 61.00 -8.13
C ASN A 1160 -6.42 61.09 -8.83
N GLY A 1161 -6.45 61.65 -10.03
CA GLY A 1161 -7.69 61.83 -10.75
C GLY A 1161 -7.44 62.13 -12.20
N TYR A 1162 -8.40 62.82 -12.81
CA TYR A 1162 -8.34 63.11 -14.23
C TYR A 1162 -8.75 64.55 -14.47
N PHE A 1163 -8.29 65.11 -15.59
CA PHE A 1163 -8.73 66.42 -16.04
C PHE A 1163 -9.88 66.20 -17.01
N ILE A 1164 -11.10 66.23 -16.50
CA ILE A 1164 -12.28 65.91 -17.30
C ILE A 1164 -12.83 67.18 -17.92
N LYS A 1165 -13.40 67.03 -19.11
CA LYS A 1165 -13.95 68.14 -19.87
C LYS A 1165 -15.47 68.13 -19.78
N ASN A 1166 -16.06 69.31 -19.70
CA ASN A 1166 -17.52 69.43 -19.66
C ASN A 1166 -18.06 69.83 -21.03
N GLU A 1174 -13.87 75.24 -18.05
CA GLU A 1174 -13.67 74.32 -19.15
C GLU A 1174 -13.26 72.95 -18.65
N TRP A 1175 -12.08 72.88 -18.04
CA TRP A 1175 -11.55 71.64 -17.49
C TRP A 1175 -11.73 71.62 -15.97
N SER A 1176 -12.03 70.44 -15.44
CA SER A 1176 -12.22 70.27 -14.00
C SER A 1176 -11.48 69.03 -13.55
N TYR A 1177 -11.18 68.98 -12.26
CA TYR A 1177 -10.57 67.82 -11.62
C TYR A 1177 -11.66 66.97 -11.00
N THR A 1178 -11.47 65.65 -11.05
CA THR A 1178 -12.38 64.71 -10.41
C THR A 1178 -11.57 63.62 -9.74
N GLY A 1179 -12.22 62.91 -8.82
CA GLY A 1179 -11.56 61.77 -8.20
C GLY A 1179 -11.58 60.55 -9.09
N SER A 1180 -10.73 59.58 -8.75
CA SER A 1180 -10.64 58.36 -9.53
C SER A 1180 -11.62 57.29 -9.06
N SER A 1181 -12.33 57.52 -7.97
CA SER A 1181 -13.28 56.54 -7.47
C SER A 1181 -14.67 57.11 -7.27
N PHE A 1182 -14.87 58.40 -7.51
CA PHE A 1182 -16.19 59.01 -7.44
C PHE A 1182 -16.20 60.20 -8.38
N TYR A 1183 -17.32 60.38 -9.09
CA TYR A 1183 -17.46 61.45 -10.06
C TYR A 1183 -17.94 62.71 -9.34
N ALA A 1184 -17.07 63.71 -9.25
CA ALA A 1184 -17.39 64.98 -8.63
C ALA A 1184 -16.48 66.07 -9.19
N PRO A 1185 -16.93 66.82 -10.18
CA PRO A 1185 -16.06 67.85 -10.80
C PRO A 1185 -15.89 69.04 -9.87
N GLU A 1186 -14.62 69.25 -9.57
CA GLU A 1186 -14.25 70.35 -8.74
C GLU A 1186 -13.17 71.14 -9.40
N PRO A 1187 -12.79 72.25 -8.81
CA PRO A 1187 -11.78 73.11 -9.39
C PRO A 1187 -10.36 72.57 -9.47
N ILE A 1188 -9.55 72.99 -10.46
CA ILE A 1188 -8.14 72.57 -10.56
C ILE A 1188 -7.26 73.50 -9.78
N THR A 1189 -6.73 73.09 -8.66
CA THR A 1189 -5.90 73.81 -7.70
C THR A 1189 -4.53 73.15 -7.64
N THR A 1190 -3.62 73.77 -6.88
CA THR A 1190 -2.28 73.23 -6.73
C THR A 1190 -2.24 71.98 -5.86
N LEU A 1191 -3.31 71.71 -5.10
CA LEU A 1191 -3.33 70.55 -4.23
C LEU A 1191 -3.53 69.25 -4.99
N ASN A 1192 -4.27 69.28 -6.09
CA ASN A 1192 -4.56 68.07 -6.86
C ASN A 1192 -3.79 67.99 -8.17
N THR A 1193 -2.74 68.80 -8.35
CA THR A 1193 -1.96 68.80 -9.57
C THR A 1193 -0.48 68.61 -9.27
N ARG A 1194 0.28 68.37 -10.33
CA ARG A 1194 1.71 68.13 -10.25
C ARG A 1194 2.37 68.75 -11.47
N TYR A 1195 3.44 69.51 -11.25
CA TYR A 1195 4.18 70.11 -12.36
C TYR A 1195 5.01 69.04 -13.04
N VAL A 1196 4.84 68.90 -14.36
CA VAL A 1196 5.48 67.84 -15.12
C VAL A 1196 6.12 68.42 -16.37
N ALA A 1197 6.96 67.61 -17.00
CA ALA A 1197 7.61 68.00 -18.24
C ALA A 1197 6.59 68.10 -19.38
N PRO A 1198 6.81 68.99 -20.35
CA PRO A 1198 5.85 69.12 -21.45
C PRO A 1198 5.83 67.88 -22.34
N GLN A 1199 4.67 67.62 -22.92
CA GLN A 1199 4.49 66.49 -23.81
C GLN A 1199 3.68 66.93 -25.02
N VAL A 1200 3.83 66.18 -26.12
CA VAL A 1200 3.10 66.48 -27.34
C VAL A 1200 1.61 66.20 -27.15
N THR A 1201 1.25 65.24 -26.30
CA THR A 1201 -0.13 64.84 -26.10
C THR A 1201 -0.90 65.74 -25.14
N PHE A 1202 -0.26 66.73 -24.53
CA PHE A 1202 -0.95 67.61 -23.62
C PHE A 1202 -1.82 68.61 -24.37
N GLN A 1203 -2.82 69.15 -23.67
CA GLN A 1203 -3.75 70.09 -24.27
C GLN A 1203 -3.28 71.52 -24.09
N ASN A 1204 -3.44 72.35 -25.11
CA ASN A 1204 -3.03 73.73 -25.05
C ASN A 1204 -4.25 74.61 -24.86
N ILE A 1205 -4.39 75.23 -23.72
CA ILE A 1205 -5.54 76.04 -23.34
C ILE A 1205 -5.07 77.46 -23.06
N SER A 1206 -5.77 78.43 -23.63
CA SER A 1206 -5.44 79.83 -23.43
C SER A 1206 -6.64 80.72 -23.11
N ASN A 1207 -7.87 80.28 -23.40
CA ASN A 1207 -9.03 81.11 -23.13
C ASN A 1207 -9.31 81.23 -21.64
N ASN A 1208 -9.21 80.12 -20.91
CA ASN A 1208 -9.46 80.12 -19.47
C ASN A 1208 -8.54 79.08 -18.84
N LEU A 1209 -7.60 79.54 -18.02
CA LEU A 1209 -6.58 78.67 -17.47
C LEU A 1209 -6.75 78.51 -15.96
N PRO A 1210 -6.39 77.36 -15.40
CA PRO A 1210 -6.51 77.15 -13.96
C PRO A 1210 -5.49 77.97 -13.19
N PRO A 1211 -5.72 78.16 -11.88
CA PRO A 1211 -4.78 78.93 -11.04
C PRO A 1211 -3.35 78.39 -11.01
N PRO A 1212 -3.10 77.06 -11.11
CA PRO A 1212 -1.69 76.65 -11.25
C PRO A 1212 -1.00 77.17 -12.49
N LEU A 1213 -1.71 77.38 -13.58
CA LEU A 1213 -1.10 77.85 -14.82
C LEU A 1213 -1.00 79.36 -14.91
N LEU A 1214 -1.54 80.10 -13.94
CA LEU A 1214 -1.45 81.55 -13.94
C LEU A 1214 -0.10 81.99 -13.39
N SER A 1215 0.68 82.69 -14.20
CA SER A 1215 1.98 83.20 -13.78
C SER A 1215 2.23 84.57 -14.42
N ILE B 21 7.59 -48.08 -34.31
CA ILE B 21 8.51 -48.26 -35.43
C ILE B 21 7.75 -48.14 -36.75
N VAL B 22 8.17 -47.19 -37.58
CA VAL B 22 7.59 -46.97 -38.90
C VAL B 22 8.67 -47.27 -39.94
N THR B 23 8.32 -48.07 -40.94
CA THR B 23 9.27 -48.45 -41.97
C THR B 23 9.62 -47.26 -42.86
N LEU B 24 10.89 -47.13 -43.19
CA LEU B 24 11.38 -46.04 -44.02
C LEU B 24 11.03 -46.29 -45.48
N PRO B 25 10.67 -45.26 -46.24
CA PRO B 25 10.43 -45.43 -47.67
C PRO B 25 11.73 -45.72 -48.40
N GLY B 26 11.64 -46.59 -49.41
CA GLY B 26 12.80 -47.01 -50.15
C GLY B 26 13.51 -48.21 -49.54
N ASN B 27 14.28 -48.89 -50.37
CA ASN B 27 15.01 -50.08 -49.95
C ASN B 27 16.37 -49.69 -49.37
N ASP B 28 17.03 -50.68 -48.79
CA ASP B 28 18.36 -50.48 -48.23
C ASP B 28 19.41 -50.54 -49.34
N ALA B 29 20.55 -49.92 -49.08
CA ALA B 29 21.63 -49.84 -50.06
C ALA B 29 22.62 -50.97 -49.86
N THR B 30 23.10 -51.56 -50.95
CA THR B 30 24.00 -52.72 -50.87
C THR B 30 25.47 -52.56 -51.18
N GLY B 31 25.79 -51.74 -52.14
CA GLY B 31 27.16 -51.53 -52.60
C GLY B 31 28.15 -50.76 -51.76
N TYR B 32 29.44 -50.92 -52.03
CA TYR B 32 30.46 -50.30 -51.21
C TYR B 32 30.41 -48.78 -51.22
N CYS B 33 30.71 -48.15 -50.10
CA CYS B 33 30.67 -46.70 -49.93
C CYS B 33 31.67 -45.91 -50.73
N PRO B 34 31.33 -44.70 -51.16
CA PRO B 34 32.23 -43.91 -52.02
C PRO B 34 33.62 -43.55 -51.50
N SER B 35 34.60 -43.30 -52.39
CA SER B 35 35.92 -42.88 -51.94
C SER B 35 35.92 -41.41 -51.55
N VAL B 36 36.66 -41.07 -50.50
CA VAL B 36 36.66 -39.74 -49.92
C VAL B 36 38.09 -39.23 -49.85
N ASP B 37 38.29 -37.98 -50.27
CA ASP B 37 39.54 -37.26 -50.03
C ASP B 37 39.25 -36.11 -49.07
N MET B 38 39.96 -36.08 -47.94
CA MET B 38 39.76 -35.08 -46.90
C MET B 38 40.92 -34.09 -46.95
N GLN B 39 40.62 -32.86 -47.35
CA GLN B 39 41.60 -31.78 -47.42
C GLN B 39 41.07 -30.60 -46.64
N PRO B 40 41.21 -30.60 -45.31
CA PRO B 40 40.66 -29.50 -44.50
C PRO B 40 41.41 -28.19 -44.64
N SER B 41 42.64 -28.19 -45.16
CA SER B 41 43.44 -26.98 -45.21
C SER B 41 42.91 -25.97 -46.22
N TYR B 42 42.18 -26.40 -47.24
CA TYR B 42 41.66 -25.46 -48.22
C TYR B 42 40.46 -24.68 -47.68
N PHE B 43 39.70 -25.26 -46.75
CA PHE B 43 38.50 -24.61 -46.27
C PHE B 43 38.78 -23.51 -45.26
N ILE B 44 39.98 -23.48 -44.67
CA ILE B 44 40.31 -22.44 -43.70
C ILE B 44 40.50 -21.08 -44.38
N GLN B 45 40.98 -21.08 -45.63
CA GLN B 45 41.20 -19.83 -46.34
C GLN B 45 39.89 -19.16 -46.78
N HIS B 46 38.77 -19.86 -46.69
CA HIS B 46 37.52 -19.29 -47.15
C HIS B 46 36.78 -18.53 -46.07
N ASN B 47 37.45 -18.20 -44.98
CA ASN B 47 36.81 -17.51 -43.84
C ASN B 47 36.33 -16.10 -44.06
N TRP B 48 35.25 -15.71 -43.40
CA TRP B 48 34.68 -14.40 -43.55
C TRP B 48 33.77 -14.15 -42.38
N PRO B 49 34.14 -13.23 -41.49
CA PRO B 49 33.36 -13.03 -40.27
C PRO B 49 31.91 -12.63 -40.52
N GLU B 50 31.04 -13.05 -39.61
CA GLU B 50 29.61 -12.77 -39.69
C GLU B 50 29.01 -12.85 -38.30
N PRO B 51 29.15 -11.82 -37.47
CA PRO B 51 28.70 -11.90 -36.08
C PRO B 51 27.20 -11.65 -35.96
N ILE B 52 26.70 -11.93 -34.76
CA ILE B 52 25.30 -11.69 -34.44
C ILE B 52 25.09 -10.21 -34.16
N ASP B 53 24.12 -9.61 -34.86
CA ASP B 53 23.76 -8.20 -34.67
C ASP B 53 22.37 -8.15 -34.06
N MET B 54 22.28 -7.64 -32.82
CA MET B 54 20.99 -7.54 -32.15
C MET B 54 20.12 -6.42 -32.73
N ASN B 55 20.71 -5.48 -33.47
CA ASN B 55 19.92 -4.39 -34.03
C ASN B 55 19.01 -4.88 -35.16
N LYS B 56 19.42 -5.92 -35.86
CA LYS B 56 18.59 -6.55 -36.88
C LYS B 56 17.79 -7.73 -36.33
N ALA B 57 17.98 -8.07 -35.06
CA ALA B 57 17.32 -9.19 -34.38
C ALA B 57 17.57 -10.51 -35.14
N ASP B 58 18.84 -10.90 -35.18
CA ASP B 58 19.29 -12.00 -36.03
C ASP B 58 18.78 -13.37 -35.58
N GLY B 59 19.18 -13.82 -34.39
CA GLY B 59 18.83 -15.16 -33.97
C GLY B 59 17.62 -15.23 -33.07
N VAL B 60 16.81 -14.17 -33.08
CA VAL B 60 15.72 -14.03 -32.13
C VAL B 60 14.57 -14.95 -32.54
N ILE B 61 14.11 -15.76 -31.59
CA ILE B 61 12.98 -16.66 -31.79
C ILE B 61 11.71 -15.93 -31.39
N TYR B 62 10.73 -15.91 -32.30
CA TYR B 62 9.47 -15.25 -32.00
C TYR B 62 8.71 -16.02 -30.91
N PRO B 63 8.12 -15.33 -29.94
CA PRO B 63 7.34 -16.02 -28.91
C PRO B 63 6.14 -16.74 -29.48
N ASN B 64 5.87 -17.93 -28.95
CA ASN B 64 4.77 -18.75 -29.43
C ASN B 64 3.45 -18.21 -28.90
N GLY B 65 2.43 -18.20 -29.77
CA GLY B 65 1.14 -17.70 -29.39
C GLY B 65 0.70 -16.51 -30.22
N ARG B 66 0.29 -15.43 -29.56
CA ARG B 66 -0.22 -14.26 -30.23
C ARG B 66 0.93 -13.45 -30.84
N THR B 67 0.56 -12.50 -31.70
CA THR B 67 1.51 -11.57 -32.30
C THR B 67 1.39 -10.22 -31.61
N TYR B 68 2.52 -9.54 -31.47
CA TYR B 68 2.59 -8.24 -30.81
C TYR B 68 2.90 -7.16 -31.84
N SER B 69 2.42 -5.95 -31.56
CA SER B 69 2.64 -4.81 -32.45
C SER B 69 2.78 -3.56 -31.60
N ASN B 70 3.78 -2.74 -31.93
CA ASN B 70 4.12 -1.51 -31.19
C ASN B 70 4.33 -1.78 -29.71
N ILE B 71 5.01 -2.88 -29.41
CA ILE B 71 5.17 -3.35 -28.03
C ILE B 71 6.66 -3.59 -27.78
N THR B 72 7.15 -3.05 -26.66
CA THR B 72 8.48 -3.38 -26.17
C THR B 72 8.33 -4.47 -25.10
N LEU B 73 8.95 -5.62 -25.34
CA LEU B 73 8.75 -6.79 -24.50
C LEU B 73 10.05 -7.16 -23.79
N GLN B 74 9.98 -7.29 -22.48
CA GLN B 74 11.09 -7.80 -21.68
C GLN B 74 10.96 -9.31 -21.58
N THR B 75 11.97 -10.04 -22.04
CA THR B 75 11.87 -11.48 -22.17
C THR B 75 13.19 -12.14 -21.75
N THR B 76 13.10 -13.13 -20.87
CA THR B 76 14.22 -14.01 -20.53
C THR B 76 13.91 -15.37 -21.13
N ASN B 77 14.57 -15.70 -22.23
CA ASN B 77 14.34 -16.95 -22.94
C ASN B 77 15.66 -17.36 -23.61
N LEU B 78 15.57 -18.25 -24.59
CA LEU B 78 16.76 -18.74 -25.29
C LEU B 78 17.08 -17.76 -26.43
N PHE B 79 18.22 -17.09 -26.32
CA PHE B 79 18.63 -16.08 -27.28
C PHE B 79 20.14 -16.18 -27.50
N PRO B 80 20.63 -15.75 -28.65
CA PRO B 80 22.09 -15.73 -28.86
C PRO B 80 22.73 -14.44 -28.37
N LYS B 81 23.98 -14.57 -27.92
CA LYS B 81 24.73 -13.41 -27.45
C LYS B 81 25.13 -12.53 -28.63
N ASN B 82 25.14 -11.22 -28.39
CA ASN B 82 25.57 -10.29 -29.42
C ASN B 82 27.07 -10.38 -29.65
N GLY B 83 27.49 -10.22 -30.90
CA GLY B 83 28.88 -10.36 -31.25
C GLY B 83 29.38 -11.77 -31.32
N ASP B 84 28.50 -12.76 -31.22
CA ASP B 84 28.91 -14.16 -31.28
C ASP B 84 29.21 -14.51 -32.74
N LEU B 85 30.47 -14.87 -33.01
CA LEU B 85 30.86 -15.17 -34.37
C LEU B 85 30.35 -16.54 -34.82
N GLY B 86 30.21 -17.48 -33.89
CA GLY B 86 29.79 -18.81 -34.24
C GLY B 86 30.91 -19.57 -34.94
N THR B 87 30.56 -20.76 -35.40
CA THR B 87 31.47 -21.62 -36.15
C THR B 87 31.03 -21.65 -37.60
N GLN B 88 31.96 -21.36 -38.50
CA GLN B 88 31.68 -21.31 -39.93
C GLN B 88 31.97 -22.67 -40.55
N TYR B 89 31.01 -23.19 -41.32
CA TYR B 89 31.17 -24.44 -42.05
C TYR B 89 31.04 -24.14 -43.54
N VAL B 90 31.98 -24.66 -44.33
CA VAL B 90 32.07 -24.36 -45.75
C VAL B 90 31.90 -25.65 -46.54
N TYR B 91 31.02 -25.62 -47.53
CA TYR B 91 30.91 -26.70 -48.50
C TYR B 91 31.54 -26.27 -49.82
N SER B 92 32.23 -27.19 -50.47
CA SER B 92 32.96 -26.91 -51.69
C SER B 92 32.42 -27.75 -52.84
N ALA B 93 32.42 -27.18 -54.04
CA ALA B 93 31.93 -27.85 -55.25
C ALA B 93 33.03 -27.77 -56.31
N SER B 94 33.94 -28.73 -56.30
CA SER B 94 35.02 -28.77 -57.27
C SER B 94 35.01 -30.09 -58.05
N ALA B 103 35.53 -35.98 -54.20
CA ALA B 103 34.60 -35.57 -53.15
C ALA B 103 34.94 -34.18 -52.63
N PHE B 104 36.16 -34.04 -52.10
CA PHE B 104 36.71 -32.78 -51.58
C PHE B 104 35.82 -32.23 -50.45
N ILE B 105 35.81 -32.97 -49.35
CA ILE B 105 35.10 -32.56 -48.15
C ILE B 105 36.11 -32.26 -47.04
N SER B 106 35.62 -31.61 -45.99
CA SER B 106 36.43 -31.33 -44.80
C SER B 106 36.26 -32.45 -43.80
N ASN B 107 36.72 -32.23 -42.56
CA ASN B 107 36.61 -33.22 -41.50
C ASN B 107 35.57 -32.81 -40.46
N TYR B 108 34.46 -32.23 -40.92
CA TYR B 108 33.39 -31.79 -40.03
C TYR B 108 32.71 -32.94 -39.31
N SER B 109 32.78 -34.16 -39.86
CA SER B 109 32.14 -35.31 -39.25
C SER B 109 32.89 -35.83 -38.03
N TYR B 110 34.12 -35.35 -37.79
CA TYR B 110 34.90 -35.82 -36.65
C TYR B 110 34.59 -35.07 -35.37
N TYR B 111 33.79 -34.01 -35.42
CA TYR B 111 33.57 -33.13 -34.28
C TYR B 111 32.26 -33.46 -33.60
N GLY B 112 32.30 -33.57 -32.28
CA GLY B 112 31.08 -33.57 -31.50
C GLY B 112 30.92 -32.25 -30.78
N ASN B 113 30.08 -31.38 -31.31
CA ASN B 113 29.99 -30.07 -30.66
C ASN B 113 28.86 -30.08 -29.64
N PRO B 114 29.04 -29.39 -28.51
CA PRO B 114 28.02 -29.40 -27.46
C PRO B 114 26.75 -28.70 -27.90
N PHE B 115 25.63 -29.41 -27.77
CA PHE B 115 24.34 -28.83 -28.13
C PHE B 115 23.95 -27.71 -27.18
N GLY B 116 24.09 -27.94 -25.88
CA GLY B 116 23.69 -26.93 -24.90
C GLY B 116 22.19 -26.77 -24.87
N ASP B 117 21.74 -25.52 -24.83
CA ASP B 117 20.32 -25.22 -24.84
C ASP B 117 19.72 -25.25 -26.24
N GLY B 118 20.53 -25.24 -27.27
CA GLY B 118 20.05 -25.22 -28.63
C GLY B 118 21.00 -24.46 -29.52
N ILE B 119 20.75 -24.54 -30.83
CA ILE B 119 21.56 -23.85 -31.82
C ILE B 119 20.64 -23.07 -32.75
N VAL B 120 21.20 -22.04 -33.37
CA VAL B 120 20.54 -21.30 -34.43
C VAL B 120 21.54 -21.17 -35.58
N ILE B 121 21.05 -21.28 -36.81
CA ILE B 121 21.89 -21.39 -37.99
C ILE B 121 21.54 -20.27 -38.95
N ARG B 122 22.56 -19.58 -39.45
CA ARG B 122 22.41 -18.61 -40.53
C ARG B 122 22.79 -19.29 -41.83
N ILE B 123 21.83 -19.42 -42.74
CA ILE B 123 21.98 -20.24 -43.94
C ILE B 123 22.19 -19.31 -45.13
N GLY B 124 23.43 -19.24 -45.61
CA GLY B 124 23.73 -18.56 -46.85
C GLY B 124 23.82 -17.04 -46.69
N GLN B 125 24.41 -16.41 -47.70
CA GLN B 125 24.52 -14.96 -47.77
C GLN B 125 24.02 -14.42 -49.10
N ASN B 126 23.36 -15.25 -49.91
CA ASN B 126 22.87 -14.84 -51.22
C ASN B 126 21.67 -13.91 -51.10
N LYS B 143 25.15 -21.95 -54.85
CA LYS B 143 25.51 -20.69 -54.20
C LYS B 143 25.10 -20.70 -52.73
N LYS B 144 23.87 -21.16 -52.49
CA LYS B 144 23.33 -21.30 -51.14
C LYS B 144 22.94 -22.75 -50.94
N ILE B 145 23.65 -23.45 -50.06
CA ILE B 145 23.46 -24.88 -49.84
C ILE B 145 23.05 -25.08 -48.39
N TYR B 146 21.95 -25.82 -48.19
CA TYR B 146 21.43 -26.07 -46.85
C TYR B 146 22.34 -27.02 -46.08
N PRO B 147 22.40 -26.89 -44.76
CA PRO B 147 23.24 -27.79 -43.96
C PRO B 147 22.59 -29.16 -43.80
N ALA B 148 23.46 -30.13 -43.52
CA ALA B 148 23.04 -31.47 -43.11
C ALA B 148 23.52 -31.69 -41.68
N LEU B 149 22.63 -32.14 -40.81
CA LEU B 149 22.90 -32.22 -39.39
C LEU B 149 22.73 -33.64 -38.89
N MET B 150 23.41 -33.92 -37.77
CA MET B 150 23.29 -35.20 -37.06
C MET B 150 23.36 -34.90 -35.58
N LEU B 151 22.25 -35.11 -34.88
CA LEU B 151 22.14 -34.77 -33.46
C LEU B 151 21.88 -36.03 -32.66
N GLY B 152 22.57 -36.14 -31.52
CA GLY B 152 22.41 -37.32 -30.69
C GLY B 152 22.79 -37.02 -29.25
N SER B 153 22.69 -38.05 -28.42
CA SER B 153 22.97 -37.93 -27.00
C SER B 153 24.33 -38.49 -26.60
N SER B 154 24.83 -39.48 -27.34
CA SER B 154 26.12 -40.09 -27.06
C SER B 154 27.02 -39.92 -28.28
N PHE B 155 28.27 -39.56 -28.03
CA PHE B 155 29.25 -39.36 -29.08
C PHE B 155 30.52 -40.12 -28.74
N GLY B 156 31.18 -40.66 -29.75
CA GLY B 156 32.39 -41.43 -29.51
C GLY B 156 33.03 -41.87 -30.80
N ASN B 157 34.04 -42.73 -30.65
CA ASN B 157 34.80 -43.25 -31.78
C ASN B 157 34.10 -44.48 -32.36
N PHE B 158 34.30 -44.69 -33.65
CA PHE B 158 33.98 -45.98 -34.24
C PHE B 158 34.93 -47.03 -33.69
N SER B 159 34.38 -48.18 -33.29
CA SER B 159 35.17 -49.16 -32.54
C SER B 159 36.18 -49.90 -33.42
N ALA B 160 36.01 -49.86 -34.74
CA ALA B 160 36.86 -50.67 -35.62
C ALA B 160 38.02 -49.90 -36.24
N ASN B 161 38.00 -48.56 -36.22
CA ASN B 161 39.07 -47.80 -36.83
C ASN B 161 39.50 -46.59 -36.02
N ASN B 162 38.96 -46.41 -34.80
CA ASN B 162 39.32 -45.33 -33.88
C ASN B 162 39.09 -43.95 -34.48
N LYS B 163 38.10 -43.82 -35.36
CA LYS B 163 37.78 -42.54 -35.98
C LYS B 163 36.54 -41.96 -35.30
N SER B 164 36.65 -40.72 -34.86
CA SER B 164 35.54 -40.08 -34.16
C SER B 164 34.40 -39.80 -35.13
N GLY B 165 33.18 -39.74 -34.58
CA GLY B 165 32.02 -39.45 -35.40
C GLY B 165 30.94 -40.50 -35.29
N ALA B 166 30.95 -41.28 -34.21
CA ALA B 166 29.97 -42.33 -34.00
C ALA B 166 28.93 -41.86 -33.00
N TYR B 167 27.66 -41.95 -33.39
CA TYR B 167 26.55 -41.61 -32.52
C TYR B 167 25.88 -42.90 -32.06
N PHE B 168 25.77 -43.07 -30.75
CA PHE B 168 25.17 -44.27 -30.17
C PHE B 168 23.71 -44.02 -29.84
N ASN B 169 22.95 -45.11 -29.79
CA ASN B 169 21.51 -45.14 -29.54
C ASN B 169 20.79 -44.33 -30.62
N HIS B 170 19.64 -43.75 -30.30
CA HIS B 170 18.84 -43.07 -31.32
C HIS B 170 19.48 -41.75 -31.71
N THR B 171 19.51 -41.48 -33.01
CA THR B 171 20.16 -40.30 -33.58
C THR B 171 19.17 -39.55 -34.45
N LEU B 172 19.18 -38.23 -34.36
CA LEU B 172 18.30 -37.39 -35.16
C LEU B 172 19.03 -36.94 -36.42
N LEU B 173 18.47 -37.26 -37.58
CA LEU B 173 19.05 -36.93 -38.87
C LEU B 173 18.22 -35.85 -39.53
N ILE B 174 18.88 -34.79 -40.00
CA ILE B 174 18.25 -33.75 -40.80
C ILE B 174 19.00 -33.70 -42.12
N LEU B 175 18.37 -34.18 -43.19
CA LEU B 175 19.03 -34.42 -44.47
C LEU B 175 18.35 -33.63 -45.57
N PRO B 176 19.04 -32.68 -46.21
CA PRO B 176 18.49 -32.05 -47.40
C PRO B 176 18.59 -32.98 -48.61
N SER B 177 17.70 -32.76 -49.56
CA SER B 177 17.66 -33.57 -50.78
C SER B 177 17.37 -32.67 -51.97
N LYS B 178 17.50 -33.25 -53.16
CA LYS B 178 17.38 -32.56 -54.46
C LYS B 178 18.43 -31.44 -54.47
N CYS B 179 18.06 -30.21 -54.77
CA CYS B 179 18.95 -29.05 -54.66
C CYS B 179 18.69 -28.29 -53.38
N GLY B 180 18.36 -29.01 -52.30
CA GLY B 180 17.93 -28.39 -51.07
C GLY B 180 16.46 -28.08 -50.99
N THR B 181 15.64 -28.63 -51.89
CA THR B 181 14.22 -28.33 -51.95
C THR B 181 13.37 -29.31 -51.14
N VAL B 182 13.93 -30.45 -50.73
CA VAL B 182 13.20 -31.45 -49.95
C VAL B 182 14.05 -31.84 -48.75
N PHE B 183 13.46 -31.83 -47.57
CA PHE B 183 14.15 -32.19 -46.34
C PHE B 183 13.61 -33.48 -45.77
N GLN B 184 14.48 -34.22 -45.08
CA GLN B 184 14.10 -35.47 -44.46
C GLN B 184 14.55 -35.50 -43.01
N VAL B 185 13.62 -35.67 -42.09
CA VAL B 185 13.91 -35.70 -40.66
C VAL B 185 13.63 -37.10 -40.15
N ALA B 186 14.64 -37.74 -39.59
CA ALA B 186 14.52 -39.10 -39.08
C ALA B 186 15.19 -39.19 -37.72
N TYR B 187 14.57 -39.95 -36.82
CA TYR B 187 15.08 -40.16 -35.46
C TYR B 187 15.31 -41.65 -35.25
N CYS B 188 16.52 -42.12 -35.55
CA CYS B 188 16.80 -43.55 -35.51
C CYS B 188 18.28 -43.88 -35.49
N LEU B 189 18.55 -45.15 -35.22
CA LEU B 189 19.90 -45.66 -34.97
C LEU B 189 20.73 -45.65 -36.23
N LEU B 190 22.05 -45.61 -36.04
CA LEU B 190 23.02 -45.59 -37.13
C LEU B 190 23.97 -46.76 -36.91
N GLN B 191 23.61 -47.93 -37.45
CA GLN B 191 24.46 -49.09 -37.37
C GLN B 191 25.47 -49.07 -38.50
N PRO B 192 26.77 -49.08 -38.22
CA PRO B 192 27.77 -49.03 -39.29
C PRO B 192 27.75 -50.27 -40.16
N ARG B 193 28.08 -50.07 -41.43
CA ARG B 193 28.10 -51.16 -42.42
C ARG B 193 29.53 -51.66 -42.60
N THR B 194 29.69 -52.98 -42.66
CA THR B 194 30.99 -53.60 -42.86
C THR B 194 31.20 -53.82 -44.35
N GLU B 195 31.78 -52.81 -45.00
CA GLU B 195 32.04 -52.86 -46.44
C GLU B 195 33.14 -51.84 -46.70
N SER B 196 33.66 -51.84 -47.93
CA SER B 196 34.80 -51.00 -48.28
C SER B 196 34.46 -49.52 -48.16
N LYS B 197 35.37 -48.77 -47.52
CA LYS B 197 35.28 -47.32 -47.27
C LYS B 197 34.08 -46.94 -46.40
N CYS B 198 33.53 -47.90 -45.66
CA CYS B 198 32.39 -47.70 -44.77
C CYS B 198 32.86 -47.73 -43.32
N PRO B 199 32.13 -47.08 -42.39
CA PRO B 199 32.61 -46.97 -41.01
C PRO B 199 32.83 -48.29 -40.27
N GLY B 200 32.25 -49.39 -40.74
CA GLY B 200 32.57 -50.69 -40.18
C GLY B 200 33.98 -51.14 -40.46
N ASN B 201 34.53 -50.75 -41.60
CA ASN B 201 35.87 -51.18 -42.01
C ASN B 201 36.93 -50.22 -41.49
N SER B 202 38.19 -50.66 -41.59
CA SER B 202 39.33 -49.84 -41.21
C SER B 202 39.73 -48.86 -42.31
N ASN B 203 39.20 -49.01 -43.52
CA ASN B 203 39.49 -48.09 -44.62
C ASN B 203 38.70 -46.79 -44.52
N TYR B 204 37.81 -46.67 -43.55
CA TYR B 204 36.93 -45.51 -43.45
C TYR B 204 37.71 -44.26 -43.11
N VAL B 205 37.37 -43.16 -43.80
CA VAL B 205 37.93 -41.84 -43.51
C VAL B 205 36.83 -40.86 -43.10
N SER B 206 35.77 -40.77 -43.89
CA SER B 206 34.64 -39.91 -43.56
C SER B 206 33.42 -40.35 -44.35
N TYR B 207 32.24 -39.96 -43.84
CA TYR B 207 30.99 -40.13 -44.53
C TYR B 207 30.50 -38.77 -45.01
N PHE B 208 29.76 -38.77 -46.12
CA PHE B 208 29.37 -37.51 -46.74
C PHE B 208 28.13 -37.72 -47.59
N LEU B 209 27.48 -36.61 -47.93
CA LEU B 209 26.32 -36.59 -48.81
C LEU B 209 26.75 -36.01 -50.15
N ALA B 210 26.43 -36.72 -51.24
CA ALA B 210 26.90 -36.36 -52.57
C ALA B 210 25.74 -35.96 -53.46
N ASP B 211 25.86 -34.79 -54.09
CA ASP B 211 24.85 -34.34 -55.04
C ASP B 211 25.45 -34.45 -56.44
N THR B 219 12.02 -35.05 -63.31
CA THR B 219 11.18 -35.03 -62.12
C THR B 219 10.90 -36.44 -61.62
N SER B 220 11.75 -37.37 -62.01
CA SER B 220 11.62 -38.75 -61.56
C SER B 220 11.88 -38.86 -60.06
N ASP B 221 11.26 -39.86 -59.44
CA ASP B 221 11.38 -40.04 -58.00
C ASP B 221 12.75 -40.61 -57.64
N GLU B 222 12.98 -40.69 -56.32
CA GLU B 222 14.23 -41.11 -55.66
C GLU B 222 15.35 -40.09 -55.86
N ILE B 223 15.08 -39.02 -56.60
CA ILE B 223 15.88 -37.81 -56.47
C ILE B 223 15.41 -37.02 -55.26
N ARG B 224 14.13 -37.16 -54.91
CA ARG B 224 13.57 -36.49 -53.73
C ARG B 224 14.09 -37.08 -52.43
N ARG B 225 14.65 -38.28 -52.45
CA ARG B 225 15.21 -38.93 -51.27
C ARG B 225 16.64 -39.35 -51.50
N ASN B 226 17.42 -38.52 -52.21
CA ASN B 226 18.79 -38.89 -52.52
C ASN B 226 19.71 -38.75 -51.31
N GLY B 227 19.44 -37.80 -50.42
CA GLY B 227 20.24 -37.69 -49.20
C GLY B 227 20.09 -38.88 -48.28
N LEU B 228 18.87 -39.43 -48.22
CA LEU B 228 18.65 -40.66 -47.46
C LEU B 228 19.40 -41.83 -48.06
N ARG B 229 19.47 -41.89 -49.41
CA ARG B 229 20.26 -42.93 -50.06
C ARG B 229 21.74 -42.77 -49.76
N ASP B 230 22.23 -41.53 -49.75
CA ASP B 230 23.63 -41.28 -49.45
C ASP B 230 23.98 -41.67 -48.02
N ILE B 231 23.10 -41.36 -47.06
CA ILE B 231 23.38 -41.75 -45.69
C ILE B 231 23.14 -43.25 -45.48
N ARG B 232 22.37 -43.91 -46.35
CA ARG B 232 22.10 -45.32 -46.19
C ARG B 232 23.27 -46.19 -46.70
N LYS B 233 24.15 -45.62 -47.52
CA LYS B 233 25.33 -46.36 -47.94
C LYS B 233 26.30 -46.57 -46.79
N PHE B 234 26.39 -45.61 -45.87
CA PHE B 234 27.33 -45.70 -44.75
C PHE B 234 26.73 -46.36 -43.52
N PHE B 235 25.44 -46.14 -43.27
CA PHE B 235 24.80 -46.61 -42.05
C PHE B 235 23.54 -47.39 -42.38
N ASN B 236 23.17 -48.28 -41.47
CA ASN B 236 21.93 -49.04 -41.55
C ASN B 236 20.92 -48.41 -40.61
N LEU B 237 19.81 -47.92 -41.16
CA LEU B 237 18.81 -47.18 -40.39
C LEU B 237 17.73 -48.18 -39.95
N VAL B 238 17.79 -48.59 -38.67
CA VAL B 238 16.90 -49.61 -38.16
C VAL B 238 16.10 -49.05 -36.97
N ASN B 239 14.93 -49.67 -36.74
CA ASN B 239 14.09 -49.44 -35.57
C ASN B 239 13.71 -47.96 -35.41
N CYS B 240 13.09 -47.41 -36.44
CA CYS B 240 13.15 -45.97 -36.61
C CYS B 240 11.76 -45.37 -36.40
N THR B 241 11.62 -44.62 -35.31
CA THR B 241 10.33 -44.28 -34.73
C THR B 241 9.76 -42.96 -35.23
N TYR B 242 10.49 -42.21 -36.06
CA TYR B 242 9.94 -40.97 -36.60
C TYR B 242 10.60 -40.71 -37.95
N PHE B 243 9.76 -40.47 -38.96
CA PHE B 243 10.23 -40.01 -40.25
C PHE B 243 9.24 -38.98 -40.77
N GLU B 244 9.76 -37.87 -41.28
CA GLU B 244 8.92 -36.83 -41.84
C GLU B 244 9.68 -36.19 -43.00
N GLU B 245 8.92 -35.65 -43.95
CA GLU B 245 9.48 -35.05 -45.15
C GLU B 245 8.81 -33.69 -45.35
N PHE B 246 9.62 -32.66 -45.59
CA PHE B 246 9.14 -31.30 -45.71
C PHE B 246 9.51 -30.74 -47.08
N ASN B 247 8.53 -30.18 -47.78
CA ASN B 247 8.78 -29.46 -49.01
C ASN B 247 9.09 -28.00 -48.71
N VAL B 248 10.19 -27.51 -49.27
CA VAL B 248 10.55 -26.10 -49.15
C VAL B 248 10.69 -25.52 -50.56
N THR B 249 10.22 -24.29 -50.73
CA THR B 249 10.28 -23.62 -52.02
C THR B 249 11.70 -23.11 -52.26
N ALA B 250 12.23 -23.39 -53.45
CA ALA B 250 13.56 -22.92 -53.81
C ALA B 250 13.58 -21.41 -53.90
N ASP B 251 14.56 -20.80 -53.23
CA ASP B 251 14.61 -19.35 -53.14
C ASP B 251 16.05 -18.90 -52.88
N GLU B 252 16.34 -17.66 -53.24
CA GLU B 252 17.69 -17.12 -53.15
C GLU B 252 17.94 -16.35 -51.86
N ARG B 253 16.92 -16.08 -51.06
CA ARG B 253 17.12 -15.28 -49.85
C ARG B 253 17.85 -16.09 -48.78
N ALA B 254 18.44 -15.37 -47.84
CA ALA B 254 19.12 -15.98 -46.70
C ALA B 254 18.14 -16.11 -45.55
N GLU B 255 17.94 -17.33 -45.07
CA GLU B 255 17.00 -17.62 -44.00
C GLU B 255 17.75 -18.21 -42.81
N TRP B 256 17.00 -18.48 -41.75
CA TRP B 256 17.53 -18.98 -40.50
C TRP B 256 16.87 -20.32 -40.15
N PHE B 257 17.52 -21.04 -39.25
CA PHE B 257 17.02 -22.33 -38.80
C PHE B 257 17.54 -22.57 -37.38
N GLY B 258 16.68 -23.05 -36.51
CA GLY B 258 17.04 -23.25 -35.12
C GLY B 258 16.44 -24.52 -34.56
N ILE B 259 17.17 -25.12 -33.63
CA ILE B 259 16.77 -26.37 -32.97
C ILE B 259 16.74 -26.12 -31.47
N VAL B 260 15.59 -26.36 -30.84
CA VAL B 260 15.40 -26.18 -29.41
C VAL B 260 14.73 -27.43 -28.86
N GLN B 261 15.23 -27.92 -27.73
CA GLN B 261 14.65 -29.09 -27.06
C GLN B 261 14.13 -28.69 -25.68
N ASP B 262 12.93 -29.15 -25.35
CA ASP B 262 12.38 -29.01 -24.01
C ASP B 262 11.66 -30.31 -23.66
N ALA B 263 10.80 -30.26 -22.65
CA ALA B 263 10.08 -31.46 -22.22
C ALA B 263 9.06 -31.93 -23.26
N GLN B 264 8.59 -31.03 -24.11
CA GLN B 264 7.62 -31.40 -25.14
C GLN B 264 8.26 -32.07 -26.35
N GLY B 265 9.59 -32.05 -26.45
CA GLY B 265 10.29 -32.65 -27.56
C GLY B 265 11.27 -31.66 -28.17
N VAL B 266 11.65 -31.92 -29.41
CA VAL B 266 12.59 -31.08 -30.14
C VAL B 266 11.80 -30.19 -31.09
N HIS B 267 12.00 -28.87 -30.97
CA HIS B 267 11.30 -27.89 -31.79
C HIS B 267 12.23 -27.39 -32.88
N LEU B 268 11.72 -27.38 -34.11
CA LEU B 268 12.45 -26.87 -35.26
C LEU B 268 11.85 -25.53 -35.67
N TYR B 269 12.70 -24.52 -35.79
CA TYR B 269 12.28 -23.17 -36.13
C TYR B 269 12.85 -22.79 -37.49
N THR B 270 12.14 -21.92 -38.20
CA THR B 270 12.62 -21.42 -39.47
C THR B 270 12.02 -20.04 -39.72
N SER B 271 12.76 -19.23 -40.48
CA SER B 271 12.24 -17.96 -40.97
C SER B 271 11.67 -18.11 -42.38
N ARG B 272 10.80 -19.06 -42.63
CA ARG B 272 10.24 -19.15 -43.97
C ARG B 272 8.98 -18.34 -44.09
N LYS B 273 8.52 -17.69 -43.04
CA LYS B 273 7.41 -16.74 -43.15
C LYS B 273 7.97 -15.48 -43.81
N ASN B 274 7.72 -15.33 -45.12
CA ASN B 274 8.34 -14.28 -45.92
C ASN B 274 7.55 -12.97 -45.91
N GLY B 275 6.77 -12.72 -44.85
CA GLY B 275 6.06 -11.47 -44.73
C GLY B 275 7.03 -10.33 -44.45
N PHE B 276 7.11 -9.38 -45.39
CA PHE B 276 7.92 -8.15 -45.26
C PHE B 276 9.40 -8.45 -45.06
N ASN B 277 9.87 -9.57 -45.63
CA ASN B 277 11.28 -10.00 -45.61
C ASN B 277 11.82 -10.09 -44.18
N SER B 278 11.03 -10.66 -43.28
CA SER B 278 11.44 -10.83 -41.91
C SER B 278 12.42 -12.00 -41.78
N ASN B 279 13.26 -11.94 -40.75
CA ASN B 279 14.22 -13.00 -40.46
C ASN B 279 14.02 -13.60 -39.07
N ASN B 280 12.86 -13.38 -38.47
CA ASN B 280 12.57 -13.96 -37.17
C ASN B 280 12.24 -15.43 -37.31
N LEU B 281 12.68 -16.23 -36.34
CA LEU B 281 12.45 -17.66 -36.39
C LEU B 281 11.07 -17.99 -35.83
N PHE B 282 10.32 -18.78 -36.58
CA PHE B 282 8.98 -19.22 -36.21
C PHE B 282 8.94 -20.74 -36.14
N LEU B 283 8.15 -21.26 -35.20
CA LEU B 283 8.01 -22.70 -35.03
C LEU B 283 7.27 -23.30 -36.23
N PHE B 284 7.79 -24.40 -36.76
CA PHE B 284 7.14 -25.07 -37.87
C PHE B 284 7.04 -26.59 -37.73
N ALA B 285 7.74 -27.22 -36.81
CA ALA B 285 7.64 -28.67 -36.65
C ALA B 285 7.99 -29.04 -35.21
N THR B 286 7.51 -30.21 -34.79
CA THR B 286 7.82 -30.76 -33.49
C THR B 286 8.14 -32.24 -33.65
N VAL B 287 9.34 -32.63 -33.25
CA VAL B 287 9.82 -34.01 -33.35
C VAL B 287 9.78 -34.62 -31.95
N PRO B 288 9.10 -35.75 -31.75
CA PRO B 288 9.07 -36.33 -30.40
C PRO B 288 10.37 -37.00 -30.03
N ILE B 289 11.19 -36.30 -29.23
CA ILE B 289 12.46 -36.79 -28.74
C ILE B 289 12.52 -36.48 -27.26
N TYR B 290 12.65 -37.51 -26.43
CA TYR B 290 12.62 -37.32 -24.99
C TYR B 290 13.94 -37.66 -24.31
N ASP B 291 14.83 -38.36 -25.00
CA ASP B 291 16.22 -38.43 -24.55
C ASP B 291 16.89 -37.09 -24.80
N LYS B 292 17.69 -36.64 -23.82
CA LYS B 292 18.28 -35.31 -23.88
C LYS B 292 19.41 -35.28 -24.88
N LEU B 293 19.31 -34.40 -25.87
CA LEU B 293 20.35 -34.26 -26.88
C LEU B 293 21.56 -33.56 -26.29
N ASN B 294 22.75 -34.12 -26.53
CA ASN B 294 23.98 -33.59 -25.97
C ASN B 294 24.97 -33.11 -27.01
N TYR B 295 24.91 -33.61 -28.25
CA TYR B 295 25.91 -33.30 -29.25
C TYR B 295 25.22 -33.08 -30.60
N TYR B 296 25.90 -32.34 -31.46
CA TYR B 296 25.50 -32.20 -32.85
C TYR B 296 26.74 -32.16 -33.71
N THR B 297 26.62 -32.63 -34.94
CA THR B 297 27.72 -32.58 -35.90
C THR B 297 27.17 -32.18 -37.25
N VAL B 298 28.07 -31.71 -38.11
CA VAL B 298 27.71 -31.27 -39.46
C VAL B 298 28.17 -32.33 -40.44
N ILE B 299 27.22 -32.93 -41.14
CA ILE B 299 27.57 -33.90 -42.17
C ILE B 299 28.19 -33.17 -43.35
N PRO B 300 29.39 -33.56 -43.80
CA PRO B 300 29.98 -32.89 -44.96
C PRO B 300 29.20 -33.17 -46.23
N ARG B 301 29.11 -32.16 -47.08
CA ARG B 301 28.40 -32.27 -48.35
C ARG B 301 29.34 -31.87 -49.47
N SER B 302 29.00 -32.30 -50.68
CA SER B 302 29.83 -32.04 -51.84
C SER B 302 28.96 -32.05 -53.09
N VAL B 303 29.24 -31.13 -54.01
CA VAL B 303 28.54 -31.05 -55.28
C VAL B 303 29.56 -31.36 -56.37
N ILE B 304 29.39 -32.48 -57.06
CA ILE B 304 30.30 -32.88 -58.10
C ILE B 304 29.67 -32.62 -59.47
N ALA B 312 34.01 -18.35 -50.74
CA ALA B 312 33.07 -19.29 -50.13
C ALA B 312 31.97 -19.66 -51.10
N TRP B 313 32.06 -20.88 -51.65
CA TRP B 313 31.01 -21.36 -52.56
C TRP B 313 29.70 -21.56 -51.82
N ALA B 314 29.76 -22.08 -50.59
CA ALA B 314 28.58 -22.25 -49.76
C ALA B 314 29.02 -22.27 -48.31
N ALA B 315 28.56 -21.30 -47.52
CA ALA B 315 28.94 -21.20 -46.12
C ALA B 315 27.72 -20.95 -45.26
N PHE B 316 27.69 -21.58 -44.10
CA PHE B 316 26.65 -21.33 -43.10
C PHE B 316 27.29 -21.30 -41.72
N TYR B 317 26.68 -20.53 -40.82
CA TYR B 317 27.22 -20.29 -39.49
C TYR B 317 26.25 -20.86 -38.46
N ILE B 318 26.80 -21.44 -37.40
CA ILE B 318 26.00 -22.01 -36.32
C ILE B 318 26.34 -21.29 -35.02
N TYR B 319 25.34 -20.70 -34.39
CA TYR B 319 25.49 -19.97 -33.14
C TYR B 319 24.74 -20.70 -32.03
N PRO B 320 25.33 -20.88 -30.86
CA PRO B 320 24.60 -21.48 -29.74
C PRO B 320 23.62 -20.49 -29.12
N LEU B 321 22.63 -21.04 -28.43
CA LEU B 321 21.63 -20.26 -27.71
C LEU B 321 21.90 -20.35 -26.21
N HIS B 322 21.65 -19.27 -25.50
CA HIS B 322 21.85 -19.21 -24.05
C HIS B 322 20.59 -18.74 -23.36
N GLN B 323 20.44 -19.12 -22.10
CA GLN B 323 19.35 -18.58 -21.28
C GLN B 323 19.65 -17.13 -20.94
N LEU B 324 19.12 -16.21 -21.74
CA LEU B 324 19.57 -14.84 -21.75
C LEU B 324 18.36 -13.91 -21.66
N SER B 325 18.56 -12.74 -21.08
CA SER B 325 17.50 -11.74 -20.94
C SER B 325 17.61 -10.73 -22.07
N TYR B 326 16.54 -10.58 -22.84
CA TYR B 326 16.51 -9.70 -23.99
C TYR B 326 15.45 -8.62 -23.80
N LEU B 327 15.44 -7.69 -24.76
CA LEU B 327 14.39 -6.69 -24.87
C LEU B 327 14.04 -6.57 -26.35
N LEU B 328 12.81 -6.92 -26.71
CA LEU B 328 12.39 -7.01 -28.10
C LEU B 328 11.47 -5.86 -28.45
N ASN B 329 11.57 -5.41 -29.70
CA ASN B 329 10.75 -4.32 -30.22
C ASN B 329 9.96 -4.85 -31.41
N PHE B 330 8.64 -4.77 -31.32
CA PHE B 330 7.74 -5.20 -32.38
C PHE B 330 7.26 -3.98 -33.15
N ASP B 331 7.29 -4.08 -34.48
CA ASP B 331 6.93 -2.96 -35.34
C ASP B 331 5.43 -2.99 -35.63
N VAL B 332 4.99 -2.19 -36.61
CA VAL B 332 3.58 -2.13 -36.97
C VAL B 332 3.11 -3.44 -37.58
N ASN B 333 3.95 -4.05 -38.43
CA ASN B 333 3.57 -5.28 -39.12
C ASN B 333 3.53 -6.48 -38.19
N GLY B 334 4.13 -6.39 -37.01
CA GLY B 334 4.13 -7.48 -36.07
C GLY B 334 5.40 -8.31 -36.03
N TYR B 335 6.53 -7.73 -36.41
CA TYR B 335 7.81 -8.44 -36.48
C TYR B 335 8.81 -7.78 -35.56
N ILE B 336 9.77 -8.57 -35.07
CA ILE B 336 10.82 -8.06 -34.21
C ILE B 336 11.84 -7.37 -35.11
N THR B 337 11.83 -6.04 -35.12
CA THR B 337 12.75 -5.27 -35.94
C THR B 337 14.01 -4.87 -35.20
N GLN B 338 13.98 -4.87 -33.87
CA GLN B 338 15.11 -4.44 -33.07
C GLN B 338 15.09 -5.21 -31.76
N ALA B 339 16.27 -5.66 -31.33
CA ALA B 339 16.42 -6.35 -30.07
C ALA B 339 17.60 -5.75 -29.32
N ALA B 340 17.59 -5.92 -28.01
CA ALA B 340 18.68 -5.47 -27.15
C ALA B 340 19.09 -6.60 -26.23
N ASP B 341 20.39 -6.90 -26.23
CA ASP B 341 20.95 -7.93 -25.36
C ASP B 341 21.37 -7.25 -24.06
N CYS B 342 20.60 -7.48 -22.99
CA CYS B 342 20.93 -6.92 -21.69
C CYS B 342 22.22 -7.55 -21.19
N GLY B 343 23.21 -6.71 -20.91
CA GLY B 343 24.50 -7.18 -20.46
C GLY B 343 25.60 -7.13 -21.50
N TYR B 344 25.35 -6.57 -22.68
CA TYR B 344 26.39 -6.41 -23.69
C TYR B 344 27.18 -5.11 -23.47
N ASN B 345 26.49 -3.98 -23.53
CA ASN B 345 27.06 -2.68 -23.27
C ASN B 345 26.51 -2.12 -21.96
N ASP B 346 27.00 -0.95 -21.58
CA ASP B 346 26.28 -0.15 -20.59
C ASP B 346 25.06 0.50 -21.19
N TYR B 347 25.09 0.77 -22.50
CA TYR B 347 23.92 1.29 -23.19
C TYR B 347 22.78 0.28 -23.22
N THR B 348 23.09 -0.99 -23.43
CA THR B 348 22.04 -2.01 -23.46
C THR B 348 21.46 -2.25 -22.07
N GLN B 349 22.30 -2.16 -21.04
CA GLN B 349 21.80 -2.24 -19.67
C GLN B 349 20.96 -1.01 -19.33
N LEU B 350 21.29 0.13 -19.92
CA LEU B 350 20.45 1.32 -19.75
C LEU B 350 19.12 1.17 -20.49
N ILE B 351 19.13 0.47 -21.62
CA ILE B 351 17.92 0.28 -22.41
C ILE B 351 17.00 -0.75 -21.77
N CYS B 352 17.57 -1.81 -21.17
CA CYS B 352 16.75 -2.86 -20.58
C CYS B 352 16.06 -2.37 -19.31
N SER B 353 16.75 -1.64 -18.46
CA SER B 353 16.05 -0.84 -17.47
C SER B 353 15.36 0.33 -18.17
N TYR B 354 14.35 0.89 -17.51
CA TYR B 354 13.49 1.98 -18.01
C TYR B 354 12.57 1.54 -19.15
N GLY B 355 12.76 0.33 -19.66
CA GLY B 355 11.81 -0.34 -20.56
C GLY B 355 11.50 0.36 -21.87
N ASP B 356 12.50 0.98 -22.50
CA ASP B 356 12.28 1.62 -23.79
C ASP B 356 13.57 1.73 -24.57
N PHE B 357 13.44 1.97 -25.87
CA PHE B 357 14.57 2.14 -26.76
C PHE B 357 14.89 3.61 -27.04
N ASN B 358 13.89 4.40 -27.40
CA ASN B 358 14.07 5.82 -27.67
C ASN B 358 13.93 6.58 -26.35
N MET B 359 15.06 6.96 -25.79
CA MET B 359 15.04 7.72 -24.55
C MET B 359 15.78 9.03 -24.75
N LYS B 360 15.55 9.98 -23.85
CA LYS B 360 16.17 11.29 -23.95
C LYS B 360 17.55 11.29 -23.30
N SER B 361 18.25 12.40 -23.49
CA SER B 361 19.57 12.55 -22.92
C SER B 361 19.50 12.73 -21.40
N GLY B 362 20.55 12.30 -20.73
CA GLY B 362 20.64 12.46 -19.28
C GLY B 362 21.52 11.40 -18.67
N VAL B 363 21.77 11.57 -17.37
CA VAL B 363 22.53 10.61 -16.58
C VAL B 363 21.55 9.72 -15.84
N TYR B 364 21.61 8.42 -16.09
CA TYR B 364 20.66 7.46 -15.56
C TYR B 364 21.37 6.43 -14.70
N SER B 365 20.68 5.96 -13.66
CA SER B 365 21.15 4.83 -12.88
C SER B 365 20.78 3.53 -13.58
N THR B 366 21.70 2.57 -13.56
CA THR B 366 21.64 1.40 -14.41
C THR B 366 21.78 0.13 -13.58
N SER B 367 20.88 -0.83 -13.81
CA SER B 367 20.93 -2.11 -13.14
C SER B 367 21.91 -3.05 -13.86
N TYR B 368 22.29 -4.11 -13.15
CA TYR B 368 23.24 -5.09 -13.69
C TYR B 368 22.50 -6.20 -14.40
N TYR B 369 23.09 -6.70 -15.49
CA TYR B 369 22.49 -7.80 -16.23
C TYR B 369 23.48 -8.88 -16.62
N SER B 370 24.76 -8.77 -16.27
CA SER B 370 25.76 -9.76 -16.66
C SER B 370 26.45 -10.39 -15.46
N ALA B 371 25.95 -10.18 -14.25
CA ALA B 371 26.57 -10.74 -13.05
C ALA B 371 25.95 -12.10 -12.77
N LYS B 372 26.74 -13.15 -12.91
CA LYS B 372 26.35 -14.52 -12.58
C LYS B 372 27.37 -15.12 -11.63
N PRO B 373 26.96 -16.05 -10.77
CA PRO B 373 27.93 -16.77 -9.94
C PRO B 373 28.77 -17.71 -10.78
N VAL B 374 30.08 -17.60 -10.64
CA VAL B 374 31.01 -18.39 -11.44
C VAL B 374 31.46 -19.61 -10.64
N GLY B 375 32.14 -19.38 -9.53
CA GLY B 375 32.63 -20.45 -8.69
C GLY B 375 31.68 -20.79 -7.56
N ALA B 376 32.15 -21.66 -6.67
CA ALA B 376 31.38 -22.07 -5.51
C ALA B 376 32.34 -22.37 -4.37
N TYR B 377 31.96 -21.99 -3.16
CA TYR B 377 32.79 -22.15 -1.98
C TYR B 377 31.99 -22.81 -0.87
N TYR B 378 32.65 -23.70 -0.13
CA TYR B 378 32.01 -24.43 0.96
C TYR B 378 32.99 -24.56 2.11
N GLU B 379 32.63 -24.01 3.27
CA GLU B 379 33.45 -24.14 4.47
C GLU B 379 32.54 -24.51 5.63
N ALA B 380 32.80 -25.66 6.24
CA ALA B 380 32.03 -26.11 7.39
C ALA B 380 32.93 -26.94 8.28
N HIS B 381 32.60 -26.96 9.57
CA HIS B 381 33.39 -27.71 10.54
C HIS B 381 33.08 -29.19 10.47
N VAL B 382 34.07 -30.00 10.84
CA VAL B 382 33.93 -31.45 10.89
C VAL B 382 33.77 -31.88 12.34
N TYR B 383 32.82 -32.77 12.57
CA TYR B 383 32.47 -33.29 13.89
C TYR B 383 32.36 -34.80 13.79
N PRO B 384 32.48 -35.51 14.91
CA PRO B 384 32.23 -36.96 14.89
C PRO B 384 30.78 -37.28 14.56
N ASP B 385 30.56 -38.45 13.99
CA ASP B 385 29.27 -38.81 13.43
C ASP B 385 28.19 -38.89 14.49
N CYS B 386 26.98 -38.51 14.11
CA CYS B 386 25.81 -38.73 14.97
C CYS B 386 25.53 -40.22 15.07
N ASN B 387 25.05 -40.64 16.22
CA ASN B 387 24.88 -42.04 16.54
C ASN B 387 23.39 -42.35 16.64
N PHE B 388 22.85 -43.04 15.63
CA PHE B 388 21.43 -43.30 15.51
C PHE B 388 21.09 -44.75 15.85
N THR B 389 21.87 -45.37 16.74
CA THR B 389 21.65 -46.77 17.08
C THR B 389 20.35 -46.95 17.88
N GLU B 390 20.07 -46.02 18.79
CA GLU B 390 18.88 -46.15 19.64
C GLU B 390 17.59 -46.06 18.84
N LEU B 391 17.62 -45.39 17.69
CA LEU B 391 16.40 -45.19 16.91
C LEU B 391 15.99 -46.47 16.18
N PHE B 392 16.95 -47.20 15.62
CA PHE B 392 16.64 -48.30 14.72
C PHE B 392 17.07 -49.66 15.22
N ARG B 393 17.93 -49.75 16.23
CA ARG B 393 18.51 -51.03 16.63
C ARG B 393 18.12 -51.47 18.03
N GLU B 394 17.10 -50.87 18.64
CA GLU B 394 16.70 -51.26 19.98
C GLU B 394 15.20 -51.52 20.06
N ARG B 395 14.68 -51.68 21.27
CA ARG B 395 13.26 -51.90 21.46
C ARG B 395 12.48 -50.63 21.13
N ALA B 396 11.36 -50.79 20.42
CA ALA B 396 10.55 -49.66 20.02
C ALA B 396 9.86 -49.04 21.24
N PRO B 397 9.94 -47.73 21.42
CA PRO B 397 9.31 -47.09 22.58
C PRO B 397 7.79 -47.04 22.44
N THR B 398 7.16 -46.94 23.60
CA THR B 398 5.71 -46.85 23.71
C THR B 398 5.30 -45.39 23.59
N ILE B 399 4.15 -45.12 22.97
CA ILE B 399 3.70 -43.75 22.78
C ILE B 399 3.39 -43.05 24.11
N MET B 400 3.06 -43.80 25.16
CA MET B 400 2.77 -43.19 26.45
C MET B 400 4.02 -42.55 27.05
N GLN B 401 5.16 -43.23 26.95
CA GLN B 401 6.46 -42.68 27.35
C GLN B 401 7.42 -42.86 26.17
N TYR B 402 7.36 -41.92 25.24
CA TYR B 402 8.19 -41.98 24.04
C TYR B 402 9.62 -41.57 24.39
N LYS B 403 10.53 -41.87 23.47
CA LYS B 403 11.95 -41.58 23.66
C LYS B 403 12.34 -40.40 22.79
N ARG B 404 13.03 -39.44 23.39
CA ARG B 404 13.51 -38.25 22.69
C ARG B 404 15.02 -38.19 22.80
N GLU B 405 15.69 -37.88 21.70
CA GLU B 405 17.13 -37.65 21.70
C GLU B 405 17.44 -36.37 20.95
N VAL B 406 18.27 -35.53 21.54
CA VAL B 406 18.66 -34.25 20.96
C VAL B 406 20.11 -34.37 20.50
N PHE B 407 20.35 -34.06 19.24
CA PHE B 407 21.67 -34.23 18.63
C PHE B 407 22.32 -32.86 18.44
N THR B 408 23.58 -32.76 18.84
CA THR B 408 24.29 -31.48 18.87
C THR B 408 25.77 -31.75 18.66
N ARG B 409 26.40 -30.99 17.77
CA ARG B 409 27.81 -31.09 17.42
C ARG B 409 28.14 -32.48 16.86
N CYS B 410 27.46 -32.82 15.78
CA CYS B 410 27.71 -34.08 15.09
C CYS B 410 27.32 -33.93 13.63
N ASN B 411 27.86 -34.82 12.80
CA ASN B 411 27.56 -34.84 11.36
C ASN B 411 26.78 -36.10 11.05
N TYR B 412 25.60 -35.94 10.47
CA TYR B 412 24.71 -37.05 10.16
C TYR B 412 24.85 -37.47 8.70
N ASN B 413 24.08 -38.48 8.32
CA ASN B 413 24.07 -38.96 6.94
C ASN B 413 22.68 -39.52 6.68
N LEU B 414 21.83 -38.72 6.03
CA LEU B 414 20.44 -39.11 5.80
C LEU B 414 20.31 -40.22 4.77
N SER B 415 21.30 -40.38 3.88
CA SER B 415 21.24 -41.42 2.86
C SER B 415 21.28 -42.81 3.47
N LEU B 416 22.00 -42.98 4.57
CA LEU B 416 22.01 -44.27 5.27
C LEU B 416 20.75 -44.49 6.08
N LEU B 417 20.16 -43.42 6.63
CA LEU B 417 19.00 -43.57 7.50
C LEU B 417 17.75 -43.96 6.72
N LEU B 418 17.62 -43.45 5.49
CA LEU B 418 16.44 -43.73 4.69
C LEU B 418 16.46 -45.12 4.07
N SER B 419 17.61 -45.79 4.05
CA SER B 419 17.67 -47.14 3.51
C SER B 419 17.26 -48.19 4.53
N LEU B 420 17.21 -47.83 5.81
CA LEU B 420 16.79 -48.77 6.85
C LEU B 420 15.30 -48.74 7.12
N VAL B 421 14.57 -47.80 6.51
CA VAL B 421 13.13 -47.69 6.70
C VAL B 421 12.46 -47.65 5.33
N GLN B 422 11.16 -47.97 5.34
CA GLN B 422 10.29 -47.79 4.19
C GLN B 422 9.26 -46.75 4.56
N VAL B 423 9.40 -45.55 3.99
CA VAL B 423 8.55 -44.43 4.37
C VAL B 423 7.16 -44.63 3.79
N ASP B 424 6.15 -44.52 4.66
CA ASP B 424 4.77 -44.62 4.22
C ASP B 424 4.16 -43.24 3.93
N GLU B 425 4.44 -42.26 4.78
CA GLU B 425 3.92 -40.91 4.60
C GLU B 425 4.72 -39.96 5.49
N PHE B 426 5.19 -38.86 4.91
CA PHE B 426 5.90 -37.82 5.65
C PHE B 426 5.08 -36.54 5.59
N VAL B 427 4.92 -35.89 6.74
CA VAL B 427 4.14 -34.66 6.86
C VAL B 427 5.07 -33.61 7.44
N CYS B 428 5.68 -32.80 6.58
CA CYS B 428 6.63 -31.78 7.01
C CYS B 428 5.96 -30.42 7.09
N ASP B 429 6.46 -29.58 7.99
CA ASP B 429 5.83 -28.29 8.28
C ASP B 429 6.44 -27.14 7.48
N LYS B 430 7.71 -26.83 7.74
CA LYS B 430 8.40 -25.75 7.05
C LYS B 430 9.75 -26.21 6.52
N ILE B 431 9.84 -27.47 6.13
CA ILE B 431 11.06 -28.09 5.65
C ILE B 431 10.66 -29.22 4.71
N THR B 432 11.63 -29.80 4.04
CA THR B 432 11.46 -31.00 3.23
C THR B 432 12.57 -31.97 3.57
N PRO B 433 12.38 -33.27 3.31
CA PRO B 433 13.51 -34.21 3.49
C PRO B 433 14.72 -33.88 2.63
N GLU B 434 14.51 -33.34 1.43
CA GLU B 434 15.63 -32.84 0.64
C GLU B 434 16.32 -31.68 1.36
N ALA B 435 15.55 -30.85 2.05
CA ALA B 435 16.14 -29.82 2.88
C ALA B 435 16.73 -30.38 4.16
N LEU B 436 16.26 -31.54 4.61
CA LEU B 436 16.86 -32.16 5.79
C LEU B 436 18.18 -32.83 5.46
N ALA B 437 18.43 -33.15 4.21
CA ALA B 437 19.70 -33.75 3.81
C ALA B 437 20.80 -32.71 3.60
N THR B 438 20.53 -31.43 3.86
CA THR B 438 21.50 -30.37 3.60
C THR B 438 21.32 -29.30 4.67
N GLY B 439 22.37 -28.52 4.90
CA GLY B 439 22.18 -27.35 5.75
C GLY B 439 22.49 -27.62 7.20
N CYS B 440 22.91 -26.57 7.91
CA CYS B 440 23.38 -26.72 9.28
C CYS B 440 22.31 -26.22 10.25
N TYR B 441 22.22 -26.91 11.39
CA TYR B 441 21.28 -26.57 12.45
C TYR B 441 22.04 -26.35 13.75
N SER B 442 21.34 -25.78 14.73
CA SER B 442 21.90 -25.66 16.07
C SER B 442 21.53 -26.86 16.94
N SER B 443 20.41 -27.51 16.66
CA SER B 443 19.98 -28.69 17.38
C SER B 443 19.17 -29.57 16.45
N LEU B 444 19.08 -30.84 16.81
CA LEU B 444 18.34 -31.83 16.01
C LEU B 444 17.64 -32.77 16.99
N THR B 445 16.35 -32.52 17.22
CA THR B 445 15.56 -33.30 18.16
C THR B 445 14.75 -34.35 17.39
N VAL B 446 14.84 -35.60 17.83
CA VAL B 446 14.09 -36.70 17.23
C VAL B 446 13.27 -37.37 18.34
N ASP B 447 11.96 -37.42 18.14
CA ASP B 447 11.05 -38.15 19.02
C ASP B 447 10.51 -39.35 18.27
N TRP B 448 10.64 -40.54 18.85
CA TRP B 448 10.21 -41.74 18.14
C TRP B 448 9.50 -42.70 19.09
N PHE B 449 8.53 -43.42 18.55
CA PHE B 449 7.72 -44.37 19.29
C PHE B 449 7.07 -45.30 18.28
N ALA B 450 6.49 -46.39 18.79
CA ALA B 450 5.79 -47.35 17.95
C ALA B 450 4.31 -47.01 17.91
N PHE B 451 3.74 -47.00 16.71
CA PHE B 451 2.37 -46.59 16.48
C PHE B 451 1.84 -47.26 15.22
N PRO B 452 0.62 -47.80 15.25
CA PRO B 452 0.08 -48.45 14.05
C PRO B 452 -0.13 -47.46 12.91
N TYR B 453 0.02 -47.96 11.69
CA TYR B 453 -0.16 -47.12 10.51
C TYR B 453 -1.64 -46.85 10.21
N ALA B 454 -2.55 -47.63 10.77
CA ALA B 454 -3.97 -47.37 10.55
C ALA B 454 -4.46 -46.14 11.30
N TRP B 455 -3.65 -45.55 12.19
CA TRP B 455 -4.06 -44.46 13.06
C TRP B 455 -3.33 -43.16 12.73
N LYS B 456 -3.14 -42.87 11.44
CA LYS B 456 -2.54 -41.58 11.06
C LYS B 456 -3.41 -40.41 11.45
N SER B 457 -4.74 -40.60 11.41
CA SER B 457 -5.66 -39.52 11.73
C SER B 457 -5.57 -39.06 13.17
N TYR B 458 -5.07 -39.91 14.06
CA TYR B 458 -4.98 -39.56 15.47
C TYR B 458 -3.74 -38.72 15.77
N LEU B 459 -2.86 -38.52 14.81
CA LEU B 459 -1.70 -37.66 14.97
C LEU B 459 -1.71 -36.47 14.02
N ALA B 460 -2.72 -36.35 13.16
CA ALA B 460 -2.82 -35.20 12.28
C ALA B 460 -3.14 -33.93 13.06
N ILE B 461 -2.74 -32.79 12.50
CA ILE B 461 -2.93 -31.52 13.19
C ILE B 461 -4.41 -31.16 13.21
N GLY B 462 -4.88 -30.68 14.35
CA GLY B 462 -6.29 -30.41 14.54
C GLY B 462 -7.10 -31.55 15.11
N SER B 463 -6.47 -32.67 15.42
CA SER B 463 -7.18 -33.82 15.97
C SER B 463 -7.63 -33.54 17.41
N ALA B 464 -8.78 -34.12 17.77
CA ALA B 464 -9.36 -33.97 19.10
C ALA B 464 -9.36 -35.27 19.89
N ASP B 465 -8.59 -36.26 19.46
CA ASP B 465 -8.63 -37.57 20.08
C ASP B 465 -7.82 -37.57 21.38
N ARG B 466 -7.93 -38.68 22.12
CA ARG B 466 -7.23 -38.83 23.38
C ARG B 466 -5.73 -38.99 23.22
N ILE B 467 -5.26 -39.43 22.04
CA ILE B 467 -3.84 -39.66 21.83
C ILE B 467 -3.06 -38.36 21.78
N VAL B 468 -3.59 -37.36 21.05
CA VAL B 468 -2.96 -36.04 21.07
C VAL B 468 -3.13 -35.39 22.44
N ARG B 469 -4.30 -35.56 23.05
CA ARG B 469 -4.63 -34.84 24.28
C ARG B 469 -3.82 -35.32 25.48
N PHE B 470 -3.52 -36.62 25.56
CA PHE B 470 -2.91 -37.18 26.76
C PHE B 470 -1.55 -37.84 26.56
N ASN B 471 -1.15 -38.13 25.31
CA ASN B 471 0.06 -38.91 25.08
C ASN B 471 1.14 -38.13 24.37
N TYR B 472 0.86 -37.56 23.20
CA TYR B 472 1.87 -36.89 22.40
C TYR B 472 1.27 -35.68 21.71
N ASN B 473 1.78 -34.50 22.02
CA ASN B 473 1.39 -33.26 21.37
C ASN B 473 2.60 -32.66 20.69
N GLN B 474 2.53 -32.49 19.38
CA GLN B 474 3.67 -32.01 18.60
C GLN B 474 3.83 -30.51 18.77
N ASP B 475 5.09 -30.06 18.67
CA ASP B 475 5.42 -28.67 19.01
C ASP B 475 4.87 -27.69 17.99
N TYR B 476 5.19 -27.90 16.70
CA TYR B 476 4.76 -27.07 15.57
C TYR B 476 5.20 -25.61 15.70
N SER B 477 6.24 -25.33 16.49
CA SER B 477 6.81 -23.99 16.58
C SER B 477 8.20 -23.91 15.98
N ASN B 478 8.77 -25.02 15.55
CA ASN B 478 10.03 -25.13 14.85
C ASN B 478 9.80 -25.95 13.60
N PRO B 479 10.67 -25.82 12.58
CA PRO B 479 10.53 -26.67 11.39
C PRO B 479 10.63 -28.16 11.72
N SER B 480 9.53 -28.87 11.56
CA SER B 480 9.43 -30.26 11.96
C SER B 480 8.82 -31.09 10.84
N CYS B 481 9.20 -32.36 10.79
CA CYS B 481 8.61 -33.31 9.86
C CYS B 481 8.36 -34.62 10.56
N ARG B 482 7.11 -35.06 10.56
CA ARG B 482 6.72 -36.34 11.15
C ARG B 482 6.61 -37.37 10.03
N ILE B 483 7.36 -38.46 10.15
CA ILE B 483 7.36 -39.50 9.13
C ILE B 483 6.79 -40.78 9.73
N HIS B 484 6.08 -41.53 8.89
CA HIS B 484 5.55 -42.84 9.22
C HIS B 484 6.32 -43.87 8.40
N SER B 485 6.93 -44.84 9.09
CA SER B 485 7.82 -45.77 8.43
C SER B 485 7.61 -47.16 8.99
N LYS B 486 8.01 -48.15 8.19
CA LYS B 486 8.06 -49.55 8.62
C LYS B 486 9.51 -49.96 8.71
N VAL B 487 9.91 -50.50 9.85
CA VAL B 487 11.28 -50.92 10.10
C VAL B 487 11.32 -52.44 10.16
N ASN B 488 12.20 -53.03 9.36
CA ASN B 488 12.34 -54.47 9.32
C ASN B 488 12.97 -54.99 10.61
N SER B 489 12.60 -56.21 11.00
CA SER B 489 13.18 -56.84 12.18
C SER B 489 14.64 -57.22 11.97
N SER B 490 15.09 -57.32 10.73
CA SER B 490 16.50 -57.60 10.46
C SER B 490 17.39 -56.38 10.73
N ILE B 491 16.81 -55.19 10.76
CA ILE B 491 17.57 -53.99 11.09
C ILE B 491 18.05 -54.03 12.54
N GLY B 492 17.20 -54.53 13.43
CA GLY B 492 17.55 -54.63 14.83
C GLY B 492 16.43 -54.17 15.74
N ILE B 493 15.36 -53.64 15.13
CA ILE B 493 14.22 -53.19 15.92
C ILE B 493 13.49 -54.40 16.50
N SER B 494 12.79 -54.17 17.60
CA SER B 494 12.00 -55.21 18.24
C SER B 494 10.91 -54.55 19.05
N TYR B 495 9.86 -55.33 19.33
CA TYR B 495 8.77 -54.89 20.19
C TYR B 495 8.47 -55.97 21.21
N ALA B 496 8.44 -55.58 22.48
CA ALA B 496 8.16 -56.51 23.56
C ALA B 496 7.42 -55.77 24.66
N GLY B 497 6.77 -56.52 25.52
CA GLY B 497 5.97 -55.93 26.57
C GLY B 497 4.63 -55.44 26.04
N ALA B 498 4.04 -54.52 26.79
CA ALA B 498 2.74 -53.97 26.45
C ALA B 498 2.92 -52.55 25.93
N TYR B 499 2.28 -52.25 24.79
CA TYR B 499 2.30 -50.93 24.18
C TYR B 499 0.95 -50.30 24.43
N SER B 500 0.92 -49.28 25.28
CA SER B 500 -0.33 -48.70 25.75
C SER B 500 -0.32 -47.18 25.62
N TYR B 501 -1.51 -46.59 25.64
CA TYR B 501 -1.67 -45.16 25.59
C TYR B 501 -2.73 -44.73 26.59
N ILE B 502 -2.55 -43.56 27.17
CA ILE B 502 -3.49 -43.04 28.16
C ILE B 502 -4.74 -42.55 27.46
N THR B 503 -5.90 -43.02 27.91
CA THR B 503 -7.17 -42.58 27.37
C THR B 503 -7.83 -41.48 28.18
N ASN B 504 -7.51 -41.39 29.47
CA ASN B 504 -8.05 -40.33 30.32
C ASN B 504 -7.13 -40.17 31.52
N CYS B 505 -6.90 -38.92 31.93
CA CYS B 505 -6.09 -38.65 33.11
C CYS B 505 -6.57 -37.31 33.68
N ASN B 506 -7.33 -37.37 34.76
CA ASN B 506 -7.85 -36.18 35.43
C ASN B 506 -7.53 -36.24 36.91
N TYR B 507 -7.44 -35.07 37.53
CA TYR B 507 -7.03 -34.96 38.92
C TYR B 507 -7.87 -33.90 39.62
N GLY B 508 -7.85 -33.94 40.95
CA GLY B 508 -8.49 -32.93 41.76
C GLY B 508 -9.98 -33.19 41.94
N ALA B 509 -10.59 -32.37 42.79
CA ALA B 509 -12.01 -32.50 43.07
C ALA B 509 -12.87 -31.99 41.93
N THR B 510 -12.32 -31.16 41.05
CA THR B 510 -13.05 -30.62 39.91
C THR B 510 -12.86 -31.44 38.65
N ASN B 511 -12.04 -32.51 38.70
CA ASN B 511 -11.75 -33.40 37.57
C ASN B 511 -11.18 -32.62 36.38
N LYS B 512 -10.02 -32.01 36.60
CA LYS B 512 -9.33 -31.24 35.58
C LYS B 512 -8.44 -32.17 34.76
N ASP B 513 -8.60 -32.13 33.44
CA ASP B 513 -7.84 -33.02 32.57
C ASP B 513 -6.37 -32.63 32.55
N ASP B 514 -5.50 -33.62 32.70
CA ASP B 514 -4.06 -33.41 32.68
C ASP B 514 -3.57 -33.55 31.25
N VAL B 515 -3.82 -32.51 30.45
CA VAL B 515 -3.45 -32.53 29.04
C VAL B 515 -1.95 -32.38 28.88
N VAL B 516 -1.45 -32.65 27.68
CA VAL B 516 -0.03 -32.63 27.38
C VAL B 516 0.27 -31.36 26.59
N LYS B 517 1.22 -30.57 27.09
CA LYS B 517 1.64 -29.36 26.41
C LYS B 517 2.39 -29.71 25.12
N PRO B 518 2.35 -28.83 24.12
CA PRO B 518 3.11 -29.10 22.88
C PRO B 518 4.59 -29.22 23.13
N GLY B 519 5.20 -30.26 22.57
CA GLY B 519 6.58 -30.56 22.85
C GLY B 519 6.82 -31.16 24.22
N GLY B 520 5.77 -31.69 24.86
CA GLY B 520 5.90 -32.29 26.17
C GLY B 520 5.42 -33.73 26.17
N ARG B 521 5.48 -34.33 27.36
CA ARG B 521 5.03 -35.69 27.57
C ARG B 521 4.06 -35.72 28.74
N ALA B 522 3.47 -36.89 28.96
CA ALA B 522 2.56 -37.07 30.09
C ALA B 522 3.34 -37.00 31.40
N SER B 523 2.71 -36.41 32.41
CA SER B 523 3.35 -36.25 33.70
C SER B 523 3.54 -37.59 34.39
N GLN B 524 4.44 -37.63 35.37
CA GLN B 524 4.77 -38.87 36.06
C GLN B 524 3.60 -39.43 36.84
N GLN B 525 2.67 -38.57 37.28
CA GLN B 525 1.46 -39.05 37.95
C GLN B 525 0.59 -39.85 37.00
N CYS B 526 0.42 -39.36 35.76
CA CYS B 526 -0.37 -40.11 34.78
C CYS B 526 0.31 -41.41 34.40
N ILE B 527 1.63 -41.41 34.29
CA ILE B 527 2.36 -42.64 33.97
C ILE B 527 2.22 -43.67 35.09
N THR B 528 2.35 -43.23 36.34
CA THR B 528 2.24 -44.14 37.47
C THR B 528 0.81 -44.67 37.62
N GLY B 529 -0.18 -43.83 37.33
CA GLY B 529 -1.56 -44.30 37.34
C GLY B 529 -1.84 -45.28 36.21
N ALA B 530 -1.23 -45.07 35.04
CA ALA B 530 -1.44 -45.97 33.92
C ALA B 530 -0.78 -47.31 34.15
N LEU B 531 0.44 -47.32 34.67
CA LEU B 531 1.19 -48.58 34.81
C LEU B 531 0.57 -49.55 35.81
N ASN B 532 -0.38 -49.11 36.64
CA ASN B 532 -1.21 -50.00 37.42
C ASN B 532 -2.63 -50.13 36.86
N SER B 533 -3.01 -49.29 35.92
CA SER B 533 -4.34 -49.34 35.34
C SER B 533 -4.51 -50.59 34.48
N PRO B 534 -5.73 -51.15 34.44
CA PRO B 534 -5.95 -52.35 33.64
C PRO B 534 -5.87 -52.07 32.14
N THR B 535 -5.58 -53.16 31.41
CA THR B 535 -5.50 -53.10 29.95
C THR B 535 -6.85 -52.77 29.32
N THR B 536 -7.93 -53.29 29.90
CA THR B 536 -9.26 -53.20 29.30
C THR B 536 -9.77 -51.76 29.20
N GLY B 537 -9.27 -50.85 30.02
CA GLY B 537 -9.70 -49.47 29.95
C GLY B 537 -10.68 -49.04 31.04
N GLN B 538 -10.37 -49.39 32.29
CA GLN B 538 -11.21 -49.01 33.42
C GLN B 538 -10.54 -47.87 34.17
N LEU B 539 -11.32 -46.83 34.45
CA LEU B 539 -10.84 -45.63 35.13
C LEU B 539 -10.67 -45.93 36.60
N TRP B 540 -9.47 -46.36 37.00
CA TRP B 540 -9.18 -46.57 38.41
C TRP B 540 -8.77 -45.25 39.06
N ALA B 541 -8.83 -45.23 40.38
CA ALA B 541 -8.53 -44.04 41.17
C ALA B 541 -7.31 -44.29 42.04
N TYR B 542 -6.41 -43.31 42.08
CA TYR B 542 -5.19 -43.38 42.88
C TYR B 542 -4.99 -42.04 43.58
N ASN B 543 -3.97 -42.00 44.44
CA ASN B 543 -3.68 -40.80 45.22
C ASN B 543 -2.16 -40.62 45.24
N PHE B 544 -1.65 -39.73 44.39
CA PHE B 544 -0.23 -39.43 44.32
C PHE B 544 0.02 -38.08 44.99
N GLY B 545 0.72 -38.10 46.12
CA GLY B 545 1.12 -36.87 46.79
C GLY B 545 -0.02 -36.03 47.34
N GLY B 546 -1.07 -36.68 47.85
CA GLY B 546 -2.15 -35.97 48.52
C GLY B 546 -3.26 -35.44 47.63
N VAL B 547 -3.23 -35.74 46.33
CA VAL B 547 -4.25 -35.28 45.39
C VAL B 547 -4.87 -36.45 44.65
N PRO B 548 -6.19 -36.55 44.63
CA PRO B 548 -6.73 -37.71 43.92
C PRO B 548 -6.48 -37.62 42.44
N TYR B 549 -6.10 -38.73 41.81
CA TYR B 549 -5.79 -38.77 40.40
C TYR B 549 -6.52 -39.93 39.81
N ARG B 550 -7.05 -39.82 38.61
CA ARG B 550 -7.68 -40.98 37.96
C ARG B 550 -7.13 -41.22 36.56
N VAL B 551 -6.80 -42.45 36.19
CA VAL B 551 -6.12 -42.75 34.93
C VAL B 551 -6.74 -44.00 34.32
N SER B 552 -6.94 -43.98 33.00
CA SER B 552 -7.33 -45.15 32.24
C SER B 552 -6.48 -45.25 30.98
N ARG B 553 -6.27 -46.47 30.51
CA ARG B 553 -5.37 -46.72 29.37
C ARG B 553 -5.96 -47.79 28.47
N LEU B 554 -5.41 -47.87 27.26
CA LEU B 554 -5.74 -48.95 26.34
C LEU B 554 -4.47 -49.35 25.61
N THR B 555 -4.38 -50.62 25.22
CA THR B 555 -3.20 -51.15 24.58
C THR B 555 -3.42 -51.31 23.08
N TYR B 556 -2.31 -51.22 22.32
CA TYR B 556 -2.32 -51.48 20.89
C TYR B 556 -1.24 -52.47 20.50
N THR B 557 -0.81 -53.32 21.43
CA THR B 557 0.28 -54.26 21.16
C THR B 557 -0.10 -55.35 20.17
N ASP B 558 -1.39 -55.57 19.93
CA ASP B 558 -1.82 -56.54 18.94
C ASP B 558 -2.01 -55.95 17.55
N HIS B 559 -1.72 -54.66 17.38
CA HIS B 559 -1.75 -54.01 16.08
C HIS B 559 -0.37 -53.88 15.45
N LEU B 560 0.64 -54.49 16.04
CA LEU B 560 2.02 -54.38 15.58
C LEU B 560 2.47 -55.69 14.95
N SER B 561 3.23 -55.59 13.85
CA SER B 561 3.66 -56.77 13.11
C SER B 561 5.18 -56.79 12.92
N ASP B 562 5.68 -57.74 12.14
CA ASP B 562 7.11 -57.87 11.89
C ASP B 562 7.68 -56.67 11.12
N PRO B 563 7.03 -56.17 10.03
CA PRO B 563 7.44 -54.82 9.61
C PRO B 563 6.82 -53.79 10.54
N LEU B 564 7.53 -53.52 11.63
CA LEU B 564 7.00 -52.72 12.72
C LEU B 564 6.78 -51.28 12.29
N ASP B 565 5.56 -50.79 12.46
CA ASP B 565 5.22 -49.42 12.10
C ASP B 565 5.74 -48.47 13.16
N MET B 566 6.55 -47.50 12.75
CA MET B 566 7.18 -46.57 13.66
C MET B 566 6.94 -45.13 13.19
N VAL B 567 6.91 -44.21 14.14
CA VAL B 567 6.77 -42.79 13.86
C VAL B 567 8.02 -42.08 14.33
N TYR B 568 8.65 -41.32 13.44
CA TYR B 568 9.82 -40.51 13.74
C TYR B 568 9.47 -39.05 13.52
N VAL B 569 9.55 -38.24 14.56
CA VAL B 569 9.26 -36.82 14.48
C VAL B 569 10.57 -36.07 14.64
N ILE B 570 10.98 -35.37 13.59
CA ILE B 570 12.29 -34.73 13.52
C ILE B 570 12.09 -33.22 13.53
N THR B 571 12.58 -32.57 14.58
CA THR B 571 12.46 -31.13 14.75
C THR B 571 13.85 -30.51 14.70
N VAL B 572 14.04 -29.52 13.83
CA VAL B 572 15.30 -28.82 13.71
C VAL B 572 15.14 -27.40 14.24
N LYS B 573 16.28 -26.78 14.55
CA LYS B 573 16.31 -25.41 15.02
C LYS B 573 17.38 -24.64 14.25
N TYR B 574 17.04 -23.42 13.85
CA TYR B 574 17.94 -22.55 13.10
C TYR B 574 18.36 -21.38 13.98
N GLU B 575 19.67 -21.25 14.20
CA GLU B 575 20.21 -20.15 14.99
C GLU B 575 21.55 -19.76 14.40
N PRO B 576 21.58 -18.75 13.52
CA PRO B 576 22.83 -18.39 12.84
C PRO B 576 23.91 -17.93 13.81
N GLY B 577 25.14 -18.37 13.54
CA GLY B 577 26.22 -18.20 14.47
C GLY B 577 26.31 -19.26 15.54
N ALA B 578 25.45 -20.27 15.50
CA ALA B 578 25.45 -21.37 16.47
C ALA B 578 25.21 -22.71 15.79
N GLU B 579 25.64 -22.85 14.54
CA GLU B 579 25.33 -24.05 13.75
C GLU B 579 26.27 -25.17 14.14
N THR B 580 25.71 -26.34 14.45
CA THR B 580 26.51 -27.48 14.91
C THR B 580 26.28 -28.78 14.15
N VAL B 581 25.12 -29.03 13.56
CA VAL B 581 24.83 -30.30 12.94
C VAL B 581 24.80 -30.13 11.45
N CYS B 582 25.74 -30.70 10.72
CA CYS B 582 25.85 -30.53 9.30
C CYS B 582 26.11 -31.87 8.67
N PRO B 583 25.77 -32.07 7.40
CA PRO B 583 25.92 -33.40 6.82
C PRO B 583 27.36 -33.89 6.60
N LYS B 584 27.70 -35.20 6.66
CA LYS B 584 29.05 -35.62 6.33
C LYS B 584 29.39 -35.31 4.89
N GLN B 585 28.37 -35.25 4.03
CA GLN B 585 28.63 -35.01 2.62
C GLN B 585 28.82 -33.57 2.26
N ILE B 586 30.01 -33.19 1.84
CA ILE B 586 30.23 -31.86 1.35
C ILE B 586 29.49 -31.69 0.02
N ARG B 587 28.95 -30.52 -0.25
CA ARG B 587 28.23 -30.30 -1.48
C ARG B 587 29.10 -30.67 -2.68
N PRO B 588 28.48 -31.17 -3.76
CA PRO B 588 29.35 -31.63 -4.85
C PRO B 588 30.20 -30.69 -5.74
N ASP B 589 29.65 -29.60 -6.24
CA ASP B 589 30.41 -28.60 -7.01
C ASP B 589 31.47 -27.84 -6.29
N TYR B 590 31.19 -27.49 -5.07
CA TYR B 590 32.03 -26.63 -4.32
C TYR B 590 33.45 -26.89 -4.08
N SER B 591 34.23 -25.83 -4.10
CA SER B 591 35.64 -25.89 -3.74
C SER B 591 35.84 -25.41 -2.32
N THR B 592 36.85 -25.97 -1.66
CA THR B 592 37.12 -25.68 -0.26
C THR B 592 38.29 -24.72 -0.07
N ASN B 593 38.74 -24.06 -1.14
CA ASN B 593 39.81 -23.08 -1.06
C ASN B 593 39.34 -21.80 -1.74
N ILE B 594 39.46 -20.67 -1.05
CA ILE B 594 38.84 -19.43 -1.49
C ILE B 594 39.82 -18.48 -2.17
N THR B 595 41.12 -18.74 -2.09
CA THR B 595 42.12 -17.77 -2.58
C THR B 595 42.10 -17.64 -4.09
N HIS B 596 41.62 -18.64 -4.81
CA HIS B 596 41.48 -18.55 -6.26
C HIS B 596 40.09 -18.09 -6.68
N LEU B 597 39.18 -17.84 -5.74
CA LEU B 597 37.86 -17.32 -6.04
C LEU B 597 37.67 -15.88 -5.56
N LEU B 598 38.75 -15.21 -5.16
CA LEU B 598 38.63 -13.84 -4.66
C LEU B 598 38.41 -12.87 -5.82
N GLY B 599 37.46 -11.95 -5.65
CA GLY B 599 37.16 -10.96 -6.65
C GLY B 599 36.08 -11.33 -7.63
N SER B 600 35.61 -12.58 -7.62
CA SER B 600 34.58 -13.03 -8.53
C SER B 600 33.32 -13.38 -7.74
N CYS B 601 32.16 -13.16 -8.35
CA CYS B 601 30.90 -13.49 -7.70
C CYS B 601 30.75 -15.00 -7.64
N ILE B 602 30.67 -15.54 -6.42
CA ILE B 602 30.58 -16.97 -6.20
C ILE B 602 29.37 -17.24 -5.31
N SER B 603 28.90 -18.48 -5.35
CA SER B 603 27.83 -18.94 -4.48
C SER B 603 28.47 -19.71 -3.33
N TYR B 604 28.25 -19.26 -2.10
CA TYR B 604 28.89 -19.82 -0.93
C TYR B 604 27.87 -20.52 -0.04
N ASP B 605 28.32 -21.57 0.63
CA ASP B 605 27.52 -22.35 1.56
C ASP B 605 28.24 -22.46 2.90
N ILE B 606 28.68 -21.31 3.40
CA ILE B 606 29.50 -21.27 4.61
C ILE B 606 28.59 -21.45 5.82
N TYR B 607 28.68 -22.62 6.45
CA TYR B 607 27.95 -22.96 7.69
C TYR B 607 26.44 -22.86 7.50
N GLY B 608 25.94 -23.62 6.53
CA GLY B 608 24.52 -23.88 6.40
C GLY B 608 23.69 -22.75 5.82
N ILE B 609 24.29 -21.60 5.51
CA ILE B 609 23.57 -20.49 4.92
C ILE B 609 24.07 -20.29 3.49
N THR B 610 23.12 -20.07 2.58
CA THR B 610 23.41 -20.02 1.15
C THR B 610 23.20 -18.61 0.62
N GLY B 611 24.07 -18.19 -0.29
CA GLY B 611 23.93 -16.89 -0.91
C GLY B 611 25.01 -16.72 -1.95
N THR B 612 24.94 -15.59 -2.65
CA THR B 612 25.92 -15.24 -3.66
C THR B 612 26.57 -13.91 -3.27
N GLY B 613 27.85 -13.78 -3.61
CA GLY B 613 28.56 -12.56 -3.29
C GLY B 613 29.98 -12.63 -3.78
N VAL B 614 30.71 -11.54 -3.56
CA VAL B 614 32.11 -11.41 -3.92
C VAL B 614 32.92 -11.28 -2.63
N PHE B 615 34.00 -12.06 -2.54
CA PHE B 615 34.85 -12.08 -1.36
C PHE B 615 36.18 -11.43 -1.70
N GLN B 616 36.61 -10.49 -0.86
CA GLN B 616 37.89 -9.82 -1.02
C GLN B 616 38.61 -9.80 0.32
N LEU B 617 39.92 -9.97 0.29
CA LEU B 617 40.72 -9.93 1.49
C LEU B 617 40.85 -8.50 2.01
N CYS B 618 40.59 -8.30 3.30
CA CYS B 618 40.72 -7.00 3.92
C CYS B 618 41.28 -7.16 5.33
N ASN B 619 41.84 -6.06 5.85
CA ASN B 619 42.68 -6.13 7.05
C ASN B 619 41.87 -6.42 8.30
N ALA B 620 40.73 -5.75 8.48
CA ALA B 620 40.00 -5.78 9.75
C ALA B 620 39.43 -7.15 10.09
N ARG B 624 38.21 -10.69 17.56
CA ARG B 624 37.24 -11.64 17.05
C ARG B 624 36.40 -12.31 18.12
N GLN B 625 35.32 -11.69 18.57
CA GLN B 625 34.41 -12.37 19.47
C GLN B 625 33.40 -13.23 18.74
N GLN B 626 33.46 -13.29 17.42
CA GLN B 626 32.51 -14.03 16.60
C GLN B 626 33.17 -14.39 15.28
N LYS B 627 32.49 -15.24 14.51
CA LYS B 627 33.00 -15.64 13.21
C LYS B 627 32.45 -14.74 12.10
N PHE B 628 31.12 -14.69 11.97
CA PHE B 628 30.49 -13.77 11.03
C PHE B 628 30.53 -12.35 11.58
N VAL B 629 30.53 -11.37 10.68
CA VAL B 629 30.49 -9.96 11.03
C VAL B 629 29.26 -9.35 10.39
N TYR B 630 28.43 -8.68 11.21
CA TYR B 630 27.18 -8.09 10.75
C TYR B 630 27.24 -6.58 10.92
N ASP B 631 26.46 -5.88 10.09
CA ASP B 631 26.26 -4.45 10.26
C ASP B 631 25.01 -4.21 11.11
N LYS B 632 24.52 -2.97 11.12
CA LYS B 632 23.34 -2.65 11.91
C LYS B 632 22.07 -3.26 11.30
N PHE B 633 22.04 -3.52 10.02
CA PHE B 633 20.84 -4.01 9.37
C PHE B 633 20.85 -5.50 9.05
N ASP B 634 21.63 -6.28 9.79
CA ASP B 634 21.63 -7.74 9.59
C ASP B 634 22.07 -8.20 8.20
N ASN B 635 23.18 -7.68 7.69
CA ASN B 635 23.69 -8.11 6.46
C ASN B 635 25.11 -8.51 6.71
N ILE B 636 25.44 -9.76 6.54
CA ILE B 636 26.79 -10.28 6.77
C ILE B 636 27.75 -9.51 5.86
N ILE B 637 28.69 -8.78 6.48
CA ILE B 637 29.65 -7.98 5.75
C ILE B 637 31.06 -8.53 5.83
N GLY B 638 31.25 -9.65 6.52
CA GLY B 638 32.56 -10.25 6.61
C GLY B 638 32.49 -11.50 7.45
N PHE B 639 33.53 -12.32 7.29
CA PHE B 639 33.63 -13.54 8.08
C PHE B 639 35.08 -13.89 8.30
N HIS B 640 35.36 -14.56 9.41
CA HIS B 640 36.69 -15.05 9.73
C HIS B 640 36.82 -16.49 9.24
N SER B 641 37.84 -16.76 8.45
CA SER B 641 38.03 -18.08 7.89
C SER B 641 38.70 -19.00 8.92
N ASP B 642 38.88 -20.27 8.54
CA ASP B 642 39.53 -21.22 9.43
C ASP B 642 41.01 -20.90 9.61
N ASP B 643 41.67 -20.45 8.56
CA ASP B 643 43.05 -20.02 8.66
C ASP B 643 43.09 -18.56 9.15
N GLY B 644 44.26 -17.96 9.17
CA GLY B 644 44.35 -16.58 9.58
C GLY B 644 44.15 -15.64 8.41
N ASN B 645 42.91 -15.20 8.22
CA ASN B 645 42.48 -14.37 7.11
C ASN B 645 41.08 -13.85 7.42
N TYR B 646 40.81 -12.61 7.01
CA TYR B 646 39.49 -12.02 7.15
C TYR B 646 39.03 -11.57 5.77
N TYR B 647 38.00 -12.22 5.26
CA TYR B 647 37.41 -11.86 3.97
C TYR B 647 36.10 -11.13 4.23
N CYS B 648 36.04 -9.87 3.82
CA CYS B 648 34.80 -9.09 3.87
C CYS B 648 34.03 -9.25 2.56
N VAL B 649 32.78 -9.71 2.69
CA VAL B 649 31.95 -10.09 1.56
C VAL B 649 30.97 -8.97 1.25
N ALA B 650 30.86 -8.64 -0.03
CA ALA B 650 29.87 -7.73 -0.57
C ALA B 650 28.82 -8.51 -1.34
N PRO B 651 27.67 -7.91 -1.65
CA PRO B 651 26.73 -8.57 -2.57
C PRO B 651 27.33 -8.72 -3.96
N CYS B 652 26.63 -9.50 -4.79
CA CYS B 652 27.13 -9.79 -6.13
C CYS B 652 27.22 -8.52 -6.97
N VAL B 653 26.24 -7.63 -6.86
CA VAL B 653 26.36 -6.29 -7.40
C VAL B 653 26.37 -5.30 -6.25
N SER B 654 27.40 -4.45 -6.21
CA SER B 654 27.50 -3.44 -5.17
C SER B 654 27.97 -2.09 -5.65
N VAL B 655 28.71 -1.99 -6.75
CA VAL B 655 29.22 -0.72 -7.25
C VAL B 655 28.10 -0.01 -7.98
N PRO B 656 27.75 1.22 -7.59
CA PRO B 656 26.69 1.94 -8.30
C PRO B 656 27.19 2.44 -9.65
N VAL B 657 26.48 2.06 -10.71
CA VAL B 657 26.87 2.37 -12.08
C VAL B 657 25.84 3.32 -12.66
N SER B 658 26.32 4.43 -13.20
CA SER B 658 25.49 5.39 -13.92
C SER B 658 25.98 5.48 -15.36
N VAL B 659 25.07 5.68 -16.30
CA VAL B 659 25.39 5.78 -17.71
C VAL B 659 25.00 7.18 -18.18
N ILE B 660 25.97 7.89 -18.74
CA ILE B 660 25.75 9.23 -19.30
C ILE B 660 25.49 9.05 -20.79
N TYR B 661 24.32 9.49 -21.24
CA TYR B 661 23.87 9.21 -22.59
C TYR B 661 23.24 10.46 -23.20
N ASP B 662 23.51 10.69 -24.48
CA ASP B 662 22.85 11.75 -25.24
C ASP B 662 22.11 11.14 -26.42
N ASP B 663 20.83 11.53 -26.57
CA ASP B 663 19.99 10.93 -27.61
C ASP B 663 20.46 11.29 -29.01
N LYS B 664 21.04 12.48 -29.19
CA LYS B 664 21.72 12.81 -30.43
C LYS B 664 23.15 12.30 -30.36
N THR B 665 23.66 11.82 -31.51
CA THR B 665 24.97 11.20 -31.73
C THR B 665 25.13 9.85 -31.04
N ASN B 666 24.15 9.45 -30.23
CA ASN B 666 23.99 8.10 -29.66
C ASN B 666 25.18 7.64 -28.82
N GLN B 667 26.07 8.54 -28.40
CA GLN B 667 27.23 8.16 -27.63
C GLN B 667 26.83 7.88 -26.18
N TYR B 668 27.73 7.21 -25.45
CA TYR B 668 27.47 6.95 -24.04
C TYR B 668 28.79 6.84 -23.29
N ALA B 669 28.69 6.99 -21.97
CA ALA B 669 29.84 6.88 -21.08
C ALA B 669 29.36 6.33 -19.74
N THR B 670 30.30 5.84 -18.95
CA THR B 670 29.98 5.19 -17.69
C THR B 670 30.51 6.01 -16.52
N LEU B 671 29.75 6.01 -15.43
CA LEU B 671 30.18 6.62 -14.17
C LEU B 671 30.08 5.58 -13.07
N PHE B 672 31.22 5.21 -12.50
CA PHE B 672 31.26 4.34 -11.34
C PHE B 672 31.25 5.21 -10.10
N GLY B 673 30.11 5.24 -9.41
CA GLY B 673 29.88 6.27 -8.39
C GLY B 673 30.60 5.97 -7.09
N SER B 674 31.34 6.96 -6.60
CA SER B 674 31.96 6.95 -5.27
C SER B 674 32.89 5.75 -5.06
N VAL B 675 33.78 5.53 -6.02
CA VAL B 675 34.72 4.43 -5.95
C VAL B 675 36.00 4.82 -6.67
N ALA B 676 37.14 4.41 -6.13
CA ALA B 676 38.43 4.72 -6.73
C ALA B 676 38.65 3.91 -8.00
N CYS B 677 39.53 4.43 -8.87
CA CYS B 677 39.80 3.76 -10.13
C CYS B 677 40.72 2.55 -9.97
N GLN B 678 41.40 2.41 -8.85
CA GLN B 678 42.27 1.27 -8.62
C GLN B 678 41.53 0.06 -8.08
N HIS B 679 40.23 0.17 -7.83
CA HIS B 679 39.43 -0.94 -7.34
C HIS B 679 38.49 -1.50 -8.39
N ILE B 680 38.26 -0.77 -9.49
CA ILE B 680 37.33 -1.22 -10.52
C ILE B 680 37.89 -2.44 -11.26
N SER B 681 39.20 -2.45 -11.52
CA SER B 681 39.80 -3.54 -12.28
C SER B 681 39.79 -4.86 -11.53
N THR B 682 39.47 -4.89 -10.27
CA THR B 682 39.38 -6.15 -9.57
C THR B 682 37.98 -6.68 -9.59
N MET B 683 37.01 -5.79 -9.68
CA MET B 683 35.60 -6.17 -9.69
C MET B 683 34.99 -6.35 -11.05
N ALA B 684 35.79 -6.23 -12.09
CA ALA B 684 35.30 -6.28 -13.46
C ALA B 684 34.38 -7.37 -13.85
N ALA B 685 34.63 -8.57 -13.45
CA ALA B 685 33.79 -9.66 -13.95
C ALA B 685 32.31 -9.41 -13.72
N GLN B 686 31.96 -8.45 -12.87
CA GLN B 686 30.57 -8.20 -12.53
C GLN B 686 29.87 -7.24 -13.47
N PHE B 687 30.61 -6.57 -14.35
CA PHE B 687 30.03 -5.56 -15.23
C PHE B 687 29.59 -6.20 -16.54
N SER B 688 29.19 -5.38 -17.50
CA SER B 688 28.73 -5.86 -18.79
C SER B 688 29.89 -6.42 -19.60
N ARG B 689 29.55 -7.13 -20.69
CA ARG B 689 30.55 -7.89 -21.43
C ARG B 689 31.58 -6.97 -22.10
N GLU B 690 31.14 -5.85 -22.66
CA GLU B 690 32.10 -4.93 -23.28
C GLU B 690 32.90 -4.17 -22.23
N THR B 691 32.28 -3.82 -21.11
CA THR B 691 33.01 -3.19 -20.01
C THR B 691 34.00 -4.17 -19.38
N ARG B 692 33.61 -5.44 -19.25
CA ARG B 692 34.54 -6.46 -18.77
C ARG B 692 35.68 -6.66 -19.75
N ALA B 693 35.39 -6.63 -21.05
CA ALA B 693 36.44 -6.76 -22.05
C ALA B 693 37.33 -5.52 -22.12
N SER B 694 36.85 -4.38 -21.63
CA SER B 694 37.69 -3.17 -21.62
C SER B 694 38.60 -3.12 -20.40
N LEU B 695 38.07 -3.53 -19.23
CA LEU B 695 38.87 -3.48 -18.01
C LEU B 695 39.94 -4.57 -18.00
N VAL B 696 39.59 -5.79 -18.37
CA VAL B 696 40.61 -6.79 -18.66
C VAL B 696 41.31 -6.39 -19.96
N SER B 697 42.61 -6.68 -20.05
CA SER B 697 43.53 -6.06 -21.01
C SER B 697 43.43 -4.55 -20.88
N ARG B 698 43.84 -4.06 -19.71
CA ARG B 698 43.51 -2.72 -19.27
C ARG B 698 44.23 -1.64 -20.09
N ASN B 699 43.50 -0.59 -20.41
CA ASN B 699 44.05 0.65 -20.91
C ASN B 699 43.64 1.75 -19.96
N MET B 700 44.62 2.41 -19.33
CA MET B 700 44.32 3.42 -18.32
C MET B 700 43.84 4.74 -18.91
N GLN B 701 43.72 4.85 -20.23
CA GLN B 701 43.07 6.02 -20.82
C GLN B 701 41.58 6.07 -20.47
N ASN B 702 40.99 4.91 -20.16
CA ASN B 702 39.57 4.85 -19.87
C ASN B 702 39.23 5.51 -18.54
N LEU B 703 39.98 5.16 -17.49
CA LEU B 703 39.59 5.50 -16.12
C LEU B 703 40.15 6.85 -15.71
N LEU B 704 39.27 7.79 -15.42
CA LEU B 704 39.60 9.09 -14.87
C LEU B 704 38.92 9.22 -13.51
N GLN B 705 39.63 9.78 -12.53
CA GLN B 705 39.08 9.95 -11.19
C GLN B 705 38.60 11.38 -11.02
N THR B 706 37.34 11.53 -10.65
CA THR B 706 36.69 12.81 -10.45
C THR B 706 36.29 12.94 -8.98
N SER B 707 35.53 13.98 -8.67
CA SER B 707 35.03 14.20 -7.32
C SER B 707 33.72 13.47 -7.05
N VAL B 708 33.14 12.81 -8.05
CA VAL B 708 31.94 12.01 -7.87
C VAL B 708 32.17 10.53 -8.17
N GLY B 709 33.40 10.14 -8.48
CA GLY B 709 33.72 8.74 -8.69
C GLY B 709 34.65 8.59 -9.88
N CYS B 710 34.81 7.35 -10.32
CA CYS B 710 35.66 7.01 -11.45
C CYS B 710 34.81 6.92 -12.70
N VAL B 711 35.19 7.66 -13.74
CA VAL B 711 34.43 7.71 -14.97
C VAL B 711 35.17 6.95 -16.06
N MET B 712 34.41 6.46 -17.03
CA MET B 712 34.94 5.70 -18.16
C MET B 712 34.37 6.27 -19.45
N GLY B 713 35.22 6.45 -20.44
CA GLY B 713 34.81 7.08 -21.68
C GLY B 713 34.87 8.59 -21.67
N PHE B 714 35.69 9.18 -20.80
CA PHE B 714 35.82 10.61 -20.68
C PHE B 714 37.24 11.03 -21.03
N HIS B 715 37.40 12.32 -21.30
CA HIS B 715 38.72 12.93 -21.43
C HIS B 715 38.69 14.28 -20.71
N GLU B 716 39.81 14.65 -20.11
CA GLU B 716 39.87 15.90 -19.36
C GLU B 716 39.82 17.10 -20.30
N THR B 717 38.99 18.08 -19.95
CA THR B 717 38.86 19.30 -20.73
C THR B 717 38.72 20.47 -19.77
N ASN B 718 38.94 21.67 -20.31
CA ASN B 718 38.83 22.90 -19.54
C ASN B 718 37.63 23.73 -19.98
N ASP B 719 36.93 23.33 -21.03
CA ASP B 719 35.77 24.06 -21.50
C ASP B 719 34.62 23.95 -20.51
N THR B 720 33.87 25.03 -20.37
CA THR B 720 32.73 25.08 -19.46
C THR B 720 31.47 25.41 -20.25
N VAL B 721 30.35 24.88 -19.80
CA VAL B 721 29.05 25.08 -20.44
C VAL B 721 28.07 25.65 -19.43
N GLU B 722 27.21 26.56 -19.90
CA GLU B 722 26.20 27.15 -19.03
C GLU B 722 25.03 26.19 -18.80
N GLU B 723 24.45 25.67 -19.88
CA GLU B 723 23.43 24.65 -19.75
C GLU B 723 24.04 23.33 -19.28
N CYS B 724 23.35 22.63 -18.40
CA CYS B 724 23.85 21.37 -17.85
C CYS B 724 22.73 20.34 -17.94
N HIS B 725 22.69 19.61 -19.06
CA HIS B 725 21.75 18.53 -19.24
C HIS B 725 22.33 17.16 -18.88
N LEU B 726 23.63 17.08 -18.64
CA LEU B 726 24.32 15.83 -18.32
C LEU B 726 25.08 15.99 -17.01
N SER B 727 24.38 16.46 -15.99
CA SER B 727 25.00 16.78 -14.71
C SER B 727 25.46 15.51 -13.99
N LEU B 728 26.70 15.52 -13.53
CA LEU B 728 27.24 14.45 -12.69
C LEU B 728 27.21 14.81 -11.22
N GLY B 729 26.77 16.01 -10.86
CA GLY B 729 26.85 16.49 -9.50
C GLY B 729 28.19 17.13 -9.21
N GLN B 730 28.20 17.92 -8.12
CA GLN B 730 29.38 18.67 -7.66
C GLN B 730 29.95 19.56 -8.76
N SER B 731 29.05 20.25 -9.46
CA SER B 731 29.38 21.24 -10.49
C SER B 731 30.18 20.63 -11.64
N LEU B 732 29.83 19.40 -12.02
CA LEU B 732 30.43 18.73 -13.16
C LEU B 732 29.34 18.43 -14.18
N CYS B 733 29.54 18.85 -15.42
CA CYS B 733 28.69 18.47 -16.53
C CYS B 733 29.51 17.73 -17.56
N ALA B 734 28.87 16.80 -18.25
CA ALA B 734 29.52 16.03 -19.30
C ALA B 734 29.24 16.68 -20.65
N ILE B 735 30.31 16.95 -21.40
CA ILE B 735 30.20 17.58 -22.71
C ILE B 735 30.13 16.47 -23.75
N PRO B 736 29.00 16.31 -24.45
CA PRO B 736 28.88 15.20 -25.40
C PRO B 736 29.75 15.42 -26.62
N PRO B 737 30.19 14.35 -27.28
CA PRO B 737 31.00 14.51 -28.48
C PRO B 737 30.16 14.93 -29.69
N ASN B 738 30.84 15.43 -30.71
CA ASN B 738 30.21 15.89 -31.93
C ASN B 738 30.22 14.84 -33.04
N THR B 739 30.64 13.62 -32.74
CA THR B 739 30.71 12.54 -33.71
C THR B 739 29.68 11.47 -33.35
N ASN B 740 28.91 11.04 -34.34
CA ASN B 740 27.88 10.04 -34.12
C ASN B 740 28.51 8.66 -33.86
N LEU B 741 27.69 7.73 -33.37
CA LEU B 741 28.18 6.42 -33.00
C LEU B 741 28.54 5.57 -34.22
N ARG B 742 27.97 5.87 -35.39
CA ARG B 742 28.25 5.05 -36.57
C ARG B 742 29.68 5.22 -37.06
N SER B 743 30.36 6.30 -36.69
CA SER B 743 31.75 6.51 -37.06
C SER B 743 32.73 6.00 -36.00
N GLY B 744 32.23 5.44 -34.90
CA GLY B 744 33.10 4.97 -33.84
C GLY B 744 32.86 5.69 -32.52
N ARG B 745 33.18 5.06 -31.41
CA ARG B 745 32.96 5.66 -30.11
C ARG B 745 33.93 6.81 -29.87
N SER B 746 33.41 7.88 -29.27
CA SER B 746 34.18 9.06 -28.93
C SER B 746 34.04 9.34 -27.44
N THR B 747 35.03 10.05 -26.89
CA THR B 747 35.07 10.34 -25.48
C THR B 747 34.31 11.62 -25.15
N PHE B 748 33.74 11.66 -23.95
CA PHE B 748 33.03 12.83 -23.46
C PHE B 748 34.02 13.84 -22.87
N GLY B 749 33.52 15.05 -22.65
CA GLY B 749 34.27 16.08 -21.97
C GLY B 749 33.91 16.14 -20.50
N LEU B 750 34.90 16.44 -19.67
CA LEU B 750 34.74 16.40 -18.22
C LEU B 750 35.05 17.76 -17.62
N GLY B 751 34.20 18.20 -16.70
CA GLY B 751 34.41 19.45 -16.00
C GLY B 751 33.78 20.61 -16.71
N SER B 752 32.81 21.26 -16.07
CA SER B 752 32.04 22.33 -16.71
C SER B 752 31.45 23.22 -15.62
N LEU B 753 30.42 23.99 -15.97
CA LEU B 753 29.64 24.84 -15.08
C LEU B 753 30.51 25.91 -14.42
N ALA B 754 30.95 26.85 -15.25
CA ALA B 754 31.65 28.02 -14.74
C ALA B 754 30.66 29.00 -14.11
N TYR B 755 31.21 29.94 -13.33
CA TYR B 755 30.41 30.96 -12.70
C TYR B 755 30.09 32.09 -13.69
N ASN B 756 28.98 32.78 -13.43
CA ASN B 756 28.54 33.87 -14.30
C ASN B 756 29.52 35.04 -14.28
N SER B 757 30.16 35.30 -13.13
CA SER B 757 31.13 36.38 -12.90
C SER B 757 30.55 37.74 -13.29
N PRO B 758 29.65 38.31 -12.47
CA PRO B 758 28.99 39.56 -12.85
C PRO B 758 29.95 40.73 -12.87
N LEU B 759 29.48 41.82 -13.47
CA LEU B 759 30.31 43.02 -13.62
C LEU B 759 30.61 43.64 -12.27
N ARG B 760 31.83 44.16 -12.13
CA ARG B 760 32.32 44.69 -10.87
C ARG B 760 32.38 46.21 -10.95
N VAL B 761 31.75 46.86 -9.97
CA VAL B 761 31.82 48.31 -9.82
C VAL B 761 32.57 48.59 -8.53
N ASP B 762 33.69 49.29 -8.64
CA ASP B 762 34.53 49.58 -7.48
C ASP B 762 34.00 50.79 -6.71
N ALA B 763 33.96 50.65 -5.39
CA ALA B 763 33.50 51.74 -4.54
C ALA B 763 34.60 52.76 -4.32
N LEU B 764 34.27 54.04 -4.48
CA LEU B 764 35.24 55.09 -4.21
C LEU B 764 35.52 55.23 -2.72
N ASN B 765 34.54 54.88 -1.88
CA ASN B 765 34.63 54.98 -0.41
C ASN B 765 35.00 56.40 0.01
N SER B 766 34.30 57.37 -0.58
CA SER B 766 34.55 58.78 -0.37
C SER B 766 33.20 59.48 -0.31
N SER B 767 33.19 60.80 -0.46
CA SER B 767 31.94 61.55 -0.45
C SER B 767 31.07 61.22 -1.66
N GLU B 768 31.68 60.94 -2.81
CA GLU B 768 30.95 60.59 -4.02
C GLU B 768 30.99 59.08 -4.22
N PHE B 769 30.22 58.60 -5.21
CA PHE B 769 30.15 57.18 -5.50
C PHE B 769 30.07 56.98 -7.01
N LYS B 770 30.00 55.72 -7.42
CA LYS B 770 29.98 55.34 -8.82
C LYS B 770 28.68 54.61 -9.14
N VAL B 771 28.10 54.95 -10.28
CA VAL B 771 26.87 54.31 -10.75
C VAL B 771 27.12 53.70 -12.12
N SER B 772 26.49 52.56 -12.36
CA SER B 772 26.63 51.82 -13.61
C SER B 772 25.33 51.99 -14.40
N LEU B 773 25.37 52.84 -15.42
CA LEU B 773 24.20 53.23 -16.19
C LEU B 773 24.19 52.60 -17.58
N PRO B 774 23.02 52.27 -18.11
CA PRO B 774 22.95 51.68 -19.46
C PRO B 774 23.03 52.75 -20.54
N LEU B 775 23.88 52.51 -21.54
CA LEU B 775 23.82 53.32 -22.76
C LEU B 775 22.75 52.80 -23.70
N ASN B 776 22.77 51.51 -23.97
CA ASN B 776 21.81 50.87 -24.85
C ASN B 776 20.97 49.89 -24.05
N PHE B 777 19.86 49.48 -24.63
CA PHE B 777 18.92 48.60 -23.95
C PHE B 777 18.34 47.62 -24.95
N THR B 778 17.65 46.61 -24.42
CA THR B 778 16.93 45.65 -25.24
C THR B 778 15.76 45.12 -24.44
N PHE B 779 14.81 44.50 -25.14
CA PHE B 779 13.64 43.90 -24.52
C PHE B 779 13.76 42.39 -24.61
N GLY B 780 13.61 41.72 -23.47
CA GLY B 780 13.64 40.26 -23.41
C GLY B 780 12.34 39.73 -22.85
N VAL B 781 11.89 38.61 -23.38
CA VAL B 781 10.64 37.98 -22.96
C VAL B 781 10.98 36.68 -22.24
N THR B 782 10.50 36.55 -21.01
CA THR B 782 10.64 35.33 -20.23
C THR B 782 9.30 34.61 -20.21
N GLN B 783 9.31 33.34 -20.55
CA GLN B 783 8.11 32.52 -20.58
C GLN B 783 8.00 31.72 -19.29
N GLU B 784 6.77 31.50 -18.85
CA GLU B 784 6.54 30.81 -17.58
C GLU B 784 5.20 30.10 -17.63
N TYR B 785 5.22 28.79 -17.47
CA TYR B 785 4.03 27.96 -17.51
C TYR B 785 3.64 27.57 -16.10
N ILE B 786 2.38 27.85 -15.74
CA ILE B 786 1.82 27.47 -14.45
C ILE B 786 0.70 26.49 -14.70
N GLU B 787 0.83 25.27 -14.18
CA GLU B 787 -0.15 24.21 -14.39
C GLU B 787 -1.18 24.27 -13.26
N THR B 788 -2.37 24.78 -13.57
CA THR B 788 -3.37 25.10 -12.56
C THR B 788 -4.43 24.02 -12.38
N SER B 789 -4.36 22.91 -13.12
CA SER B 789 -5.41 21.91 -13.08
C SER B 789 -4.82 20.51 -13.21
N ILE B 790 -5.62 19.53 -12.78
CA ILE B 790 -5.28 18.13 -12.94
C ILE B 790 -6.28 17.49 -13.91
N GLN B 791 -6.00 16.25 -14.28
CA GLN B 791 -6.95 15.47 -15.07
C GLN B 791 -8.02 14.90 -14.16
N LYS B 792 -9.28 15.06 -14.57
CA LYS B 792 -10.41 14.61 -13.76
C LYS B 792 -10.79 13.20 -14.22
N ILE B 793 -10.61 12.23 -13.32
CA ILE B 793 -10.79 10.81 -13.63
C ILE B 793 -11.82 10.25 -12.67
N THR B 794 -12.76 9.46 -13.20
CA THR B 794 -13.68 8.67 -12.39
C THR B 794 -13.51 7.20 -12.75
N VAL B 795 -13.45 6.34 -11.73
CA VAL B 795 -13.23 4.91 -11.91
C VAL B 795 -14.48 4.16 -11.51
N ASP B 796 -14.84 3.15 -12.30
CA ASP B 796 -16.04 2.35 -12.03
C ASP B 796 -15.90 1.57 -10.72
N CYS B 797 -14.71 0.97 -10.49
CA CYS B 797 -14.28 0.27 -9.28
C CYS B 797 -14.96 -1.09 -9.10
N LYS B 798 -16.00 -1.37 -9.85
CA LYS B 798 -16.64 -2.68 -9.77
C LYS B 798 -16.52 -3.47 -11.06
N GLN B 799 -16.48 -2.77 -12.20
CA GLN B 799 -15.99 -3.40 -13.43
C GLN B 799 -14.47 -3.54 -13.39
N TYR B 800 -13.79 -2.60 -12.73
CA TYR B 800 -12.34 -2.65 -12.67
C TYR B 800 -11.85 -3.83 -11.84
N VAL B 801 -12.41 -4.00 -10.64
CA VAL B 801 -11.89 -5.00 -9.72
C VAL B 801 -12.46 -6.38 -10.04
N CYS B 802 -13.78 -6.47 -10.26
CA CYS B 802 -14.43 -7.76 -10.36
C CYS B 802 -14.76 -8.20 -11.78
N ASN B 803 -14.85 -7.26 -12.73
CA ASN B 803 -15.15 -7.54 -14.14
C ASN B 803 -16.47 -8.30 -14.31
N GLY B 804 -17.47 -7.90 -13.53
CA GLY B 804 -18.80 -8.49 -13.63
C GLY B 804 -18.90 -9.94 -13.21
N PHE B 805 -18.22 -10.33 -12.14
CA PHE B 805 -18.27 -11.68 -11.61
C PHE B 805 -18.87 -11.64 -10.21
N ALA B 806 -19.87 -12.49 -9.98
CA ALA B 806 -20.55 -12.49 -8.68
C ALA B 806 -19.68 -13.06 -7.58
N LYS B 807 -18.83 -14.05 -7.89
CA LYS B 807 -17.97 -14.64 -6.87
C LYS B 807 -16.92 -13.65 -6.41
N CYS B 808 -16.40 -12.81 -7.31
CA CYS B 808 -15.50 -11.75 -6.90
C CYS B 808 -16.20 -10.74 -6.01
N GLU B 809 -17.44 -10.38 -6.37
CA GLU B 809 -18.17 -9.36 -5.61
C GLU B 809 -18.55 -9.85 -4.23
N LYS B 810 -18.79 -11.16 -4.08
CA LYS B 810 -19.02 -11.70 -2.74
C LYS B 810 -17.74 -11.72 -1.93
N LEU B 811 -16.60 -11.85 -2.59
CA LEU B 811 -15.31 -11.77 -1.91
C LEU B 811 -14.79 -10.35 -1.78
N LEU B 812 -15.50 -9.37 -2.32
CA LEU B 812 -15.08 -7.98 -2.23
C LEU B 812 -15.58 -7.31 -0.96
N GLU B 813 -16.74 -7.74 -0.44
CA GLU B 813 -17.27 -7.17 0.79
C GLU B 813 -16.48 -7.59 2.02
N GLN B 814 -15.58 -8.56 1.90
CA GLN B 814 -14.65 -8.86 2.98
C GLN B 814 -13.59 -7.77 3.14
N TYR B 815 -13.42 -6.93 2.12
CA TYR B 815 -12.52 -5.79 2.17
C TYR B 815 -13.24 -4.50 2.53
N GLY B 816 -14.32 -4.60 3.31
CA GLY B 816 -15.05 -3.44 3.72
C GLY B 816 -15.96 -2.93 2.62
N GLN B 817 -16.53 -1.75 2.87
CA GLN B 817 -17.40 -1.10 1.88
C GLN B 817 -16.52 -0.30 0.91
N PHE B 818 -15.73 -1.06 0.15
CA PHE B 818 -14.89 -0.50 -0.89
C PHE B 818 -15.77 -0.05 -2.05
N CYS B 819 -15.23 0.89 -2.84
CA CYS B 819 -15.81 1.48 -4.05
C CYS B 819 -16.96 2.42 -3.75
N SER B 820 -17.39 2.50 -2.49
CA SER B 820 -18.19 3.61 -2.02
C SER B 820 -17.31 4.74 -1.48
N LYS B 821 -16.03 4.45 -1.26
CA LYS B 821 -15.06 5.44 -0.81
C LYS B 821 -14.15 5.92 -1.92
N ILE B 822 -13.83 5.06 -2.89
CA ILE B 822 -13.12 5.51 -4.08
C ILE B 822 -13.96 6.49 -4.88
N ASN B 823 -15.26 6.18 -5.02
CA ASN B 823 -16.16 7.07 -5.74
C ASN B 823 -16.30 8.41 -5.03
N GLN B 824 -16.41 8.39 -3.69
CA GLN B 824 -16.49 9.63 -2.93
C GLN B 824 -15.21 10.44 -3.02
N ALA B 825 -14.05 9.77 -2.95
CA ALA B 825 -12.78 10.46 -3.03
C ALA B 825 -12.59 11.11 -4.39
N LEU B 826 -12.88 10.38 -5.47
CA LEU B 826 -12.73 10.94 -6.80
C LEU B 826 -13.73 12.06 -7.06
N HIS B 827 -14.97 11.91 -6.59
CA HIS B 827 -15.97 12.96 -6.76
C HIS B 827 -15.58 14.23 -6.01
N GLY B 828 -15.06 14.08 -4.79
CA GLY B 828 -14.60 15.25 -4.05
C GLY B 828 -13.42 15.92 -4.71
N ALA B 829 -12.49 15.14 -5.26
CA ALA B 829 -11.35 15.71 -5.97
C ALA B 829 -11.80 16.48 -7.21
N ASN B 830 -12.74 15.94 -7.97
CA ASN B 830 -13.22 16.63 -9.17
C ASN B 830 -14.02 17.88 -8.80
N LEU B 831 -14.80 17.83 -7.73
CA LEU B 831 -15.51 19.02 -7.27
C LEU B 831 -14.53 20.12 -6.85
N ARG B 832 -13.47 19.75 -6.13
CA ARG B 832 -12.46 20.73 -5.74
C ARG B 832 -11.72 21.28 -6.96
N GLN B 833 -11.51 20.45 -7.99
CA GLN B 833 -10.91 20.94 -9.23
C GLN B 833 -11.80 21.97 -9.92
N ASP B 834 -13.11 21.69 -9.98
CA ASP B 834 -14.04 22.64 -10.59
C ASP B 834 -14.09 23.94 -9.81
N ASP B 835 -14.10 23.86 -8.48
CA ASP B 835 -14.09 25.06 -7.65
C ASP B 835 -12.80 25.86 -7.84
N SER B 836 -11.66 25.16 -7.96
CA SER B 836 -10.39 25.83 -8.19
C SER B 836 -10.38 26.55 -9.54
N VAL B 837 -10.94 25.92 -10.58
CA VAL B 837 -11.00 26.56 -11.90
C VAL B 837 -11.90 27.79 -11.86
N ARG B 838 -13.06 27.67 -11.21
CA ARG B 838 -13.97 28.80 -11.11
C ARG B 838 -13.36 29.96 -10.33
N ASN B 839 -12.63 29.66 -9.26
CA ASN B 839 -11.97 30.72 -8.49
C ASN B 839 -10.80 31.31 -9.23
N LEU B 840 -10.10 30.51 -10.04
CA LEU B 840 -8.99 31.03 -10.83
C LEU B 840 -9.48 32.00 -11.90
N PHE B 841 -10.59 31.67 -12.55
CA PHE B 841 -11.08 32.56 -13.58
C PHE B 841 -11.92 33.71 -13.04
N GLU B 842 -12.11 33.79 -11.72
CA GLU B 842 -12.71 34.98 -11.13
C GLU B 842 -11.75 36.15 -11.08
N SER B 843 -10.44 35.89 -11.13
CA SER B 843 -9.44 36.95 -11.16
C SER B 843 -9.05 37.34 -12.59
N VAL B 844 -9.18 36.41 -13.53
CA VAL B 844 -8.93 36.72 -14.94
C VAL B 844 -10.01 37.66 -15.47
N LYS B 845 -11.23 37.54 -14.96
CA LYS B 845 -12.31 38.43 -15.37
C LYS B 845 -12.05 39.86 -14.90
N THR B 846 -12.51 40.82 -15.68
CA THR B 846 -12.28 42.23 -15.44
C THR B 846 -13.58 43.00 -15.66
N PRO B 847 -13.81 44.10 -14.91
CA PRO B 847 -15.09 44.80 -15.04
C PRO B 847 -15.25 45.60 -16.33
N GLN B 848 -14.18 46.17 -16.88
CA GLN B 848 -14.28 47.01 -18.05
C GLN B 848 -13.20 46.65 -19.06
N THR B 849 -13.54 46.74 -20.35
CA THR B 849 -12.63 46.39 -21.42
C THR B 849 -12.72 47.43 -22.53
N VAL B 850 -11.67 47.48 -23.34
CA VAL B 850 -11.71 48.13 -24.65
C VAL B 850 -11.84 47.03 -25.70
N PRO B 851 -12.81 47.12 -26.61
CA PRO B 851 -12.97 46.06 -27.62
C PRO B 851 -11.76 45.93 -28.53
N LEU B 852 -11.44 44.69 -28.89
CA LEU B 852 -10.27 44.43 -29.71
C LEU B 852 -10.53 44.86 -31.15
N THR B 853 -9.60 45.61 -31.72
CA THR B 853 -9.69 46.14 -33.06
C THR B 853 -8.41 45.75 -33.79
N THR B 854 -8.54 45.38 -35.07
CA THR B 854 -7.36 45.02 -35.85
C THR B 854 -6.41 46.21 -35.96
N GLY B 855 -5.11 45.90 -35.97
CA GLY B 855 -4.12 46.94 -35.76
C GLY B 855 -4.04 47.38 -34.32
N PHE B 856 -4.29 46.48 -33.38
CA PHE B 856 -4.26 46.81 -31.96
C PHE B 856 -2.83 47.10 -31.52
N GLY B 857 -2.67 48.06 -30.62
CA GLY B 857 -1.38 48.46 -30.13
C GLY B 857 -0.68 49.53 -30.94
N GLY B 858 -1.24 49.91 -32.08
CA GLY B 858 -0.65 50.95 -32.90
C GLY B 858 0.66 50.53 -33.54
N GLU B 859 1.75 51.21 -33.16
CA GLU B 859 3.06 50.85 -33.71
C GLU B 859 3.56 49.53 -33.14
N PHE B 860 3.25 49.24 -31.89
CA PHE B 860 3.58 47.96 -31.30
C PHE B 860 2.75 46.86 -31.94
N ASN B 861 3.38 45.72 -32.21
CA ASN B 861 2.74 44.62 -32.93
C ASN B 861 2.17 43.63 -31.92
N LEU B 862 0.85 43.54 -31.86
CA LEU B 862 0.16 42.57 -31.01
C LEU B 862 -0.76 41.67 -31.83
N THR B 863 -0.53 41.59 -33.14
CA THR B 863 -1.41 40.80 -34.01
C THR B 863 -1.26 39.30 -33.75
N LEU B 864 -0.06 38.87 -33.33
CA LEU B 864 0.14 37.47 -32.96
C LEU B 864 -0.51 37.14 -31.63
N LEU B 865 -1.00 38.13 -30.89
CA LEU B 865 -1.63 37.91 -29.61
C LEU B 865 -3.10 38.26 -29.59
N GLU B 866 -3.58 39.03 -30.57
CA GLU B 866 -4.98 39.39 -30.65
C GLU B 866 -5.81 38.18 -31.07
N PRO B 867 -7.12 38.19 -30.79
CA PRO B 867 -7.96 37.05 -31.15
C PRO B 867 -8.00 36.78 -32.65
N LEU B 868 -8.20 35.50 -32.97
CA LEU B 868 -8.39 35.11 -34.37
C LEU B 868 -9.75 35.53 -34.90
N SER B 869 -10.66 36.00 -34.05
CA SER B 869 -11.92 36.53 -34.55
C SER B 869 -11.72 37.84 -35.30
N VAL B 870 -10.86 38.71 -34.77
CA VAL B 870 -10.71 40.03 -35.36
C VAL B 870 -9.82 40.00 -36.61
N SER B 871 -9.00 38.95 -36.77
CA SER B 871 -8.11 38.82 -37.90
C SER B 871 -8.27 37.44 -38.52
N THR B 872 -8.52 37.40 -39.83
CA THR B 872 -8.58 36.23 -40.74
C THR B 872 -9.89 35.47 -40.54
N GLY B 873 -10.85 36.01 -39.79
CA GLY B 873 -12.21 35.51 -39.79
C GLY B 873 -12.49 34.47 -38.73
N SER B 874 -13.79 34.13 -38.64
CA SER B 874 -14.46 33.19 -37.73
C SER B 874 -14.75 33.86 -36.39
N SER B 875 -15.58 33.24 -35.56
CA SER B 875 -15.83 33.72 -34.21
C SER B 875 -14.86 33.12 -33.19
N ASN B 876 -13.83 32.44 -33.66
CA ASN B 876 -12.85 31.83 -32.77
C ASN B 876 -12.07 32.92 -32.06
N ALA B 877 -12.03 32.86 -30.73
CA ALA B 877 -11.30 33.82 -29.93
C ALA B 877 -9.92 33.31 -29.52
N ARG B 878 -9.60 32.06 -29.85
CA ARG B 878 -8.30 31.50 -29.53
C ARG B 878 -7.26 32.11 -30.44
N SER B 879 -6.36 32.90 -29.86
CA SER B 879 -5.38 33.69 -30.62
C SER B 879 -4.40 32.79 -31.35
N ALA B 880 -3.65 33.41 -32.28
CA ALA B 880 -2.73 32.67 -33.13
C ALA B 880 -1.58 32.06 -32.32
N LEU B 881 -1.13 32.76 -31.28
CA LEU B 881 -0.10 32.19 -30.41
C LEU B 881 -0.64 30.99 -29.64
N GLU B 882 -1.91 31.03 -29.23
CA GLU B 882 -2.50 29.89 -28.54
C GLU B 882 -2.62 28.69 -29.47
N GLU B 883 -3.02 28.91 -30.73
CA GLU B 883 -3.08 27.80 -31.68
C GLU B 883 -1.68 27.24 -31.97
N LEU B 884 -0.67 28.12 -32.04
CA LEU B 884 0.69 27.67 -32.23
C LEU B 884 1.16 26.84 -31.03
N LEU B 885 0.78 27.25 -29.82
CA LEU B 885 1.18 26.51 -28.63
C LEU B 885 0.48 25.16 -28.55
N PHE B 886 -0.81 25.11 -28.90
CA PHE B 886 -1.54 23.85 -28.85
C PHE B 886 -1.11 22.90 -29.96
N ASP B 887 -0.72 23.42 -31.12
CA ASP B 887 -0.30 22.55 -32.21
C ASP B 887 1.07 21.96 -31.96
N SER B 888 1.90 22.61 -31.15
CA SER B 888 3.24 22.14 -30.87
C SER B 888 3.31 21.14 -29.72
N VAL B 889 2.18 20.84 -29.09
CA VAL B 889 2.12 19.88 -27.99
C VAL B 889 1.31 18.68 -28.46
N THR B 890 1.88 17.48 -28.30
CA THR B 890 1.22 16.25 -28.72
C THR B 890 0.29 15.78 -27.63
N ILE B 891 -0.98 16.15 -27.75
CA ILE B 891 -2.03 15.73 -26.84
C ILE B 891 -2.95 14.81 -27.62
N ALA B 892 -3.23 13.63 -27.06
CA ALA B 892 -4.20 12.73 -27.66
C ALA B 892 -5.59 13.33 -27.57
N ASP B 893 -6.35 13.20 -28.65
CA ASP B 893 -7.71 13.72 -28.69
C ASP B 893 -8.59 12.89 -27.76
N PRO B 894 -9.19 13.47 -26.72
CA PRO B 894 -9.95 12.65 -25.78
C PRO B 894 -11.27 12.16 -26.33
N GLY B 895 -11.85 12.88 -27.29
CA GLY B 895 -13.11 12.48 -27.88
C GLY B 895 -14.26 12.54 -26.90
N TYR B 896 -14.73 13.69 -26.54
CA TYR B 896 -15.76 13.67 -25.56
C TYR B 896 -17.09 13.50 -26.22
N MET B 897 -17.37 14.08 -27.36
CA MET B 897 -18.64 13.82 -28.04
C MET B 897 -18.90 12.42 -28.54
N GLN B 898 -17.91 11.75 -29.12
CA GLN B 898 -18.11 10.45 -29.71
C GLN B 898 -16.90 9.59 -29.66
N GLY B 899 -16.27 9.53 -28.53
CA GLY B 899 -15.07 8.74 -28.30
C GLY B 899 -15.34 7.25 -28.36
N TYR B 900 -16.48 6.80 -27.87
CA TYR B 900 -16.81 5.40 -27.83
C TYR B 900 -16.85 4.90 -29.18
N ASP B 901 -17.62 5.54 -30.02
CA ASP B 901 -17.80 5.13 -31.37
C ASP B 901 -16.59 5.15 -32.24
N ASP B 902 -15.75 6.14 -32.12
CA ASP B 902 -14.53 6.12 -32.86
C ASP B 902 -13.73 4.96 -32.37
N CYS B 903 -13.53 4.86 -31.08
CA CYS B 903 -12.70 3.77 -30.60
C CYS B 903 -13.21 2.41 -31.07
N MET B 904 -14.52 2.28 -31.28
CA MET B 904 -15.05 1.03 -31.79
C MET B 904 -14.76 0.84 -33.28
N GLN B 905 -14.87 1.91 -34.08
CA GLN B 905 -14.76 1.78 -35.54
C GLN B 905 -13.36 1.39 -35.97
N GLN B 906 -12.33 2.11 -35.51
CA GLN B 906 -10.96 1.80 -35.88
C GLN B 906 -10.32 0.93 -34.81
N GLY B 907 -9.44 0.02 -35.24
CA GLY B 907 -8.84 -0.94 -34.35
C GLY B 907 -7.75 -0.36 -33.49
N PRO B 908 -6.80 -1.21 -33.07
CA PRO B 908 -5.70 -0.72 -32.24
C PRO B 908 -4.74 0.14 -33.06
N ALA B 909 -4.32 1.25 -32.45
CA ALA B 909 -3.37 2.16 -33.07
C ALA B 909 -2.17 2.49 -32.20
N SER B 910 -2.20 2.14 -30.91
CA SER B 910 -1.12 2.34 -29.95
C SER B 910 -0.74 3.80 -29.76
N ALA B 911 -1.65 4.71 -30.12
CA ALA B 911 -1.46 6.14 -29.88
C ALA B 911 -2.71 6.70 -29.22
N ARG B 912 -3.84 6.03 -29.46
CA ARG B 912 -5.09 6.32 -28.78
C ARG B 912 -5.57 5.13 -27.96
N ASP B 913 -4.69 4.17 -27.68
CA ASP B 913 -5.08 3.01 -26.88
C ASP B 913 -5.32 3.40 -25.42
N LEU B 914 -4.67 4.45 -24.94
CA LEU B 914 -4.98 4.96 -23.61
C LEU B 914 -6.38 5.56 -23.57
N ILE B 915 -6.79 6.23 -24.65
CA ILE B 915 -8.15 6.76 -24.73
C ILE B 915 -9.14 5.63 -24.93
N CYS B 916 -8.81 4.66 -25.77
CA CYS B 916 -9.70 3.52 -26.03
C CYS B 916 -9.76 2.55 -24.86
N ALA B 917 -8.85 2.65 -23.90
CA ALA B 917 -8.89 1.80 -22.71
C ALA B 917 -9.85 2.31 -21.65
N GLN B 918 -10.47 3.48 -21.85
CA GLN B 918 -11.51 3.95 -20.95
C GLN B 918 -12.70 2.99 -20.94
N TYR B 919 -13.08 2.50 -22.10
CA TYR B 919 -14.26 1.66 -22.27
C TYR B 919 -13.95 0.19 -22.08
N VAL B 920 -12.71 -0.16 -21.77
CA VAL B 920 -12.32 -1.54 -21.49
C VAL B 920 -11.92 -1.72 -20.03
N ALA B 921 -11.02 -0.87 -19.54
CA ALA B 921 -10.56 -0.97 -18.16
C ALA B 921 -11.66 -0.54 -17.18
N GLY B 922 -12.30 0.58 -17.44
CA GLY B 922 -13.39 1.02 -16.59
C GLY B 922 -13.24 2.40 -15.98
N TYR B 923 -12.47 3.27 -16.61
CA TYR B 923 -12.34 4.65 -16.16
C TYR B 923 -12.86 5.60 -17.23
N LYS B 924 -12.83 6.89 -16.91
CA LYS B 924 -13.32 7.92 -17.83
C LYS B 924 -12.66 9.24 -17.49
N VAL B 925 -12.24 9.98 -18.52
CA VAL B 925 -11.69 11.32 -18.36
C VAL B 925 -12.82 12.32 -18.56
N LEU B 926 -13.00 13.20 -17.60
CA LEU B 926 -14.10 14.15 -17.68
C LEU B 926 -13.68 15.42 -18.42
N PRO B 927 -14.61 16.04 -19.15
CA PRO B 927 -14.30 17.32 -19.78
C PRO B 927 -14.07 18.40 -18.74
N PRO B 928 -13.20 19.37 -19.02
CA PRO B 928 -12.73 20.33 -18.00
C PRO B 928 -13.58 21.59 -17.84
N LEU B 929 -14.91 21.42 -17.75
CA LEU B 929 -15.86 22.40 -17.23
C LEU B 929 -16.01 23.66 -18.10
N MET B 930 -15.16 23.83 -19.10
CA MET B 930 -15.14 25.08 -19.87
C MET B 930 -14.57 24.80 -21.24
N ASP B 931 -15.21 25.36 -22.24
CA ASP B 931 -14.75 25.15 -23.58
C ASP B 931 -13.66 26.13 -23.92
N VAL B 932 -12.80 25.80 -24.88
CA VAL B 932 -11.70 26.69 -25.20
C VAL B 932 -12.19 28.04 -25.68
N ASN B 933 -13.42 28.11 -26.20
CA ASN B 933 -13.99 29.38 -26.65
C ASN B 933 -14.17 30.35 -25.49
N MET B 934 -14.76 29.86 -24.43
CA MET B 934 -14.96 30.69 -23.27
C MET B 934 -13.65 31.13 -22.67
N GLU B 935 -12.75 30.23 -22.41
CA GLU B 935 -11.44 30.56 -21.85
C GLU B 935 -10.71 31.58 -22.71
N ALA B 936 -10.78 31.41 -24.03
CA ALA B 936 -10.21 32.40 -24.94
C ALA B 936 -10.92 33.73 -24.85
N ALA B 937 -12.23 33.73 -24.59
CA ALA B 937 -12.95 34.98 -24.39
C ALA B 937 -12.47 35.70 -23.13
N TYR B 938 -12.25 34.96 -22.04
CA TYR B 938 -11.70 35.56 -20.82
C TYR B 938 -10.31 36.13 -21.06
N THR B 939 -9.46 35.38 -21.77
CA THR B 939 -8.10 35.84 -22.05
C THR B 939 -8.11 37.07 -22.95
N SER B 940 -8.99 37.10 -23.95
CA SER B 940 -9.10 38.26 -24.84
C SER B 940 -9.61 39.48 -24.10
N SER B 941 -10.59 39.30 -23.21
CA SER B 941 -11.07 40.41 -22.41
C SER B 941 -9.99 40.93 -21.46
N LEU B 942 -9.17 40.04 -20.92
CA LEU B 942 -8.04 40.49 -20.11
C LEU B 942 -7.03 41.26 -20.95
N LEU B 943 -6.82 40.81 -22.20
CA LEU B 943 -5.91 41.52 -23.10
C LEU B 943 -6.42 42.90 -23.48
N GLY B 944 -7.74 43.06 -23.58
CA GLY B 944 -8.31 44.34 -23.95
C GLY B 944 -8.15 45.42 -22.90
N SER B 945 -7.90 45.05 -21.65
CA SER B 945 -7.78 46.00 -20.55
C SER B 945 -6.36 46.06 -19.97
N ILE B 946 -5.35 45.79 -20.81
CA ILE B 946 -3.96 45.87 -20.33
C ILE B 946 -3.56 47.32 -20.09
N ALA B 947 -3.90 48.20 -21.04
CA ALA B 947 -3.41 49.57 -20.99
C ALA B 947 -4.02 50.36 -19.84
N GLY B 948 -5.30 50.15 -19.57
CA GLY B 948 -5.96 50.75 -18.43
C GLY B 948 -5.79 49.91 -17.18
N ALA B 949 -6.70 50.09 -16.24
CA ALA B 949 -6.81 49.30 -15.00
C ALA B 949 -5.50 49.36 -14.19
N GLY B 950 -5.18 50.57 -13.75
CA GLY B 950 -3.94 50.81 -13.06
C GLY B 950 -3.27 52.09 -13.50
N TRP B 951 -4.01 52.90 -14.27
CA TRP B 951 -3.51 54.20 -14.70
C TRP B 951 -3.31 55.14 -13.52
N THR B 952 -4.20 55.08 -12.53
CA THR B 952 -4.17 55.97 -11.39
C THR B 952 -4.70 55.16 -10.20
N ALA B 953 -4.26 55.54 -8.99
CA ALA B 953 -4.55 54.78 -7.78
C ALA B 953 -6.04 54.57 -7.56
N GLY B 954 -6.39 53.34 -7.17
CA GLY B 954 -7.77 52.90 -7.14
C GLY B 954 -8.09 52.05 -8.35
N LEU B 955 -8.91 51.01 -8.16
CA LEU B 955 -9.24 50.09 -9.24
C LEU B 955 -10.66 50.29 -9.77
N SER B 956 -11.38 51.30 -9.30
CA SER B 956 -12.76 51.49 -9.71
C SER B 956 -12.88 52.09 -11.11
N SER B 957 -11.99 52.99 -11.48
CA SER B 957 -12.06 53.65 -12.78
C SER B 957 -11.34 52.84 -13.83
N PHE B 958 -11.68 53.13 -15.10
CA PHE B 958 -11.04 52.51 -16.25
C PHE B 958 -10.78 53.59 -17.28
N ALA B 959 -9.56 53.64 -17.79
CA ALA B 959 -9.16 54.64 -18.77
C ALA B 959 -8.86 53.95 -20.10
N ALA B 960 -9.50 54.42 -21.17
CA ALA B 960 -9.31 53.86 -22.51
C ALA B 960 -8.04 54.46 -23.12
N ILE B 961 -6.90 54.04 -22.56
CA ILE B 961 -5.60 54.56 -22.93
C ILE B 961 -5.07 53.72 -24.08
N PRO B 962 -4.47 54.32 -25.12
CA PRO B 962 -3.82 53.52 -26.15
C PRO B 962 -2.63 52.75 -25.60
N PHE B 963 -2.32 51.62 -26.23
CA PHE B 963 -1.28 50.72 -25.73
C PHE B 963 0.09 51.39 -25.77
N ALA B 964 0.36 52.17 -26.81
CA ALA B 964 1.65 52.85 -26.93
C ALA B 964 1.84 53.86 -25.81
N GLN B 965 0.79 54.61 -25.47
CA GLN B 965 0.89 55.58 -24.39
C GLN B 965 1.12 54.89 -23.04
N SER B 966 0.47 53.75 -22.82
CA SER B 966 0.69 53.00 -21.60
C SER B 966 2.12 52.48 -21.51
N ILE B 967 2.65 52.00 -22.64
CA ILE B 967 4.04 51.50 -22.63
C ILE B 967 5.02 52.64 -22.37
N PHE B 968 4.81 53.80 -23.01
CA PHE B 968 5.70 54.94 -22.79
C PHE B 968 5.61 55.45 -21.36
N TYR B 969 4.42 55.45 -20.78
CA TYR B 969 4.28 55.86 -19.39
C TYR B 969 4.93 54.87 -18.43
N ARG B 970 4.85 53.58 -18.74
CA ARG B 970 5.50 52.57 -17.91
C ARG B 970 7.02 52.70 -17.97
N LEU B 971 7.56 52.94 -19.18
CA LEU B 971 8.99 53.18 -19.30
C LEU B 971 9.42 54.48 -18.62
N ASN B 972 8.55 55.50 -18.63
CA ASN B 972 8.83 56.73 -17.90
C ASN B 972 8.86 56.49 -16.40
N GLY B 973 7.95 55.66 -15.89
CA GLY B 973 7.95 55.32 -14.48
C GLY B 973 9.10 54.43 -14.07
N VAL B 974 9.65 53.65 -15.01
CA VAL B 974 10.82 52.84 -14.71
C VAL B 974 12.03 53.73 -14.43
N GLY B 975 12.14 54.86 -15.13
CA GLY B 975 13.25 55.76 -14.91
C GLY B 975 13.94 56.24 -16.17
N ILE B 976 13.26 56.13 -17.30
CA ILE B 976 13.71 56.73 -18.56
C ILE B 976 12.96 58.05 -18.74
N THR B 977 13.70 59.13 -18.94
CA THR B 977 13.09 60.44 -18.96
C THR B 977 12.27 60.64 -20.23
N GLN B 978 11.40 61.65 -20.19
CA GLN B 978 10.44 61.88 -21.27
C GLN B 978 11.15 62.34 -22.55
N GLN B 979 12.27 63.03 -22.43
CA GLN B 979 13.03 63.46 -23.60
C GLN B 979 13.58 62.26 -24.37
N VAL B 980 14.08 61.25 -23.67
CA VAL B 980 14.60 60.05 -24.31
C VAL B 980 13.48 59.29 -25.01
N LEU B 981 12.32 59.17 -24.35
CA LEU B 981 11.19 58.45 -24.94
C LEU B 981 10.65 59.17 -26.16
N SER B 982 10.60 60.50 -26.13
CA SER B 982 10.13 61.24 -27.28
C SER B 982 11.15 61.25 -28.41
N GLU B 983 12.44 61.13 -28.08
CA GLU B 983 13.47 61.22 -29.09
C GLU B 983 13.55 59.94 -29.93
N ASN B 984 13.49 58.78 -29.31
CA ASN B 984 13.72 57.51 -29.99
C ASN B 984 12.59 56.52 -29.71
N GLN B 985 11.34 56.97 -29.90
CA GLN B 985 10.20 56.08 -29.72
C GLN B 985 10.14 54.99 -30.79
N LYS B 986 10.65 55.29 -32.00
CA LYS B 986 10.65 54.31 -33.07
C LYS B 986 11.58 53.14 -32.75
N ILE B 987 12.75 53.43 -32.17
CA ILE B 987 13.69 52.40 -31.77
C ILE B 987 13.07 51.51 -30.69
N ILE B 988 12.38 52.12 -29.73
CA ILE B 988 11.74 51.38 -28.64
C ILE B 988 10.66 50.46 -29.20
N ALA B 989 9.82 50.99 -30.09
CA ALA B 989 8.76 50.19 -30.69
C ALA B 989 9.32 49.05 -31.53
N ASN B 990 10.40 49.32 -32.27
CA ASN B 990 11.03 48.28 -33.07
C ASN B 990 11.60 47.16 -32.20
N LYS B 991 12.27 47.52 -31.11
CA LYS B 991 12.86 46.50 -30.23
C LYS B 991 11.78 45.68 -29.53
N PHE B 992 10.68 46.33 -29.14
CA PHE B 992 9.54 45.58 -28.61
C PHE B 992 8.96 44.64 -29.66
N ASN B 993 8.92 45.08 -30.91
CA ASN B 993 8.39 44.24 -31.98
C ASN B 993 9.26 43.01 -32.22
N GLN B 994 10.59 43.18 -32.22
CA GLN B 994 11.46 42.00 -32.36
C GLN B 994 11.33 41.06 -31.15
N ALA B 995 11.27 41.63 -29.94
CA ALA B 995 11.17 40.81 -28.74
C ALA B 995 9.89 39.98 -28.73
N LEU B 996 8.77 40.58 -29.15
CA LEU B 996 7.54 39.81 -29.20
C LEU B 996 7.43 38.95 -30.45
N GLY B 997 8.17 39.28 -31.52
CA GLY B 997 8.17 38.46 -32.71
C GLY B 997 9.09 37.27 -32.65
N ALA B 998 9.94 37.19 -31.63
CA ALA B 998 10.67 35.95 -31.37
C ALA B 998 9.78 34.83 -30.84
N MET B 999 8.52 35.13 -30.51
CA MET B 999 7.58 34.13 -30.01
C MET B 999 7.18 33.10 -31.05
N GLN B 1000 7.28 33.42 -32.34
CA GLN B 1000 6.80 32.50 -33.38
C GLN B 1000 7.65 31.23 -33.43
N THR B 1001 8.96 31.36 -33.30
CA THR B 1001 9.87 30.23 -33.34
C THR B 1001 10.33 29.79 -31.95
N GLY B 1002 9.68 30.29 -30.90
CA GLY B 1002 10.09 29.98 -29.55
C GLY B 1002 9.56 28.69 -28.97
N PHE B 1003 8.65 28.01 -29.68
CA PHE B 1003 8.09 26.76 -29.21
C PHE B 1003 8.86 25.57 -29.80
N THR B 1004 10.09 25.43 -29.32
CA THR B 1004 10.98 24.36 -29.73
C THR B 1004 11.42 23.57 -28.49
N THR B 1005 12.22 22.53 -28.73
CA THR B 1005 12.69 21.70 -27.62
C THR B 1005 13.76 22.39 -26.79
N THR B 1006 14.39 23.43 -27.32
CA THR B 1006 15.38 24.19 -26.57
C THR B 1006 14.75 25.16 -25.57
N ASN B 1007 13.44 25.38 -25.65
CA ASN B 1007 12.77 26.31 -24.75
C ASN B 1007 12.48 25.60 -23.42
N GLU B 1008 13.01 26.14 -22.33
CA GLU B 1008 12.86 25.52 -21.02
C GLU B 1008 11.41 25.56 -20.54
N ALA B 1009 10.73 26.69 -20.73
CA ALA B 1009 9.37 26.83 -20.23
C ALA B 1009 8.36 26.07 -21.06
N PHE B 1010 8.63 25.88 -22.36
CA PHE B 1010 7.68 25.16 -23.20
C PHE B 1010 7.69 23.66 -22.91
N GLN B 1011 8.84 23.11 -22.52
CA GLN B 1011 8.93 21.68 -22.25
C GLN B 1011 8.15 21.26 -21.01
N LYS B 1012 7.84 22.22 -20.12
CA LYS B 1012 7.04 21.90 -18.94
C LYS B 1012 5.61 21.51 -19.32
N VAL B 1013 5.09 22.08 -20.40
CA VAL B 1013 3.74 21.73 -20.88
C VAL B 1013 3.71 20.26 -21.31
N GLN B 1014 4.69 19.85 -22.10
CA GLN B 1014 4.76 18.47 -22.54
C GLN B 1014 5.07 17.53 -21.38
N ASP B 1015 5.85 18.00 -20.39
CA ASP B 1015 6.10 17.19 -19.19
C ASP B 1015 4.81 16.96 -18.41
N ALA B 1016 3.97 17.99 -18.27
CA ALA B 1016 2.70 17.83 -17.58
C ALA B 1016 1.76 16.89 -18.33
N VAL B 1017 1.73 17.02 -19.67
CA VAL B 1017 0.90 16.13 -20.48
C VAL B 1017 1.36 14.69 -20.34
N ASN B 1018 2.68 14.46 -20.36
CA ASN B 1018 3.22 13.12 -20.21
C ASN B 1018 2.98 12.57 -18.81
N THR B 1019 3.02 13.42 -17.78
CA THR B 1019 2.72 12.97 -16.42
C THR B 1019 1.27 12.51 -16.30
N ASN B 1020 0.34 13.28 -16.88
CA ASN B 1020 -1.06 12.86 -16.88
C ASN B 1020 -1.25 11.55 -17.65
N ALA B 1021 -0.56 11.40 -18.79
CA ALA B 1021 -0.67 10.17 -19.57
C ALA B 1021 -0.12 8.98 -18.82
N GLN B 1022 0.99 9.17 -18.09
CA GLN B 1022 1.57 8.08 -17.30
C GLN B 1022 0.66 7.69 -16.15
N ALA B 1023 0.05 8.68 -15.48
CA ALA B 1023 -0.89 8.38 -14.40
C ALA B 1023 -2.10 7.63 -14.93
N LEU B 1024 -2.57 7.98 -16.12
CA LEU B 1024 -3.68 7.24 -16.73
C LEU B 1024 -3.26 5.83 -17.11
N ALA B 1025 -2.05 5.65 -17.64
CA ALA B 1025 -1.56 4.33 -18.01
C ALA B 1025 -1.32 3.44 -16.79
N LYS B 1026 -1.14 4.03 -15.62
CA LYS B 1026 -1.05 3.26 -14.38
C LYS B 1026 -2.38 2.69 -13.90
N LEU B 1027 -3.44 2.73 -14.70
CA LEU B 1027 -4.70 2.06 -14.39
C LEU B 1027 -4.99 0.89 -15.31
N ALA B 1028 -4.70 1.04 -16.60
CA ALA B 1028 -4.98 0.01 -17.59
C ALA B 1028 -3.84 -1.01 -17.70
N SER B 1029 -2.69 -0.75 -17.11
CA SER B 1029 -1.55 -1.66 -17.22
C SER B 1029 -1.56 -2.74 -16.16
N GLU B 1030 -1.98 -2.43 -14.95
CA GLU B 1030 -2.00 -3.38 -13.84
C GLU B 1030 -3.27 -4.21 -13.78
N LEU B 1031 -4.15 -4.10 -14.78
CA LEU B 1031 -5.19 -5.10 -14.93
C LEU B 1031 -4.67 -6.37 -15.57
N SER B 1032 -3.52 -6.31 -16.23
CA SER B 1032 -2.91 -7.45 -16.88
C SER B 1032 -1.97 -8.23 -15.99
N ASN B 1033 -1.84 -7.84 -14.73
CA ASN B 1033 -0.93 -8.49 -13.79
C ASN B 1033 -1.67 -9.59 -13.04
N THR B 1034 -0.99 -10.72 -12.85
CA THR B 1034 -1.57 -11.82 -12.10
C THR B 1034 -1.48 -11.63 -10.60
N PHE B 1035 -0.50 -10.85 -10.13
CA PHE B 1035 -0.24 -10.60 -8.70
C PHE B 1035 -0.02 -11.90 -7.93
N GLY B 1036 0.65 -12.85 -8.56
CA GLY B 1036 0.93 -14.13 -7.94
C GLY B 1036 -0.11 -15.20 -8.19
N ALA B 1037 -1.26 -14.85 -8.79
CA ALA B 1037 -2.26 -15.85 -9.11
C ALA B 1037 -1.86 -16.62 -10.37
N ILE B 1038 -2.65 -17.65 -10.69
CA ILE B 1038 -2.36 -18.46 -11.86
C ILE B 1038 -2.72 -17.77 -13.16
N SER B 1039 -3.51 -16.70 -13.10
CA SER B 1039 -3.94 -15.99 -14.30
C SER B 1039 -4.25 -14.56 -13.93
N SER B 1040 -4.37 -13.72 -14.96
CA SER B 1040 -4.70 -12.31 -14.78
C SER B 1040 -6.19 -12.05 -14.94
N SER B 1041 -7.00 -13.10 -15.01
CA SER B 1041 -8.44 -12.97 -15.17
C SER B 1041 -9.15 -13.89 -14.19
N ILE B 1042 -10.38 -13.53 -13.85
CA ILE B 1042 -11.18 -14.36 -12.96
C ILE B 1042 -11.90 -15.46 -13.71
N GLY B 1043 -12.13 -15.29 -15.01
CA GLY B 1043 -12.88 -16.27 -15.78
C GLY B 1043 -12.17 -17.60 -15.91
N ASP B 1044 -10.84 -17.58 -16.02
CA ASP B 1044 -10.09 -18.83 -16.08
C ASP B 1044 -9.58 -19.28 -14.72
N ILE B 1045 -9.55 -18.41 -13.72
CA ILE B 1045 -9.29 -18.86 -12.37
C ILE B 1045 -10.47 -19.69 -11.86
N ILE B 1046 -11.70 -19.26 -12.20
CA ILE B 1046 -12.90 -19.98 -11.78
C ILE B 1046 -12.94 -21.37 -12.40
N GLN B 1047 -12.62 -21.48 -13.69
CA GLN B 1047 -12.81 -22.73 -14.40
C GLN B 1047 -11.61 -23.66 -14.38
N ARG B 1048 -10.53 -23.31 -13.69
CA ARG B 1048 -9.37 -24.18 -13.60
C ARG B 1048 -9.11 -24.73 -12.20
N LEU B 1049 -9.79 -24.23 -11.19
CA LEU B 1049 -9.52 -24.63 -9.82
C LEU B 1049 -10.82 -24.98 -9.09
N ASP B 1050 -10.68 -25.72 -8.01
CA ASP B 1050 -11.81 -26.07 -7.18
C ASP B 1050 -12.27 -24.84 -6.38
N VAL B 1051 -13.44 -24.97 -5.76
CA VAL B 1051 -14.13 -23.82 -5.17
C VAL B 1051 -13.35 -23.24 -3.99
N LEU B 1052 -12.63 -24.09 -3.23
CA LEU B 1052 -11.83 -23.57 -2.13
C LEU B 1052 -10.53 -22.93 -2.62
N GLU B 1053 -9.92 -23.51 -3.65
CA GLU B 1053 -8.62 -23.02 -4.12
C GLU B 1053 -8.74 -21.75 -4.95
N GLN B 1054 -9.93 -21.44 -5.48
CA GLN B 1054 -10.07 -20.23 -6.27
C GLN B 1054 -10.36 -18.99 -5.43
N GLU B 1055 -10.77 -19.17 -4.17
CA GLU B 1055 -11.01 -18.02 -3.30
C GLU B 1055 -9.73 -17.26 -3.01
N VAL B 1056 -8.62 -17.98 -2.77
CA VAL B 1056 -7.36 -17.31 -2.49
C VAL B 1056 -6.81 -16.62 -3.73
N GLN B 1057 -7.00 -17.23 -4.92
CA GLN B 1057 -6.54 -16.60 -6.15
C GLN B 1057 -7.32 -15.34 -6.47
N ILE B 1058 -8.65 -15.40 -6.34
CA ILE B 1058 -9.49 -14.24 -6.57
C ILE B 1058 -9.19 -13.16 -5.54
N ASP B 1059 -8.91 -13.57 -4.30
CA ASP B 1059 -8.55 -12.59 -3.27
C ASP B 1059 -7.20 -11.93 -3.56
N ARG B 1060 -6.26 -12.68 -4.14
CA ARG B 1060 -4.99 -12.08 -4.55
C ARG B 1060 -5.20 -11.04 -5.64
N LEU B 1061 -6.04 -11.36 -6.63
CA LEU B 1061 -6.35 -10.38 -7.67
C LEU B 1061 -7.06 -9.15 -7.11
N ILE B 1062 -7.99 -9.37 -6.18
CA ILE B 1062 -8.71 -8.27 -5.53
C ILE B 1062 -7.75 -7.39 -4.75
N ASN B 1063 -6.80 -7.99 -4.03
CA ASN B 1063 -5.82 -7.22 -3.28
C ASN B 1063 -4.94 -6.40 -4.21
N GLY B 1064 -4.50 -6.98 -5.33
CA GLY B 1064 -3.68 -6.23 -6.27
C GLY B 1064 -4.40 -5.05 -6.89
N ARG B 1065 -5.64 -5.26 -7.32
CA ARG B 1065 -6.40 -4.17 -7.92
C ARG B 1065 -6.79 -3.11 -6.89
N LEU B 1066 -7.03 -3.53 -5.64
CA LEU B 1066 -7.32 -2.58 -4.58
C LEU B 1066 -6.11 -1.69 -4.27
N THR B 1067 -4.91 -2.28 -4.22
CA THR B 1067 -3.71 -1.47 -4.02
C THR B 1067 -3.48 -0.52 -5.19
N THR B 1068 -3.78 -0.97 -6.41
CA THR B 1068 -3.63 -0.09 -7.58
C THR B 1068 -4.58 1.11 -7.49
N LEU B 1069 -5.85 0.85 -7.14
CA LEU B 1069 -6.81 1.95 -7.03
C LEU B 1069 -6.46 2.90 -5.89
N ASN B 1070 -6.00 2.36 -4.75
CA ASN B 1070 -5.62 3.22 -3.63
C ASN B 1070 -4.42 4.09 -3.98
N ALA B 1071 -3.44 3.52 -4.70
CA ALA B 1071 -2.28 4.30 -5.14
C ALA B 1071 -2.71 5.41 -6.10
N PHE B 1072 -3.65 5.10 -7.00
CA PHE B 1072 -4.15 6.12 -7.92
C PHE B 1072 -4.85 7.25 -7.18
N VAL B 1073 -5.66 6.92 -6.17
CA VAL B 1073 -6.38 7.96 -5.43
C VAL B 1073 -5.42 8.82 -4.62
N ALA B 1074 -4.39 8.22 -4.01
CA ALA B 1074 -3.40 9.00 -3.28
C ALA B 1074 -2.62 9.93 -4.21
N GLN B 1075 -2.26 9.43 -5.40
CA GLN B 1075 -1.58 10.28 -6.38
C GLN B 1075 -2.48 11.42 -6.83
N GLN B 1076 -3.77 11.16 -7.00
CA GLN B 1076 -4.72 12.21 -7.38
C GLN B 1076 -4.80 13.28 -6.29
N LEU B 1077 -4.79 12.87 -5.02
CA LEU B 1077 -4.85 13.84 -3.93
C LEU B 1077 -3.60 14.72 -3.88
N VAL B 1078 -2.41 14.14 -4.02
CA VAL B 1078 -1.20 14.95 -3.96
C VAL B 1078 -1.07 15.85 -5.19
N ARG B 1079 -1.50 15.36 -6.36
CA ARG B 1079 -1.48 16.20 -7.56
C ARG B 1079 -2.49 17.34 -7.45
N SER B 1080 -3.65 17.10 -6.82
CA SER B 1080 -4.60 18.18 -6.62
C SER B 1080 -4.08 19.22 -5.64
N GLU B 1081 -3.31 18.78 -4.64
CA GLU B 1081 -2.67 19.74 -3.75
C GLU B 1081 -1.67 20.63 -4.49
N SER B 1082 -0.83 20.02 -5.33
CA SER B 1082 0.12 20.80 -6.12
C SER B 1082 -0.59 21.73 -7.09
N ALA B 1083 -1.70 21.28 -7.67
CA ALA B 1083 -2.48 22.12 -8.57
C ALA B 1083 -3.12 23.29 -7.83
N ALA B 1084 -3.56 23.08 -6.58
CA ALA B 1084 -4.09 24.18 -5.79
C ALA B 1084 -3.03 25.22 -5.49
N ARG B 1085 -1.81 24.76 -5.18
CA ARG B 1085 -0.70 25.69 -4.96
C ARG B 1085 -0.39 26.49 -6.22
N SER B 1086 -0.34 25.83 -7.36
CA SER B 1086 -0.05 26.52 -8.61
C SER B 1086 -1.19 27.44 -9.03
N ALA B 1087 -2.43 27.08 -8.71
CA ALA B 1087 -3.56 27.97 -9.00
C ALA B 1087 -3.50 29.22 -8.15
N GLN B 1088 -3.08 29.09 -6.89
CA GLN B 1088 -2.89 30.28 -6.06
C GLN B 1088 -1.76 31.15 -6.61
N LEU B 1089 -0.68 30.54 -7.07
CA LEU B 1089 0.42 31.30 -7.67
C LEU B 1089 -0.03 32.02 -8.94
N ALA B 1090 -0.81 31.35 -9.79
CA ALA B 1090 -1.30 31.99 -11.02
C ALA B 1090 -2.30 33.09 -10.70
N LYS B 1091 -3.11 32.91 -9.67
CA LYS B 1091 -4.04 33.96 -9.24
C LYS B 1091 -3.30 35.20 -8.78
N ASP B 1092 -2.24 35.02 -8.00
CA ASP B 1092 -1.46 36.15 -7.52
C ASP B 1092 -0.67 36.80 -8.65
N LYS B 1093 -0.25 36.01 -9.62
CA LYS B 1093 0.58 36.53 -10.70
C LYS B 1093 -0.25 37.25 -11.76
N VAL B 1094 -1.48 36.82 -12.00
CA VAL B 1094 -2.36 37.55 -12.91
C VAL B 1094 -2.73 38.91 -12.33
N ASN B 1095 -3.09 38.95 -11.05
CA ASN B 1095 -3.52 40.20 -10.44
C ASN B 1095 -2.40 41.20 -10.23
N GLU B 1096 -1.14 40.76 -10.32
CA GLU B 1096 0.00 41.63 -10.07
C GLU B 1096 0.71 42.09 -11.33
N CYS B 1097 0.89 41.21 -12.31
CA CYS B 1097 1.74 41.49 -13.46
C CYS B 1097 1.00 41.71 -14.76
N VAL B 1098 0.00 40.90 -15.09
CA VAL B 1098 -0.72 41.16 -16.33
C VAL B 1098 -1.78 42.25 -16.12
N LYS B 1099 -2.26 42.44 -14.89
CA LYS B 1099 -3.28 43.45 -14.64
C LYS B 1099 -2.72 44.75 -14.06
N SER B 1100 -1.42 44.80 -13.75
CA SER B 1100 -0.81 46.00 -13.20
C SER B 1100 0.69 45.94 -13.42
N GLN B 1101 1.34 47.08 -13.24
CA GLN B 1101 2.80 47.12 -13.26
C GLN B 1101 3.33 46.48 -11.99
N SER B 1102 4.31 45.58 -12.14
CA SER B 1102 4.71 44.71 -11.03
C SER B 1102 5.45 45.47 -9.95
N THR B 1103 6.44 46.29 -10.35
CA THR B 1103 7.45 46.94 -9.49
C THR B 1103 7.90 46.08 -8.32
N ARG B 1104 8.19 44.82 -8.63
CA ARG B 1104 8.76 43.87 -7.68
C ARG B 1104 9.89 43.12 -8.38
N SER B 1105 11.02 42.99 -7.68
CA SER B 1105 12.20 42.39 -8.29
C SER B 1105 11.99 40.88 -8.48
N GLY B 1106 12.29 40.40 -9.68
CA GLY B 1106 12.37 38.99 -9.98
C GLY B 1106 11.07 38.21 -9.91
N PHE B 1107 9.95 38.83 -9.52
CA PHE B 1107 8.70 38.09 -9.40
C PHE B 1107 8.10 37.77 -10.76
N CYS B 1108 8.34 38.62 -11.75
CA CYS B 1108 7.75 38.48 -13.07
C CYS B 1108 8.79 38.68 -14.15
N GLY B 1109 9.90 37.96 -14.02
CA GLY B 1109 10.95 38.01 -15.01
C GLY B 1109 12.13 38.86 -14.55
N GLN B 1110 13.28 38.60 -15.16
CA GLN B 1110 14.48 39.35 -14.82
C GLN B 1110 14.44 40.73 -15.48
N GLY B 1111 15.30 41.62 -14.98
CA GLY B 1111 15.23 43.01 -15.39
C GLY B 1111 14.05 43.70 -14.74
N THR B 1112 13.69 44.86 -15.30
CA THR B 1112 12.54 45.60 -14.82
C THR B 1112 11.32 45.20 -15.63
N HIS B 1113 10.22 44.90 -14.94
CA HIS B 1113 9.00 44.45 -15.60
C HIS B 1113 8.31 45.61 -16.31
N ILE B 1114 8.00 45.42 -17.58
CA ILE B 1114 7.31 46.42 -18.39
C ILE B 1114 5.84 46.05 -18.59
N VAL B 1115 5.60 44.92 -19.24
CA VAL B 1115 4.24 44.46 -19.54
C VAL B 1115 4.26 42.95 -19.62
N SER B 1116 3.18 42.32 -19.17
CA SER B 1116 3.04 40.87 -19.21
C SER B 1116 1.76 40.52 -19.93
N PHE B 1117 1.73 39.33 -20.52
CA PHE B 1117 0.55 38.80 -21.18
C PHE B 1117 0.36 37.35 -20.76
N VAL B 1118 -0.89 36.90 -20.79
CA VAL B 1118 -1.23 35.53 -20.41
C VAL B 1118 -2.10 34.93 -21.52
N ILE B 1119 -1.78 33.69 -21.91
CA ILE B 1119 -2.57 32.94 -22.88
C ILE B 1119 -2.86 31.57 -22.29
N ASN B 1120 -3.87 30.92 -22.83
CA ASN B 1120 -4.28 29.60 -22.35
C ASN B 1120 -3.33 28.53 -22.85
N ALA B 1121 -3.03 27.58 -21.98
CA ALA B 1121 -2.21 26.41 -22.25
C ALA B 1121 -2.98 25.19 -21.78
N PRO B 1122 -2.64 24.00 -22.27
CA PRO B 1122 -3.28 22.78 -21.75
C PRO B 1122 -3.02 22.58 -20.27
N ASN B 1123 -4.11 22.52 -19.49
CA ASN B 1123 -4.10 22.34 -18.04
C ASN B 1123 -3.31 23.44 -17.33
N GLY B 1124 -3.46 24.69 -17.78
CA GLY B 1124 -2.80 25.77 -17.10
C GLY B 1124 -2.80 27.04 -17.92
N LEU B 1125 -1.91 27.96 -17.54
CA LEU B 1125 -1.78 29.25 -18.20
C LEU B 1125 -0.32 29.48 -18.60
N TYR B 1126 -0.13 30.23 -19.69
CA TYR B 1126 1.19 30.55 -20.21
C TYR B 1126 1.40 32.05 -20.12
N PHE B 1127 2.48 32.47 -19.47
CA PHE B 1127 2.79 33.87 -19.27
C PHE B 1127 3.99 34.27 -20.11
N MET B 1128 3.97 35.51 -20.59
CA MET B 1128 5.09 36.10 -21.31
C MET B 1128 5.37 37.46 -20.68
N HIS B 1129 6.52 37.58 -20.00
CA HIS B 1129 6.87 38.80 -19.30
C HIS B 1129 7.90 39.57 -20.11
N VAL B 1130 7.53 40.76 -20.57
CA VAL B 1130 8.45 41.62 -21.31
C VAL B 1130 9.22 42.48 -20.31
N GLY B 1131 10.55 42.42 -20.38
CA GLY B 1131 11.39 43.11 -19.44
C GLY B 1131 12.40 44.00 -20.12
N TYR B 1132 12.82 45.02 -19.40
CA TYR B 1132 13.81 45.98 -19.87
C TYR B 1132 15.19 45.52 -19.42
N HIS B 1133 16.06 45.21 -20.38
CA HIS B 1133 17.38 44.70 -20.08
C HIS B 1133 18.44 45.64 -20.63
N PRO B 1134 19.38 46.11 -19.81
CA PRO B 1134 20.53 46.83 -20.36
C PRO B 1134 21.45 45.91 -21.13
N SER B 1135 22.16 46.49 -22.09
CA SER B 1135 23.11 45.75 -22.90
C SER B 1135 24.54 46.24 -22.78
N GLN B 1136 24.75 47.55 -22.63
CA GLN B 1136 26.07 48.12 -22.41
C GLN B 1136 26.00 49.04 -21.21
N HIS B 1137 27.03 48.98 -20.36
CA HIS B 1137 27.10 49.80 -19.16
C HIS B 1137 28.32 50.70 -19.22
N ILE B 1138 28.19 51.90 -18.64
CA ILE B 1138 29.32 52.76 -18.33
C ILE B 1138 29.22 53.21 -16.89
N GLU B 1139 30.35 53.62 -16.34
CA GLU B 1139 30.45 54.03 -14.94
C GLU B 1139 30.75 55.52 -14.89
N VAL B 1140 29.89 56.27 -14.23
CA VAL B 1140 30.08 57.70 -14.02
C VAL B 1140 30.05 57.98 -12.53
N VAL B 1141 30.53 59.16 -12.17
CA VAL B 1141 30.66 59.56 -10.77
C VAL B 1141 29.45 60.41 -10.40
N ALA B 1142 28.75 60.02 -9.35
CA ALA B 1142 27.51 60.67 -8.94
C ALA B 1142 27.66 61.22 -7.53
N ALA B 1143 26.66 62.00 -7.12
CA ALA B 1143 26.64 62.63 -5.81
C ALA B 1143 25.31 62.36 -5.13
N TYR B 1144 25.33 62.35 -3.80
CA TYR B 1144 24.10 62.15 -3.03
C TYR B 1144 23.16 63.35 -3.13
N GLY B 1145 23.68 64.51 -3.50
CA GLY B 1145 22.91 65.73 -3.59
C GLY B 1145 23.83 66.94 -3.62
N LEU B 1146 23.27 68.04 -4.07
CA LEU B 1146 24.04 69.22 -4.11
C LEU B 1146 23.51 70.33 -3.17
N CYS B 1147 24.40 71.09 -2.53
CA CYS B 1147 24.00 72.21 -1.67
C CYS B 1147 24.69 73.43 -2.13
N ASP B 1148 24.19 74.58 -1.76
CA ASP B 1148 24.86 75.83 -2.06
C ASP B 1148 25.78 76.29 -0.91
N SER B 1149 26.97 76.79 -1.22
CA SER B 1149 27.87 77.26 -0.17
C SER B 1149 27.38 78.53 0.49
N ALA B 1150 26.67 79.39 -0.26
CA ALA B 1150 26.13 80.61 0.32
C ALA B 1150 24.97 80.33 1.25
N ASN B 1151 24.12 79.36 0.90
CA ASN B 1151 22.96 78.96 1.70
C ASN B 1151 23.09 77.48 1.99
N PRO B 1152 23.77 77.10 3.09
CA PRO B 1152 23.93 75.67 3.40
C PRO B 1152 22.64 74.95 3.75
N THR B 1153 21.58 75.67 4.12
CA THR B 1153 20.32 75.06 4.51
C THR B 1153 19.41 74.74 3.33
N ASN B 1154 19.82 75.07 2.12
CA ASN B 1154 19.01 74.88 0.91
C ASN B 1154 19.66 73.78 0.07
N CYS B 1155 19.17 72.54 0.19
CA CYS B 1155 19.76 71.44 -0.54
C CYS B 1155 18.72 70.56 -1.23
N ILE B 1156 19.13 70.01 -2.38
CA ILE B 1156 18.25 69.25 -3.26
C ILE B 1156 18.83 67.85 -3.46
N ALA B 1157 17.98 66.95 -3.97
CA ALA B 1157 18.32 65.57 -4.23
C ALA B 1157 17.56 65.10 -5.46
N PRO B 1158 18.08 64.13 -6.21
CA PRO B 1158 17.34 63.60 -7.34
C PRO B 1158 16.15 62.76 -6.89
N VAL B 1159 15.16 62.65 -7.77
CA VAL B 1159 13.95 61.87 -7.49
C VAL B 1159 14.03 60.47 -8.08
N ASN B 1160 14.35 60.34 -9.36
CA ASN B 1160 14.37 59.07 -10.07
C ASN B 1160 15.64 58.95 -10.90
N GLY B 1161 16.75 59.45 -10.38
CA GLY B 1161 17.99 59.43 -11.10
C GLY B 1161 19.18 59.81 -10.26
N TYR B 1162 20.22 60.35 -10.89
CA TYR B 1162 21.46 60.66 -10.21
C TYR B 1162 21.94 62.04 -10.64
N PHE B 1163 22.80 62.64 -9.82
CA PHE B 1163 23.48 63.87 -10.15
C PHE B 1163 24.88 63.48 -10.65
N ILE B 1164 24.99 63.26 -11.95
CA ILE B 1164 26.25 62.79 -12.52
C ILE B 1164 27.14 63.98 -12.85
N LYS B 1165 28.45 63.76 -12.74
CA LYS B 1165 29.44 64.81 -12.94
C LYS B 1165 29.99 64.75 -14.35
N ASN B 1166 30.14 65.92 -14.97
CA ASN B 1166 30.63 66.02 -16.34
C ASN B 1166 32.13 65.70 -16.42
N GLU B 1174 28.90 71.35 -15.10
CA GLU B 1174 29.59 70.66 -14.03
C GLU B 1174 28.81 69.44 -13.57
N TRP B 1175 27.57 69.65 -13.13
CA TRP B 1175 26.69 68.58 -12.71
C TRP B 1175 25.47 68.53 -13.60
N SER B 1176 24.98 67.32 -13.86
CA SER B 1176 23.83 67.11 -14.72
C SER B 1176 22.94 66.03 -14.12
N TYR B 1177 21.68 66.03 -14.53
CA TYR B 1177 20.73 65.01 -14.11
C TYR B 1177 20.61 63.96 -15.21
N THR B 1178 20.40 62.72 -14.79
CA THR B 1178 20.19 61.61 -15.71
C THR B 1178 19.12 60.70 -15.16
N GLY B 1179 18.57 59.86 -16.04
CA GLY B 1179 17.61 58.87 -15.61
C GLY B 1179 18.27 57.67 -14.96
N SER B 1180 17.48 56.95 -14.17
CA SER B 1180 18.00 55.80 -13.46
C SER B 1180 18.08 54.54 -14.32
N SER B 1181 17.54 54.57 -15.54
CA SER B 1181 17.55 53.41 -16.40
C SER B 1181 18.12 53.68 -17.78
N PHE B 1182 18.60 54.89 -18.04
CA PHE B 1182 19.15 55.24 -19.34
C PHE B 1182 20.10 56.41 -19.15
N TYR B 1183 21.26 56.34 -19.80
CA TYR B 1183 22.27 57.39 -19.67
C TYR B 1183 22.00 58.48 -20.69
N ALA B 1184 21.52 59.63 -20.22
CA ALA B 1184 21.28 60.80 -21.05
C ALA B 1184 21.30 62.04 -20.18
N PRO B 1185 22.43 62.75 -20.09
CA PRO B 1185 22.51 63.91 -19.20
C PRO B 1185 21.58 65.03 -19.63
N GLU B 1186 21.00 65.70 -18.64
CA GLU B 1186 20.04 66.77 -18.83
C GLU B 1186 20.34 67.89 -17.85
N PRO B 1187 19.94 69.12 -18.15
CA PRO B 1187 20.08 70.19 -17.16
C PRO B 1187 19.20 69.94 -15.95
N ILE B 1188 19.67 70.41 -14.79
CA ILE B 1188 18.96 70.22 -13.53
C ILE B 1188 17.84 71.24 -13.45
N THR B 1189 16.61 70.75 -13.36
CA THR B 1189 15.42 71.58 -13.24
C THR B 1189 14.68 71.23 -11.94
N THR B 1190 13.58 71.93 -11.70
CA THR B 1190 12.78 71.69 -10.50
C THR B 1190 11.82 70.52 -10.65
N LEU B 1191 11.69 69.96 -11.85
CA LEU B 1191 10.79 68.82 -12.07
C LEU B 1191 11.49 67.48 -11.94
N ASN B 1192 12.79 67.48 -11.63
CA ASN B 1192 13.52 66.23 -11.37
C ASN B 1192 14.33 66.30 -10.09
N THR B 1193 14.12 67.32 -9.26
CA THR B 1193 14.78 67.45 -7.97
C THR B 1193 13.72 67.71 -6.90
N ARG B 1194 14.14 67.57 -5.64
CA ARG B 1194 13.28 67.94 -4.52
C ARG B 1194 14.17 68.36 -3.36
N TYR B 1195 13.70 69.37 -2.62
CA TYR B 1195 14.50 69.91 -1.53
C TYR B 1195 14.58 68.94 -0.35
N VAL B 1196 15.76 68.84 0.23
CA VAL B 1196 16.04 67.88 1.29
C VAL B 1196 16.76 68.58 2.43
N ALA B 1197 16.81 67.91 3.58
CA ALA B 1197 17.59 68.41 4.70
C ALA B 1197 19.08 68.32 4.38
N PRO B 1198 19.89 69.27 4.83
CA PRO B 1198 21.33 69.23 4.54
C PRO B 1198 22.02 68.07 5.24
N GLN B 1199 23.07 67.56 4.58
CA GLN B 1199 23.88 66.48 5.11
C GLN B 1199 25.36 66.82 4.91
N VAL B 1200 26.22 65.90 5.34
CA VAL B 1200 27.66 66.09 5.20
C VAL B 1200 28.15 65.59 3.84
N THR B 1201 27.53 64.55 3.29
CA THR B 1201 27.95 63.96 2.04
C THR B 1201 27.59 64.81 0.82
N PHE B 1202 26.80 65.87 0.99
CA PHE B 1202 26.40 66.69 -0.14
C PHE B 1202 27.56 67.53 -0.65
N GLN B 1203 27.79 67.50 -1.96
CA GLN B 1203 28.88 68.25 -2.56
C GLN B 1203 28.61 69.75 -2.51
N ASN B 1204 29.65 70.53 -2.21
CA ASN B 1204 29.55 71.98 -2.20
C ASN B 1204 29.79 72.50 -3.61
N ILE B 1205 28.88 73.33 -4.11
CA ILE B 1205 29.07 74.01 -5.39
C ILE B 1205 28.84 75.50 -5.19
N SER B 1206 29.79 76.31 -5.64
CA SER B 1206 29.69 77.76 -5.52
C SER B 1206 30.04 78.50 -6.80
N ASN B 1207 30.57 77.82 -7.81
CA ASN B 1207 30.94 78.47 -9.07
C ASN B 1207 29.73 78.60 -9.99
N ASN B 1208 29.13 77.48 -10.36
CA ASN B 1208 27.94 77.45 -11.21
C ASN B 1208 26.83 76.80 -10.40
N LEU B 1209 25.65 77.44 -10.40
CA LEU B 1209 24.52 76.97 -9.62
C LEU B 1209 23.41 76.48 -10.53
N PRO B 1210 22.82 75.32 -10.24
CA PRO B 1210 21.63 74.89 -10.97
C PRO B 1210 20.45 75.78 -10.65
N PRO B 1211 19.47 75.88 -11.55
CA PRO B 1211 18.32 76.77 -11.35
C PRO B 1211 17.50 76.49 -10.08
N PRO B 1212 17.36 75.22 -9.62
CA PRO B 1212 16.75 75.06 -8.28
C PRO B 1212 17.54 75.72 -7.16
N LEU B 1213 18.87 75.73 -7.24
CA LEU B 1213 19.70 76.26 -6.16
C LEU B 1213 19.94 77.75 -6.27
N LEU B 1214 19.72 78.34 -7.44
CA LEU B 1214 19.99 79.77 -7.65
C LEU B 1214 18.87 80.57 -6.98
N SER B 1215 19.19 81.16 -5.83
CA SER B 1215 18.29 81.99 -5.03
C SER B 1215 16.98 81.27 -4.66
N ILE C 21 22.44 -45.20 30.67
CA ILE C 21 22.78 -45.24 32.07
C ILE C 21 24.30 -45.20 32.23
N VAL C 22 24.79 -44.24 33.00
CA VAL C 22 26.21 -44.12 33.29
C VAL C 22 26.45 -44.60 34.72
N THR C 23 27.71 -44.86 35.03
CA THR C 23 28.12 -45.33 36.35
C THR C 23 28.75 -44.17 37.12
N LEU C 24 28.23 -43.91 38.32
CA LEU C 24 28.74 -42.82 39.13
C LEU C 24 30.11 -43.20 39.71
N PRO C 25 31.02 -42.24 39.84
CA PRO C 25 32.30 -42.52 40.49
C PRO C 25 32.12 -42.86 41.97
N GLY C 26 33.03 -43.69 42.47
CA GLY C 26 32.94 -44.14 43.85
C GLY C 26 31.83 -45.17 44.02
N ASN C 27 31.39 -45.30 45.27
CA ASN C 27 30.31 -46.23 45.61
C ASN C 27 29.54 -45.67 46.80
N ASP C 28 28.47 -46.38 47.16
CA ASP C 28 27.72 -46.02 48.36
C ASP C 28 28.58 -46.22 49.60
N ALA C 29 28.38 -45.35 50.58
CA ALA C 29 29.21 -45.33 51.78
C ALA C 29 28.52 -46.13 52.88
N THR C 30 29.20 -47.16 53.38
CA THR C 30 28.72 -47.94 54.51
C THR C 30 29.06 -47.16 55.77
N GLY C 31 28.14 -46.33 56.21
CA GLY C 31 28.41 -45.47 57.33
C GLY C 31 27.15 -44.96 57.99
N TYR C 32 27.30 -43.88 58.74
CA TYR C 32 26.23 -43.27 59.51
C TYR C 32 26.07 -41.82 59.07
N CYS C 33 24.83 -41.38 58.91
CA CYS C 33 24.59 -40.00 58.50
C CYS C 33 25.02 -39.04 59.62
N PRO C 34 25.69 -37.95 59.27
CA PRO C 34 26.13 -36.99 60.30
C PRO C 34 24.97 -36.30 60.98
N SER C 35 25.16 -35.94 62.23
CA SER C 35 24.15 -35.24 63.01
C SER C 35 24.26 -33.75 62.81
N VAL C 36 23.14 -33.06 62.99
CA VAL C 36 23.08 -31.61 62.84
C VAL C 36 21.98 -31.07 63.74
N ASP C 37 22.18 -29.85 64.23
CA ASP C 37 21.18 -29.11 64.99
C ASP C 37 20.71 -27.94 64.15
N MET C 38 19.39 -27.78 64.02
CA MET C 38 18.87 -26.91 62.97
C MET C 38 18.90 -25.45 63.40
N GLN C 39 17.93 -25.02 64.16
CA GLN C 39 17.94 -23.66 64.65
C GLN C 39 17.87 -22.80 63.47
N PRO C 40 16.70 -22.65 62.94
CA PRO C 40 16.63 -21.73 61.81
C PRO C 40 16.31 -20.29 62.17
N SER C 41 16.13 -19.98 63.46
CA SER C 41 15.78 -18.63 63.88
C SER C 41 16.97 -17.67 63.91
N TYR C 42 18.19 -18.17 63.75
CA TYR C 42 19.36 -17.32 63.74
C TYR C 42 19.72 -16.81 62.36
N PHE C 43 19.03 -17.25 61.31
CA PHE C 43 19.25 -16.74 59.96
C PHE C 43 18.30 -15.60 59.60
N ILE C 44 17.32 -15.31 60.45
CA ILE C 44 16.39 -14.22 60.19
C ILE C 44 17.08 -12.86 60.34
N GLN C 45 17.98 -12.75 61.32
CA GLN C 45 18.68 -11.49 61.56
C GLN C 45 19.66 -11.13 60.45
N HIS C 46 20.02 -12.07 59.60
CA HIS C 46 20.86 -11.79 58.43
C HIS C 46 19.94 -11.50 57.26
N ASN C 47 19.70 -10.22 56.98
CA ASN C 47 18.76 -9.81 55.94
C ASN C 47 19.27 -8.55 55.28
N TRP C 48 19.39 -8.58 53.96
CA TRP C 48 19.80 -7.42 53.18
C TRP C 48 19.10 -7.46 51.83
N PRO C 49 18.24 -6.48 51.53
CA PRO C 49 17.56 -6.48 50.23
C PRO C 49 18.54 -6.30 49.07
N GLU C 50 18.23 -6.96 47.96
CA GLU C 50 19.07 -6.90 46.76
C GLU C 50 18.18 -7.09 45.54
N PRO C 51 17.46 -6.05 45.14
CA PRO C 51 16.46 -6.20 44.08
C PRO C 51 17.10 -6.23 42.69
N ILE C 52 16.28 -6.62 41.72
CA ILE C 52 16.69 -6.61 40.32
C ILE C 52 16.71 -5.17 39.82
N ASP C 53 17.81 -4.78 39.19
CA ASP C 53 17.96 -3.45 38.60
C ASP C 53 18.14 -3.60 37.11
N MET C 54 17.25 -3.05 36.32
CA MET C 54 17.33 -3.10 34.89
C MET C 54 18.44 -2.21 34.32
N ASN C 55 18.83 -1.15 34.97
CA ASN C 55 19.90 -0.28 34.48
C ASN C 55 21.27 -0.92 34.61
N LYS C 56 21.42 -1.89 35.50
CA LYS C 56 22.62 -2.73 35.56
C LYS C 56 22.46 -4.01 34.75
N ALA C 57 21.29 -4.22 34.14
CA ALA C 57 20.95 -5.43 33.37
C ALA C 57 21.15 -6.70 34.21
N ASP C 58 20.52 -6.73 35.38
CA ASP C 58 20.69 -7.83 36.31
C ASP C 58 19.80 -9.00 35.90
N GLY C 59 20.43 -10.13 35.61
CA GLY C 59 19.69 -11.35 35.34
C GLY C 59 19.20 -11.54 33.93
N VAL C 60 19.57 -10.66 33.00
CA VAL C 60 19.11 -10.81 31.62
C VAL C 60 19.94 -11.88 30.93
N ILE C 61 19.27 -12.71 30.14
CA ILE C 61 19.91 -13.78 29.40
C ILE C 61 20.24 -13.29 28.00
N TYR C 62 21.50 -13.42 27.61
CA TYR C 62 21.92 -13.00 26.29
C TYR C 62 21.31 -13.91 25.23
N PRO C 63 20.80 -13.35 24.12
CA PRO C 63 20.26 -14.19 23.05
C PRO C 63 21.32 -15.10 22.44
N ASN C 64 20.92 -16.34 22.16
CA ASN C 64 21.85 -17.35 21.68
C ASN C 64 22.17 -17.15 20.21
N GLY C 65 23.42 -17.41 19.85
CA GLY C 65 23.84 -17.32 18.46
C GLY C 65 24.61 -16.06 18.13
N ARG C 66 23.93 -15.12 17.47
CA ARG C 66 24.58 -13.91 16.99
C ARG C 66 24.95 -12.99 18.14
N THR C 67 26.10 -12.32 18.01
CA THR C 67 26.53 -11.32 18.97
C THR C 67 26.08 -9.95 18.47
N TYR C 68 25.14 -9.34 19.17
CA TYR C 68 24.63 -8.04 18.78
C TYR C 68 25.54 -6.94 19.30
N SER C 69 25.59 -5.83 18.58
CA SER C 69 26.52 -4.76 18.93
C SER C 69 25.91 -3.41 18.59
N ASN C 70 25.80 -2.54 19.59
CA ASN C 70 25.48 -1.13 19.45
C ASN C 70 24.10 -0.88 18.82
N ILE C 71 23.14 -1.78 19.05
CA ILE C 71 21.76 -1.55 18.64
C ILE C 71 20.85 -1.85 19.81
N THR C 72 19.59 -1.46 19.71
CA THR C 72 18.62 -1.75 20.75
C THR C 72 17.78 -2.82 20.19
N LEU C 73 17.37 -3.74 21.00
CA LEU C 73 16.62 -4.91 20.59
C LEU C 73 15.42 -5.10 21.49
N GLN C 74 14.25 -5.27 20.89
CA GLN C 74 13.01 -5.50 21.62
C GLN C 74 12.69 -6.99 21.53
N THR C 75 12.79 -7.69 22.66
CA THR C 75 12.54 -9.12 22.73
C THR C 75 11.46 -9.43 23.75
N THR C 76 10.77 -10.56 23.66
CA THR C 76 9.81 -11.02 24.65
C THR C 76 10.28 -12.40 24.89
N ASN C 77 10.90 -12.67 26.03
CA ASN C 77 11.49 -13.95 26.33
C ASN C 77 11.58 -13.97 27.79
N LEU C 78 11.95 -15.10 28.39
CA LEU C 78 12.14 -15.21 29.85
C LEU C 78 13.09 -14.17 30.49
N PHE C 79 12.65 -13.35 31.44
CA PHE C 79 13.39 -12.25 32.01
C PHE C 79 12.96 -12.07 33.46
N PRO C 80 13.85 -11.56 34.32
CA PRO C 80 13.43 -11.27 35.70
C PRO C 80 12.57 -10.02 35.76
N LYS C 81 11.55 -10.07 36.60
CA LYS C 81 10.66 -8.93 36.77
C LYS C 81 11.35 -7.88 37.62
N ASN C 82 11.27 -6.62 37.19
CA ASN C 82 11.99 -5.55 37.86
C ASN C 82 11.39 -5.27 39.24
N GLY C 83 12.27 -5.01 40.20
CA GLY C 83 11.88 -4.79 41.58
C GLY C 83 11.70 -6.04 42.39
N ASP C 84 11.94 -7.22 41.81
CA ASP C 84 11.80 -8.47 42.55
C ASP C 84 12.95 -8.61 43.54
N LEU C 85 12.62 -8.88 44.79
CA LEU C 85 13.63 -9.03 45.83
C LEU C 85 14.16 -10.45 45.93
N GLY C 86 13.53 -11.41 45.28
CA GLY C 86 13.97 -12.79 45.35
C GLY C 86 13.75 -13.37 46.74
N THR C 87 14.51 -14.42 47.02
CA THR C 87 14.49 -15.06 48.34
C THR C 87 15.94 -15.25 48.78
N GLN C 88 16.29 -14.66 49.92
CA GLN C 88 17.66 -14.75 50.42
C GLN C 88 17.90 -16.10 51.07
N TYR C 89 19.03 -16.71 50.75
CA TYR C 89 19.46 -17.96 51.37
C TYR C 89 20.84 -17.73 51.98
N VAL C 90 20.99 -18.14 53.25
CA VAL C 90 22.20 -17.87 54.01
C VAL C 90 22.78 -19.20 54.50
N TYR C 91 24.06 -19.41 54.24
CA TYR C 91 24.79 -20.53 54.80
C TYR C 91 25.67 -20.03 55.93
N SER C 92 25.52 -20.62 57.11
CA SER C 92 26.32 -20.21 58.25
C SER C 92 27.75 -20.76 58.12
N ALA C 93 28.65 -20.18 58.92
CA ALA C 93 30.04 -20.60 58.90
C ALA C 93 30.65 -20.72 60.29
N SER C 94 29.85 -20.60 61.34
CA SER C 94 30.36 -20.66 62.71
C SER C 94 30.64 -22.10 63.13
N ALA C 103 26.52 -28.82 60.35
CA ALA C 103 26.97 -28.11 61.54
C ALA C 103 25.92 -27.13 62.03
N PHE C 104 25.50 -26.22 61.15
CA PHE C 104 24.49 -25.22 61.51
C PHE C 104 23.78 -24.81 60.22
N ILE C 105 22.58 -25.34 60.01
CA ILE C 105 21.84 -25.17 58.76
C ILE C 105 20.45 -24.64 59.07
N SER C 106 19.80 -24.10 58.04
CA SER C 106 18.41 -23.68 58.12
C SER C 106 17.52 -24.79 57.55
N ASN C 107 16.22 -24.53 57.50
CA ASN C 107 15.29 -25.52 56.94
C ASN C 107 15.03 -25.26 55.46
N TYR C 108 16.10 -25.13 54.68
CA TYR C 108 15.98 -24.89 53.26
C TYR C 108 15.58 -26.12 52.48
N SER C 109 15.65 -27.30 53.09
CA SER C 109 15.31 -28.56 52.43
C SER C 109 13.84 -28.94 52.60
N TYR C 110 13.04 -28.09 53.23
CA TYR C 110 11.63 -28.38 53.48
C TYR C 110 10.70 -27.63 52.56
N TYR C 111 11.21 -26.73 51.71
CA TYR C 111 10.34 -25.78 51.04
C TYR C 111 9.69 -26.39 49.80
N GLY C 112 10.49 -26.77 48.80
CA GLY C 112 9.94 -27.19 47.54
C GLY C 112 9.34 -26.04 46.76
N ASN C 113 10.16 -25.03 46.46
CA ASN C 113 9.68 -23.85 45.77
C ASN C 113 9.33 -24.20 44.32
N PRO C 114 8.29 -23.57 43.76
CA PRO C 114 7.91 -23.90 42.37
C PRO C 114 8.94 -23.39 41.37
N PHE C 115 9.26 -24.22 40.39
CA PHE C 115 10.28 -23.87 39.41
C PHE C 115 9.77 -22.82 38.43
N GLY C 116 8.53 -22.99 37.94
CA GLY C 116 7.99 -22.04 36.99
C GLY C 116 8.67 -22.15 35.64
N ASP C 117 8.86 -21.00 34.99
CA ASP C 117 9.57 -20.99 33.71
C ASP C 117 11.06 -21.19 33.90
N GLY C 118 11.61 -20.66 34.99
CA GLY C 118 13.03 -20.80 35.26
C GLY C 118 13.39 -19.89 36.42
N ILE C 119 14.64 -20.06 36.88
CA ILE C 119 15.16 -19.26 37.97
C ILE C 119 16.50 -18.66 37.58
N VAL C 120 16.84 -17.57 38.25
CA VAL C 120 18.15 -16.95 38.11
C VAL C 120 18.68 -16.64 39.51
N ILE C 121 19.98 -16.79 39.69
CA ILE C 121 20.62 -16.71 41.00
C ILE C 121 21.72 -15.67 40.96
N ARG C 122 21.75 -14.80 41.97
CA ARG C 122 22.82 -13.83 42.15
C ARG C 122 23.75 -14.37 43.25
N ILE C 123 24.97 -14.72 42.88
CA ILE C 123 25.90 -15.41 43.77
C ILE C 123 26.98 -14.43 44.21
N GLY C 124 27.14 -14.29 45.52
CA GLY C 124 28.24 -13.51 46.06
C GLY C 124 27.86 -12.09 46.44
N GLN C 125 28.73 -11.14 46.11
CA GLN C 125 28.50 -9.74 46.41
C GLN C 125 27.47 -9.15 45.46
N ASN C 126 27.26 -7.83 45.57
CA ASN C 126 26.30 -7.13 44.73
C ASN C 126 26.79 -7.03 43.29
N LYS C 143 32.18 -13.83 51.27
CA LYS C 143 32.92 -15.08 51.22
C LYS C 143 32.66 -15.84 49.92
N LYS C 144 31.51 -15.54 49.30
CA LYS C 144 31.12 -16.07 47.98
C LYS C 144 31.08 -17.60 47.98
N ILE C 145 30.14 -18.13 48.75
CA ILE C 145 29.92 -19.56 48.83
C ILE C 145 28.87 -19.95 47.80
N TYR C 146 29.20 -20.94 46.97
CA TYR C 146 28.31 -21.34 45.89
C TYR C 146 27.09 -22.10 46.41
N PRO C 147 25.95 -22.00 45.72
CA PRO C 147 24.76 -22.72 46.16
C PRO C 147 24.78 -24.19 45.74
N ALA C 148 23.95 -24.97 46.43
CA ALA C 148 23.68 -26.35 46.08
C ALA C 148 22.20 -26.48 45.79
N LEU C 149 21.86 -27.16 44.69
CA LEU C 149 20.49 -27.17 44.19
C LEU C 149 20.00 -28.60 44.00
N MET C 150 18.69 -28.76 44.17
CA MET C 150 18.02 -30.03 43.94
C MET C 150 16.74 -29.75 43.17
N LEU C 151 16.68 -30.13 41.90
CA LEU C 151 15.53 -29.86 41.05
C LEU C 151 14.84 -31.17 40.70
N GLY C 152 13.52 -31.15 40.65
CA GLY C 152 12.79 -32.37 40.38
C GLY C 152 11.37 -32.08 39.93
N SER C 153 10.65 -33.15 39.62
CA SER C 153 9.29 -33.07 39.08
C SER C 153 8.21 -33.29 40.13
N SER C 154 8.46 -34.16 41.11
CA SER C 154 7.51 -34.44 42.16
C SER C 154 8.14 -34.12 43.51
N PHE C 155 7.36 -33.51 44.40
CA PHE C 155 7.83 -33.14 45.73
C PHE C 155 6.85 -33.68 46.76
N GLY C 156 7.38 -34.20 47.86
CA GLY C 156 6.51 -34.78 48.87
C GLY C 156 7.26 -35.07 50.15
N ASN C 157 6.56 -35.74 51.06
CA ASN C 157 7.11 -36.09 52.36
C ASN C 157 7.95 -37.36 52.27
N PHE C 158 8.88 -37.49 53.20
CA PHE C 158 9.58 -38.75 53.40
C PHE C 158 8.67 -39.73 54.14
N SER C 159 8.94 -41.01 53.94
CA SER C 159 8.13 -42.05 54.55
C SER C 159 8.56 -42.30 55.99
N ALA C 160 7.57 -42.57 56.85
CA ALA C 160 7.70 -42.97 58.25
C ALA C 160 8.30 -41.90 59.16
N ASN C 161 8.38 -40.65 58.71
CA ASN C 161 8.76 -39.56 59.61
C ASN C 161 8.00 -38.27 59.36
N ASN C 162 7.09 -38.22 58.37
CA ASN C 162 6.30 -37.07 57.97
C ASN C 162 7.13 -35.87 57.50
N LYS C 163 8.44 -36.04 57.32
CA LYS C 163 9.30 -34.91 57.00
C LYS C 163 9.28 -34.63 55.51
N SER C 164 9.04 -33.37 55.15
CA SER C 164 9.04 -32.98 53.75
C SER C 164 10.48 -32.91 53.22
N GLY C 165 10.60 -32.85 51.90
CA GLY C 165 11.89 -32.82 51.24
C GLY C 165 12.18 -33.99 50.33
N ALA C 166 11.24 -34.93 50.16
CA ALA C 166 11.48 -36.07 49.31
C ALA C 166 11.20 -35.72 47.85
N TYR C 167 12.15 -36.04 46.98
CA TYR C 167 12.00 -35.86 45.54
C TYR C 167 11.82 -37.23 44.90
N PHE C 168 10.70 -37.41 44.21
CA PHE C 168 10.39 -38.68 43.57
C PHE C 168 10.85 -38.67 42.12
N ASN C 169 11.09 -39.87 41.60
CA ASN C 169 11.53 -40.15 40.22
C ASN C 169 12.90 -39.50 40.02
N HIS C 170 13.23 -39.16 38.77
CA HIS C 170 14.56 -38.64 38.48
C HIS C 170 14.70 -37.21 38.99
N THR C 171 15.83 -36.92 39.62
CA THR C 171 16.05 -35.67 40.33
C THR C 171 17.41 -35.11 39.94
N LEU C 172 17.44 -33.84 39.56
CA LEU C 172 18.66 -33.17 39.13
C LEU C 172 19.40 -32.59 40.34
N LEU C 173 20.68 -32.95 40.47
CA LEU C 173 21.54 -32.48 41.55
C LEU C 173 22.63 -31.59 40.99
N ILE C 174 22.85 -30.44 41.61
CA ILE C 174 23.96 -29.55 41.28
C ILE C 174 24.76 -29.36 42.56
N LEU C 175 25.92 -30.01 42.64
CA LEU C 175 26.68 -30.09 43.87
C LEU C 175 28.01 -29.36 43.75
N PRO C 176 28.26 -28.30 44.51
CA PRO C 176 29.54 -27.58 44.51
C PRO C 176 30.62 -28.24 45.36
N SER C 177 31.32 -29.20 44.77
CA SER C 177 32.39 -29.87 45.49
C SER C 177 33.61 -28.98 45.61
N LYS C 178 34.58 -29.45 46.38
CA LYS C 178 35.82 -28.75 46.77
C LYS C 178 35.39 -27.46 47.49
N CYS C 179 36.03 -26.32 47.21
CA CYS C 179 35.66 -25.04 47.81
C CYS C 179 34.82 -24.21 46.84
N GLY C 180 33.98 -24.86 46.05
CA GLY C 180 33.23 -24.18 45.02
C GLY C 180 33.94 -24.11 43.68
N THR C 181 34.97 -24.93 43.47
CA THR C 181 35.75 -24.90 42.23
C THR C 181 35.36 -26.00 41.25
N VAL C 182 34.77 -27.10 41.73
CA VAL C 182 34.37 -28.21 40.88
C VAL C 182 32.90 -28.50 41.15
N PHE C 183 32.13 -28.63 40.08
CA PHE C 183 30.69 -28.86 40.16
C PHE C 183 30.32 -30.23 39.63
N GLN C 184 29.44 -30.92 40.34
CA GLN C 184 28.86 -32.18 39.90
C GLN C 184 27.41 -31.93 39.49
N VAL C 185 27.06 -32.35 38.28
CA VAL C 185 25.68 -32.27 37.80
C VAL C 185 25.23 -33.70 37.49
N ALA C 186 24.23 -34.17 38.21
CA ALA C 186 23.71 -35.53 38.06
C ALA C 186 22.19 -35.49 37.98
N TYR C 187 21.63 -36.45 37.24
CA TYR C 187 20.18 -36.56 37.01
C TYR C 187 19.75 -37.99 37.34
N CYS C 188 19.39 -38.24 38.59
CA CYS C 188 19.06 -39.60 39.00
C CYS C 188 18.26 -39.68 40.29
N LEU C 189 17.81 -40.90 40.55
CA LEU C 189 16.89 -41.21 41.65
C LEU C 189 17.58 -41.02 43.00
N LEU C 190 16.77 -40.69 44.00
CA LEU C 190 17.25 -40.42 45.34
C LEU C 190 16.54 -41.40 46.28
N GLN C 191 17.17 -42.55 46.51
CA GLN C 191 16.59 -43.57 47.39
C GLN C 191 17.10 -43.36 48.81
N PRO C 192 16.22 -43.11 49.78
CA PRO C 192 16.69 -42.87 51.15
C PRO C 192 17.33 -44.10 51.77
N ARG C 193 18.26 -43.87 52.67
CA ARG C 193 19.00 -44.93 53.34
C ARG C 193 18.43 -45.19 54.73
N THR C 194 18.44 -46.45 55.14
CA THR C 194 17.91 -46.84 56.44
C THR C 194 19.05 -46.99 57.45
N GLU C 195 19.58 -45.85 57.86
CA GLU C 195 20.54 -45.74 58.94
C GLU C 195 20.14 -44.55 59.79
N SER C 196 20.77 -44.41 60.95
CA SER C 196 20.40 -43.33 61.87
C SER C 196 20.76 -41.96 61.29
N LYS C 197 19.89 -40.99 61.55
CA LYS C 197 19.98 -39.61 61.06
C LYS C 197 19.90 -39.51 59.54
N CYS C 198 19.44 -40.56 58.87
CA CYS C 198 19.23 -40.62 57.43
C CYS C 198 17.73 -40.53 57.15
N PRO C 199 17.33 -40.12 55.94
CA PRO C 199 15.88 -40.06 55.64
C PRO C 199 15.23 -41.43 55.68
N GLY C 200 14.01 -41.47 56.22
CA GLY C 200 13.27 -42.70 56.37
C GLY C 200 13.50 -43.45 57.67
N ASN C 201 14.34 -42.94 58.56
CA ASN C 201 14.68 -43.63 59.79
C ASN C 201 13.87 -43.17 61.00
N SER C 202 13.09 -42.08 60.87
CA SER C 202 12.38 -41.33 61.91
C SER C 202 13.31 -40.63 62.88
N ASN C 203 14.63 -40.77 62.74
CA ASN C 203 15.62 -39.92 63.38
C ASN C 203 16.00 -38.73 62.49
N TYR C 204 15.33 -38.60 61.34
CA TYR C 204 15.68 -37.60 60.34
C TYR C 204 15.49 -36.18 60.85
N VAL C 205 16.47 -35.33 60.56
CA VAL C 205 16.37 -33.90 60.79
C VAL C 205 16.43 -33.20 59.44
N SER C 206 17.56 -33.30 58.75
CA SER C 206 17.75 -32.72 57.43
C SER C 206 18.99 -33.33 56.81
N TYR C 207 19.11 -33.18 55.49
CA TYR C 207 20.34 -33.51 54.77
C TYR C 207 21.11 -32.22 54.49
N PHE C 208 22.43 -32.34 54.40
CA PHE C 208 23.26 -31.17 54.20
C PHE C 208 24.58 -31.60 53.58
N LEU C 209 25.29 -30.62 53.01
CA LEU C 209 26.63 -30.80 52.49
C LEU C 209 27.61 -30.13 53.45
N ALA C 210 28.64 -30.87 53.86
CA ALA C 210 29.59 -30.41 54.86
C ALA C 210 30.97 -30.27 54.22
N ASP C 211 31.63 -29.14 54.47
CA ASP C 211 32.97 -28.91 53.94
C ASP C 211 33.99 -28.87 55.06
N THR C 219 45.74 -29.76 46.81
CA THR C 219 46.12 -31.04 47.38
C THR C 219 45.77 -32.19 46.46
N SER C 220 45.80 -33.41 47.00
CA SER C 220 45.52 -34.61 46.22
C SER C 220 44.06 -34.65 45.78
N ASP C 221 43.81 -35.27 44.63
CA ASP C 221 42.50 -35.23 43.98
C ASP C 221 41.64 -36.40 44.44
N GLU C 222 41.09 -36.26 45.65
CA GLU C 222 40.00 -37.11 46.11
C GLU C 222 38.83 -36.33 46.68
N ILE C 223 39.01 -35.06 47.04
CA ILE C 223 37.91 -34.20 47.47
C ILE C 223 37.31 -33.42 46.31
N ARG C 224 37.68 -33.76 45.07
CA ARG C 224 37.05 -33.17 43.91
C ARG C 224 35.59 -33.60 43.77
N ARG C 225 35.20 -34.70 44.43
CA ARG C 225 33.84 -35.20 44.42
C ARG C 225 33.30 -35.35 45.83
N ASN C 226 33.73 -34.47 46.75
CA ASN C 226 33.34 -34.61 48.14
C ASN C 226 31.89 -34.17 48.38
N GLY C 227 31.37 -33.26 47.56
CA GLY C 227 29.95 -32.95 47.63
C GLY C 227 29.10 -34.15 47.27
N LEU C 228 29.56 -34.94 46.29
CA LEU C 228 28.92 -36.22 46.00
C LEU C 228 29.01 -37.16 47.19
N ARG C 229 30.16 -37.17 47.88
CA ARG C 229 30.31 -38.03 49.05
C ARG C 229 29.33 -37.64 50.16
N ASP C 230 29.13 -36.35 50.37
CA ASP C 230 28.15 -35.90 51.35
C ASP C 230 26.72 -36.24 50.93
N ILE C 231 26.42 -36.11 49.64
CA ILE C 231 25.03 -36.36 49.23
C ILE C 231 24.70 -37.84 49.12
N ARG C 232 25.70 -38.71 48.96
CA ARG C 232 25.44 -40.15 48.89
C ARG C 232 25.37 -40.81 50.25
N LYS C 233 25.65 -40.09 51.33
CA LYS C 233 25.41 -40.65 52.66
C LYS C 233 23.93 -40.71 52.99
N PHE C 234 23.14 -39.79 52.45
CA PHE C 234 21.71 -39.76 52.69
C PHE C 234 20.90 -40.50 51.64
N PHE C 235 21.40 -40.57 50.40
CA PHE C 235 20.65 -41.14 49.29
C PHE C 235 21.53 -42.11 48.52
N ASN C 236 20.88 -43.05 47.83
CA ASN C 236 21.60 -44.17 47.21
C ASN C 236 22.11 -43.84 45.81
N LEU C 237 21.35 -43.08 45.01
CA LEU C 237 21.71 -42.65 43.66
C LEU C 237 21.96 -43.86 42.74
N VAL C 238 20.89 -44.61 42.50
CA VAL C 238 21.02 -45.99 42.02
C VAL C 238 21.02 -46.11 40.50
N ASN C 239 20.25 -45.29 39.77
CA ASN C 239 20.13 -45.40 38.32
C ASN C 239 20.40 -44.04 37.70
N CYS C 240 21.62 -43.81 37.23
CA CYS C 240 22.00 -42.44 36.91
C CYS C 240 22.35 -42.32 35.43
N THR C 241 21.67 -41.41 34.75
CA THR C 241 21.68 -41.28 33.30
C THR C 241 22.73 -40.28 32.83
N TYR C 242 22.74 -39.09 33.42
CA TYR C 242 23.66 -38.03 33.02
C TYR C 242 24.54 -37.67 34.20
N PHE C 243 25.83 -37.47 33.93
CA PHE C 243 26.78 -37.00 34.93
C PHE C 243 27.88 -36.24 34.23
N GLU C 244 28.12 -35.03 34.67
CA GLU C 244 29.23 -34.28 34.15
C GLU C 244 29.90 -33.46 35.23
N GLU C 245 31.12 -32.98 34.96
CA GLU C 245 31.87 -32.15 35.87
C GLU C 245 32.31 -30.88 35.16
N PHE C 246 32.40 -29.80 35.92
CA PHE C 246 32.80 -28.50 35.39
C PHE C 246 33.85 -27.89 36.30
N ASN C 247 34.88 -27.31 35.69
CA ASN C 247 35.93 -26.61 36.42
C ASN C 247 35.68 -25.11 36.36
N VAL C 248 35.61 -24.47 37.53
CA VAL C 248 35.54 -23.02 37.62
C VAL C 248 36.69 -22.54 38.50
N THR C 249 37.31 -21.44 38.10
CA THR C 249 38.43 -20.88 38.85
C THR C 249 37.92 -20.07 40.03
N ALA C 250 38.73 -20.04 41.09
CA ALA C 250 38.35 -19.33 42.30
C ALA C 250 38.34 -17.82 42.06
N ASP C 251 37.33 -17.15 42.60
CA ASP C 251 37.18 -15.71 42.45
C ASP C 251 36.32 -15.20 43.60
N GLU C 252 36.13 -13.88 43.64
CA GLU C 252 35.36 -13.26 44.70
C GLU C 252 34.36 -12.22 44.20
N ARG C 253 34.32 -11.94 42.89
CA ARG C 253 33.48 -10.88 42.36
C ARG C 253 32.05 -11.41 42.16
N ALA C 254 31.20 -10.58 41.58
CA ALA C 254 29.81 -10.94 41.37
C ALA C 254 29.67 -12.00 40.28
N GLU C 255 28.62 -12.80 40.38
CA GLU C 255 28.42 -13.93 39.49
C GLU C 255 26.95 -14.28 39.43
N TRP C 256 26.48 -14.66 38.26
CA TRP C 256 25.09 -15.04 38.05
C TRP C 256 25.00 -16.47 37.51
N PHE C 257 23.86 -17.09 37.72
CA PHE C 257 23.60 -18.46 37.28
C PHE C 257 22.10 -18.60 37.07
N GLY C 258 21.72 -19.28 35.99
CA GLY C 258 20.33 -19.43 35.64
C GLY C 258 20.04 -20.81 35.07
N ILE C 259 18.84 -21.29 35.35
CA ILE C 259 18.36 -22.58 34.86
C ILE C 259 17.05 -22.36 34.12
N VAL C 260 17.00 -22.84 32.87
CA VAL C 260 15.82 -22.70 32.01
C VAL C 260 15.57 -24.03 31.34
N GLN C 261 14.32 -24.50 31.39
CA GLN C 261 13.93 -25.74 30.73
C GLN C 261 13.09 -25.43 29.50
N ASP C 262 13.40 -26.09 28.39
CA ASP C 262 12.61 -25.99 27.18
C ASP C 262 12.50 -27.39 26.58
N ALA C 263 12.08 -27.46 25.31
CA ALA C 263 11.86 -28.76 24.66
C ALA C 263 13.16 -29.47 24.34
N GLN C 264 14.30 -28.78 24.36
CA GLN C 264 15.60 -29.38 24.09
C GLN C 264 16.29 -29.86 25.35
N GLY C 265 15.72 -29.62 26.52
CA GLY C 265 16.30 -30.05 27.77
C GLY C 265 16.44 -28.89 28.72
N VAL C 266 17.34 -29.05 29.68
CA VAL C 266 17.58 -28.05 30.72
C VAL C 266 18.84 -27.28 30.35
N HIS C 267 18.72 -25.96 30.26
CA HIS C 267 19.81 -25.09 29.87
C HIS C 267 20.38 -24.38 31.09
N LEU C 268 21.69 -24.53 31.29
CA LEU C 268 22.38 -23.87 32.39
C LEU C 268 23.10 -22.64 31.85
N TYR C 269 22.84 -21.49 32.47
CA TYR C 269 23.42 -20.23 32.04
C TYR C 269 24.36 -19.71 33.12
N THR C 270 25.42 -19.03 32.69
CA THR C 270 26.39 -18.47 33.63
C THR C 270 26.93 -17.17 33.05
N SER C 271 27.58 -16.39 33.92
CA SER C 271 28.23 -15.16 33.54
C SER C 271 29.75 -15.28 33.71
N ARG C 272 30.28 -16.47 33.48
CA ARG C 272 31.71 -16.73 33.63
C ARG C 272 32.52 -16.40 32.38
N LYS C 273 31.92 -15.74 31.39
CA LYS C 273 32.69 -15.28 30.25
C LYS C 273 33.66 -14.17 30.63
N ASN C 274 33.40 -13.48 31.75
CA ASN C 274 34.31 -12.55 32.45
C ASN C 274 34.85 -11.43 31.55
N GLY C 275 34.19 -11.14 30.44
CA GLY C 275 34.61 -10.04 29.59
C GLY C 275 34.01 -8.72 30.02
N PHE C 276 34.87 -7.77 30.36
CA PHE C 276 34.50 -6.40 30.81
C PHE C 276 33.65 -6.53 32.08
N ASN C 277 32.53 -5.81 32.19
CA ASN C 277 31.68 -5.92 33.38
C ASN C 277 30.98 -7.26 33.44
N SER C 278 30.70 -7.85 32.28
CA SER C 278 29.98 -9.13 32.13
C SER C 278 28.62 -8.98 32.78
N ASN C 279 28.28 -9.76 33.81
CA ASN C 279 26.96 -9.80 34.45
C ASN C 279 25.83 -10.13 33.47
N ASN C 280 26.16 -10.82 32.38
CA ASN C 280 25.18 -11.29 31.41
C ASN C 280 25.29 -12.81 31.33
N LEU C 281 24.15 -13.47 31.24
CA LEU C 281 24.12 -14.93 31.26
C LEU C 281 24.24 -15.48 29.85
N PHE C 282 25.22 -16.36 29.66
CA PHE C 282 25.44 -17.05 28.41
C PHE C 282 25.29 -18.54 28.61
N LEU C 283 24.87 -19.23 27.56
CA LEU C 283 24.70 -20.68 27.63
C LEU C 283 26.06 -21.37 27.69
N PHE C 284 26.19 -22.32 28.61
CA PHE C 284 27.42 -23.09 28.70
C PHE C 284 27.22 -24.59 28.86
N ALA C 285 26.00 -25.07 29.10
CA ALA C 285 25.76 -26.50 29.24
C ALA C 285 24.32 -26.80 28.89
N THR C 286 24.04 -28.06 28.62
CA THR C 286 22.69 -28.53 28.34
C THR C 286 22.54 -29.94 28.87
N VAL C 287 21.55 -30.15 29.73
CA VAL C 287 21.30 -31.43 30.37
C VAL C 287 20.12 -32.09 29.66
N PRO C 288 20.22 -33.34 29.23
CA PRO C 288 19.10 -33.99 28.53
C PRO C 288 17.99 -34.43 29.48
N ILE C 289 17.26 -33.45 30.01
CA ILE C 289 16.12 -33.69 30.89
C ILE C 289 14.86 -33.36 30.10
N TYR C 290 14.01 -34.36 29.90
CA TYR C 290 12.80 -34.18 29.13
C TYR C 290 11.54 -34.28 29.96
N ASP C 291 11.63 -34.79 31.19
CA ASP C 291 10.54 -34.66 32.14
C ASP C 291 10.47 -33.23 32.65
N LYS C 292 9.27 -32.74 32.88
CA LYS C 292 9.06 -31.36 33.29
C LYS C 292 9.50 -31.17 34.73
N LEU C 293 10.43 -30.24 34.97
CA LEU C 293 10.82 -29.89 36.32
C LEU C 293 9.82 -28.91 36.91
N ASN C 294 9.30 -29.23 38.08
CA ASN C 294 8.26 -28.43 38.71
C ASN C 294 8.69 -27.80 40.03
N TYR C 295 9.78 -28.25 40.63
CA TYR C 295 10.18 -27.79 41.96
C TYR C 295 11.69 -27.67 42.01
N TYR C 296 12.16 -26.87 42.97
CA TYR C 296 13.58 -26.79 43.27
C TYR C 296 13.74 -26.52 44.76
N THR C 297 14.76 -27.11 45.36
CA THR C 297 15.11 -26.86 46.75
C THR C 297 16.57 -26.46 46.83
N VAL C 298 16.90 -25.73 47.87
CA VAL C 298 18.27 -25.34 48.16
C VAL C 298 18.82 -26.30 49.20
N ILE C 299 19.86 -27.05 48.83
CA ILE C 299 20.47 -27.97 49.79
C ILE C 299 21.26 -27.17 50.81
N PRO C 300 21.01 -27.36 52.11
CA PRO C 300 21.77 -26.61 53.12
C PRO C 300 23.24 -27.00 53.13
N ARG C 301 24.07 -26.02 53.48
CA ARG C 301 25.51 -26.21 53.57
C ARG C 301 26.03 -25.56 54.84
N SER C 302 27.18 -26.04 55.29
CA SER C 302 27.84 -25.48 56.46
C SER C 302 29.34 -25.65 56.31
N VAL C 303 30.08 -24.57 56.54
CA VAL C 303 31.53 -24.58 56.42
C VAL C 303 32.12 -24.40 57.81
N ILE C 304 32.99 -25.32 58.22
CA ILE C 304 33.64 -25.25 59.51
C ILE C 304 35.16 -25.33 59.36
N ALA C 312 27.12 -13.69 58.53
CA ALA C 312 26.38 -14.17 57.37
C ALA C 312 27.21 -15.19 56.62
N TRP C 313 28.27 -14.68 55.99
CA TRP C 313 29.32 -15.42 55.29
C TRP C 313 28.84 -16.12 54.03
N ALA C 314 27.56 -15.98 53.67
CA ALA C 314 27.02 -16.53 52.43
C ALA C 314 25.65 -15.91 52.20
N ALA C 315 25.43 -15.43 50.99
CA ALA C 315 24.11 -14.90 50.63
C ALA C 315 23.97 -15.01 49.11
N PHE C 316 22.99 -15.78 48.67
CA PHE C 316 22.61 -15.82 47.27
C PHE C 316 21.10 -15.70 47.17
N TYR C 317 20.64 -14.93 46.18
CA TYR C 317 19.23 -14.64 45.99
C TYR C 317 18.75 -15.32 44.72
N ILE C 318 17.62 -16.02 44.82
CA ILE C 318 17.04 -16.74 43.69
C ILE C 318 15.81 -15.98 43.23
N TYR C 319 15.87 -15.45 42.00
CA TYR C 319 14.79 -14.72 41.37
C TYR C 319 14.11 -15.57 40.30
N PRO C 320 12.79 -15.56 40.22
CA PRO C 320 12.12 -16.29 39.14
C PRO C 320 12.19 -15.55 37.83
N LEU C 321 11.91 -16.28 36.75
CA LEU C 321 11.87 -15.72 35.41
C LEU C 321 10.45 -15.77 34.89
N HIS C 322 10.06 -14.73 34.14
CA HIS C 322 8.72 -14.63 33.57
C HIS C 322 8.83 -14.32 32.09
N GLN C 323 7.80 -14.71 31.34
CA GLN C 323 7.74 -14.35 29.93
C GLN C 323 7.34 -12.88 29.81
N LEU C 324 8.33 -12.00 29.72
CA LEU C 324 8.11 -10.57 29.76
C LEU C 324 8.69 -9.91 28.52
N SER C 325 8.05 -8.84 28.09
CA SER C 325 8.61 -7.99 27.04
C SER C 325 9.72 -7.14 27.63
N TYR C 326 10.89 -7.14 26.99
CA TYR C 326 12.01 -6.33 27.42
C TYR C 326 12.55 -5.51 26.26
N LEU C 327 13.22 -4.42 26.61
CA LEU C 327 14.00 -3.64 25.65
C LEU C 327 15.45 -3.65 26.10
N LEU C 328 16.34 -4.07 25.21
CA LEU C 328 17.73 -4.30 25.54
C LEU C 328 18.63 -3.31 24.81
N ASN C 329 19.67 -2.84 25.49
CA ASN C 329 20.65 -1.95 24.90
C ASN C 329 22.01 -2.64 24.88
N PHE C 330 22.57 -2.81 23.69
CA PHE C 330 23.89 -3.39 23.53
C PHE C 330 24.91 -2.27 23.35
N ASP C 331 26.07 -2.39 23.93
CA ASP C 331 27.05 -1.34 23.84
C ASP C 331 28.06 -1.61 22.77
N VAL C 332 29.19 -0.94 22.80
CA VAL C 332 30.18 -1.10 21.73
C VAL C 332 30.78 -2.50 21.76
N ASN C 333 31.09 -3.01 22.95
CA ASN C 333 31.74 -4.31 23.06
C ASN C 333 30.79 -5.46 22.72
N GLY C 334 29.49 -5.25 22.88
CA GLY C 334 28.53 -6.28 22.55
C GLY C 334 27.87 -6.91 23.76
N TYR C 335 27.76 -6.14 24.84
CA TYR C 335 27.16 -6.60 26.08
C TYR C 335 25.94 -5.75 26.40
N ILE C 336 24.96 -6.37 27.05
CA ILE C 336 23.74 -5.66 27.43
C ILE C 336 24.04 -4.78 28.63
N THR C 337 23.88 -3.47 28.45
CA THR C 337 24.15 -2.49 29.51
C THR C 337 22.88 -1.95 30.14
N GLN C 338 21.85 -1.67 29.35
CA GLN C 338 20.58 -1.16 29.83
C GLN C 338 19.46 -2.12 29.46
N ALA C 339 18.49 -2.23 30.35
CA ALA C 339 17.28 -3.00 30.07
C ALA C 339 16.07 -2.17 30.47
N ALA C 340 14.93 -2.49 29.86
CA ALA C 340 13.66 -1.87 30.16
C ALA C 340 12.62 -2.98 30.32
N ASP C 341 11.90 -2.95 31.44
CA ASP C 341 11.00 -4.03 31.80
C ASP C 341 9.72 -4.01 30.98
N CYS C 342 9.41 -2.91 30.30
CA CYS C 342 8.19 -2.74 29.50
C CYS C 342 6.95 -3.06 30.32
N GLY C 343 6.70 -2.21 31.31
CA GLY C 343 5.52 -2.40 32.14
C GLY C 343 5.78 -2.19 33.61
N TYR C 344 7.03 -1.86 33.96
CA TYR C 344 7.35 -1.56 35.35
C TYR C 344 6.73 -0.24 35.78
N ASN C 345 6.89 0.80 34.97
CA ASN C 345 6.26 2.08 35.24
C ASN C 345 5.93 2.75 33.91
N ASP C 346 5.57 4.03 33.96
CA ASP C 346 5.19 4.75 32.75
C ASP C 346 6.39 5.11 31.88
N TYR C 347 7.56 5.33 32.48
CA TYR C 347 8.75 5.65 31.70
C TYR C 347 9.22 4.46 30.88
N THR C 348 9.15 3.25 31.45
CA THR C 348 9.54 2.07 30.71
C THR C 348 8.59 1.77 29.56
N GLN C 349 7.28 1.93 29.78
CA GLN C 349 6.33 1.81 28.68
C GLN C 349 6.57 2.87 27.63
N LEU C 350 6.96 4.07 28.07
CA LEU C 350 7.26 5.16 27.15
C LEU C 350 8.44 4.82 26.24
N ILE C 351 9.51 4.28 26.82
CA ILE C 351 10.68 3.96 25.98
C ILE C 351 10.51 2.64 25.24
N CYS C 352 9.63 1.74 25.69
CA CYS C 352 9.37 0.53 24.92
C CYS C 352 8.46 0.80 23.73
N SER C 353 7.53 1.75 23.84
CA SER C 353 6.63 2.05 22.73
C SER C 353 7.29 2.88 21.64
N TYR C 354 8.50 3.40 21.86
CA TYR C 354 9.22 4.15 20.85
C TYR C 354 10.57 3.54 20.49
N GLY C 355 11.02 2.52 21.21
CA GLY C 355 12.20 1.76 20.84
C GLY C 355 13.52 2.47 20.92
N ASP C 356 13.70 3.35 21.91
CA ASP C 356 15.01 3.96 22.16
C ASP C 356 15.06 4.42 23.62
N PHE C 357 16.29 4.52 24.13
CA PHE C 357 16.51 4.88 25.52
C PHE C 357 16.74 6.38 25.71
N ASN C 358 17.28 7.07 24.72
CA ASN C 358 17.52 8.50 24.79
C ASN C 358 16.45 9.21 23.96
N MET C 359 15.57 9.95 24.62
CA MET C 359 14.52 10.69 23.95
C MET C 359 14.50 12.13 24.41
N LYS C 360 13.90 12.97 23.57
CA LYS C 360 13.73 14.38 23.87
C LYS C 360 12.53 14.59 24.79
N SER C 361 12.46 15.78 25.37
CA SER C 361 11.33 16.13 26.21
C SER C 361 10.08 16.33 25.36
N GLY C 362 8.94 15.93 25.90
CA GLY C 362 7.68 16.10 25.22
C GLY C 362 6.61 15.25 25.82
N VAL C 363 5.39 15.45 25.34
CA VAL C 363 4.24 14.64 25.74
C VAL C 363 4.03 13.59 24.67
N TYR C 364 4.07 12.32 25.08
CA TYR C 364 4.00 11.19 24.16
C TYR C 364 2.84 10.28 24.54
N SER C 365 2.13 9.78 23.54
CA SER C 365 1.11 8.77 23.77
C SER C 365 1.78 7.40 23.80
N THR C 366 1.49 6.62 24.84
CA THR C 366 2.17 5.36 25.07
C THR C 366 1.20 4.19 24.99
N SER C 367 1.75 3.02 24.72
CA SER C 367 0.99 1.79 24.67
C SER C 367 1.00 1.10 26.03
N TYR C 368 0.10 0.14 26.20
CA TYR C 368 0.00 -0.63 27.42
C TYR C 368 0.86 -1.88 27.28
N TYR C 369 1.71 -2.13 28.28
CA TYR C 369 2.57 -3.30 28.28
C TYR C 369 2.36 -4.21 29.48
N SER C 370 1.46 -3.86 30.40
CA SER C 370 1.10 -4.71 31.53
C SER C 370 -0.43 -4.80 31.56
N ALA C 371 -0.96 -5.77 30.80
CA ALA C 371 -2.40 -6.00 30.78
C ALA C 371 -2.61 -7.47 30.43
N LYS C 372 -2.73 -8.31 31.45
CA LYS C 372 -2.95 -9.72 31.23
C LYS C 372 -4.37 -10.10 31.64
N PRO C 373 -4.96 -11.09 30.98
CA PRO C 373 -6.27 -11.58 31.42
C PRO C 373 -6.17 -12.38 32.71
N VAL C 374 -6.69 -11.82 33.80
CA VAL C 374 -6.80 -12.51 35.08
C VAL C 374 -8.27 -12.84 35.31
N GLY C 375 -8.56 -14.11 35.57
CA GLY C 375 -9.92 -14.56 35.69
C GLY C 375 -10.55 -14.85 34.34
N ALA C 376 -11.64 -15.62 34.37
CA ALA C 376 -12.34 -16.01 33.15
C ALA C 376 -13.82 -16.15 33.46
N TYR C 377 -14.64 -15.84 32.45
CA TYR C 377 -16.09 -15.85 32.58
C TYR C 377 -16.68 -16.67 31.44
N TYR C 378 -17.69 -17.49 31.78
CA TYR C 378 -18.37 -18.32 30.79
C TYR C 378 -19.88 -18.20 31.00
N GLU C 379 -20.61 -18.07 29.91
CA GLU C 379 -22.07 -18.07 29.97
C GLU C 379 -22.63 -18.67 28.70
N ALA C 380 -23.54 -19.62 28.87
CA ALA C 380 -24.23 -20.26 27.76
C ALA C 380 -25.56 -20.80 28.27
N HIS C 381 -26.55 -20.82 27.39
CA HIS C 381 -27.86 -21.34 27.75
C HIS C 381 -27.86 -22.86 27.72
N VAL C 382 -28.62 -23.45 28.63
CA VAL C 382 -28.74 -24.89 28.71
C VAL C 382 -29.88 -25.36 27.81
N TYR C 383 -29.68 -26.49 27.16
CA TYR C 383 -30.61 -27.07 26.20
C TYR C 383 -30.56 -28.58 26.36
N PRO C 384 -31.62 -29.29 26.00
CA PRO C 384 -31.57 -30.76 26.07
C PRO C 384 -30.62 -31.33 25.03
N ASP C 385 -30.11 -32.52 25.32
CA ASP C 385 -29.02 -33.11 24.56
C ASP C 385 -29.45 -33.45 23.14
N CYS C 386 -28.47 -33.40 22.23
CA CYS C 386 -28.70 -33.86 20.87
C CYS C 386 -28.92 -35.36 20.83
N ASN C 387 -29.78 -35.79 19.91
CA ASN C 387 -30.06 -37.20 19.73
C ASN C 387 -29.32 -37.68 18.49
N PHE C 388 -28.24 -38.41 18.70
CA PHE C 388 -27.42 -38.96 17.62
C PHE C 388 -27.66 -40.45 17.40
N THR C 389 -28.80 -40.96 17.86
CA THR C 389 -29.09 -42.39 17.75
C THR C 389 -29.26 -42.82 16.30
N GLU C 390 -29.88 -41.97 15.48
CA GLU C 390 -30.11 -42.31 14.08
C GLU C 390 -28.81 -42.41 13.30
N LEU C 391 -27.76 -41.70 13.75
CA LEU C 391 -26.50 -41.71 13.02
C LEU C 391 -25.76 -43.03 13.18
N PHE C 392 -25.81 -43.63 14.37
CA PHE C 392 -24.98 -44.79 14.67
C PHE C 392 -25.76 -46.05 15.03
N ARG C 393 -27.09 -45.99 15.17
CA ARG C 393 -27.84 -47.15 15.62
C ARG C 393 -28.98 -47.52 14.67
N GLU C 394 -28.90 -47.14 13.41
CA GLU C 394 -29.92 -47.47 12.42
C GLU C 394 -29.25 -48.10 11.21
N ARG C 395 -30.08 -48.41 10.22
CA ARG C 395 -29.58 -48.91 8.94
C ARG C 395 -28.80 -47.82 8.23
N ALA C 396 -27.66 -48.17 7.67
CA ALA C 396 -26.82 -47.18 7.01
C ALA C 396 -27.43 -46.77 5.67
N PRO C 397 -27.60 -45.47 5.42
CA PRO C 397 -28.16 -45.03 4.14
C PRO C 397 -27.14 -45.15 3.02
N THR C 398 -27.66 -45.22 1.80
CA THR C 398 -26.82 -45.26 0.62
C THR C 398 -26.35 -43.85 0.26
N ILE C 399 -25.46 -43.78 -0.73
CA ILE C 399 -25.02 -42.46 -1.19
C ILE C 399 -26.05 -41.85 -2.14
N MET C 400 -26.82 -42.68 -2.83
CA MET C 400 -27.85 -42.16 -3.74
C MET C 400 -28.97 -41.46 -2.97
N GLN C 401 -29.42 -42.06 -1.88
CA GLN C 401 -30.42 -41.45 -1.00
C GLN C 401 -29.80 -41.39 0.39
N TYR C 402 -29.03 -40.35 0.64
CA TYR C 402 -28.37 -40.20 1.93
C TYR C 402 -29.26 -39.43 2.89
N LYS C 403 -29.02 -39.62 4.17
CA LYS C 403 -29.79 -38.94 5.19
C LYS C 403 -29.09 -37.65 5.60
N ARG C 404 -29.88 -36.68 6.03
CA ARG C 404 -29.37 -35.43 6.55
C ARG C 404 -30.18 -35.07 7.79
N GLU C 405 -29.50 -34.61 8.83
CA GLU C 405 -30.17 -34.13 10.03
C GLU C 405 -29.57 -32.78 10.40
N VAL C 406 -30.44 -31.82 10.69
CA VAL C 406 -30.02 -30.48 11.10
C VAL C 406 -30.41 -30.30 12.56
N PHE C 407 -29.43 -29.93 13.39
CA PHE C 407 -29.59 -29.84 14.84
C PHE C 407 -29.64 -28.39 15.26
N THR C 408 -30.74 -27.98 15.88
CA THR C 408 -30.87 -26.65 16.44
C THR C 408 -31.39 -26.75 17.88
N ARG C 409 -30.92 -25.82 18.71
CA ARG C 409 -31.35 -25.66 20.11
C ARG C 409 -31.10 -26.94 20.92
N CYS C 410 -29.83 -27.31 21.00
CA CYS C 410 -29.44 -28.52 21.71
C CYS C 410 -27.96 -28.44 22.07
N ASN C 411 -27.54 -29.31 23.00
CA ASN C 411 -26.16 -29.41 23.44
C ASN C 411 -25.61 -30.78 23.08
N TYR C 412 -24.44 -30.81 22.46
CA TYR C 412 -23.81 -32.05 22.03
C TYR C 412 -22.67 -32.42 22.95
N ASN C 413 -22.06 -33.57 22.68
CA ASN C 413 -20.90 -34.04 23.41
C ASN C 413 -20.04 -34.84 22.44
N LEU C 414 -19.07 -34.17 21.82
CA LEU C 414 -18.27 -34.79 20.76
C LEU C 414 -17.38 -35.91 21.27
N SER C 415 -17.04 -35.90 22.56
CA SER C 415 -16.22 -36.97 23.12
C SER C 415 -16.95 -38.30 23.11
N LEU C 416 -18.28 -38.27 23.20
CA LEU C 416 -19.05 -39.52 23.13
C LEU C 416 -19.11 -40.05 21.71
N LEU C 417 -19.20 -39.17 20.71
CA LEU C 417 -19.32 -39.62 19.32
C LEU C 417 -18.00 -40.16 18.78
N LEU C 418 -16.87 -39.66 19.26
CA LEU C 418 -15.57 -40.11 18.77
C LEU C 418 -15.19 -41.48 19.30
N SER C 419 -15.78 -41.93 20.41
CA SER C 419 -15.49 -43.26 20.91
C SER C 419 -16.20 -44.34 20.12
N LEU C 420 -17.38 -44.04 19.57
CA LEU C 420 -18.15 -45.04 18.83
C LEU C 420 -17.56 -45.35 17.47
N VAL C 421 -16.71 -44.48 16.93
CA VAL C 421 -16.13 -44.67 15.61
C VAL C 421 -14.61 -44.70 15.73
N GLN C 422 -13.98 -45.28 14.71
CA GLN C 422 -12.54 -45.18 14.51
C GLN C 422 -12.31 -44.36 13.25
N VAL C 423 -11.65 -43.23 13.38
CA VAL C 423 -11.55 -42.27 12.28
C VAL C 423 -10.38 -42.67 11.39
N ASP C 424 -10.66 -42.83 10.10
CA ASP C 424 -9.63 -43.13 9.12
C ASP C 424 -8.99 -41.86 8.56
N GLU C 425 -9.80 -40.85 8.26
CA GLU C 425 -9.33 -39.62 7.65
C GLU C 425 -10.37 -38.55 7.86
N PHE C 426 -9.94 -37.34 8.21
CA PHE C 426 -10.82 -36.18 8.26
C PHE C 426 -10.27 -35.10 7.35
N VAL C 427 -11.12 -34.55 6.51
CA VAL C 427 -10.78 -33.47 5.60
C VAL C 427 -11.66 -32.29 5.96
N CYS C 428 -11.07 -31.22 6.47
CA CYS C 428 -11.83 -30.11 7.03
C CYS C 428 -11.38 -28.79 6.43
N ASP C 429 -12.34 -27.94 6.12
CA ASP C 429 -12.08 -26.58 5.67
C ASP C 429 -12.61 -25.57 6.70
N LYS C 430 -11.80 -24.54 6.95
CA LYS C 430 -12.12 -23.41 7.82
C LYS C 430 -12.49 -23.80 9.25
N ILE C 431 -12.19 -25.04 9.66
CA ILE C 431 -12.51 -25.53 10.99
C ILE C 431 -11.65 -26.78 11.23
N THR C 432 -11.50 -27.15 12.49
CA THR C 432 -10.82 -28.37 12.90
C THR C 432 -11.75 -29.16 13.81
N PRO C 433 -11.55 -30.47 13.93
CA PRO C 433 -12.36 -31.24 14.90
C PRO C 433 -12.20 -30.79 16.34
N GLU C 434 -11.02 -30.30 16.71
CA GLU C 434 -10.85 -29.73 18.04
C GLU C 434 -11.68 -28.47 18.21
N ALA C 435 -11.92 -27.73 17.14
CA ALA C 435 -12.86 -26.61 17.18
C ALA C 435 -14.31 -27.08 17.15
N LEU C 436 -14.58 -28.23 16.53
CA LEU C 436 -15.90 -28.82 16.62
C LEU C 436 -16.22 -29.25 18.05
N ALA C 437 -15.20 -29.54 18.84
CA ALA C 437 -15.41 -29.96 20.23
C ALA C 437 -15.97 -28.82 21.08
N THR C 438 -15.66 -27.57 20.76
CA THR C 438 -16.03 -26.42 21.59
C THR C 438 -16.43 -25.25 20.71
N GLY C 439 -17.66 -24.79 20.84
CA GLY C 439 -18.10 -23.58 20.17
C GLY C 439 -19.59 -23.52 19.96
N CYS C 440 -20.11 -22.37 19.69
CA CYS C 440 -21.51 -22.31 19.52
C CYS C 440 -21.81 -22.10 18.08
N TYR C 441 -22.93 -22.59 17.64
CA TYR C 441 -23.31 -22.58 16.23
C TYR C 441 -24.78 -22.25 16.10
N SER C 442 -25.12 -21.57 15.01
CA SER C 442 -26.53 -21.35 14.71
C SER C 442 -27.22 -22.67 14.36
N SER C 443 -26.55 -23.52 13.61
CA SER C 443 -27.10 -24.81 13.22
C SER C 443 -25.96 -25.80 13.00
N LEU C 444 -26.30 -27.09 13.08
CA LEU C 444 -25.34 -28.17 12.89
C LEU C 444 -25.96 -29.21 11.96
N THR C 445 -25.50 -29.25 10.72
CA THR C 445 -26.03 -30.16 9.70
C THR C 445 -25.07 -31.32 9.51
N VAL C 446 -25.58 -32.53 9.60
CA VAL C 446 -24.79 -33.75 9.40
C VAL C 446 -25.43 -34.56 8.29
N ASP C 447 -24.64 -34.88 7.27
CA ASP C 447 -25.03 -35.81 6.22
C ASP C 447 -24.20 -37.08 6.37
N TRP C 448 -24.87 -38.23 6.42
CA TRP C 448 -24.16 -39.49 6.55
C TRP C 448 -24.67 -40.50 5.53
N PHE C 449 -23.76 -41.38 5.11
CA PHE C 449 -24.05 -42.46 4.18
C PHE C 449 -22.91 -43.47 4.27
N ALA C 450 -23.09 -44.60 3.60
CA ALA C 450 -22.10 -45.67 3.60
C ALA C 450 -21.31 -45.63 2.30
N PHE C 451 -19.98 -45.60 2.42
CA PHE C 451 -19.08 -45.48 1.28
C PHE C 451 -17.78 -46.21 1.58
N PRO C 452 -17.28 -47.03 0.65
CA PRO C 452 -16.02 -47.75 0.90
C PRO C 452 -14.84 -46.79 1.04
N TYR C 453 -13.89 -47.19 1.89
CA TYR C 453 -12.76 -46.32 2.17
C TYR C 453 -11.77 -46.28 1.01
N ALA C 454 -11.76 -47.32 0.17
CA ALA C 454 -10.90 -47.32 -1.01
C ALA C 454 -11.37 -46.36 -2.10
N TRP C 455 -12.57 -45.82 -1.98
CA TRP C 455 -13.14 -44.90 -2.96
C TRP C 455 -13.13 -43.46 -2.48
N LYS C 456 -12.28 -43.12 -1.51
CA LYS C 456 -12.30 -41.78 -0.94
C LYS C 456 -11.82 -40.74 -1.95
N SER C 457 -11.02 -41.14 -2.94
CA SER C 457 -10.56 -40.23 -3.97
C SER C 457 -11.68 -39.72 -4.85
N TYR C 458 -12.82 -40.40 -4.85
CA TYR C 458 -13.99 -39.92 -5.59
C TYR C 458 -14.77 -38.87 -4.82
N LEU C 459 -14.43 -38.61 -3.57
CA LEU C 459 -15.09 -37.59 -2.78
C LEU C 459 -14.23 -36.37 -2.54
N ALA C 460 -12.99 -36.35 -3.03
CA ALA C 460 -12.11 -35.21 -2.82
C ALA C 460 -12.57 -34.03 -3.67
N ILE C 461 -12.19 -32.83 -3.23
CA ILE C 461 -12.64 -31.63 -3.90
C ILE C 461 -11.90 -31.47 -5.22
N GLY C 462 -12.63 -31.07 -6.26
CA GLY C 462 -12.10 -31.00 -7.59
C GLY C 462 -12.22 -32.26 -8.40
N SER C 463 -12.69 -33.35 -7.80
CA SER C 463 -12.87 -34.60 -8.53
C SER C 463 -14.02 -34.48 -9.53
N ALA C 464 -13.82 -35.08 -10.70
CA ALA C 464 -14.87 -35.20 -11.71
C ALA C 464 -15.16 -36.68 -11.88
N ASP C 465 -16.26 -37.15 -11.31
CA ASP C 465 -16.69 -38.52 -11.50
C ASP C 465 -18.19 -38.59 -11.28
N ARG C 466 -18.73 -39.79 -11.45
CA ARG C 466 -20.16 -40.02 -11.32
C ARG C 466 -20.64 -39.88 -9.89
N ILE C 467 -19.73 -39.95 -8.91
CA ILE C 467 -20.14 -39.82 -7.51
C ILE C 467 -20.49 -38.37 -7.19
N VAL C 468 -19.59 -37.44 -7.51
CA VAL C 468 -19.85 -36.03 -7.23
C VAL C 468 -20.92 -35.49 -8.17
N ARG C 469 -20.88 -35.89 -9.45
CA ARG C 469 -21.75 -35.28 -10.45
C ARG C 469 -23.21 -35.68 -10.28
N PHE C 470 -23.49 -36.88 -9.80
CA PHE C 470 -24.85 -37.39 -9.80
C PHE C 470 -25.37 -37.83 -8.43
N ASN C 471 -24.52 -37.98 -7.42
CA ASN C 471 -24.95 -38.53 -6.14
C ASN C 471 -24.80 -37.56 -4.98
N TYR C 472 -23.63 -36.99 -4.79
CA TYR C 472 -23.39 -36.14 -3.62
C TYR C 472 -22.34 -35.11 -3.98
N ASN C 473 -22.73 -33.84 -3.99
CA ASN C 473 -21.80 -32.73 -4.20
C ASN C 473 -21.74 -31.91 -2.91
N GLN C 474 -20.55 -31.81 -2.33
CA GLN C 474 -20.41 -31.20 -1.02
C GLN C 474 -20.42 -29.68 -1.11
N ASP C 475 -21.11 -29.05 -0.17
CA ASP C 475 -21.19 -27.60 -0.09
C ASP C 475 -20.00 -27.06 0.68
N TYR C 476 -19.31 -26.09 0.08
CA TYR C 476 -18.14 -25.48 0.69
C TYR C 476 -18.35 -24.02 1.02
N SER C 477 -19.60 -23.57 1.10
CA SER C 477 -19.91 -22.21 1.50
C SER C 477 -19.93 -22.03 3.00
N ASN C 478 -19.80 -23.10 3.76
CA ASN C 478 -19.74 -23.08 5.21
C ASN C 478 -18.61 -24.00 5.64
N PRO C 479 -18.02 -23.77 6.82
CA PRO C 479 -17.00 -24.69 7.34
C PRO C 479 -17.55 -26.08 7.54
N SER C 480 -16.79 -27.08 7.09
CA SER C 480 -17.27 -28.45 7.04
C SER C 480 -16.13 -29.42 7.33
N CYS C 481 -16.50 -30.62 7.75
CA CYS C 481 -15.55 -31.69 8.02
C CYS C 481 -16.10 -32.97 7.43
N ARG C 482 -15.33 -33.62 6.56
CA ARG C 482 -15.70 -34.90 5.98
C ARG C 482 -14.91 -35.98 6.71
N ILE C 483 -15.60 -36.82 7.47
CA ILE C 483 -14.97 -37.81 8.33
C ILE C 483 -15.25 -39.18 7.75
N HIS C 484 -14.20 -39.86 7.30
CA HIS C 484 -14.28 -41.26 6.91
C HIS C 484 -13.96 -42.10 8.14
N SER C 485 -14.91 -42.93 8.55
CA SER C 485 -14.77 -43.66 9.80
C SER C 485 -15.25 -45.10 9.61
N LYS C 486 -14.85 -45.96 10.53
CA LYS C 486 -15.35 -47.32 10.63
C LYS C 486 -16.19 -47.45 11.88
N VAL C 487 -17.43 -47.92 11.72
CA VAL C 487 -18.35 -48.10 12.82
C VAL C 487 -18.53 -49.59 13.03
N ASN C 488 -18.30 -50.06 14.25
CA ASN C 488 -18.42 -51.48 14.55
C ASN C 488 -19.89 -51.89 14.60
N SER C 489 -20.13 -53.16 14.26
CA SER C 489 -21.50 -53.68 14.25
C SER C 489 -22.08 -53.85 15.64
N SER C 490 -21.24 -53.84 16.68
CA SER C 490 -21.73 -53.90 18.05
C SER C 490 -22.31 -52.58 18.52
N ILE C 491 -22.02 -51.49 17.81
CA ILE C 491 -22.62 -50.20 18.15
C ILE C 491 -24.12 -50.22 17.90
N GLY C 492 -24.54 -50.87 16.82
CA GLY C 492 -25.95 -50.99 16.51
C GLY C 492 -26.23 -50.75 15.04
N ILE C 493 -25.22 -50.26 14.31
CA ILE C 493 -25.39 -49.97 12.91
C ILE C 493 -25.44 -51.27 12.12
N SER C 494 -26.10 -51.23 10.96
CA SER C 494 -26.23 -52.41 10.12
C SER C 494 -26.36 -51.98 8.67
N TYR C 495 -26.01 -52.88 7.77
CA TYR C 495 -26.16 -52.65 6.34
C TYR C 495 -26.99 -53.78 5.73
N ALA C 496 -28.06 -53.40 5.04
CA ALA C 496 -28.95 -54.37 4.41
C ALA C 496 -29.48 -53.77 3.12
N GLY C 497 -29.95 -54.65 2.24
CA GLY C 497 -30.41 -54.20 0.94
C GLY C 497 -29.24 -53.96 0.00
N ALA C 498 -29.50 -53.17 -1.04
CA ALA C 498 -28.53 -52.87 -2.06
C ALA C 498 -28.06 -51.43 -1.92
N TYR C 499 -26.73 -51.24 -1.91
CA TYR C 499 -26.12 -49.94 -1.82
C TYR C 499 -25.62 -49.54 -3.20
N SER C 500 -26.28 -48.57 -3.82
CA SER C 500 -26.00 -48.23 -5.20
C SER C 500 -25.92 -46.72 -5.38
N TYR C 501 -25.25 -46.32 -6.46
CA TYR C 501 -25.03 -44.92 -6.80
C TYR C 501 -25.37 -44.69 -8.26
N ILE C 502 -25.78 -43.46 -8.58
CA ILE C 502 -26.13 -43.11 -9.95
C ILE C 502 -24.87 -43.08 -10.80
N THR C 503 -24.92 -43.75 -11.95
CA THR C 503 -23.84 -43.71 -12.93
C THR C 503 -24.09 -42.66 -14.01
N ASN C 504 -25.32 -42.56 -14.50
CA ASN C 504 -25.68 -41.57 -15.50
C ASN C 504 -27.16 -41.23 -15.34
N CYS C 505 -27.50 -39.97 -15.56
CA CYS C 505 -28.90 -39.54 -15.49
C CYS C 505 -29.09 -38.39 -16.47
N ASN C 506 -29.74 -38.67 -17.59
CA ASN C 506 -30.00 -37.68 -18.63
C ASN C 506 -31.50 -37.50 -18.80
N TYR C 507 -31.88 -36.36 -19.36
CA TYR C 507 -33.28 -36.09 -19.65
C TYR C 507 -33.37 -35.14 -20.84
N GLY C 508 -34.56 -35.15 -21.46
CA GLY C 508 -34.80 -34.27 -22.59
C GLY C 508 -34.26 -34.83 -23.89
N ALA C 509 -34.51 -34.08 -24.96
CA ALA C 509 -34.06 -34.48 -26.29
C ALA C 509 -32.59 -34.17 -26.53
N THR C 510 -31.96 -33.36 -25.68
CA THR C 510 -30.55 -33.01 -25.82
C THR C 510 -29.65 -33.84 -24.93
N ASN C 511 -30.22 -34.74 -24.11
CA ASN C 511 -29.48 -35.63 -23.20
C ASN C 511 -28.59 -34.84 -22.24
N LYS C 512 -29.11 -33.75 -21.71
CA LYS C 512 -28.36 -32.96 -20.73
C LYS C 512 -28.35 -33.65 -19.38
N ASP C 513 -27.24 -33.52 -18.67
CA ASP C 513 -27.06 -34.24 -17.42
C ASP C 513 -27.86 -33.60 -16.30
N ASP C 514 -28.38 -34.44 -15.41
CA ASP C 514 -29.08 -33.97 -14.20
C ASP C 514 -28.06 -33.85 -13.06
N VAL C 515 -27.25 -32.79 -13.17
CA VAL C 515 -26.13 -32.61 -12.26
C VAL C 515 -26.63 -32.16 -10.89
N VAL C 516 -26.14 -32.82 -9.84
CA VAL C 516 -26.52 -32.47 -8.48
C VAL C 516 -25.87 -31.14 -8.08
N LYS C 517 -26.69 -30.22 -7.59
CA LYS C 517 -26.21 -28.92 -7.14
C LYS C 517 -25.37 -29.08 -5.87
N PRO C 518 -24.47 -28.13 -5.60
CA PRO C 518 -23.68 -28.20 -4.36
C PRO C 518 -24.56 -28.13 -3.12
N GLY C 519 -24.31 -29.03 -2.17
CA GLY C 519 -25.17 -29.17 -1.02
C GLY C 519 -26.55 -29.67 -1.36
N GLY C 520 -26.68 -30.46 -2.43
CA GLY C 520 -27.98 -30.90 -2.89
C GLY C 520 -28.15 -32.40 -2.92
N ARG C 521 -29.26 -32.85 -3.49
CA ARG C 521 -29.62 -34.24 -3.54
C ARG C 521 -30.03 -34.59 -4.96
N ALA C 522 -29.83 -35.85 -5.35
CA ALA C 522 -30.31 -36.33 -6.63
C ALA C 522 -31.83 -36.22 -6.71
N SER C 523 -32.31 -35.75 -7.86
CA SER C 523 -33.73 -35.48 -8.04
C SER C 523 -34.52 -36.79 -8.05
N GLN C 524 -35.82 -36.66 -7.78
CA GLN C 524 -36.69 -37.83 -7.61
C GLN C 524 -36.83 -38.62 -8.91
N GLN C 525 -36.70 -37.96 -10.06
CA GLN C 525 -36.74 -38.68 -11.33
C GLN C 525 -35.55 -39.62 -11.47
N CYS C 526 -34.36 -39.15 -11.10
CA CYS C 526 -33.18 -40.01 -11.12
C CYS C 526 -33.31 -41.14 -10.10
N ILE C 527 -33.91 -40.85 -8.94
CA ILE C 527 -34.09 -41.87 -7.91
C ILE C 527 -35.01 -42.97 -8.40
N THR C 528 -36.15 -42.60 -9.00
CA THR C 528 -37.09 -43.60 -9.50
C THR C 528 -36.50 -44.39 -10.67
N GLY C 529 -35.80 -43.70 -11.57
CA GLY C 529 -35.16 -44.38 -12.69
C GLY C 529 -34.10 -45.36 -12.24
N ALA C 530 -33.34 -45.02 -11.19
CA ALA C 530 -32.38 -45.95 -10.64
C ALA C 530 -33.08 -47.11 -9.94
N LEU C 531 -34.12 -46.83 -9.16
CA LEU C 531 -34.82 -47.91 -8.45
C LEU C 531 -35.52 -48.87 -9.41
N ASN C 532 -35.74 -48.47 -10.66
CA ASN C 532 -36.12 -49.42 -11.69
C ASN C 532 -34.96 -49.90 -12.55
N SER C 533 -33.78 -49.30 -12.43
CA SER C 533 -32.65 -49.62 -13.29
C SER C 533 -32.06 -50.99 -12.92
N PRO C 534 -31.41 -51.67 -13.88
CA PRO C 534 -30.71 -52.91 -13.55
C PRO C 534 -29.52 -52.69 -12.63
N THR C 535 -29.14 -53.78 -11.96
CA THR C 535 -28.08 -53.74 -10.97
C THR C 535 -26.71 -53.54 -11.61
N THR C 536 -26.48 -54.18 -12.76
CA THR C 536 -25.16 -54.16 -13.38
C THR C 536 -24.87 -52.87 -14.14
N GLY C 537 -25.90 -52.10 -14.47
CA GLY C 537 -25.70 -50.81 -15.11
C GLY C 537 -25.97 -50.76 -16.60
N GLN C 538 -27.16 -50.27 -16.96
CA GLN C 538 -27.55 -50.08 -18.34
C GLN C 538 -28.47 -48.87 -18.42
N LEU C 539 -28.36 -48.11 -19.50
CA LEU C 539 -29.14 -46.89 -19.69
C LEU C 539 -30.57 -47.28 -20.04
N TRP C 540 -31.38 -47.52 -19.01
CA TRP C 540 -32.80 -47.78 -19.22
C TRP C 540 -33.55 -46.47 -19.39
N ALA C 541 -34.55 -46.47 -20.28
CA ALA C 541 -35.31 -45.28 -20.61
C ALA C 541 -36.64 -45.28 -19.90
N TYR C 542 -37.03 -44.12 -19.36
CA TYR C 542 -38.30 -43.94 -18.69
C TYR C 542 -38.90 -42.60 -19.10
N ASN C 543 -40.20 -42.47 -18.85
CA ASN C 543 -40.93 -41.23 -19.15
C ASN C 543 -41.59 -40.77 -17.85
N PHE C 544 -40.96 -39.80 -17.18
CA PHE C 544 -41.48 -39.23 -15.95
C PHE C 544 -42.17 -37.91 -16.29
N GLY C 545 -43.45 -37.80 -15.94
CA GLY C 545 -44.22 -36.65 -16.36
C GLY C 545 -44.44 -36.64 -17.86
N GLY C 546 -43.76 -35.73 -18.55
CA GLY C 546 -43.83 -35.68 -20.00
C GLY C 546 -42.48 -35.57 -20.66
N VAL C 547 -41.41 -35.81 -19.89
CA VAL C 547 -40.04 -35.69 -20.37
C VAL C 547 -39.37 -37.05 -20.25
N PRO C 548 -38.69 -37.53 -21.29
CA PRO C 548 -37.97 -38.81 -21.17
C PRO C 548 -36.77 -38.69 -20.23
N TYR C 549 -36.43 -39.82 -19.61
CA TYR C 549 -35.28 -39.90 -18.72
C TYR C 549 -34.49 -41.16 -19.02
N ARG C 550 -33.20 -41.12 -18.75
CA ARG C 550 -32.31 -42.27 -18.96
C ARG C 550 -31.38 -42.37 -17.76
N VAL C 551 -31.62 -43.35 -16.90
CA VAL C 551 -30.89 -43.51 -15.64
C VAL C 551 -30.19 -44.85 -15.63
N SER C 552 -28.94 -44.87 -15.17
CA SER C 552 -28.19 -46.10 -14.95
C SER C 552 -27.44 -45.99 -13.63
N ARG C 553 -27.18 -47.15 -13.01
CA ARG C 553 -26.57 -47.15 -11.69
C ARG C 553 -25.65 -48.34 -11.54
N LEU C 554 -24.75 -48.27 -10.56
CA LEU C 554 -23.89 -49.37 -10.17
C LEU C 554 -23.99 -49.56 -8.67
N THR C 555 -23.72 -50.79 -8.22
CA THR C 555 -23.95 -51.20 -6.85
C THR C 555 -22.62 -51.52 -6.18
N TYR C 556 -22.48 -51.10 -4.91
CA TYR C 556 -21.24 -51.32 -4.17
C TYR C 556 -21.48 -52.05 -2.86
N THR C 557 -22.53 -52.87 -2.79
CA THR C 557 -22.86 -53.53 -1.52
C THR C 557 -21.87 -54.61 -1.15
N ASP C 558 -21.06 -55.10 -2.09
CA ASP C 558 -20.06 -56.11 -1.80
C ASP C 558 -18.73 -55.54 -1.35
N HIS C 559 -18.62 -54.22 -1.24
CA HIS C 559 -17.44 -53.57 -0.70
C HIS C 559 -17.59 -53.15 0.75
N LEU C 560 -18.70 -53.52 1.39
CA LEU C 560 -18.97 -53.13 2.77
C LEU C 560 -18.75 -54.35 3.67
N SER C 561 -17.89 -54.19 4.67
CA SER C 561 -17.47 -55.28 5.54
C SER C 561 -18.20 -55.18 6.88
N ASP C 562 -17.79 -56.02 7.83
CA ASP C 562 -18.41 -56.00 9.16
C ASP C 562 -18.19 -54.70 9.92
N PRO C 563 -16.97 -54.09 9.97
CA PRO C 563 -16.91 -52.68 10.39
C PRO C 563 -17.27 -51.79 9.20
N LEU C 564 -18.43 -51.16 9.27
CA LEU C 564 -18.94 -50.39 8.15
C LEU C 564 -18.12 -49.13 7.92
N ASP C 565 -17.69 -48.94 6.68
CA ASP C 565 -17.01 -47.71 6.28
C ASP C 565 -18.07 -46.65 6.02
N MET C 566 -18.12 -45.64 6.88
CA MET C 566 -19.14 -44.61 6.84
C MET C 566 -18.50 -43.25 6.64
N VAL C 567 -19.24 -42.35 5.99
CA VAL C 567 -18.80 -40.97 5.78
C VAL C 567 -19.77 -40.06 6.50
N TYR C 568 -19.24 -39.20 7.37
CA TYR C 568 -20.03 -38.20 8.09
C TYR C 568 -19.53 -36.82 7.68
N VAL C 569 -20.40 -36.03 7.08
CA VAL C 569 -20.08 -34.67 6.66
C VAL C 569 -20.78 -33.72 7.60
N ILE C 570 -20.00 -33.05 8.45
CA ILE C 570 -20.52 -32.18 9.49
C ILE C 570 -20.31 -30.74 9.05
N THR C 571 -21.41 -30.03 8.81
CA THR C 571 -21.38 -28.64 8.38
C THR C 571 -21.97 -27.76 9.46
N VAL C 572 -21.22 -26.75 9.89
CA VAL C 572 -21.67 -25.82 10.92
C VAL C 572 -21.94 -24.47 10.27
N LYS C 573 -22.73 -23.66 10.96
CA LYS C 573 -23.03 -22.31 10.52
C LYS C 573 -22.79 -21.35 11.67
N TYR C 574 -22.05 -20.27 11.38
CA TYR C 574 -21.76 -19.25 12.36
C TYR C 574 -22.63 -18.03 12.08
N GLU C 575 -23.49 -17.69 13.04
CA GLU C 575 -24.35 -16.51 12.94
C GLU C 575 -24.41 -15.89 14.33
N PRO C 576 -23.59 -14.86 14.58
CA PRO C 576 -23.57 -14.25 15.92
C PRO C 576 -24.91 -13.61 16.28
N GLY C 577 -25.30 -13.78 17.54
CA GLY C 577 -26.60 -13.35 18.00
C GLY C 577 -27.70 -14.40 17.90
N ALA C 578 -27.41 -15.55 17.29
CA ALA C 578 -28.40 -16.61 17.15
C ALA C 578 -27.78 -17.99 17.37
N GLU C 579 -26.77 -18.08 18.23
CA GLU C 579 -25.97 -19.30 18.36
C GLU C 579 -26.59 -20.19 19.43
N THR C 580 -27.08 -21.36 19.04
CA THR C 580 -27.86 -22.22 19.91
C THR C 580 -27.26 -23.59 20.18
N VAL C 581 -26.51 -24.20 19.26
CA VAL C 581 -26.00 -25.56 19.42
C VAL C 581 -24.64 -25.52 20.06
N CYS C 582 -24.56 -25.59 21.38
CA CYS C 582 -23.30 -25.49 22.10
C CYS C 582 -22.98 -26.72 22.87
N PRO C 583 -21.72 -26.90 23.28
CA PRO C 583 -21.32 -28.09 24.01
C PRO C 583 -21.89 -28.36 25.41
N LYS C 584 -22.08 -29.61 25.85
CA LYS C 584 -22.50 -29.90 27.22
C LYS C 584 -21.43 -29.48 28.22
N GLN C 585 -20.16 -29.75 27.90
CA GLN C 585 -19.08 -29.57 28.86
C GLN C 585 -18.72 -28.09 28.96
N ILE C 586 -18.51 -27.63 30.19
CA ILE C 586 -18.18 -26.24 30.45
C ILE C 586 -16.67 -26.07 30.30
N ARG C 587 -16.23 -24.83 30.10
CA ARG C 587 -14.80 -24.58 30.14
C ARG C 587 -14.29 -24.74 31.56
N PRO C 588 -13.18 -25.43 31.78
CA PRO C 588 -12.83 -25.84 33.16
C PRO C 588 -12.30 -24.70 34.02
N ASP C 589 -11.49 -23.80 33.46
CA ASP C 589 -10.91 -22.71 34.22
C ASP C 589 -11.77 -21.45 34.20
N TYR C 590 -13.06 -21.58 33.94
CA TYR C 590 -13.96 -20.45 33.76
C TYR C 590 -14.99 -20.41 34.88
N SER C 591 -15.31 -19.20 35.34
CA SER C 591 -16.21 -19.00 36.45
C SER C 591 -17.57 -18.50 35.96
N THR C 592 -18.64 -19.10 36.49
CA THR C 592 -19.99 -18.80 36.02
C THR C 592 -20.53 -17.47 36.54
N ASN C 593 -20.07 -17.03 37.71
CA ASN C 593 -20.55 -15.78 38.28
C ASN C 593 -19.54 -14.68 37.99
N ILE C 594 -20.04 -13.46 37.75
CA ILE C 594 -19.24 -12.38 37.19
C ILE C 594 -18.90 -11.28 38.19
N THR C 595 -19.53 -11.27 39.38
CA THR C 595 -19.48 -10.10 40.24
C THR C 595 -18.07 -9.81 40.75
N HIS C 596 -17.33 -10.86 41.12
CA HIS C 596 -15.94 -10.66 41.51
C HIS C 596 -15.02 -10.35 40.34
N LEU C 597 -15.49 -10.55 39.10
CA LEU C 597 -14.68 -10.27 37.92
C LEU C 597 -14.90 -8.88 37.36
N LEU C 598 -15.83 -8.09 37.91
CA LEU C 598 -16.11 -6.77 37.37
C LEU C 598 -14.96 -5.81 37.64
N GLY C 599 -14.59 -5.03 36.63
CA GLY C 599 -13.53 -4.06 36.73
C GLY C 599 -12.15 -4.57 36.34
N SER C 600 -11.97 -5.88 36.25
CA SER C 600 -10.68 -6.47 35.92
C SER C 600 -10.73 -7.05 34.51
N CYS C 601 -9.57 -7.06 33.85
CA CYS C 601 -9.48 -7.56 32.48
C CYS C 601 -9.57 -9.08 32.49
N ILE C 602 -10.70 -9.61 32.05
CA ILE C 602 -10.96 -11.04 32.05
C ILE C 602 -11.10 -11.52 30.61
N SER C 603 -11.07 -12.84 30.44
CA SER C 603 -11.33 -13.48 29.16
C SER C 603 -12.70 -14.12 29.24
N TYR C 604 -13.58 -13.76 28.31
CA TYR C 604 -14.95 -14.22 28.33
C TYR C 604 -15.23 -15.11 27.12
N ASP C 605 -16.18 -16.03 27.30
CA ASP C 605 -16.62 -16.94 26.25
C ASP C 605 -18.14 -16.98 26.24
N ILE C 606 -18.75 -15.81 26.22
CA ILE C 606 -20.21 -15.69 26.33
C ILE C 606 -20.84 -16.04 24.98
N TYR C 607 -21.62 -17.11 24.95
CA TYR C 607 -22.45 -17.49 23.81
C TYR C 607 -21.64 -17.72 22.53
N GLY C 608 -20.45 -18.29 22.70
CA GLY C 608 -19.68 -18.80 21.58
C GLY C 608 -18.60 -17.88 21.06
N ILE C 609 -18.59 -16.60 21.43
CA ILE C 609 -17.55 -15.68 21.00
C ILE C 609 -16.55 -15.51 22.12
N THR C 610 -15.28 -15.72 21.80
CA THR C 610 -14.19 -15.62 22.76
C THR C 610 -13.48 -14.28 22.58
N GLY C 611 -13.28 -13.58 23.69
CA GLY C 611 -12.60 -12.30 23.64
C GLY C 611 -12.03 -11.96 25.00
N THR C 612 -11.44 -10.77 25.08
CA THR C 612 -10.85 -10.27 26.31
C THR C 612 -11.32 -8.84 26.50
N GLY C 613 -11.70 -8.50 27.73
CA GLY C 613 -12.21 -7.17 27.98
C GLY C 613 -12.49 -6.93 29.44
N VAL C 614 -13.02 -5.74 29.72
CA VAL C 614 -13.34 -5.29 31.07
C VAL C 614 -14.84 -5.09 31.15
N PHE C 615 -15.47 -5.70 32.16
CA PHE C 615 -16.90 -5.62 32.36
C PHE C 615 -17.20 -4.73 33.55
N GLN C 616 -18.10 -3.77 33.36
CA GLN C 616 -18.52 -2.88 34.43
C GLN C 616 -20.04 -2.72 34.39
N LEU C 617 -20.60 -2.39 35.54
CA LEU C 617 -22.04 -2.19 35.63
C LEU C 617 -22.44 -0.91 34.92
N CYS C 618 -23.47 -0.98 34.09
CA CYS C 618 -23.94 0.17 33.32
C CYS C 618 -25.46 0.21 33.39
N ASN C 619 -26.00 1.42 33.18
CA ASN C 619 -27.42 1.67 33.43
C ASN C 619 -28.33 0.91 32.46
N ALA C 620 -28.07 1.04 31.16
CA ALA C 620 -29.02 0.61 30.14
C ALA C 620 -29.21 -0.90 30.06
N ARG C 624 -34.93 -3.83 26.50
CA ARG C 624 -34.03 -4.84 25.96
C ARG C 624 -34.65 -5.53 24.74
N GLN C 625 -34.08 -5.29 23.57
CA GLN C 625 -34.51 -5.95 22.34
C GLN C 625 -33.59 -7.10 21.94
N GLN C 626 -32.33 -7.07 22.36
CA GLN C 626 -31.36 -8.08 21.98
C GLN C 626 -30.40 -8.31 23.14
N LYS C 627 -29.72 -9.46 23.12
CA LYS C 627 -28.82 -9.79 24.22
C LYS C 627 -27.49 -9.05 24.13
N PHE C 628 -27.03 -8.70 22.93
CA PHE C 628 -25.73 -8.06 22.74
C PHE C 628 -25.96 -6.67 22.12
N VAL C 629 -25.41 -5.65 22.76
CA VAL C 629 -25.50 -4.28 22.26
C VAL C 629 -24.27 -4.02 21.40
N TYR C 630 -24.47 -3.44 20.22
CA TYR C 630 -23.42 -3.26 19.24
C TYR C 630 -23.18 -1.78 18.95
N ASP C 631 -21.93 -1.46 18.65
CA ASP C 631 -21.50 -0.15 18.21
C ASP C 631 -21.76 -0.04 16.71
N LYS C 632 -21.78 1.20 16.20
CA LYS C 632 -21.97 1.45 14.77
C LYS C 632 -20.92 0.78 13.90
N PHE C 633 -19.71 0.56 14.43
CA PHE C 633 -18.64 -0.10 13.70
C PHE C 633 -18.50 -1.58 14.07
N ASP C 634 -19.61 -2.19 14.51
CA ASP C 634 -19.70 -3.63 14.79
C ASP C 634 -18.75 -4.06 15.91
N ASN C 635 -18.79 -3.33 17.02
CA ASN C 635 -18.11 -3.72 18.24
C ASN C 635 -19.14 -3.93 19.34
N ILE C 636 -18.92 -4.95 20.17
CA ILE C 636 -19.84 -5.24 21.26
C ILE C 636 -19.47 -4.35 22.45
N ILE C 637 -20.38 -3.45 22.82
CA ILE C 637 -20.14 -2.50 23.89
C ILE C 637 -20.99 -2.78 25.11
N GLY C 638 -21.66 -3.93 25.15
CA GLY C 638 -22.50 -4.27 26.27
C GLY C 638 -23.31 -5.52 26.03
N PHE C 639 -23.57 -6.31 27.07
CA PHE C 639 -24.35 -7.52 26.93
C PHE C 639 -25.35 -7.63 28.06
N HIS C 640 -26.49 -8.24 27.78
CA HIS C 640 -27.52 -8.51 28.76
C HIS C 640 -27.36 -9.93 29.27
N SER C 641 -26.89 -10.07 30.50
CA SER C 641 -26.77 -11.37 31.12
C SER C 641 -28.15 -11.87 31.58
N ASP C 642 -28.30 -13.19 31.60
CA ASP C 642 -29.56 -13.77 32.06
C ASP C 642 -29.77 -13.56 33.55
N ASP C 643 -28.69 -13.42 34.32
CA ASP C 643 -28.76 -13.09 35.73
C ASP C 643 -28.00 -11.79 35.98
N GLY C 644 -28.61 -10.89 36.74
CA GLY C 644 -27.99 -9.62 37.06
C GLY C 644 -28.48 -8.49 36.16
N ASN C 645 -27.73 -7.41 36.19
CA ASN C 645 -28.04 -6.18 35.47
C ASN C 645 -27.14 -6.13 34.23
N TYR C 646 -27.51 -5.25 33.29
CA TYR C 646 -26.76 -5.10 32.04
C TYR C 646 -25.34 -4.63 32.32
N TYR C 647 -24.37 -5.31 31.71
CA TYR C 647 -22.96 -4.99 31.86
C TYR C 647 -22.44 -4.38 30.57
N CYS C 648 -21.82 -3.22 30.66
CA CYS C 648 -21.24 -2.57 29.50
C CYS C 648 -19.75 -2.92 29.38
N VAL C 649 -19.34 -3.23 28.16
CA VAL C 649 -18.06 -3.90 27.90
C VAL C 649 -17.12 -2.94 27.18
N ALA C 650 -15.87 -2.97 27.58
CA ALA C 650 -14.78 -2.21 26.96
C ALA C 650 -13.65 -3.18 26.67
N PRO C 651 -12.75 -2.82 25.73
CA PRO C 651 -11.54 -3.64 25.54
C PRO C 651 -10.65 -3.61 26.76
N CYS C 652 -9.65 -4.50 26.75
CA CYS C 652 -8.76 -4.62 27.90
C CYS C 652 -7.99 -3.32 28.14
N VAL C 653 -7.52 -2.67 27.08
CA VAL C 653 -6.97 -1.33 27.19
C VAL C 653 -7.91 -0.38 26.45
N SER C 654 -8.40 0.63 27.16
CA SER C 654 -9.27 1.62 26.56
C SER C 654 -8.99 3.05 26.99
N VAL C 655 -8.41 3.28 28.16
CA VAL C 655 -8.12 4.64 28.62
C VAL C 655 -6.84 5.12 27.93
N PRO C 656 -6.85 6.27 27.27
CA PRO C 656 -5.62 6.80 26.70
C PRO C 656 -4.66 7.21 27.80
N VAL C 657 -3.38 6.93 27.60
CA VAL C 657 -2.34 7.28 28.55
C VAL C 657 -1.26 8.04 27.82
N SER C 658 -1.02 9.27 28.24
CA SER C 658 0.07 10.09 27.73
C SER C 658 1.09 10.30 28.84
N VAL C 659 2.37 10.29 28.48
CA VAL C 659 3.46 10.43 29.44
C VAL C 659 4.18 11.74 29.14
N ILE C 660 4.27 12.61 30.13
CA ILE C 660 5.00 13.86 30.02
C ILE C 660 6.42 13.62 30.52
N TYR C 661 7.40 13.79 29.63
CA TYR C 661 8.78 13.44 29.93
C TYR C 661 9.67 14.67 29.83
N ASP C 662 10.59 14.81 30.78
CA ASP C 662 11.55 15.91 30.81
C ASP C 662 12.95 15.29 30.84
N ASP C 663 13.66 15.38 29.71
CA ASP C 663 14.91 14.65 29.56
C ASP C 663 16.06 15.24 30.36
N LYS C 664 15.95 16.50 30.77
CA LYS C 664 17.03 17.12 31.55
C LYS C 664 17.09 16.54 32.96
N THR C 665 15.94 16.26 33.57
CA THR C 665 15.88 15.75 34.93
C THR C 665 15.37 14.32 35.00
N ASN C 666 15.03 13.72 33.86
CA ASN C 666 14.49 12.35 33.75
C ASN C 666 13.22 12.16 34.58
N GLN C 667 12.47 13.23 34.77
CA GLN C 667 11.24 13.19 35.55
C GLN C 667 10.05 12.99 34.61
N TYR C 668 9.15 12.10 34.99
CA TYR C 668 8.00 11.79 34.15
C TYR C 668 6.71 11.98 34.92
N ALA C 669 5.63 12.20 34.17
CA ALA C 669 4.29 12.32 34.72
C ALA C 669 3.31 11.70 33.75
N THR C 670 2.10 11.44 34.23
CA THR C 670 1.10 10.73 33.46
C THR C 670 -0.13 11.60 33.23
N LEU C 671 -0.63 11.59 32.00
CA LEU C 671 -1.92 12.19 31.66
C LEU C 671 -2.86 11.07 31.23
N PHE C 672 -3.98 10.94 31.92
CA PHE C 672 -4.89 9.81 31.72
C PHE C 672 -6.01 10.18 30.76
N GLY C 673 -5.63 10.46 29.51
CA GLY C 673 -6.59 10.61 28.42
C GLY C 673 -7.60 11.69 28.66
N SER C 674 -8.88 11.33 28.50
CA SER C 674 -10.00 12.22 28.82
C SER C 674 -10.98 11.43 29.69
N VAL C 675 -10.70 11.40 30.99
CA VAL C 675 -11.55 10.67 31.93
C VAL C 675 -11.36 11.28 33.30
N ALA C 676 -12.41 11.26 34.11
CA ALA C 676 -12.33 11.75 35.48
C ALA C 676 -11.54 10.76 36.34
N CYS C 677 -10.98 11.28 37.44
CA CYS C 677 -10.20 10.44 38.34
C CYS C 677 -11.06 9.48 39.16
N GLN C 678 -12.38 9.70 39.23
CA GLN C 678 -13.24 8.80 39.97
C GLN C 678 -13.38 7.43 39.31
N HIS C 679 -13.02 7.32 38.04
CA HIS C 679 -13.15 6.05 37.32
C HIS C 679 -11.85 5.28 37.22
N ILE C 680 -10.69 5.95 37.14
CA ILE C 680 -9.43 5.22 36.97
C ILE C 680 -8.97 4.54 38.24
N SER C 681 -9.59 4.80 39.39
CA SER C 681 -9.26 4.07 40.60
C SER C 681 -9.73 2.62 40.53
N THR C 682 -10.69 2.31 39.66
CA THR C 682 -11.18 0.96 39.48
C THR C 682 -10.47 0.23 38.34
N MET C 683 -9.94 0.96 37.36
CA MET C 683 -9.18 0.37 36.26
C MET C 683 -7.69 0.29 36.55
N ALA C 684 -7.31 0.21 37.82
CA ALA C 684 -5.90 0.27 38.19
C ALA C 684 -5.13 -0.97 37.75
N ALA C 685 -5.81 -2.11 37.62
CA ALA C 685 -5.14 -3.36 37.28
C ALA C 685 -4.61 -3.38 35.85
N GLN C 686 -5.11 -2.49 34.99
CA GLN C 686 -4.71 -2.48 33.60
C GLN C 686 -3.49 -1.62 33.31
N PHE C 687 -3.06 -0.79 34.25
CA PHE C 687 -1.95 0.12 34.03
C PHE C 687 -0.63 -0.57 34.39
N SER C 688 0.46 0.20 34.38
CA SER C 688 1.76 -0.35 34.72
C SER C 688 1.84 -0.65 36.20
N ARG C 689 2.88 -1.41 36.59
CA ARG C 689 2.93 -1.97 37.93
C ARG C 689 3.15 -0.89 38.99
N GLU C 690 3.99 0.12 38.70
CA GLU C 690 4.17 1.20 39.65
C GLU C 690 2.91 2.08 39.73
N THR C 691 2.28 2.33 38.58
CA THR C 691 1.02 3.07 38.56
C THR C 691 -0.09 2.29 39.27
N ARG C 692 -0.11 0.97 39.09
CA ARG C 692 -1.06 0.13 39.83
C ARG C 692 -0.79 0.16 41.32
N ALA C 693 0.44 0.21 41.76
CA ALA C 693 0.72 0.37 43.16
C ALA C 693 0.03 1.59 43.69
N SER C 694 0.34 2.77 43.20
CA SER C 694 -0.35 3.98 43.64
C SER C 694 -1.84 4.20 43.42
N LEU C 695 -2.43 3.86 42.30
CA LEU C 695 -3.85 4.11 42.16
C LEU C 695 -4.48 3.22 43.19
N VAL C 696 -3.79 2.20 43.61
CA VAL C 696 -4.26 1.39 44.73
C VAL C 696 -3.69 1.99 45.97
N SER C 697 -4.13 1.55 47.11
CA SER C 697 -3.76 2.13 48.41
C SER C 697 -4.27 3.56 48.53
N ARG C 698 -3.94 4.21 49.65
CA ARG C 698 -4.74 5.32 50.15
C ARG C 698 -4.63 6.58 49.29
N ASN C 699 -3.43 6.91 48.83
CA ASN C 699 -3.14 8.26 48.36
C ASN C 699 -3.84 8.56 47.04
N MET C 700 -4.47 9.74 46.98
CA MET C 700 -5.14 10.23 45.78
C MET C 700 -4.81 11.71 45.54
N GLN C 701 -3.88 12.28 46.31
CA GLN C 701 -3.52 13.69 46.14
C GLN C 701 -2.84 13.95 44.80
N ASN C 702 -2.16 12.93 44.26
CA ASN C 702 -1.51 13.07 42.97
C ASN C 702 -2.51 13.28 41.83
N LEU C 703 -3.74 12.78 41.99
CA LEU C 703 -4.75 12.91 40.95
C LEU C 703 -5.38 14.28 41.01
N LEU C 704 -5.07 15.12 40.03
CA LEU C 704 -5.69 16.43 39.87
C LEU C 704 -6.49 16.43 38.58
N GLN C 705 -7.65 17.08 38.59
CA GLN C 705 -8.54 17.11 37.44
C GLN C 705 -8.31 18.39 36.66
N THR C 706 -8.00 18.24 35.37
CA THR C 706 -7.79 19.35 34.45
C THR C 706 -8.86 19.31 33.37
N SER C 707 -8.72 20.18 32.37
CA SER C 707 -9.67 20.27 31.28
C SER C 707 -9.31 19.38 30.10
N VAL C 708 -8.19 18.67 30.16
CA VAL C 708 -7.77 17.76 29.10
C VAL C 708 -7.65 16.35 29.66
N GLY C 709 -8.48 16.04 30.64
CA GLY C 709 -8.36 14.81 31.41
C GLY C 709 -7.75 15.09 32.76
N CYS C 710 -7.57 14.04 33.55
CA CYS C 710 -7.04 14.22 34.89
C CYS C 710 -5.71 13.48 35.02
N VAL C 711 -4.75 14.16 35.65
CA VAL C 711 -3.34 13.83 35.51
C VAL C 711 -2.84 13.16 36.79
N MET C 712 -1.63 12.61 36.71
CA MET C 712 -0.94 12.03 37.86
C MET C 712 0.46 12.60 37.94
N GLY C 713 0.99 12.68 39.15
CA GLY C 713 2.30 13.28 39.37
C GLY C 713 2.35 14.76 39.11
N PHE C 714 1.29 15.48 39.45
CA PHE C 714 1.18 16.91 39.20
C PHE C 714 0.79 17.63 40.48
N HIS C 715 1.09 18.93 40.53
CA HIS C 715 0.65 19.80 41.60
C HIS C 715 0.23 21.13 40.99
N GLU C 716 -0.80 21.74 41.58
CA GLU C 716 -1.36 22.96 41.01
C GLU C 716 -0.42 24.14 41.21
N THR C 717 -0.40 25.04 40.23
CA THR C 717 0.45 26.22 40.29
C THR C 717 -0.20 27.32 39.46
N ASN C 718 0.31 28.54 39.63
CA ASN C 718 -0.15 29.70 38.88
C ASN C 718 0.94 30.27 37.98
N ASP C 719 2.09 29.62 37.91
CA ASP C 719 3.18 30.11 37.07
C ASP C 719 2.85 29.88 35.60
N THR C 720 3.23 30.86 34.77
CA THR C 720 3.02 30.79 33.34
C THR C 720 4.37 30.99 32.63
N VAL C 721 4.48 30.43 31.43
CA VAL C 721 5.70 30.55 30.64
C VAL C 721 5.33 30.89 29.21
N GLU C 722 6.30 31.48 28.50
CA GLU C 722 6.06 31.88 27.10
C GLU C 722 5.92 30.66 26.20
N GLU C 723 6.86 29.72 26.31
CA GLU C 723 6.77 28.44 25.61
C GLU C 723 7.15 27.34 26.59
N CYS C 724 6.52 26.18 26.43
CA CYS C 724 6.67 25.09 27.38
C CYS C 724 7.38 23.87 26.82
N HIS C 725 7.04 23.50 25.59
CA HIS C 725 7.59 22.30 25.00
C HIS C 725 7.00 21.07 25.63
N LEU C 726 5.99 21.22 26.47
CA LEU C 726 5.33 20.12 27.18
C LEU C 726 3.84 20.39 27.25
N SER C 727 3.26 20.85 26.14
CA SER C 727 1.87 21.30 26.13
C SER C 727 0.91 20.13 26.17
N LEU C 728 -0.07 20.20 27.06
CA LEU C 728 -1.12 19.21 27.18
C LEU C 728 -2.36 19.57 26.37
N GLY C 729 -2.36 20.71 25.69
CA GLY C 729 -3.52 21.17 24.99
C GLY C 729 -4.43 22.01 25.87
N GLN C 730 -5.30 22.78 25.21
CA GLN C 730 -6.24 23.71 25.85
C GLN C 730 -5.51 24.68 26.77
N SER C 731 -4.39 25.23 26.28
CA SER C 731 -3.57 26.23 26.95
C SER C 731 -3.01 25.74 28.28
N LEU C 732 -2.78 24.44 28.38
CA LEU C 732 -2.18 23.83 29.54
C LEU C 732 -0.81 23.27 29.17
N CYS C 733 0.18 23.51 30.01
CA CYS C 733 1.48 22.90 29.80
C CYS C 733 2.14 22.65 31.16
N ALA C 734 3.05 21.69 31.16
CA ALA C 734 3.66 21.19 32.38
C ALA C 734 4.97 21.90 32.64
N ILE C 735 5.13 22.41 33.86
CA ILE C 735 6.39 23.02 34.30
C ILE C 735 7.26 21.90 34.88
N PRO C 736 8.38 21.56 34.25
CA PRO C 736 9.19 20.45 34.75
C PRO C 736 9.85 20.80 36.07
N PRO C 737 10.02 19.83 36.97
CA PRO C 737 10.69 20.12 38.23
C PRO C 737 12.19 20.28 38.05
N ASN C 738 12.81 20.94 39.02
CA ASN C 738 14.22 21.29 38.96
C ASN C 738 15.12 20.24 39.60
N THR C 739 14.58 19.11 40.03
CA THR C 739 15.33 18.07 40.71
C THR C 739 15.40 16.82 39.85
N ASN C 740 16.57 16.19 39.81
CA ASN C 740 16.74 14.94 39.08
C ASN C 740 16.11 13.77 39.84
N LEU C 741 16.08 12.61 39.20
CA LEU C 741 15.51 11.41 39.81
C LEU C 741 16.41 10.79 40.87
N ARG C 742 17.65 11.26 41.01
CA ARG C 742 18.53 10.72 42.04
C ARG C 742 18.04 11.05 43.44
N SER C 743 17.35 12.18 43.61
CA SER C 743 16.77 12.56 44.89
C SER C 743 15.34 12.07 45.05
N GLY C 744 14.80 11.37 44.07
CA GLY C 744 13.45 10.85 44.13
C GLY C 744 12.52 11.54 43.14
N ARG C 745 11.34 10.94 42.98
CA ARG C 745 10.35 11.47 42.06
C ARG C 745 9.78 12.79 42.57
N SER C 746 9.74 13.78 41.71
CA SER C 746 9.16 15.08 42.02
C SER C 746 7.83 15.22 41.27
N THR C 747 7.17 16.36 41.48
CA THR C 747 5.90 16.64 40.86
C THR C 747 6.03 17.80 39.88
N PHE C 748 5.36 17.67 38.74
CA PHE C 748 5.29 18.72 37.75
C PHE C 748 4.33 19.82 38.22
N GLY C 749 4.28 20.90 37.46
CA GLY C 749 3.37 22.01 37.72
C GLY C 749 2.35 22.13 36.61
N LEU C 750 1.14 22.55 36.97
CA LEU C 750 0.07 22.75 36.00
C LEU C 750 0.05 24.21 35.57
N GLY C 751 0.96 24.55 34.68
CA GLY C 751 1.08 25.90 34.18
C GLY C 751 0.08 26.21 33.09
N SER C 752 0.21 27.40 32.52
CA SER C 752 -0.62 27.85 31.41
C SER C 752 0.23 28.68 30.47
N LEU C 753 -0.26 28.83 29.24
CA LEU C 753 0.40 29.68 28.27
C LEU C 753 0.28 31.15 28.68
N ALA C 754 1.36 31.89 28.47
CA ALA C 754 1.35 33.32 28.74
C ALA C 754 0.72 34.07 27.58
N TYR C 755 -0.16 35.03 27.90
CA TYR C 755 -0.79 35.81 26.84
C TYR C 755 0.12 36.96 26.40
N ASN C 756 0.72 37.67 27.35
CA ASN C 756 1.50 38.89 27.11
C ASN C 756 0.65 39.93 26.37
N SER C 757 -0.34 40.44 27.10
CA SER C 757 -1.26 41.42 26.55
C SER C 757 -0.51 42.69 26.14
N PRO C 758 -0.89 43.31 25.03
CA PRO C 758 -0.19 44.54 24.59
C PRO C 758 -0.47 45.71 25.52
N LEU C 759 0.42 46.69 25.46
CA LEU C 759 0.26 47.88 26.28
C LEU C 759 -0.87 48.74 25.74
N ARG C 760 -1.76 49.17 26.64
CA ARG C 760 -2.98 49.87 26.23
C ARG C 760 -2.69 51.34 25.95
N VAL C 761 -3.41 51.88 24.97
CA VAL C 761 -3.34 53.29 24.60
C VAL C 761 -4.73 53.88 24.78
N ASP C 762 -4.80 55.02 25.46
CA ASP C 762 -6.07 55.70 25.67
C ASP C 762 -6.68 56.18 24.35
N ALA C 763 -8.00 56.21 24.30
CA ALA C 763 -8.70 56.56 23.06
C ALA C 763 -8.58 58.05 22.76
N LEU C 764 -8.65 58.90 23.79
CA LEU C 764 -8.55 60.36 23.69
C LEU C 764 -9.65 60.91 22.77
N ASN C 765 -10.87 60.83 23.26
CA ASN C 765 -12.04 61.31 22.55
C ASN C 765 -11.98 62.83 22.48
N SER C 766 -11.53 63.35 21.34
CA SER C 766 -11.35 64.77 21.08
C SER C 766 -11.16 64.93 19.57
N SER C 767 -10.78 66.13 19.15
CA SER C 767 -10.38 66.35 17.76
C SER C 767 -8.95 65.93 17.50
N GLU C 768 -8.17 65.65 18.54
CA GLU C 768 -6.78 65.24 18.41
C GLU C 768 -6.60 63.87 19.05
N PHE C 769 -5.61 63.12 18.58
CA PHE C 769 -5.39 61.75 18.99
C PHE C 769 -4.11 61.63 19.80
N LYS C 770 -3.83 60.42 20.26
CA LYS C 770 -2.67 60.12 21.09
C LYS C 770 -1.80 59.08 20.39
N VAL C 771 -0.52 59.38 20.25
CA VAL C 771 0.42 58.46 19.60
C VAL C 771 1.33 57.87 20.65
N SER C 772 1.94 56.74 20.29
CA SER C 772 2.90 56.04 21.15
C SER C 772 4.20 55.90 20.37
N LEU C 773 5.11 56.86 20.55
CA LEU C 773 6.34 56.89 19.78
C LEU C 773 7.47 56.21 20.53
N PRO C 774 8.40 55.60 19.79
CA PRO C 774 9.59 55.03 20.43
C PRO C 774 10.45 56.10 21.08
N LEU C 775 10.96 55.78 22.27
CA LEU C 775 11.93 56.60 22.97
C LEU C 775 13.33 56.00 22.95
N ASN C 776 13.41 54.67 22.94
CA ASN C 776 14.66 53.94 22.86
C ASN C 776 14.50 52.84 21.83
N PHE C 777 15.61 52.40 21.24
CA PHE C 777 15.55 51.42 20.17
C PHE C 777 16.60 50.36 20.38
N THR C 778 16.40 49.23 19.70
CA THR C 778 17.37 48.15 19.66
C THR C 778 17.21 47.41 18.34
N PHE C 779 18.26 46.70 17.95
CA PHE C 779 18.23 45.89 16.73
C PHE C 779 18.15 44.42 17.13
N GLY C 780 17.13 43.74 16.62
CA GLY C 780 16.95 42.32 16.86
C GLY C 780 17.02 41.55 15.56
N VAL C 781 17.60 40.34 15.62
CA VAL C 781 17.83 39.53 14.44
C VAL C 781 16.89 38.33 14.48
N THR C 782 16.12 38.15 13.41
CA THR C 782 15.24 37.01 13.25
C THR C 782 15.87 36.02 12.30
N GLN C 783 16.01 34.78 12.73
CA GLN C 783 16.64 33.72 11.95
C GLN C 783 15.56 32.79 11.42
N GLU C 784 15.59 32.52 10.12
CA GLU C 784 14.58 31.72 9.46
C GLU C 784 15.26 30.75 8.51
N TYR C 785 14.89 29.48 8.58
CA TYR C 785 15.44 28.43 7.72
C TYR C 785 14.38 27.97 6.75
N ILE C 786 14.72 27.92 5.47
CA ILE C 786 13.83 27.48 4.41
C ILE C 786 14.51 26.33 3.68
N GLU C 787 13.86 25.16 3.66
CA GLU C 787 14.44 23.94 3.09
C GLU C 787 14.04 23.84 1.62
N THR C 788 14.90 24.19 0.72
CA THR C 788 14.59 24.18 -0.67
C THR C 788 14.92 22.91 -1.47
N SER C 789 15.14 21.77 -0.83
CA SER C 789 15.51 20.57 -1.52
C SER C 789 15.21 19.23 -0.88
N ILE C 790 15.18 18.15 -1.65
CA ILE C 790 15.02 16.84 -1.14
C ILE C 790 16.25 16.05 -1.52
N GLN C 791 16.78 15.13 -0.70
CA GLN C 791 17.83 14.21 -1.12
C GLN C 791 17.45 13.52 -2.43
N LYS C 792 18.41 13.43 -3.33
CA LYS C 792 18.24 12.71 -4.59
C LYS C 792 18.71 11.27 -4.39
N ILE C 793 17.79 10.32 -4.52
CA ILE C 793 18.08 8.92 -4.26
C ILE C 793 17.62 8.10 -5.45
N THR C 794 18.52 7.27 -5.97
CA THR C 794 18.19 6.27 -6.98
C THR C 794 18.34 4.89 -6.39
N VAL C 795 17.38 4.01 -6.66
CA VAL C 795 17.33 2.68 -6.09
C VAL C 795 17.45 1.66 -7.21
N ASP C 796 18.38 0.72 -7.07
CA ASP C 796 18.47 -0.42 -7.97
C ASP C 796 17.33 -1.38 -7.61
N CYS C 797 16.25 -1.31 -8.38
CA CYS C 797 15.03 -2.05 -8.03
C CYS C 797 15.23 -3.55 -8.16
N LYS C 798 15.90 -3.99 -9.23
CA LYS C 798 16.07 -5.43 -9.47
C LYS C 798 16.94 -6.07 -8.39
N GLN C 799 17.96 -5.35 -7.92
CA GLN C 799 18.80 -5.86 -6.85
C GLN C 799 18.11 -5.74 -5.49
N TYR C 800 17.29 -4.71 -5.29
CA TYR C 800 16.62 -4.56 -4.01
C TYR C 800 15.56 -5.64 -3.81
N VAL C 801 14.71 -5.86 -4.81
CA VAL C 801 13.62 -6.83 -4.66
C VAL C 801 14.16 -8.25 -4.65
N CYS C 802 15.07 -8.57 -5.57
CA CYS C 802 15.66 -9.90 -5.65
C CYS C 802 17.17 -9.79 -5.52
N ASN C 803 17.77 -10.73 -4.79
CA ASN C 803 19.20 -10.64 -4.49
C ASN C 803 20.06 -11.27 -5.57
N GLY C 804 19.61 -11.27 -6.82
CA GLY C 804 20.30 -11.91 -7.89
C GLY C 804 19.79 -13.29 -8.26
N PHE C 805 18.66 -13.70 -7.70
CA PHE C 805 18.12 -15.03 -7.93
C PHE C 805 17.21 -15.01 -9.16
N ALA C 806 17.38 -16.00 -10.04
CA ALA C 806 16.60 -16.05 -11.26
C ALA C 806 15.14 -16.42 -11.00
N LYS C 807 14.87 -17.23 -9.98
CA LYS C 807 13.50 -17.59 -9.64
C LYS C 807 12.72 -16.38 -9.14
N CYS C 808 13.35 -15.55 -8.31
CA CYS C 808 12.71 -14.32 -7.85
C CYS C 808 12.47 -13.36 -9.01
N GLU C 809 13.43 -13.26 -9.92
CA GLU C 809 13.27 -12.35 -11.06
C GLU C 809 12.21 -12.86 -12.04
N LYS C 810 12.00 -14.17 -12.10
CA LYS C 810 10.91 -14.71 -12.91
C LYS C 810 9.57 -14.46 -12.24
N LEU C 811 9.49 -14.61 -10.92
CA LEU C 811 8.25 -14.34 -10.21
C LEU C 811 7.94 -12.85 -10.14
N LEU C 812 8.94 -11.98 -10.31
CA LEU C 812 8.71 -10.55 -10.34
C LEU C 812 7.97 -10.11 -11.60
N GLU C 813 8.05 -10.89 -12.68
CA GLU C 813 7.34 -10.57 -13.91
C GLU C 813 5.83 -10.67 -13.76
N GLN C 814 5.35 -11.32 -12.70
CA GLN C 814 3.92 -11.37 -12.39
C GLN C 814 3.39 -10.04 -11.88
N TYR C 815 4.26 -9.07 -11.58
CA TYR C 815 3.85 -7.75 -11.13
C TYR C 815 4.13 -6.68 -12.17
N GLY C 816 4.35 -7.07 -13.42
CA GLY C 816 4.56 -6.13 -14.48
C GLY C 816 5.96 -5.55 -14.48
N GLN C 817 6.12 -4.48 -15.27
CA GLN C 817 7.40 -3.77 -15.38
C GLN C 817 7.53 -2.78 -14.22
N PHE C 818 7.69 -3.35 -13.02
CA PHE C 818 7.73 -2.56 -11.81
C PHE C 818 9.01 -1.74 -11.71
N CYS C 819 10.15 -2.38 -12.00
CA CYS C 819 11.45 -1.73 -11.82
C CYS C 819 11.63 -0.57 -12.79
N SER C 820 11.13 -0.71 -14.01
CA SER C 820 11.19 0.38 -14.98
C SER C 820 10.39 1.59 -14.50
N LYS C 821 9.21 1.34 -13.92
CA LYS C 821 8.38 2.44 -13.43
C LYS C 821 9.02 3.12 -12.23
N ILE C 822 9.62 2.36 -11.31
CA ILE C 822 10.29 2.95 -10.17
C ILE C 822 11.50 3.77 -10.61
N ASN C 823 12.28 3.24 -11.56
CA ASN C 823 13.44 3.96 -12.06
C ASN C 823 13.03 5.27 -12.75
N GLN C 824 11.96 5.22 -13.56
CA GLN C 824 11.49 6.42 -14.23
C GLN C 824 10.95 7.45 -13.23
N ALA C 825 10.23 7.00 -12.19
CA ALA C 825 9.72 7.93 -11.20
C ALA C 825 10.83 8.61 -10.42
N LEU C 826 11.84 7.83 -9.99
CA LEU C 826 12.96 8.42 -9.26
C LEU C 826 13.77 9.36 -10.14
N HIS C 827 13.97 9.00 -11.41
CA HIS C 827 14.69 9.88 -12.32
C HIS C 827 13.95 11.19 -12.55
N GLY C 828 12.63 11.11 -12.72
CA GLY C 828 11.85 12.33 -12.86
C GLY C 828 11.89 13.21 -11.64
N ALA C 829 11.83 12.60 -10.44
CA ALA C 829 11.91 13.38 -9.21
C ALA C 829 13.25 14.09 -9.06
N ASN C 830 14.36 13.37 -9.33
CA ASN C 830 15.68 13.99 -9.21
C ASN C 830 15.89 15.06 -10.27
N LEU C 831 15.41 14.83 -11.49
CA LEU C 831 15.55 15.84 -12.55
C LEU C 831 14.76 17.10 -12.22
N ARG C 832 13.54 16.95 -11.70
CA ARG C 832 12.76 18.11 -11.28
C ARG C 832 13.42 18.83 -10.11
N GLN C 833 14.06 18.07 -9.20
CA GLN C 833 14.75 18.70 -8.08
C GLN C 833 15.93 19.54 -8.54
N ASP C 834 16.71 19.08 -9.48
CA ASP C 834 17.82 19.86 -9.99
C ASP C 834 17.36 21.00 -10.80
N ASP C 835 16.29 20.85 -11.54
CA ASP C 835 15.71 22.00 -12.24
C ASP C 835 15.27 23.07 -11.26
N SER C 836 14.66 22.67 -10.14
CA SER C 836 14.24 23.63 -9.12
C SER C 836 15.43 24.33 -8.50
N VAL C 837 16.52 23.60 -8.23
CA VAL C 837 17.72 24.21 -7.68
C VAL C 837 18.32 25.22 -8.66
N ARG C 838 18.36 24.85 -9.95
CA ARG C 838 18.90 25.74 -10.97
C ARG C 838 18.07 27.01 -11.10
N ASN C 839 16.74 26.89 -11.05
CA ASN C 839 15.88 28.07 -11.13
C ASN C 839 16.02 28.96 -9.89
N LEU C 840 16.11 28.34 -8.71
CA LEU C 840 16.28 29.10 -7.47
C LEU C 840 17.57 29.90 -7.47
N PHE C 841 18.66 29.29 -7.94
CA PHE C 841 19.91 30.04 -8.01
C PHE C 841 19.98 30.95 -9.23
N GLU C 842 19.11 30.76 -10.22
CA GLU C 842 18.94 31.76 -11.27
C GLU C 842 18.31 33.02 -10.71
N SER C 843 17.44 32.89 -9.70
CA SER C 843 16.89 34.06 -9.02
C SER C 843 17.89 34.77 -8.10
N VAL C 844 19.16 34.33 -8.07
CA VAL C 844 20.22 34.97 -7.28
C VAL C 844 21.24 35.47 -8.30
N LYS C 845 20.72 35.98 -9.42
CA LYS C 845 21.57 36.31 -10.58
C LYS C 845 22.59 37.39 -10.27
N THR C 846 22.18 38.46 -9.55
CA THR C 846 22.92 39.66 -9.14
C THR C 846 23.84 40.18 -10.23
N PRO C 847 23.31 40.83 -11.27
CA PRO C 847 24.13 41.17 -12.45
C PRO C 847 25.27 42.15 -12.19
N GLN C 848 25.24 42.91 -11.09
CA GLN C 848 26.34 43.81 -10.76
C GLN C 848 26.64 43.70 -9.28
N THR C 849 27.91 43.79 -8.92
CA THR C 849 28.32 43.66 -7.53
C THR C 849 29.56 44.51 -7.27
N VAL C 850 29.75 44.86 -6.01
CA VAL C 850 30.98 45.49 -5.53
C VAL C 850 31.86 44.39 -4.96
N PRO C 851 33.13 44.29 -5.37
CA PRO C 851 34.01 43.25 -4.81
C PRO C 851 34.20 43.40 -3.31
N LEU C 852 34.20 42.27 -2.62
CA LEU C 852 34.28 42.27 -1.17
C LEU C 852 35.70 42.64 -0.70
N THR C 853 35.76 43.38 0.40
CA THR C 853 37.01 43.88 0.94
C THR C 853 36.99 43.63 2.44
N THR C 854 38.17 43.70 3.06
CA THR C 854 38.25 43.54 4.51
C THR C 854 37.44 44.61 5.24
N GLY C 855 37.48 45.84 4.76
CA GLY C 855 36.65 46.88 5.32
C GLY C 855 35.32 47.01 4.60
N PHE C 856 34.27 46.40 5.12
CA PHE C 856 32.95 46.45 4.52
C PHE C 856 32.04 46.89 5.65
N GLY C 857 31.25 47.89 5.41
CA GLY C 857 30.36 48.46 6.41
C GLY C 857 30.97 49.54 7.26
N GLY C 858 32.30 49.68 7.26
CA GLY C 858 32.96 50.67 8.07
C GLY C 858 32.80 50.42 9.55
N GLU C 859 31.98 51.25 10.21
CA GLU C 859 31.65 51.01 11.61
C GLU C 859 30.80 49.77 11.78
N PHE C 860 29.93 49.50 10.81
CA PHE C 860 29.12 48.28 10.84
C PHE C 860 29.99 47.07 10.55
N ASN C 861 29.92 46.06 11.42
CA ASN C 861 30.79 44.90 11.34
C ASN C 861 30.09 43.79 10.57
N LEU C 862 30.67 43.40 9.43
CA LEU C 862 30.13 42.31 8.61
C LEU C 862 31.19 41.26 8.31
N THR C 863 32.23 41.16 9.14
CA THR C 863 33.25 40.14 8.94
C THR C 863 32.71 38.73 9.18
N LEU C 864 31.66 38.60 9.97
CA LEU C 864 30.98 37.33 10.12
C LEU C 864 30.35 36.88 8.80
N LEU C 865 29.74 37.81 8.07
CA LEU C 865 29.06 37.50 6.82
C LEU C 865 29.99 37.47 5.63
N GLU C 866 31.14 38.13 5.71
CA GLU C 866 32.03 38.27 4.58
C GLU C 866 32.72 36.93 4.27
N PRO C 867 33.18 36.73 3.03
CA PRO C 867 33.85 35.47 2.69
C PRO C 867 35.13 35.25 3.48
N LEU C 868 35.46 33.97 3.67
CA LEU C 868 36.70 33.63 4.35
C LEU C 868 37.91 33.91 3.48
N SER C 869 37.72 34.00 2.15
CA SER C 869 38.83 34.28 1.25
C SER C 869 39.30 35.73 1.40
N VAL C 870 38.35 36.68 1.45
CA VAL C 870 38.74 38.07 1.65
C VAL C 870 39.20 38.30 3.09
N SER C 871 38.81 37.42 4.01
CA SER C 871 39.35 37.42 5.37
C SER C 871 40.63 36.61 5.40
N THR C 872 41.11 36.29 6.60
CA THR C 872 42.38 35.59 6.77
C THR C 872 42.30 34.16 6.23
N GLY C 873 43.32 33.78 5.45
CA GLY C 873 43.56 32.37 5.18
C GLY C 873 43.06 31.92 3.81
N SER C 874 42.35 30.79 3.79
CA SER C 874 42.14 29.99 2.60
C SER C 874 41.24 30.69 1.59
N SER C 875 41.32 30.23 0.34
CA SER C 875 40.59 30.81 -0.78
C SER C 875 39.14 30.34 -0.86
N ASN C 876 38.68 29.51 0.08
CA ASN C 876 37.27 29.11 0.07
C ASN C 876 36.35 30.30 0.34
N ALA C 877 35.17 30.27 -0.28
CA ALA C 877 34.26 31.40 -0.22
C ALA C 877 33.24 31.29 0.91
N ARG C 878 33.10 30.11 1.53
CA ARG C 878 32.17 29.94 2.63
C ARG C 878 32.57 30.79 3.82
N SER C 879 31.66 31.67 4.23
CA SER C 879 31.90 32.60 5.33
C SER C 879 32.07 31.86 6.65
N ALA C 880 32.52 32.61 7.66
CA ALA C 880 32.70 32.03 8.99
C ALA C 880 31.39 31.56 9.58
N LEU C 881 30.29 32.25 9.26
CA LEU C 881 28.98 31.82 9.74
C LEU C 881 28.53 30.54 9.06
N GLU C 882 28.83 30.38 7.76
CA GLU C 882 28.50 29.14 7.07
C GLU C 882 29.28 27.96 7.65
N GLU C 883 30.57 28.17 7.93
CA GLU C 883 31.38 27.12 8.53
C GLU C 883 30.90 26.79 9.94
N LEU C 884 30.49 27.80 10.70
CA LEU C 884 29.97 27.56 12.04
C LEU C 884 28.63 26.83 12.01
N LEU C 885 27.79 27.14 11.01
CA LEU C 885 26.50 26.48 10.89
C LEU C 885 26.65 25.04 10.44
N PHE C 886 27.55 24.78 9.49
CA PHE C 886 27.76 23.41 9.02
C PHE C 886 28.49 22.56 10.06
N ASP C 887 29.43 23.16 10.80
CA ASP C 887 30.20 22.40 11.77
C ASP C 887 29.40 22.02 12.99
N SER C 888 28.32 22.74 13.28
CA SER C 888 27.49 22.49 14.45
C SER C 888 26.27 21.63 14.16
N VAL C 889 26.16 21.10 12.94
CA VAL C 889 25.07 20.21 12.56
C VAL C 889 25.67 18.88 12.16
N THR C 890 25.19 17.80 12.77
CA THR C 890 25.68 16.46 12.48
C THR C 890 25.11 16.00 11.14
N ILE C 891 25.95 16.02 10.11
CA ILE C 891 25.53 15.69 8.76
C ILE C 891 25.83 14.22 8.43
N ALA C 892 27.00 13.74 8.84
CA ALA C 892 27.55 12.44 8.46
C ALA C 892 27.67 12.34 6.93
N ASP C 893 28.63 13.13 6.41
CA ASP C 893 28.90 13.23 4.99
C ASP C 893 29.18 11.85 4.39
N PRO C 894 28.54 11.49 3.28
CA PRO C 894 28.76 10.14 2.72
C PRO C 894 30.11 9.98 2.07
N GLY C 895 30.55 10.99 1.31
CA GLY C 895 31.78 10.88 0.55
C GLY C 895 31.44 10.41 -0.84
N TYR C 896 31.44 11.32 -1.80
CA TYR C 896 31.08 10.98 -3.15
C TYR C 896 32.28 10.58 -4.00
N MET C 897 33.49 10.67 -3.46
CA MET C 897 34.68 10.32 -4.22
C MET C 897 35.09 8.87 -3.99
N GLN C 898 35.36 8.51 -2.74
CA GLN C 898 35.81 7.16 -2.37
C GLN C 898 34.98 6.62 -1.23
N GLY C 899 33.65 6.73 -1.34
CA GLY C 899 32.78 6.19 -0.31
C GLY C 899 32.82 4.67 -0.23
N TYR C 900 33.02 4.01 -1.34
CA TYR C 900 32.97 2.57 -1.36
C TYR C 900 34.11 2.07 -0.67
N ASP C 901 35.26 2.58 -1.01
CA ASP C 901 36.48 2.14 -0.44
C ASP C 901 36.57 2.39 1.02
N ASP C 902 36.12 3.53 1.48
CA ASP C 902 36.11 3.75 2.89
C ASP C 902 35.22 2.71 3.50
N CYS C 903 33.98 2.68 3.09
CA CYS C 903 33.08 1.72 3.72
C CYS C 903 33.69 0.32 3.78
N MET C 904 34.54 -0.03 2.81
CA MET C 904 35.18 -1.34 2.83
C MET C 904 36.27 -1.43 3.90
N GLN C 905 37.11 -0.40 4.01
CA GLN C 905 38.25 -0.48 4.93
C GLN C 905 37.80 -0.44 6.38
N GLN C 906 36.91 0.48 6.74
CA GLN C 906 36.42 0.53 8.11
C GLN C 906 35.44 -0.62 8.36
N GLY C 907 35.32 -1.01 9.62
CA GLY C 907 34.44 -2.07 10.01
C GLY C 907 33.02 -1.60 10.20
N PRO C 908 32.19 -2.43 10.82
CA PRO C 908 30.82 -2.01 11.12
C PRO C 908 30.80 -0.90 12.15
N ALA C 909 29.80 -0.01 12.02
CA ALA C 909 29.63 1.10 12.93
C ALA C 909 28.14 1.40 13.06
N SER C 910 27.82 2.47 13.80
CA SER C 910 26.44 2.89 13.99
C SER C 910 26.16 4.30 13.50
N ALA C 911 27.18 5.05 13.07
CA ALA C 911 26.99 6.39 12.53
C ALA C 911 27.16 6.45 11.02
N ARG C 912 27.95 5.57 10.44
CA ARG C 912 28.17 5.52 8.99
C ARG C 912 27.51 4.29 8.36
N ASP C 913 26.74 3.53 9.14
CA ASP C 913 26.13 2.31 8.61
C ASP C 913 25.03 2.62 7.61
N LEU C 914 24.42 3.81 7.71
CA LEU C 914 23.45 4.23 6.70
C LEU C 914 24.13 4.54 5.38
N ILE C 915 25.34 5.11 5.44
CA ILE C 915 26.11 5.36 4.22
C ILE C 915 26.61 4.05 3.63
N CYS C 916 27.07 3.13 4.48
CA CYS C 916 27.56 1.85 4.00
C CYS C 916 26.45 0.91 3.55
N ALA C 917 25.19 1.23 3.85
CA ALA C 917 24.07 0.43 3.38
C ALA C 917 23.68 0.74 1.94
N GLN C 918 24.28 1.76 1.33
CA GLN C 918 24.03 2.03 -0.09
C GLN C 918 24.52 0.88 -0.95
N TYR C 919 25.71 0.35 -0.64
CA TYR C 919 26.34 -0.68 -1.45
C TYR C 919 25.94 -2.09 -1.03
N VAL C 920 25.06 -2.21 -0.04
CA VAL C 920 24.56 -3.50 0.41
C VAL C 920 23.07 -3.65 0.11
N ALA C 921 22.26 -2.66 0.48
CA ALA C 921 20.84 -2.72 0.21
C ALA C 921 20.55 -2.50 -1.27
N GLY C 922 21.29 -1.62 -1.93
CA GLY C 922 21.13 -1.42 -3.35
C GLY C 922 20.56 -0.06 -3.75
N TYR C 923 20.91 0.99 -3.03
CA TYR C 923 20.50 2.35 -3.37
C TYR C 923 21.71 3.26 -3.39
N LYS C 924 21.48 4.54 -3.67
CA LYS C 924 22.57 5.50 -3.80
C LYS C 924 22.01 6.89 -3.55
N VAL C 925 22.76 7.70 -2.82
CA VAL C 925 22.43 9.10 -2.60
C VAL C 925 23.23 9.93 -3.59
N LEU C 926 22.53 10.61 -4.48
CA LEU C 926 23.15 11.38 -5.54
C LEU C 926 23.72 12.69 -4.98
N PRO C 927 24.86 13.14 -5.47
CA PRO C 927 25.43 14.41 -5.02
C PRO C 927 24.61 15.58 -5.51
N PRO C 928 24.69 16.73 -4.84
CA PRO C 928 23.94 17.90 -5.29
C PRO C 928 24.49 18.45 -6.60
N LEU C 929 23.65 19.26 -7.26
CA LEU C 929 23.98 19.80 -8.57
C LEU C 929 25.18 20.74 -8.52
N MET C 930 25.29 21.55 -7.47
CA MET C 930 26.34 22.55 -7.38
C MET C 930 27.23 22.28 -6.17
N ASP C 931 28.52 22.55 -6.34
CA ASP C 931 29.48 22.44 -5.26
C ASP C 931 29.23 23.56 -4.25
N VAL C 932 29.71 23.35 -3.01
CA VAL C 932 29.52 24.34 -1.96
C VAL C 932 30.30 25.62 -2.25
N ASN C 933 31.40 25.51 -3.00
CA ASN C 933 32.16 26.69 -3.40
C ASN C 933 31.34 27.59 -4.33
N MET C 934 30.60 27.00 -5.27
CA MET C 934 29.78 27.79 -6.17
C MET C 934 28.61 28.45 -5.45
N GLU C 935 27.97 27.71 -4.54
CA GLU C 935 26.88 28.29 -3.75
C GLU C 935 27.39 29.42 -2.87
N ALA C 936 28.57 29.25 -2.28
CA ALA C 936 29.18 30.32 -1.50
C ALA C 936 29.54 31.52 -2.38
N ALA C 937 29.96 31.28 -3.62
CA ALA C 937 30.25 32.38 -4.54
C ALA C 937 28.98 33.16 -4.87
N TYR C 938 27.87 32.46 -5.09
CA TYR C 938 26.59 33.13 -5.33
C TYR C 938 26.16 33.95 -4.12
N THR C 939 26.31 33.38 -2.92
CA THR C 939 25.94 34.08 -1.69
C THR C 939 26.83 35.31 -1.47
N SER C 940 28.13 35.19 -1.74
CA SER C 940 29.04 36.31 -1.60
C SER C 940 28.72 37.43 -2.59
N SER C 941 28.40 37.06 -3.84
CA SER C 941 28.02 38.06 -4.82
C SER C 941 26.70 38.73 -4.45
N LEU C 942 25.78 38.01 -3.83
CA LEU C 942 24.58 38.63 -3.31
C LEU C 942 24.90 39.59 -2.17
N LEU C 943 25.86 39.22 -1.31
CA LEU C 943 26.24 40.07 -0.19
C LEU C 943 26.86 41.37 -0.66
N GLY C 944 27.70 41.31 -1.70
CA GLY C 944 28.33 42.51 -2.21
C GLY C 944 27.39 43.47 -2.92
N SER C 945 26.21 42.99 -3.33
CA SER C 945 25.25 43.79 -4.09
C SER C 945 24.08 44.29 -3.25
N ILE C 946 24.12 44.10 -1.92
CA ILE C 946 22.98 44.46 -1.08
C ILE C 946 22.85 45.98 -0.97
N ALA C 947 23.96 46.67 -0.74
CA ALA C 947 23.91 48.11 -0.47
C ALA C 947 23.49 48.91 -1.70
N GLY C 948 23.97 48.52 -2.88
CA GLY C 948 23.68 49.32 -4.06
C GLY C 948 22.32 49.08 -4.68
N ALA C 949 21.79 47.86 -4.56
CA ALA C 949 20.53 47.53 -5.22
C ALA C 949 19.35 48.19 -4.50
N GLY C 950 18.42 48.72 -5.30
CA GLY C 950 17.26 49.39 -4.74
C GLY C 950 17.45 50.84 -4.40
N TRP C 951 18.48 51.49 -4.92
CA TRP C 951 18.73 52.90 -4.61
C TRP C 951 17.67 53.80 -5.22
N THR C 952 17.36 53.61 -6.51
CA THR C 952 16.37 54.44 -7.18
C THR C 952 15.38 53.59 -7.95
N ALA C 953 14.55 54.25 -8.77
CA ALA C 953 13.53 53.55 -9.53
C ALA C 953 14.16 52.66 -10.59
N GLY C 954 13.62 51.46 -10.75
CA GLY C 954 14.14 50.51 -11.69
C GLY C 954 15.31 49.70 -11.13
N LEU C 955 15.55 48.56 -11.76
CA LEU C 955 16.63 47.66 -11.38
C LEU C 955 17.79 47.71 -12.35
N SER C 956 17.77 48.64 -13.31
CA SER C 956 18.79 48.66 -14.36
C SER C 956 20.14 49.13 -13.84
N SER C 957 20.15 50.20 -13.04
CA SER C 957 21.41 50.79 -12.61
C SER C 957 21.94 50.08 -11.37
N PHE C 958 23.14 50.49 -10.95
CA PHE C 958 23.77 49.94 -9.75
C PHE C 958 24.67 51.00 -9.16
N ALA C 959 24.32 51.50 -7.99
CA ALA C 959 25.18 52.42 -7.27
C ALA C 959 26.19 51.63 -6.44
N ALA C 960 27.33 52.25 -6.17
CA ALA C 960 28.39 51.64 -5.38
C ALA C 960 28.56 52.37 -4.05
N ILE C 961 27.44 52.71 -3.43
CA ILE C 961 27.43 53.44 -2.15
C ILE C 961 27.92 52.51 -1.05
N PRO C 962 28.53 53.03 0.01
CA PRO C 962 28.96 52.16 1.12
C PRO C 962 27.77 51.60 1.89
N PHE C 963 28.06 50.57 2.68
CA PHE C 963 27.02 49.90 3.45
C PHE C 963 26.44 50.80 4.53
N ALA C 964 27.28 51.62 5.15
CA ALA C 964 26.81 52.52 6.21
C ALA C 964 25.83 53.55 5.67
N GLN C 965 26.11 54.10 4.48
CA GLN C 965 25.20 55.05 3.87
C GLN C 965 23.86 54.40 3.51
N SER C 966 23.91 53.15 3.03
CA SER C 966 22.67 52.43 2.74
C SER C 966 21.86 52.19 4.00
N ILE C 967 22.53 51.84 5.10
CA ILE C 967 21.83 51.62 6.37
C ILE C 967 21.21 52.91 6.88
N PHE C 968 21.95 54.02 6.79
CA PHE C 968 21.41 55.30 7.25
C PHE C 968 20.24 55.76 6.40
N TYR C 969 20.30 55.53 5.09
CA TYR C 969 19.15 55.87 4.24
C TYR C 969 17.95 54.97 4.51
N ARG C 970 18.19 53.68 4.79
CA ARG C 970 17.12 52.77 5.15
C ARG C 970 16.46 53.19 6.46
N LEU C 971 17.26 53.63 7.43
CA LEU C 971 16.69 54.10 8.69
C LEU C 971 15.97 55.43 8.51
N ASN C 972 16.44 56.28 7.60
CA ASN C 972 15.76 57.54 7.33
C ASN C 972 14.42 57.31 6.64
N GLY C 973 14.34 56.29 5.78
CA GLY C 973 13.11 56.03 5.04
C GLY C 973 11.96 55.55 5.89
N VAL C 974 12.24 54.96 7.05
CA VAL C 974 11.18 54.45 7.92
C VAL C 974 10.83 55.43 9.02
N GLY C 975 11.29 56.67 8.93
CA GLY C 975 10.86 57.69 9.86
C GLY C 975 11.86 58.07 10.94
N ILE C 976 13.13 58.23 10.58
CA ILE C 976 14.13 58.77 11.49
C ILE C 976 14.78 59.96 10.82
N THR C 977 14.80 61.09 11.52
CA THR C 977 15.29 62.34 10.95
C THR C 977 16.81 62.26 10.74
N GLN C 978 17.29 62.96 9.71
CA GLN C 978 18.72 63.05 9.44
C GLN C 978 19.48 63.67 10.60
N GLN C 979 18.83 64.54 11.37
CA GLN C 979 19.46 65.09 12.58
C GLN C 979 19.73 64.00 13.60
N VAL C 980 18.75 63.11 13.81
CA VAL C 980 18.91 62.01 14.75
C VAL C 980 19.95 61.02 14.26
N LEU C 981 19.96 60.76 12.94
CA LEU C 981 20.92 59.81 12.38
C LEU C 981 22.34 60.35 12.46
N SER C 982 22.53 61.64 12.19
CA SER C 982 23.87 62.22 12.30
C SER C 982 24.31 62.34 13.75
N GLU C 983 23.37 62.60 14.66
CA GLU C 983 23.72 62.77 16.07
C GLU C 983 24.06 61.42 16.72
N ASN C 984 23.32 60.37 16.37
CA ASN C 984 23.40 59.08 17.05
C ASN C 984 23.96 57.98 16.15
N GLN C 985 24.96 58.28 15.33
CA GLN C 985 25.45 57.28 14.38
C GLN C 985 26.29 56.20 15.08
N LYS C 986 27.06 56.59 16.10
CA LYS C 986 27.87 55.61 16.81
C LYS C 986 27.01 54.64 17.61
N ILE C 987 25.93 55.14 18.20
CA ILE C 987 25.00 54.28 18.94
C ILE C 987 24.34 53.27 17.99
N ILE C 988 23.94 53.74 16.80
CA ILE C 988 23.33 52.86 15.80
C ILE C 988 24.31 51.79 15.35
N ALA C 989 25.56 52.19 15.10
CA ALA C 989 26.59 51.22 14.69
C ALA C 989 26.85 50.19 15.79
N ASN C 990 26.89 50.64 17.04
CA ASN C 990 27.09 49.72 18.16
C ASN C 990 25.92 48.76 18.31
N LYS C 991 24.69 49.25 18.17
CA LYS C 991 23.52 48.37 18.28
C LYS C 991 23.50 47.33 17.18
N PHE C 992 23.84 47.73 15.95
CA PHE C 992 23.94 46.77 14.85
C PHE C 992 25.03 45.75 15.10
N ASN C 993 26.17 46.19 15.64
CA ASN C 993 27.27 45.28 15.92
C ASN C 993 26.90 44.25 16.99
N GLN C 994 26.21 44.69 18.06
CA GLN C 994 25.76 43.72 19.06
C GLN C 994 24.72 42.76 18.49
N ALA C 995 23.81 43.26 17.64
CA ALA C 995 22.80 42.40 17.05
C ALA C 995 23.42 41.33 16.15
N LEU C 996 24.44 41.70 15.37
CA LEU C 996 25.10 40.72 14.52
C LEU C 996 26.05 39.82 15.28
N GLY C 997 26.70 40.32 16.33
CA GLY C 997 27.60 39.50 17.12
C GLY C 997 26.94 38.61 18.14
N ALA C 998 25.65 38.79 18.39
CA ALA C 998 24.93 37.88 19.27
C ALA C 998 24.70 36.51 18.64
N MET C 999 25.00 36.34 17.35
CA MET C 999 24.81 35.08 16.66
C MET C 999 26.00 34.13 16.78
N GLN C 1000 27.04 34.51 17.53
CA GLN C 1000 28.12 33.57 17.81
C GLN C 1000 27.63 32.40 18.64
N THR C 1001 26.82 32.68 19.66
CA THR C 1001 26.24 31.65 20.51
C THR C 1001 24.80 31.33 20.12
N GLY C 1002 24.36 31.79 18.95
CA GLY C 1002 23.00 31.56 18.51
C GLY C 1002 22.74 30.20 17.90
N PHE C 1003 23.77 29.40 17.69
CA PHE C 1003 23.60 28.05 17.14
C PHE C 1003 23.60 27.01 18.25
N THR C 1004 22.61 27.12 19.12
CA THR C 1004 22.43 26.22 20.26
C THR C 1004 21.08 25.53 20.16
N THR C 1005 20.73 24.77 21.20
CA THR C 1005 19.46 24.05 21.22
C THR C 1005 18.28 24.95 21.55
N THR C 1006 18.52 26.18 21.97
CA THR C 1006 17.45 27.13 22.24
C THR C 1006 17.02 27.90 21.01
N ASN C 1007 17.64 27.64 19.86
CA ASN C 1007 17.32 28.32 18.61
C ASN C 1007 16.38 27.45 17.79
N GLU C 1008 15.26 28.03 17.35
CA GLU C 1008 14.24 27.23 16.66
C GLU C 1008 14.68 26.84 15.26
N ALA C 1009 15.24 27.80 14.51
CA ALA C 1009 15.62 27.52 13.13
C ALA C 1009 16.78 26.52 13.03
N PHE C 1010 17.68 26.55 14.02
CA PHE C 1010 18.72 25.53 14.09
C PHE C 1010 18.12 24.14 14.26
N GLN C 1011 17.10 24.03 15.10
CA GLN C 1011 16.41 22.75 15.25
C GLN C 1011 15.65 22.37 13.99
N LYS C 1012 15.20 23.36 13.21
CA LYS C 1012 14.59 23.05 11.91
C LYS C 1012 15.61 22.44 10.96
N VAL C 1013 16.83 22.99 10.92
CA VAL C 1013 17.89 22.39 10.10
C VAL C 1013 18.18 20.97 10.55
N GLN C 1014 18.31 20.78 11.87
CA GLN C 1014 18.65 19.46 12.39
C GLN C 1014 17.54 18.44 12.12
N ASP C 1015 16.27 18.83 12.26
CA ASP C 1015 15.23 17.84 12.04
C ASP C 1015 14.94 17.61 10.56
N ALA C 1016 15.26 18.56 9.68
CA ALA C 1016 15.25 18.25 8.25
C ALA C 1016 16.29 17.20 7.89
N VAL C 1017 17.51 17.35 8.44
CA VAL C 1017 18.55 16.36 8.22
C VAL C 1017 18.14 15.01 8.80
N ASN C 1018 17.52 15.02 9.99
CA ASN C 1018 17.06 13.78 10.61
C ASN C 1018 15.93 13.14 9.81
N THR C 1019 15.06 13.93 9.19
CA THR C 1019 14.00 13.37 8.36
C THR C 1019 14.57 12.69 7.12
N ASN C 1020 15.58 13.30 6.49
CA ASN C 1020 16.24 12.64 5.37
C ASN C 1020 16.91 11.34 5.79
N ALA C 1021 17.58 11.35 6.95
CA ALA C 1021 18.22 10.14 7.44
C ALA C 1021 17.18 9.07 7.79
N GLN C 1022 16.02 9.47 8.30
CA GLN C 1022 14.98 8.52 8.64
C GLN C 1022 14.38 7.88 7.40
N ALA C 1023 14.20 8.65 6.33
CA ALA C 1023 13.75 8.07 5.06
C ALA C 1023 14.77 7.07 4.51
N LEU C 1024 16.05 7.43 4.59
CA LEU C 1024 17.10 6.51 4.14
C LEU C 1024 17.12 5.23 4.97
N ALA C 1025 16.97 5.36 6.29
CA ALA C 1025 16.91 4.19 7.17
C ALA C 1025 15.65 3.38 6.95
N LYS C 1026 14.58 3.99 6.44
CA LYS C 1026 13.40 3.23 6.05
C LYS C 1026 13.64 2.46 4.76
N LEU C 1027 14.49 2.98 3.86
CA LEU C 1027 14.84 2.21 2.67
C LEU C 1027 15.57 0.92 3.02
N ALA C 1028 16.58 1.02 3.88
CA ALA C 1028 17.20 -0.17 4.44
C ALA C 1028 16.33 -0.69 5.58
N SER C 1029 16.80 -1.73 6.27
CA SER C 1029 16.15 -2.37 7.41
C SER C 1029 14.78 -2.96 7.07
N GLU C 1030 14.40 -2.99 5.78
CA GLU C 1030 13.19 -3.64 5.33
C GLU C 1030 13.48 -4.92 4.56
N LEU C 1031 14.74 -5.16 4.20
CA LEU C 1031 15.15 -6.45 3.68
C LEU C 1031 15.36 -7.47 4.78
N SER C 1032 15.36 -7.04 6.04
CA SER C 1032 15.45 -7.92 7.19
C SER C 1032 14.09 -8.43 7.65
N ASN C 1033 13.02 -8.03 6.97
CA ASN C 1033 11.67 -8.42 7.36
C ASN C 1033 11.25 -9.65 6.56
N THR C 1034 10.79 -10.68 7.27
CA THR C 1034 10.36 -11.89 6.59
C THR C 1034 9.03 -11.69 5.87
N PHE C 1035 8.21 -10.74 6.33
CA PHE C 1035 6.90 -10.44 5.78
C PHE C 1035 5.97 -11.66 5.78
N GLY C 1036 6.10 -12.49 6.82
CA GLY C 1036 5.32 -13.70 6.91
C GLY C 1036 5.95 -14.93 6.31
N ALA C 1037 7.07 -14.78 5.60
CA ALA C 1037 7.78 -15.93 5.07
C ALA C 1037 8.64 -16.58 6.15
N ILE C 1038 9.25 -17.71 5.82
CA ILE C 1038 10.05 -18.42 6.80
C ILE C 1038 11.40 -17.75 7.05
N SER C 1039 11.86 -16.92 6.13
CA SER C 1039 13.12 -16.21 6.31
C SER C 1039 13.09 -14.95 5.46
N SER C 1040 14.03 -14.05 5.75
CA SER C 1040 14.12 -12.77 5.05
C SER C 1040 14.96 -12.84 3.79
N SER C 1041 15.52 -14.01 3.47
CA SER C 1041 16.40 -14.16 2.33
C SER C 1041 15.88 -15.22 1.37
N ILE C 1042 16.08 -14.97 0.08
CA ILE C 1042 15.60 -15.88 -0.96
C ILE C 1042 16.32 -17.22 -0.92
N GLY C 1043 17.61 -17.21 -0.58
CA GLY C 1043 18.40 -18.43 -0.60
C GLY C 1043 17.94 -19.47 0.39
N ASP C 1044 17.55 -19.08 1.58
CA ASP C 1044 17.05 -20.02 2.53
C ASP C 1044 15.73 -20.54 2.16
N ILE C 1045 14.88 -19.70 1.63
CA ILE C 1045 13.58 -20.17 1.17
C ILE C 1045 13.76 -21.21 0.06
N ILE C 1046 14.68 -20.96 -0.87
CA ILE C 1046 14.95 -21.89 -1.95
C ILE C 1046 15.50 -23.20 -1.42
N GLN C 1047 16.42 -23.12 -0.46
CA GLN C 1047 17.05 -24.33 0.07
C GLN C 1047 16.10 -25.14 0.93
N ARG C 1048 15.30 -24.48 1.77
CA ARG C 1048 14.54 -25.17 2.81
C ARG C 1048 13.19 -25.71 2.34
N LEU C 1049 12.70 -25.34 1.16
CA LEU C 1049 11.37 -25.72 0.75
C LEU C 1049 11.37 -26.26 -0.67
N ASP C 1050 10.29 -26.95 -1.02
CA ASP C 1050 10.14 -27.54 -2.34
C ASP C 1050 9.76 -26.45 -3.35
N VAL C 1051 9.68 -26.85 -4.62
CA VAL C 1051 9.58 -25.89 -5.71
C VAL C 1051 8.21 -25.19 -5.76
N LEU C 1052 7.20 -25.76 -5.12
CA LEU C 1052 5.86 -25.14 -5.15
C LEU C 1052 5.64 -24.17 -4.00
N GLU C 1053 6.12 -24.50 -2.80
CA GLU C 1053 5.95 -23.61 -1.65
C GLU C 1053 6.88 -22.41 -1.71
N GLN C 1054 8.07 -22.57 -2.30
CA GLN C 1054 8.99 -21.44 -2.38
C GLN C 1054 8.47 -20.36 -3.32
N GLU C 1055 7.58 -20.71 -4.26
CA GLU C 1055 6.94 -19.69 -5.09
C GLU C 1055 6.09 -18.74 -4.25
N VAL C 1056 5.30 -19.29 -3.32
CA VAL C 1056 4.45 -18.41 -2.52
C VAL C 1056 5.26 -17.71 -1.43
N GLN C 1057 6.35 -18.30 -0.93
CA GLN C 1057 7.20 -17.61 0.04
C GLN C 1057 7.92 -16.43 -0.62
N ILE C 1058 8.50 -16.66 -1.80
CA ILE C 1058 9.15 -15.60 -2.56
C ILE C 1058 8.13 -14.56 -2.99
N ASP C 1059 6.89 -14.96 -3.24
CA ASP C 1059 5.83 -13.99 -3.53
C ASP C 1059 5.55 -13.09 -2.33
N ARG C 1060 5.52 -13.67 -1.13
CA ARG C 1060 5.37 -12.86 0.09
C ARG C 1060 6.49 -11.85 0.24
N LEU C 1061 7.73 -12.31 0.06
CA LEU C 1061 8.88 -11.40 0.17
C LEU C 1061 8.84 -10.32 -0.90
N ILE C 1062 8.49 -10.69 -2.14
CA ILE C 1062 8.43 -9.74 -3.25
C ILE C 1062 7.37 -8.68 -2.98
N ASN C 1063 6.20 -9.09 -2.48
CA ASN C 1063 5.15 -8.14 -2.15
C ASN C 1063 5.60 -7.17 -1.06
N GLY C 1064 6.33 -7.66 -0.07
CA GLY C 1064 6.89 -6.77 0.95
C GLY C 1064 7.85 -5.74 0.37
N ARG C 1065 8.78 -6.18 -0.48
CA ARG C 1065 9.74 -5.26 -1.08
C ARG C 1065 9.06 -4.24 -1.99
N LEU C 1066 8.05 -4.67 -2.76
CA LEU C 1066 7.34 -3.74 -3.63
C LEU C 1066 6.55 -2.72 -2.82
N THR C 1067 5.96 -3.13 -1.69
CA THR C 1067 5.27 -2.20 -0.81
C THR C 1067 6.24 -1.15 -0.26
N THR C 1068 7.43 -1.60 0.16
CA THR C 1068 8.43 -0.66 0.67
C THR C 1068 8.88 0.34 -0.40
N LEU C 1069 9.15 -0.15 -1.62
CA LEU C 1069 9.60 0.75 -2.68
C LEU C 1069 8.52 1.74 -3.08
N ASN C 1070 7.26 1.28 -3.17
CA ASN C 1070 6.17 2.18 -3.54
C ASN C 1070 5.94 3.25 -2.46
N ALA C 1071 6.05 2.86 -1.19
CA ALA C 1071 5.94 3.84 -0.11
C ALA C 1071 7.06 4.87 -0.18
N PHE C 1072 8.29 4.43 -0.48
CA PHE C 1072 9.39 5.37 -0.61
C PHE C 1072 9.19 6.33 -1.76
N VAL C 1073 8.69 5.84 -2.90
CA VAL C 1073 8.49 6.71 -4.06
C VAL C 1073 7.38 7.72 -3.81
N ALA C 1074 6.29 7.30 -3.16
CA ALA C 1074 5.22 8.24 -2.81
C ALA C 1074 5.71 9.30 -1.83
N GLN C 1075 6.51 8.89 -0.84
CA GLN C 1075 7.10 9.85 0.09
C GLN C 1075 8.01 10.84 -0.63
N GLN C 1076 8.78 10.35 -1.61
CA GLN C 1076 9.66 11.22 -2.38
C GLN C 1076 8.85 12.26 -3.17
N LEU C 1077 7.72 11.85 -3.74
CA LEU C 1077 6.88 12.80 -4.47
C LEU C 1077 6.29 13.88 -3.55
N VAL C 1078 5.83 13.48 -2.35
CA VAL C 1078 5.28 14.46 -1.41
C VAL C 1078 6.37 15.43 -0.96
N ARG C 1079 7.56 14.92 -0.65
CA ARG C 1079 8.66 15.79 -0.25
C ARG C 1079 9.13 16.69 -1.39
N SER C 1080 9.03 16.22 -2.63
CA SER C 1080 9.34 17.08 -3.78
C SER C 1080 8.35 18.24 -3.89
N GLU C 1081 7.07 17.97 -3.64
CA GLU C 1081 6.07 19.05 -3.64
C GLU C 1081 6.37 20.07 -2.54
N SER C 1082 6.71 19.59 -1.34
CA SER C 1082 7.05 20.50 -0.24
C SER C 1082 8.29 21.32 -0.56
N ALA C 1083 9.30 20.69 -1.17
CA ALA C 1083 10.52 21.39 -1.55
C ALA C 1083 10.26 22.44 -2.61
N ALA C 1084 9.35 22.15 -3.55
CA ALA C 1084 8.99 23.15 -4.56
C ALA C 1084 8.30 24.36 -3.94
N ARG C 1085 7.38 24.12 -3.00
CA ARG C 1085 6.72 25.23 -2.31
C ARG C 1085 7.73 26.07 -1.54
N SER C 1086 8.65 25.42 -0.82
CA SER C 1086 9.64 26.15 -0.05
C SER C 1086 10.65 26.86 -0.96
N ALA C 1087 10.93 26.32 -2.14
CA ALA C 1087 11.80 27.00 -3.09
C ALA C 1087 11.15 28.28 -3.62
N GLN C 1088 9.84 28.23 -3.88
CA GLN C 1088 9.12 29.44 -4.26
C GLN C 1088 9.15 30.48 -3.14
N LEU C 1089 8.96 30.03 -1.89
CA LEU C 1089 9.02 30.95 -0.75
C LEU C 1089 10.41 31.55 -0.59
N ALA C 1090 11.47 30.75 -0.79
CA ALA C 1090 12.83 31.27 -0.68
C ALA C 1090 13.16 32.24 -1.80
N LYS C 1091 12.64 31.99 -3.00
CA LYS C 1091 12.79 32.96 -4.09
C LYS C 1091 12.14 34.29 -3.75
N ASP C 1092 11.00 34.36 -3.15
CA ASP C 1092 10.48 35.63 -2.79
C ASP C 1092 11.18 36.22 -1.67
N LYS C 1093 11.59 35.40 -0.71
CA LYS C 1093 12.35 35.98 0.40
C LYS C 1093 13.63 36.66 -0.10
N VAL C 1094 14.33 36.03 -1.05
CA VAL C 1094 15.56 36.62 -1.58
C VAL C 1094 15.25 37.86 -2.39
N ASN C 1095 14.25 37.78 -3.28
CA ASN C 1095 13.97 38.91 -4.17
C ASN C 1095 13.30 40.07 -3.44
N GLU C 1096 12.68 39.83 -2.30
CA GLU C 1096 11.91 40.87 -1.62
C GLU C 1096 12.65 41.51 -0.46
N CYS C 1097 13.44 40.75 0.28
CA CYS C 1097 14.07 41.24 1.51
C CYS C 1097 15.58 41.33 1.45
N VAL C 1098 16.26 40.37 0.82
CA VAL C 1098 17.70 40.47 0.70
C VAL C 1098 18.09 41.55 -0.31
N LYS C 1099 17.42 41.56 -1.46
CA LYS C 1099 17.79 42.47 -2.54
C LYS C 1099 17.17 43.86 -2.42
N SER C 1100 16.20 44.04 -1.52
CA SER C 1100 15.59 45.34 -1.33
C SER C 1100 14.94 45.40 0.04
N GLN C 1101 14.67 46.61 0.52
CA GLN C 1101 13.94 46.78 1.76
C GLN C 1101 12.47 46.49 1.54
N SER C 1102 11.88 45.69 2.44
CA SER C 1102 10.49 45.30 2.33
C SER C 1102 9.66 46.12 3.31
N THR C 1103 8.69 46.87 2.78
CA THR C 1103 7.78 47.64 3.61
C THR C 1103 6.56 46.86 4.07
N ARG C 1104 6.34 45.67 3.52
CA ARG C 1104 5.21 44.86 3.94
C ARG C 1104 5.48 44.27 5.32
N SER C 1105 4.48 44.37 6.20
CA SER C 1105 4.62 43.93 7.58
C SER C 1105 4.80 42.42 7.68
N GLY C 1106 5.59 42.00 8.67
CA GLY C 1106 5.68 40.61 9.07
C GLY C 1106 6.23 39.61 8.07
N PHE C 1107 6.57 40.06 6.86
CA PHE C 1107 7.08 39.14 5.85
C PHE C 1107 8.49 38.70 6.19
N CYS C 1108 9.32 39.60 6.70
CA CYS C 1108 10.71 39.30 7.01
C CYS C 1108 11.00 39.77 8.44
N GLY C 1109 10.72 38.91 9.41
CA GLY C 1109 10.98 39.21 10.79
C GLY C 1109 9.94 40.13 11.41
N GLN C 1110 10.12 40.39 12.69
CA GLN C 1110 9.25 41.29 13.43
C GLN C 1110 9.82 42.70 13.40
N GLY C 1111 8.96 43.66 13.74
CA GLY C 1111 9.39 45.05 13.76
C GLY C 1111 9.56 45.60 12.36
N THR C 1112 10.33 46.68 12.28
CA THR C 1112 10.61 47.35 11.01
C THR C 1112 11.83 46.72 10.36
N HIS C 1113 11.66 46.19 9.15
CA HIS C 1113 12.74 45.54 8.44
C HIS C 1113 13.76 46.56 7.96
N ILE C 1114 15.04 46.27 8.16
CA ILE C 1114 16.14 47.15 7.76
C ILE C 1114 16.97 46.52 6.65
N VAL C 1115 17.61 45.39 6.93
CA VAL C 1115 18.43 44.69 5.95
C VAL C 1115 18.44 43.21 6.31
N SER C 1116 18.46 42.37 5.28
CA SER C 1116 18.41 40.92 5.48
C SER C 1116 19.58 40.28 4.76
N PHE C 1117 20.14 39.23 5.38
CA PHE C 1117 21.25 38.49 4.82
C PHE C 1117 20.86 37.02 4.66
N VAL C 1118 21.50 36.34 3.71
CA VAL C 1118 21.22 34.94 3.43
C VAL C 1118 22.54 34.20 3.26
N ILE C 1119 22.67 33.04 3.90
CA ILE C 1119 23.80 32.15 3.70
C ILE C 1119 23.27 30.79 3.27
N ASN C 1120 24.17 29.84 3.04
CA ASN C 1120 23.79 28.50 2.63
C ASN C 1120 23.69 27.60 3.87
N ALA C 1121 22.55 26.93 4.00
CA ALA C 1121 22.31 25.96 5.04
C ALA C 1121 22.25 24.57 4.43
N PRO C 1122 22.43 23.52 5.23
CA PRO C 1122 22.25 22.15 4.70
C PRO C 1122 20.86 21.93 4.14
N ASN C 1123 20.81 21.66 2.84
CA ASN C 1123 19.57 21.45 2.07
C ASN C 1123 18.61 22.63 2.19
N GLY C 1124 19.14 23.86 2.08
CA GLY C 1124 18.28 25.01 2.12
C GLY C 1124 19.06 26.30 2.27
N LEU C 1125 18.36 27.35 2.68
CA LEU C 1125 18.92 28.67 2.85
C LEU C 1125 18.58 29.22 4.23
N TYR C 1126 19.53 29.89 4.84
CA TYR C 1126 19.37 30.47 6.17
C TYR C 1126 19.28 31.98 6.04
N PHE C 1127 18.19 32.57 6.54
CA PHE C 1127 17.94 33.99 6.43
C PHE C 1127 18.08 34.65 7.80
N MET C 1128 18.65 35.85 7.81
CA MET C 1128 18.81 36.65 9.02
C MET C 1128 18.24 38.04 8.75
N HIS C 1129 17.11 38.37 9.35
CA HIS C 1129 16.48 39.68 9.18
C HIS C 1129 16.72 40.50 10.43
N VAL C 1130 17.41 41.63 10.28
CA VAL C 1130 17.54 42.56 11.40
C VAL C 1130 16.30 43.46 11.38
N GLY C 1131 15.93 43.94 12.55
CA GLY C 1131 14.70 44.70 12.69
C GLY C 1131 14.88 45.85 13.67
N TYR C 1132 14.08 46.89 13.44
CA TYR C 1132 14.04 48.04 14.34
C TYR C 1132 12.95 47.79 15.37
N HIS C 1133 13.35 47.63 16.63
CA HIS C 1133 12.41 47.37 17.71
C HIS C 1133 12.45 48.51 18.72
N PRO C 1134 11.32 49.14 19.03
CA PRO C 1134 11.30 50.18 20.08
C PRO C 1134 11.44 49.55 21.46
N SER C 1135 12.47 49.98 22.19
CA SER C 1135 12.68 49.47 23.55
C SER C 1135 11.73 50.15 24.54
N GLN C 1136 11.44 51.43 24.35
CA GLN C 1136 10.60 52.19 25.27
C GLN C 1136 9.59 52.99 24.47
N HIS C 1137 8.44 53.26 25.10
CA HIS C 1137 7.37 54.00 24.48
C HIS C 1137 6.96 55.16 25.38
N ILE C 1138 6.66 56.31 24.77
CA ILE C 1138 6.04 57.43 25.46
C ILE C 1138 4.78 57.80 24.72
N GLU C 1139 3.88 58.49 25.42
CA GLU C 1139 2.59 58.88 24.87
C GLU C 1139 2.51 60.39 24.83
N VAL C 1140 2.08 60.93 23.69
CA VAL C 1140 2.06 62.37 23.49
C VAL C 1140 0.90 62.70 22.55
N VAL C 1141 0.24 63.83 22.80
CA VAL C 1141 -0.92 64.25 22.02
C VAL C 1141 -0.46 64.77 20.67
N ALA C 1142 -1.09 64.28 19.59
CA ALA C 1142 -0.76 64.68 18.24
C ALA C 1142 -2.02 65.13 17.52
N ALA C 1143 -1.83 65.89 16.44
CA ALA C 1143 -2.92 66.43 15.66
C ALA C 1143 -2.82 65.96 14.21
N TYR C 1144 -3.98 65.92 13.53
CA TYR C 1144 -4.00 65.51 12.13
C TYR C 1144 -3.32 66.53 11.24
N GLY C 1145 -3.54 67.81 11.52
CA GLY C 1145 -2.94 68.87 10.72
C GLY C 1145 -3.27 70.21 11.35
N LEU C 1146 -2.59 71.24 10.84
CA LEU C 1146 -2.71 72.60 11.36
C LEU C 1146 -3.14 73.54 10.26
N CYS C 1147 -4.13 74.38 10.55
CA CYS C 1147 -4.59 75.42 9.65
C CYS C 1147 -4.26 76.78 10.23
N ASP C 1148 -4.59 77.82 9.47
CA ASP C 1148 -4.38 79.20 9.88
C ASP C 1148 -5.74 79.85 10.17
N SER C 1149 -5.78 80.65 11.23
CA SER C 1149 -7.03 81.33 11.59
C SER C 1149 -7.39 82.40 10.58
N ALA C 1150 -6.41 83.20 10.14
CA ALA C 1150 -6.68 84.24 9.17
C ALA C 1150 -6.86 83.68 7.76
N ASN C 1151 -6.24 82.55 7.46
CA ASN C 1151 -6.34 81.91 6.15
C ASN C 1151 -6.73 80.46 6.36
N PRO C 1152 -8.03 80.17 6.48
CA PRO C 1152 -8.46 78.80 6.78
C PRO C 1152 -8.27 77.83 5.63
N THR C 1153 -8.04 78.32 4.41
CA THR C 1153 -7.79 77.44 3.27
C THR C 1153 -6.33 77.01 3.17
N ASN C 1154 -5.47 77.49 4.06
CA ASN C 1154 -4.05 77.14 4.06
C ASN C 1154 -3.79 76.21 5.24
N CYS C 1155 -3.61 74.92 4.96
CA CYS C 1155 -3.41 73.92 5.99
C CYS C 1155 -2.26 73.01 5.59
N ILE C 1156 -1.60 72.43 6.60
CA ILE C 1156 -0.45 71.56 6.38
C ILE C 1156 -0.68 70.24 7.09
N ALA C 1157 0.00 69.20 6.59
CA ALA C 1157 -0.02 67.87 7.14
C ALA C 1157 1.40 67.34 7.13
N PRO C 1158 1.80 66.55 8.13
CA PRO C 1158 3.18 66.07 8.17
C PRO C 1158 3.40 64.85 7.27
N VAL C 1159 4.64 64.69 6.84
CA VAL C 1159 5.05 63.52 6.08
C VAL C 1159 5.99 62.69 6.93
N ASN C 1160 5.68 61.39 7.04
CA ASN C 1160 6.44 60.42 7.83
C ASN C 1160 6.63 60.89 9.27
N GLY C 1161 5.55 61.37 9.88
CA GLY C 1161 5.66 61.92 11.20
C GLY C 1161 4.33 62.47 11.68
N TYR C 1162 4.38 63.09 12.85
CA TYR C 1162 3.20 63.64 13.51
C TYR C 1162 3.45 65.10 13.87
N PHE C 1163 2.40 65.76 14.33
CA PHE C 1163 2.47 67.12 14.86
C PHE C 1163 2.21 67.03 16.35
N ILE C 1164 3.26 66.84 17.12
CA ILE C 1164 3.13 66.62 18.56
C ILE C 1164 3.06 67.97 19.28
N LYS C 1165 2.30 67.99 20.37
CA LYS C 1165 2.17 69.20 21.18
C LYS C 1165 3.31 69.31 22.18
N ASN C 1166 3.64 70.55 22.54
CA ASN C 1166 4.74 70.90 23.46
C ASN C 1166 6.07 70.31 23.03
N GLU C 1174 4.12 75.42 21.13
CA GLU C 1174 2.97 74.99 20.36
C GLU C 1174 3.16 73.59 19.80
N TRP C 1175 3.18 73.47 18.48
CA TRP C 1175 3.29 72.18 17.80
C TRP C 1175 4.67 72.06 17.16
N SER C 1176 5.25 70.87 17.27
CA SER C 1176 6.53 70.55 16.66
C SER C 1176 6.37 69.25 15.87
N TYR C 1177 7.44 68.87 15.18
CA TYR C 1177 7.43 67.70 14.32
C TYR C 1177 8.27 66.59 14.93
N THR C 1178 7.77 65.36 14.80
CA THR C 1178 8.49 64.17 15.26
C THR C 1178 8.60 63.19 14.10
N GLY C 1179 9.40 62.15 14.30
CA GLY C 1179 9.77 61.28 13.20
C GLY C 1179 8.87 60.09 12.92
N SER C 1180 7.93 59.78 13.81
CA SER C 1180 7.02 58.63 13.78
C SER C 1180 7.73 57.29 13.92
N SER C 1181 9.04 57.27 14.15
CA SER C 1181 9.73 56.05 14.55
C SER C 1181 10.78 56.31 15.62
N PHE C 1182 10.91 57.55 16.08
CA PHE C 1182 11.82 57.94 17.15
C PHE C 1182 11.35 59.29 17.67
N TYR C 1183 11.37 59.45 19.00
CA TYR C 1183 10.87 60.68 19.61
C TYR C 1183 11.98 61.73 19.60
N ALA C 1184 11.79 62.77 18.80
CA ALA C 1184 12.71 63.90 18.75
C ALA C 1184 11.95 65.14 18.29
N PRO C 1185 11.49 65.99 19.21
CA PRO C 1185 10.71 67.18 18.81
C PRO C 1185 11.60 68.17 18.05
N GLU C 1186 11.20 68.49 16.84
CA GLU C 1186 11.96 69.31 15.92
C GLU C 1186 11.06 70.38 15.32
N PRO C 1187 11.61 71.57 15.05
CA PRO C 1187 10.78 72.66 14.49
C PRO C 1187 10.18 72.29 13.14
N ILE C 1188 8.98 72.79 12.90
CA ILE C 1188 8.24 72.51 11.68
C ILE C 1188 8.83 73.33 10.54
N THR C 1189 9.15 72.66 9.44
CA THR C 1189 9.66 73.31 8.23
C THR C 1189 8.88 72.77 7.03
N THR C 1190 9.21 73.27 5.85
CA THR C 1190 8.59 72.78 4.62
C THR C 1190 9.18 71.46 4.16
N LEU C 1191 10.26 71.00 4.77
CA LEU C 1191 10.87 69.73 4.40
C LEU C 1191 10.16 68.54 5.02
N ASN C 1192 9.23 68.75 5.94
CA ASN C 1192 8.49 67.67 6.58
C ASN C 1192 6.98 67.90 6.55
N THR C 1193 6.50 68.78 5.69
CA THR C 1193 5.08 69.09 5.58
C THR C 1193 4.65 69.09 4.13
N ARG C 1194 3.33 69.07 3.97
CA ARG C 1194 2.71 69.09 2.68
C ARG C 1194 1.50 69.97 2.79
N TYR C 1195 1.12 70.72 1.78
CA TYR C 1195 -0.11 71.50 1.79
C TYR C 1195 -1.28 70.62 1.38
N VAL C 1196 -2.29 70.52 2.24
CA VAL C 1196 -3.42 69.64 2.02
C VAL C 1196 -4.71 70.44 2.13
N ALA C 1197 -5.81 69.82 1.73
CA ALA C 1197 -7.12 70.45 1.80
C ALA C 1197 -7.54 70.61 3.27
N PRO C 1198 -8.28 71.67 3.59
CA PRO C 1198 -8.72 71.86 4.98
C PRO C 1198 -9.73 70.81 5.41
N GLN C 1199 -9.69 70.48 6.69
CA GLN C 1199 -10.57 69.48 7.29
C GLN C 1199 -11.12 70.02 8.60
N VAL C 1200 -12.22 69.42 9.04
CA VAL C 1200 -12.83 69.81 10.30
C VAL C 1200 -11.96 69.42 11.49
N THR C 1201 -11.25 68.30 11.38
CA THR C 1201 -10.42 67.81 12.49
C THR C 1201 -9.11 68.56 12.65
N PHE C 1202 -8.75 69.44 11.73
CA PHE C 1202 -7.49 70.16 11.82
C PHE C 1202 -7.56 71.22 12.92
N GLN C 1203 -6.44 71.43 13.61
CA GLN C 1203 -6.37 72.41 14.67
C GLN C 1203 -6.02 73.78 14.11
N ASN C 1204 -6.52 74.82 14.77
CA ASN C 1204 -6.34 76.20 14.35
C ASN C 1204 -5.43 76.91 15.36
N ILE C 1205 -4.35 77.49 14.86
CA ILE C 1205 -3.38 78.20 15.69
C ILE C 1205 -3.24 79.62 15.18
N SER C 1206 -3.23 80.58 16.10
CA SER C 1206 -3.19 81.99 15.76
C SER C 1206 -1.81 82.62 15.96
N ASN C 1207 -1.10 82.26 17.02
CA ASN C 1207 0.22 82.80 17.31
C ASN C 1207 1.27 81.72 17.20
N ASN C 1208 2.52 82.17 16.99
CA ASN C 1208 3.68 81.30 16.74
C ASN C 1208 3.42 80.35 15.58
N LEU C 1209 3.08 80.93 14.43
CA LEU C 1209 2.78 80.14 13.25
C LEU C 1209 4.04 79.48 12.71
N PRO C 1210 3.94 78.27 12.18
CA PRO C 1210 5.07 77.65 11.50
C PRO C 1210 5.40 78.39 10.22
N PRO C 1211 6.65 78.32 9.76
CA PRO C 1211 7.05 78.98 8.50
C PRO C 1211 6.26 78.52 7.28
N PRO C 1212 5.77 77.26 7.19
CA PRO C 1212 4.80 76.98 6.10
C PRO C 1212 3.53 77.81 6.16
N LEU C 1213 3.03 78.11 7.35
CA LEU C 1213 1.76 78.81 7.47
C LEU C 1213 1.90 80.33 7.45
N LEU C 1214 3.12 80.84 7.42
CA LEU C 1214 3.34 82.29 7.38
C LEU C 1214 3.10 82.80 5.96
N SER C 1215 2.22 83.80 5.85
CA SER C 1215 1.79 84.41 4.58
C SER C 1215 1.29 83.38 3.58
#